data_9J79
#
_entry.id   9J79
#
_cell.length_a   1.00
_cell.length_b   1.00
_cell.length_c   1.00
_cell.angle_alpha   90.00
_cell.angle_beta   90.00
_cell.angle_gamma   90.00
#
_symmetry.space_group_name_H-M   'P 1'
#
loop_
_entity.id
_entity.type
_entity.pdbx_description
1 polymer Cullin-2
2 polymer Elongin-C
3 polymer Elongin-B
4 polymer 'E3 ubiquitin-protein ligase RBX1, N-terminally processed'
5 polymer 'Protein fem-1 homolog B'
6 polymer 'Mitochondrial import receptor subunit TOM20 homolog'
7 polymer Poly-UNK
8 polymer Poly-UNK
9 non-polymer 'ZINC ION'
#
loop_
_entity_poly.entity_id
_entity_poly.type
_entity_poly.pdbx_seq_one_letter_code
_entity_poly.pdbx_strand_id
1 'polypeptide(L)'
;SASWSHPQFEKGGGSGGGSGTSLKPRVVDFDETWNKLLTTIKAVVMLEYVERATWNDRFSDIYALCVAYPEPLGERLYTE
TKIFLENHVRHLHKRVLESEEQVLVMYHRYWEEYSKGADYMDCLYRYLNTQFIKKNGGGPLMEIGELALDMWRKLMVEPL
QAILIRMLLREIKNDRGGEDPNQKVIHGVINSFVHVEQYKKKFPLKFYQEIFESPFLTETGEYYKQEASNLLQESNCSQY
MEKVLGRLKDEEIRCRKYLHPSSYTKVIHECQQRMVADHLQFLHAECHNIIRQEKKNDMANMYVLLRAVSTGLPHMIQEL
QNHIHDEGLRATSNLTQENMPTLFVESVLEVHGKFVQLINTVLNGDQHFMSALDKALTSVVNYREPKSVCKAPELLAKYC
DNLLKKSAKGMTENEVEDRLTSFITVFKYIDDKDVFQKFYARMLAKRLIHGLSMSMDSEEAMINKLKQACGYEFTSKLHR
MYTDMSVSADLNNKFNNFIKNQDTVIDLGISFQIYVLQAGAWPLTQAPSSTFAIPQELEKSVQMFELFYSQHFSGRKLTW
LHYLCTGEVKMNYLGKPYVAMVTTYQMAVLLAFNNSETVSYKELQDSTQMNEKELTKTIKSLLDVKMINHDSEKEDIDAE
SSFSLNMNFSSKRTKFKITTSMQKDTPQEMEQTRSAVDEDRKMYLQAAIVRIMKARKVLRHNALIQEVISQSRARFNPSI
SMIKKCIEVLIDKQYIERSQASADEYSYVA
;
E,K
2 'polypeptide(L)'
;MYVKLISSDGHEFIVKREHALTSGTIKAMLSGPGQFAENETNEVNFREIPSHVLSKVCMYFTYKVRYTNSSTEIPEFPIA
PEIALELLMAANFLDC
;
F,L
3 'polypeptide(L)'
;GGSMDVFLMIRRHKTTIFTDAKESSTVFELKRIVEGILKRPPDEQRLYKDDQLLDDGKTLGECGFTSQTARPQAPATVGL
AFRADDTFEALCIEPFSSPPELPDVMKPQDSGSSANEQAVQ
;
H,M
4 'polypeptide(L)'
;SHMGAGKKRFEVKKWNAVALWAWDIVVDNCAICRNHIMDLCIECQANQASATSEECTVAWGVCNHAFHFHCISRWLKTRQ
VCPLDNREWEFQKYGH
;
I,N
5 'polypeptide(L)'
;MEGLAGYVYKAASEGKVLTLAALLLNRSESDIRYLLGYVSQQGGQRSTPLIIAARNGHAKVVRLLLEHYRVQTQQTGTVR
FDGYVIDGATALWCAAGAGHFEVVKLLVSHGANVNHTTVTNSTPLRAACFDGRLDIVKYLVENNANISIANKYDNTCLMI
AAYKGHTDVVRYLLEQRADPNAKAHCGATALHFAAEAGHIDIVKELIKWRAAIVVNGHGMTPLKVAAESCKADVVELLLS
HADCDRRSRIEALELLGASFANDRENYDIIKTYHYLYLAMLERFQDGDNILEKEVLPPIHAYGNRTECRNPQELESIRQD
RDALHMEGLIVRERILGADNIDVSHPIIYRGAVYADNMEFEQCIKLWLHALHLRQKGNRNTHKDLLRFAQVFSQMIHLNE
TVKAPDIECVLRCSVLEIEQSMNRVKNISDADVHNAMDNYECNLYTFLYLVCISTKTQCSEEDQCKINKQIYNLIHLDPR
TREGFTLLHLAVNSNTPVDDFHTNDVCSFPNALVTKLLLDCGAEVNAVDNEGNSALHIIVQYNRPISDFLTLHSIIISLV
EAGAHTDMTNKQNKTPLDKSTTGVSEILLKTQMKMSLKCLAARAVRANDINYQDQIPRTLEEFVGFH
;
J,A,O,P
6 'polypeptide(L)'
;DRKRRSDPNFKNRLRERRKKQKLAKERAGLSKLPDLKDAEAVQKFFLEEIQLGEELLAQGEYEKGVDHLTNAIAVCGQPQ
QLLQVLQQTLPPPVFQMLLTKLPTISQRIVSAQSLAEDDVE
;
B,G,S,C
7 'polypeptide(L)' (UNK)(UNK)(UNK)(UNK)(UNK)(UNK)(UNK)(UNK)(UNK)(UNK) D,R
8 'polypeptide(L)' (UNK)(UNK)(UNK)(UNK)(UNK)(UNK)(UNK)(UNK) Q
#
# COMPACT_ATOMS: atom_id res chain seq x y z
N THR A 21 28.76 -43.67 59.05
CA THR A 21 29.17 -43.60 57.66
C THR A 21 28.72 -42.29 57.02
N SER A 22 29.46 -41.85 56.01
CA SER A 22 29.18 -40.61 55.29
C SER A 22 28.86 -40.93 53.84
N LEU A 23 28.70 -39.87 53.04
CA LEU A 23 28.41 -40.00 51.62
C LEU A 23 29.66 -40.03 50.75
N LYS A 24 30.83 -40.08 51.36
CA LYS A 24 32.07 -40.16 50.60
C LYS A 24 32.10 -41.47 49.81
N PRO A 25 32.54 -41.45 48.55
CA PRO A 25 32.60 -42.69 47.77
C PRO A 25 33.56 -43.71 48.36
N ARG A 26 33.02 -44.82 48.84
CA ARG A 26 33.81 -45.88 49.45
C ARG A 26 33.58 -47.18 48.69
N VAL A 27 34.63 -47.99 48.59
CA VAL A 27 34.56 -49.25 47.89
C VAL A 27 33.71 -50.22 48.72
N VAL A 28 32.56 -50.61 48.16
CA VAL A 28 31.64 -51.54 48.82
C VAL A 28 31.41 -52.73 47.89
N ASP A 29 31.31 -53.92 48.48
CA ASP A 29 31.10 -55.12 47.70
C ASP A 29 29.69 -55.15 47.13
N PHE A 30 29.57 -55.58 45.87
CA PHE A 30 28.28 -55.63 45.21
C PHE A 30 27.36 -56.67 45.87
N ASP A 31 27.91 -57.84 46.23
CA ASP A 31 27.06 -58.96 46.62
C ASP A 31 26.42 -58.73 47.98
N GLU A 32 27.16 -58.20 48.95
CA GLU A 32 26.58 -57.98 50.27
C GLU A 32 25.55 -56.85 50.24
N THR A 33 25.75 -55.85 49.39
CA THR A 33 24.77 -54.78 49.26
C THR A 33 23.54 -55.24 48.49
N TRP A 34 23.74 -55.98 47.40
CA TRP A 34 22.62 -56.43 46.58
C TRP A 34 21.73 -57.41 47.33
N ASN A 35 22.34 -58.35 48.06
CA ASN A 35 21.55 -59.30 48.84
C ASN A 35 20.84 -58.62 50.00
N LYS A 36 21.46 -57.59 50.58
CA LYS A 36 20.74 -56.74 51.51
C LYS A 36 19.60 -56.01 50.82
N LEU A 37 19.85 -55.54 49.59
CA LEU A 37 18.79 -54.92 48.80
C LEU A 37 17.78 -55.94 48.33
N LEU A 38 18.21 -57.18 48.10
CA LEU A 38 17.29 -58.21 47.58
C LEU A 38 16.21 -58.58 48.59
N THR A 39 16.50 -58.46 49.87
CA THR A 39 15.49 -58.72 50.90
C THR A 39 14.40 -57.66 50.92
N THR A 40 14.61 -56.51 50.28
CA THR A 40 13.63 -55.44 50.24
C THR A 40 12.91 -55.35 48.90
N ILE A 41 13.64 -55.51 47.79
CA ILE A 41 13.02 -55.39 46.47
C ILE A 41 12.05 -56.54 46.22
N LYS A 42 12.38 -57.74 46.73
CA LYS A 42 11.44 -58.85 46.68
C LYS A 42 10.18 -58.56 47.50
N ALA A 43 10.36 -58.00 48.69
CA ALA A 43 9.23 -57.76 49.59
C ALA A 43 8.40 -56.56 49.17
N VAL A 44 8.84 -55.76 48.21
CA VAL A 44 8.07 -54.64 47.74
C VAL A 44 7.48 -54.86 46.34
N VAL A 45 8.09 -55.73 45.53
CA VAL A 45 7.51 -56.05 44.23
C VAL A 45 6.28 -56.94 44.40
N MET A 46 6.21 -57.71 45.49
CA MET A 46 5.06 -58.55 45.80
C MET A 46 4.17 -57.94 46.87
N LEU A 47 4.46 -56.69 47.27
CA LEU A 47 3.65 -55.93 48.22
C LEU A 47 3.53 -56.63 49.59
N GLU A 48 4.68 -56.77 50.24
CA GLU A 48 4.74 -57.20 51.63
C GLU A 48 5.16 -56.04 52.51
N TYR A 49 4.73 -56.08 53.76
CA TYR A 49 5.05 -55.00 54.69
C TYR A 49 6.53 -55.01 55.03
N VAL A 50 7.15 -53.83 54.94
CA VAL A 50 8.53 -53.63 55.36
C VAL A 50 8.58 -52.39 56.24
N GLU A 51 9.59 -52.35 57.10
CA GLU A 51 9.79 -51.20 57.97
C GLU A 51 10.21 -49.98 57.16
N ARG A 52 9.84 -48.80 57.66
CA ARG A 52 10.31 -47.56 57.05
C ARG A 52 11.82 -47.45 57.12
N ALA A 53 12.43 -47.94 58.21
CA ALA A 53 13.88 -47.98 58.31
C ALA A 53 14.46 -48.89 57.24
N THR A 54 13.85 -50.05 57.02
CA THR A 54 14.23 -50.89 55.89
C THR A 54 13.96 -50.17 54.57
N TRP A 55 12.86 -49.43 54.49
CA TRP A 55 12.53 -48.72 53.27
C TRP A 55 13.46 -47.54 53.03
N ASN A 56 14.02 -46.96 54.08
CA ASN A 56 14.86 -45.77 53.93
C ASN A 56 16.35 -46.11 53.86
N ASP A 57 16.80 -47.12 54.59
CA ASP A 57 18.23 -47.46 54.56
C ASP A 57 18.68 -48.06 53.25
N ARG A 58 17.75 -48.57 52.44
CA ARG A 58 18.13 -49.07 51.12
C ARG A 58 18.46 -47.92 50.17
N PHE A 59 17.92 -46.73 50.44
CA PHE A 59 18.29 -45.56 49.66
C PHE A 59 19.77 -45.22 49.82
N SER A 60 20.28 -45.35 51.05
CA SER A 60 21.72 -45.23 51.26
C SER A 60 22.48 -46.33 50.54
N ASP A 61 21.94 -47.56 50.57
CA ASP A 61 22.56 -48.65 49.84
C ASP A 61 22.48 -48.45 48.35
N ILE A 62 21.35 -47.95 47.84
CA ILE A 62 21.23 -47.71 46.40
C ILE A 62 22.02 -46.49 45.98
N TYR A 63 22.36 -45.60 46.93
CA TYR A 63 23.22 -44.46 46.59
C TYR A 63 24.66 -44.89 46.41
N ALA A 64 25.15 -45.78 47.27
CA ALA A 64 26.56 -46.18 47.22
C ALA A 64 26.89 -46.91 45.93
N LEU A 65 25.99 -47.78 45.45
CA LEU A 65 26.26 -48.59 44.28
C LEU A 65 26.40 -47.77 43.00
N CYS A 66 25.85 -46.56 42.98
CA CYS A 66 26.05 -45.65 41.86
C CYS A 66 27.19 -44.66 42.11
N VAL A 67 27.90 -44.79 43.23
CA VAL A 67 28.88 -43.81 43.65
C VAL A 67 30.23 -44.48 43.94
N ALA A 68 30.18 -45.77 44.30
CA ALA A 68 31.31 -46.44 44.93
C ALA A 68 32.55 -46.46 44.06
N TYR A 69 33.70 -46.29 44.69
CA TYR A 69 34.99 -46.38 44.03
C TYR A 69 35.32 -47.85 43.73
N PRO A 70 36.15 -48.12 42.71
CA PRO A 70 36.76 -47.20 41.74
C PRO A 70 35.91 -47.04 40.49
N GLU A 71 34.77 -47.72 40.43
CA GLU A 71 33.90 -47.68 39.27
C GLU A 71 32.45 -47.68 39.76
N PRO A 72 31.60 -46.82 39.23
CA PRO A 72 30.17 -46.87 39.59
C PRO A 72 29.56 -48.19 39.13
N LEU A 73 29.01 -48.93 40.09
CA LEU A 73 28.40 -50.23 39.83
C LEU A 73 27.00 -50.11 39.27
N GLY A 74 26.57 -48.91 38.88
CA GLY A 74 25.21 -48.73 38.39
C GLY A 74 24.92 -49.52 37.13
N GLU A 75 25.90 -49.60 36.23
CA GLU A 75 25.73 -50.40 35.02
C GLU A 75 25.52 -51.88 35.38
N ARG A 76 26.32 -52.40 36.32
CA ARG A 76 26.06 -53.73 36.83
C ARG A 76 24.75 -53.78 37.61
N LEU A 77 24.47 -52.73 38.39
CA LEU A 77 23.23 -52.69 39.17
C LEU A 77 22.00 -52.63 38.27
N TYR A 78 22.05 -51.81 37.22
CA TYR A 78 20.91 -51.69 36.32
C TYR A 78 20.60 -53.00 35.61
N THR A 79 21.64 -53.69 35.14
CA THR A 79 21.43 -54.99 34.51
C THR A 79 21.19 -56.09 35.53
N GLU A 80 21.55 -55.88 36.80
CA GLU A 80 21.19 -56.84 37.83
C GLU A 80 19.69 -56.81 38.10
N THR A 81 19.10 -55.61 38.07
CA THR A 81 17.65 -55.50 38.23
C THR A 81 16.92 -56.15 37.06
N LYS A 82 17.43 -55.95 35.83
CA LYS A 82 16.83 -56.59 34.67
C LYS A 82 16.94 -58.12 34.75
N ILE A 83 18.09 -58.61 35.21
CA ILE A 83 18.23 -60.04 35.48
C ILE A 83 17.29 -60.47 36.59
N PHE A 84 17.16 -59.66 37.63
CA PHE A 84 16.22 -59.95 38.71
C PHE A 84 14.78 -59.94 38.21
N LEU A 85 14.43 -58.93 37.40
CA LEU A 85 13.04 -58.80 36.95
C LEU A 85 12.64 -59.94 36.04
N GLU A 86 13.59 -60.44 35.23
CA GLU A 86 13.33 -61.65 34.46
C GLU A 86 13.15 -62.86 35.36
N ASN A 87 13.90 -62.91 36.47
CA ASN A 87 13.74 -64.00 37.43
C ASN A 87 12.43 -63.92 38.22
N HIS A 88 11.72 -62.81 38.12
CA HIS A 88 10.44 -62.63 38.81
C HIS A 88 9.24 -62.68 37.88
N VAL A 89 9.33 -62.06 36.71
CA VAL A 89 8.21 -62.08 35.77
C VAL A 89 8.02 -63.47 35.20
N ARG A 90 9.12 -64.12 34.78
CA ARG A 90 9.04 -65.48 34.27
C ARG A 90 8.60 -66.45 35.35
N HIS A 91 8.95 -66.19 36.61
CA HIS A 91 8.47 -67.00 37.71
C HIS A 91 6.95 -66.91 37.84
N LEU A 92 6.40 -65.70 37.66
CA LEU A 92 4.95 -65.54 37.68
C LEU A 92 4.32 -66.11 36.42
N HIS A 93 5.03 -66.07 35.29
CA HIS A 93 4.52 -66.64 34.06
C HIS A 93 4.33 -68.15 34.19
N LYS A 94 5.30 -68.83 34.83
CA LYS A 94 5.11 -70.24 35.16
C LYS A 94 4.00 -70.41 36.18
N ARG A 95 3.90 -69.49 37.14
CA ARG A 95 2.86 -69.58 38.17
C ARG A 95 1.48 -69.38 37.57
N VAL A 96 1.36 -68.49 36.58
CA VAL A 96 0.08 -68.27 35.92
C VAL A 96 -0.36 -69.51 35.14
N LEU A 97 0.57 -70.14 34.42
CA LEU A 97 0.25 -71.35 33.67
C LEU A 97 0.07 -72.57 34.56
N GLU A 98 0.46 -72.49 35.84
CA GLU A 98 0.16 -73.57 36.77
C GLU A 98 -1.34 -73.74 36.94
N SER A 99 -2.06 -72.63 37.06
CA SER A 99 -3.52 -72.66 37.02
C SER A 99 -4.00 -72.77 35.57
N GLU A 100 -5.18 -73.34 35.40
CA GLU A 100 -5.75 -73.54 34.07
C GLU A 100 -7.03 -72.73 33.86
N GLU A 101 -8.00 -72.86 34.77
CA GLU A 101 -9.24 -72.09 34.67
C GLU A 101 -9.19 -70.77 35.43
N GLN A 102 -8.38 -70.68 36.49
CA GLN A 102 -8.28 -69.49 37.32
C GLN A 102 -7.16 -68.56 36.89
N VAL A 103 -6.81 -68.55 35.59
CA VAL A 103 -5.69 -67.75 35.14
C VAL A 103 -6.01 -66.25 35.21
N LEU A 104 -7.24 -65.86 34.86
CA LEU A 104 -7.58 -64.45 34.83
C LEU A 104 -7.73 -63.88 36.23
N VAL A 105 -8.38 -64.62 37.14
CA VAL A 105 -8.55 -64.13 38.51
C VAL A 105 -7.21 -64.06 39.24
N MET A 106 -6.23 -64.89 38.84
CA MET A 106 -4.90 -64.82 39.44
C MET A 106 -3.98 -63.87 38.70
N TYR A 107 -4.26 -63.57 37.43
CA TYR A 107 -3.51 -62.53 36.72
C TYR A 107 -3.78 -61.17 37.34
N HIS A 108 -5.04 -60.87 37.65
CA HIS A 108 -5.39 -59.59 38.25
C HIS A 108 -4.81 -59.46 39.65
N ARG A 109 -4.78 -60.57 40.41
CA ARG A 109 -4.22 -60.53 41.76
C ARG A 109 -2.73 -60.22 41.72
N TYR A 110 -2.00 -60.83 40.77
CA TYR A 110 -0.57 -60.58 40.66
C TYR A 110 -0.27 -59.23 40.01
N TRP A 111 -1.12 -58.77 39.09
CA TRP A 111 -0.84 -57.52 38.39
C TRP A 111 -0.88 -56.33 39.33
N GLU A 112 -1.96 -56.20 40.10
CA GLU A 112 -2.07 -55.08 41.03
C GLU A 112 -1.05 -55.16 42.16
N GLU A 113 -0.56 -56.36 42.46
CA GLU A 113 0.58 -56.48 43.36
C GLU A 113 1.86 -56.00 42.68
N TYR A 114 2.08 -56.41 41.43
CA TYR A 114 3.32 -56.08 40.74
C TYR A 114 3.34 -54.62 40.28
N SER A 115 2.22 -54.12 39.75
CA SER A 115 2.19 -52.77 39.21
C SER A 115 2.38 -51.72 40.30
N LYS A 116 1.78 -51.95 41.47
CA LYS A 116 2.04 -51.05 42.60
C LYS A 116 3.50 -51.13 43.03
N GLY A 117 4.08 -52.32 42.99
CA GLY A 117 5.51 -52.46 43.24
C GLY A 117 6.36 -51.78 42.17
N ALA A 118 5.88 -51.76 40.93
CA ALA A 118 6.63 -51.13 39.85
C ALA A 118 6.76 -49.63 40.07
N ASP A 119 5.66 -48.97 40.45
CA ASP A 119 5.74 -47.55 40.80
C ASP A 119 6.57 -47.36 42.06
N TYR A 120 6.46 -48.29 43.02
CA TYR A 120 7.34 -48.24 44.19
C TYR A 120 8.79 -48.45 43.79
N MET A 121 9.03 -49.29 42.77
CA MET A 121 10.38 -49.47 42.26
C MET A 121 10.92 -48.20 41.61
N ASP A 122 10.05 -47.45 40.94
CA ASP A 122 10.46 -46.18 40.36
C ASP A 122 10.88 -45.20 41.44
N CYS A 123 10.17 -45.20 42.57
CA CYS A 123 10.51 -44.30 43.66
C CYS A 123 11.80 -44.73 44.35
N LEU A 124 11.98 -46.03 44.59
CA LEU A 124 13.19 -46.49 45.28
C LEU A 124 14.44 -46.24 44.47
N TYR A 125 14.38 -46.45 43.16
CA TYR A 125 15.53 -46.18 42.30
C TYR A 125 15.45 -44.78 41.72
N ARG A 126 15.23 -43.79 42.58
CA ARG A 126 15.13 -42.41 42.11
C ARG A 126 16.48 -41.87 41.68
N TYR A 127 17.53 -42.12 42.47
CA TYR A 127 18.85 -41.64 42.12
C TYR A 127 19.39 -42.32 40.87
N LEU A 128 19.12 -43.62 40.73
CA LEU A 128 19.55 -44.35 39.54
C LEU A 128 18.84 -43.83 38.29
N ASN A 129 17.57 -43.47 38.41
CA ASN A 129 16.81 -43.01 37.25
C ASN A 129 17.30 -41.65 36.77
N THR A 130 17.59 -40.73 37.68
CA THR A 130 17.88 -39.36 37.31
C THR A 130 19.36 -39.05 37.19
N GLN A 131 20.24 -40.01 37.47
CA GLN A 131 21.67 -39.75 37.40
C GLN A 131 22.47 -40.82 36.65
N PHE A 132 21.87 -41.92 36.25
CA PHE A 132 22.57 -42.87 35.41
C PHE A 132 21.81 -43.17 34.12
N ILE A 133 20.50 -43.34 34.20
CA ILE A 133 19.72 -43.57 32.99
C ILE A 133 19.64 -42.29 32.15
N LYS A 134 19.48 -41.14 32.81
CA LYS A 134 19.40 -39.87 32.10
C LYS A 134 20.74 -39.42 31.54
N LYS A 135 21.85 -40.04 31.94
CA LYS A 135 23.18 -39.66 31.48
C LYS A 135 23.71 -40.58 30.39
N ASN A 136 22.87 -41.40 29.79
CA ASN A 136 23.28 -42.24 28.67
C ASN A 136 22.24 -42.21 27.55
N PRO A 140 20.38 -44.01 25.65
CA PRO A 140 19.11 -44.59 25.16
C PRO A 140 18.66 -45.78 26.00
N LEU A 141 18.90 -45.70 27.31
CA LEU A 141 18.53 -46.79 28.21
C LEU A 141 17.04 -46.67 28.58
N MET A 142 16.61 -47.47 29.54
CA MET A 142 15.21 -47.54 29.95
C MET A 142 15.09 -47.22 31.43
N GLU A 143 14.09 -46.43 31.79
CA GLU A 143 13.86 -46.08 33.18
C GLU A 143 13.39 -47.31 33.96
N ILE A 144 13.60 -47.25 35.28
CA ILE A 144 13.31 -48.39 36.15
C ILE A 144 11.82 -48.69 36.16
N GLY A 145 10.98 -47.65 36.27
CA GLY A 145 9.55 -47.86 36.19
C GLY A 145 9.12 -48.38 34.84
N GLU A 146 9.73 -47.87 33.77
CA GLU A 146 9.42 -48.37 32.44
C GLU A 146 9.93 -49.80 32.25
N LEU A 147 11.12 -50.10 32.78
CA LEU A 147 11.70 -51.43 32.62
C LEU A 147 10.84 -52.49 33.31
N ALA A 148 10.26 -52.14 34.46
CA ALA A 148 9.39 -53.08 35.16
C ALA A 148 8.15 -53.40 34.33
N LEU A 149 7.56 -52.40 33.69
CA LEU A 149 6.38 -52.64 32.87
C LEU A 149 6.74 -53.26 31.53
N ASP A 150 7.87 -52.86 30.94
CA ASP A 150 8.25 -53.36 29.62
C ASP A 150 8.60 -54.84 29.68
N MET A 151 9.12 -55.32 30.80
CA MET A 151 9.35 -56.75 30.95
C MET A 151 8.05 -57.49 31.22
N TRP A 152 7.02 -56.79 31.73
CA TRP A 152 5.74 -57.44 31.95
C TRP A 152 4.97 -57.66 30.64
N ARG A 153 5.14 -56.77 29.66
CA ARG A 153 4.50 -56.98 28.38
C ARG A 153 5.25 -57.97 27.49
N LYS A 154 6.50 -58.26 27.81
CA LYS A 154 7.30 -59.17 27.00
C LYS A 154 7.31 -60.60 27.52
N LEU A 155 7.30 -60.79 28.84
CA LEU A 155 7.43 -62.12 29.41
C LEU A 155 6.23 -62.52 30.27
N MET A 156 5.20 -61.70 30.33
CA MET A 156 4.00 -62.07 31.09
C MET A 156 2.73 -61.95 30.27
N VAL A 157 2.63 -60.95 29.39
CA VAL A 157 1.43 -60.74 28.59
C VAL A 157 1.58 -61.44 27.25
N GLU A 158 2.67 -61.16 26.54
CA GLU A 158 2.86 -61.73 25.22
C GLU A 158 2.93 -63.27 25.20
N PRO A 159 3.63 -63.97 26.10
CA PRO A 159 3.52 -65.43 26.11
C PRO A 159 2.13 -65.94 26.45
N LEU A 160 1.30 -65.14 27.12
CA LEU A 160 -0.07 -65.53 27.43
C LEU A 160 -1.10 -64.76 26.61
N GLN A 161 -0.65 -64.02 25.59
CA GLN A 161 -1.59 -63.28 24.74
C GLN A 161 -2.53 -64.23 24.00
N ALA A 162 -2.00 -65.35 23.51
CA ALA A 162 -2.82 -66.35 22.85
C ALA A 162 -3.79 -67.05 23.81
N ILE A 163 -3.63 -66.89 25.11
CA ILE A 163 -4.53 -67.49 26.08
C ILE A 163 -5.29 -66.47 26.91
N LEU A 164 -4.88 -65.20 26.92
CA LEU A 164 -5.62 -64.19 27.69
C LEU A 164 -6.84 -63.70 26.92
N ILE A 165 -6.62 -63.14 25.73
CA ILE A 165 -7.73 -62.68 24.90
C ILE A 165 -8.58 -63.84 24.39
N ARG A 166 -8.03 -65.06 24.38
CA ARG A 166 -8.81 -66.22 23.95
C ARG A 166 -9.91 -66.57 24.95
N MET A 167 -9.78 -66.16 26.20
CA MET A 167 -10.81 -66.39 27.19
C MET A 167 -11.32 -65.13 27.88
N LEU A 168 -10.69 -63.98 27.66
CA LEU A 168 -11.27 -62.72 28.11
C LEU A 168 -12.60 -62.46 27.44
N LEU A 169 -12.66 -62.70 26.12
CA LEU A 169 -13.93 -62.61 25.41
C LEU A 169 -14.90 -63.69 25.86
N ARG A 170 -14.39 -64.84 26.29
CA ARG A 170 -15.26 -65.91 26.77
C ARG A 170 -15.98 -65.51 28.04
N GLU A 171 -15.34 -64.70 28.89
CA GLU A 171 -16.04 -64.13 30.04
C GLU A 171 -16.87 -62.92 29.66
N ILE A 172 -16.65 -62.34 28.49
CA ILE A 172 -17.52 -61.29 27.96
C ILE A 172 -18.70 -61.90 27.22
N LYS A 173 -18.45 -62.93 26.41
CA LYS A 173 -19.54 -63.65 25.74
C LYS A 173 -20.47 -64.30 26.75
N ASN A 174 -19.92 -64.85 27.83
CA ASN A 174 -20.75 -65.36 28.92
C ASN A 174 -21.48 -64.22 29.63
N ASP A 175 -20.84 -63.06 29.75
CA ASP A 175 -21.52 -61.90 30.31
C ASP A 175 -22.67 -61.46 29.42
N ARG A 176 -22.46 -61.50 28.10
CA ARG A 176 -23.55 -61.23 27.16
C ARG A 176 -24.61 -62.34 27.19
N GLY A 177 -24.26 -63.53 27.67
CA GLY A 177 -25.19 -64.63 27.77
C GLY A 177 -26.09 -64.64 28.98
N GLY A 178 -25.93 -63.67 29.89
CA GLY A 178 -26.82 -63.58 31.04
C GLY A 178 -26.11 -63.58 32.37
N GLU A 179 -25.08 -64.41 32.52
CA GLU A 179 -24.35 -64.48 33.78
C GLU A 179 -23.43 -63.28 33.93
N ASP A 180 -22.89 -63.12 35.14
CA ASP A 180 -22.01 -62.00 35.47
C ASP A 180 -20.71 -62.52 36.06
N PRO A 181 -19.59 -62.39 35.37
CA PRO A 181 -18.29 -62.74 35.95
C PRO A 181 -17.78 -61.62 36.85
N ASN A 182 -16.57 -61.82 37.36
CA ASN A 182 -15.94 -60.82 38.24
C ASN A 182 -15.54 -59.62 37.40
N GLN A 183 -16.35 -58.56 37.47
CA GLN A 183 -16.07 -57.37 36.68
C GLN A 183 -14.85 -56.61 37.22
N LYS A 184 -14.60 -56.70 38.53
CA LYS A 184 -13.40 -56.07 39.09
C LYS A 184 -12.15 -56.76 38.58
N VAL A 185 -12.18 -58.09 38.46
CA VAL A 185 -11.06 -58.81 37.87
C VAL A 185 -10.94 -58.47 36.39
N ILE A 186 -12.06 -58.43 35.68
CA ILE A 186 -12.06 -58.17 34.24
C ILE A 186 -11.54 -56.76 33.95
N HIS A 187 -12.07 -55.76 34.66
CA HIS A 187 -11.71 -54.38 34.38
C HIS A 187 -10.24 -54.12 34.67
N GLY A 188 -9.71 -54.71 35.74
CA GLY A 188 -8.29 -54.54 36.03
C GLY A 188 -7.40 -55.18 34.97
N VAL A 189 -7.82 -56.32 34.42
CA VAL A 189 -7.03 -56.98 33.38
C VAL A 189 -7.03 -56.15 32.10
N ILE A 190 -8.19 -55.66 31.69
CA ILE A 190 -8.28 -54.87 30.46
C ILE A 190 -7.55 -53.54 30.62
N ASN A 191 -7.70 -52.90 31.78
CA ASN A 191 -6.94 -51.68 32.05
C ASN A 191 -5.44 -51.95 32.15
N SER A 192 -5.04 -53.18 32.47
CA SER A 192 -3.63 -53.52 32.50
C SER A 192 -3.02 -53.49 31.11
N PHE A 193 -3.80 -53.79 30.08
CA PHE A 193 -3.29 -53.79 28.71
C PHE A 193 -2.88 -52.41 28.23
N VAL A 194 -3.40 -51.35 28.84
CA VAL A 194 -3.01 -49.99 28.50
C VAL A 194 -2.12 -49.37 29.56
N HIS A 195 -2.16 -49.84 30.81
CA HIS A 195 -1.33 -49.27 31.86
C HIS A 195 0.14 -49.64 31.70
N VAL A 196 0.44 -50.72 30.98
CA VAL A 196 1.82 -51.09 30.72
C VAL A 196 2.52 -50.03 29.88
N GLU A 197 1.84 -49.52 28.85
CA GLU A 197 2.41 -48.53 27.94
C GLU A 197 2.35 -47.11 28.48
N GLN A 198 2.16 -46.93 29.79
CA GLN A 198 2.05 -45.59 30.36
C GLN A 198 3.36 -44.81 30.24
N TYR A 199 4.48 -45.49 30.07
CA TYR A 199 5.77 -44.81 29.90
C TYR A 199 6.10 -44.52 28.44
N LYS A 200 5.29 -45.00 27.50
CA LYS A 200 5.53 -44.74 26.09
C LYS A 200 5.15 -43.31 25.73
N LYS A 201 5.97 -42.66 24.92
CA LYS A 201 5.73 -41.28 24.55
C LYS A 201 4.62 -41.14 23.52
N LYS A 202 4.50 -42.10 22.60
CA LYS A 202 3.50 -42.03 21.54
C LYS A 202 2.73 -43.34 21.48
N PHE A 203 1.46 -43.23 21.09
CA PHE A 203 0.50 -44.33 20.98
C PHE A 203 0.44 -45.16 22.26
N PRO A 204 -0.06 -44.60 23.37
CA PRO A 204 -0.15 -45.40 24.60
C PRO A 204 -1.15 -46.53 24.52
N LEU A 205 -2.10 -46.48 23.59
CA LEU A 205 -3.10 -47.53 23.43
C LEU A 205 -2.78 -48.48 22.30
N LYS A 206 -1.57 -48.40 21.74
CA LYS A 206 -1.21 -49.25 20.60
C LYS A 206 -1.20 -50.72 20.98
N PHE A 207 -0.63 -51.04 22.14
CA PHE A 207 -0.69 -52.42 22.63
C PHE A 207 -2.11 -52.82 22.99
N TYR A 208 -2.91 -51.86 23.48
CA TYR A 208 -4.29 -52.17 23.84
C TYR A 208 -5.12 -52.51 22.60
N GLN A 209 -4.87 -51.83 21.48
CA GLN A 209 -5.67 -52.04 20.29
C GLN A 209 -5.27 -53.31 19.54
N GLU A 210 -3.99 -53.47 19.24
CA GLU A 210 -3.53 -54.55 18.38
C GLU A 210 -3.56 -55.91 19.05
N ILE A 211 -3.80 -55.98 20.36
CA ILE A 211 -3.84 -57.24 21.08
C ILE A 211 -5.25 -57.57 21.56
N PHE A 212 -6.01 -56.58 22.00
CA PHE A 212 -7.32 -56.81 22.57
C PHE A 212 -8.48 -56.25 21.75
N GLU A 213 -8.37 -55.01 21.27
CA GLU A 213 -9.52 -54.35 20.67
C GLU A 213 -9.91 -55.00 19.34
N SER A 214 -8.92 -55.24 18.48
CA SER A 214 -9.21 -55.89 17.20
C SER A 214 -9.78 -57.30 17.35
N PRO A 215 -9.28 -58.18 18.22
CA PRO A 215 -10.01 -59.43 18.47
C PRO A 215 -11.38 -59.22 19.10
N PHE A 216 -11.55 -58.18 19.92
CA PHE A 216 -12.85 -57.93 20.55
C PHE A 216 -13.87 -57.48 19.51
N LEU A 217 -13.49 -56.56 18.64
CA LEU A 217 -14.42 -56.08 17.61
C LEU A 217 -14.78 -57.19 16.64
N THR A 218 -13.81 -58.03 16.28
CA THR A 218 -14.08 -59.17 15.41
C THR A 218 -15.00 -60.18 16.11
N GLU A 219 -14.77 -60.45 17.39
CA GLU A 219 -15.59 -61.40 18.11
C GLU A 219 -17.01 -60.86 18.30
N THR A 220 -17.15 -59.60 18.70
CA THR A 220 -18.48 -59.02 18.83
C THR A 220 -19.10 -58.75 17.47
N GLY A 221 -18.30 -58.69 16.40
CA GLY A 221 -18.84 -58.60 15.07
C GLY A 221 -19.54 -59.89 14.65
N GLU A 222 -18.96 -61.03 15.00
CA GLU A 222 -19.53 -62.33 14.65
C GLU A 222 -20.60 -62.78 15.63
N TYR A 223 -20.74 -62.11 16.78
CA TYR A 223 -21.74 -62.52 17.77
C TYR A 223 -23.04 -61.74 17.60
N TYR A 224 -22.96 -60.42 17.43
CA TYR A 224 -24.17 -59.63 17.19
C TYR A 224 -24.75 -59.86 15.80
N LYS A 225 -23.90 -60.17 14.80
CA LYS A 225 -24.44 -60.64 13.53
C LYS A 225 -25.14 -61.98 13.71
N GLN A 226 -24.56 -62.86 14.53
CA GLN A 226 -25.24 -64.10 14.90
C GLN A 226 -26.50 -63.81 15.71
N GLU A 227 -26.44 -62.84 16.62
CA GLU A 227 -27.59 -62.56 17.48
C GLU A 227 -28.72 -61.88 16.71
N ALA A 228 -28.38 -60.98 15.79
CA ALA A 228 -29.41 -60.29 15.01
C ALA A 228 -30.16 -61.28 14.11
N SER A 229 -29.44 -62.21 13.48
CA SER A 229 -30.09 -63.24 12.70
C SER A 229 -30.86 -64.22 13.56
N ASN A 230 -30.51 -64.34 14.84
CA ASN A 230 -31.23 -65.23 15.74
C ASN A 230 -32.52 -64.61 16.26
N LEU A 231 -32.73 -63.31 16.06
CA LEU A 231 -33.90 -62.62 16.60
C LEU A 231 -35.03 -62.51 15.60
N LEU A 232 -34.70 -62.31 14.32
CA LEU A 232 -35.72 -62.12 13.30
C LEU A 232 -36.53 -63.38 13.03
N GLN A 233 -36.06 -64.55 13.46
CA GLN A 233 -36.76 -65.79 13.18
C GLN A 233 -38.10 -65.86 13.91
N GLU A 234 -38.15 -65.40 15.16
CA GLU A 234 -39.35 -65.50 15.97
C GLU A 234 -39.88 -64.14 16.40
N SER A 235 -39.44 -63.06 15.77
CA SER A 235 -39.88 -61.72 16.16
C SER A 235 -40.09 -60.86 14.92
N ASN A 236 -41.20 -60.10 14.94
CA ASN A 236 -41.45 -59.11 13.90
C ASN A 236 -40.79 -57.79 14.28
N CYS A 237 -40.92 -56.80 13.40
CA CYS A 237 -40.24 -55.52 13.59
C CYS A 237 -40.77 -54.76 14.80
N SER A 238 -42.02 -55.00 15.19
CA SER A 238 -42.61 -54.26 16.31
C SER A 238 -41.94 -54.62 17.64
N GLN A 239 -41.39 -55.83 17.75
CA GLN A 239 -40.69 -56.23 18.96
C GLN A 239 -39.21 -56.51 18.75
N TYR A 240 -38.75 -56.65 17.50
CA TYR A 240 -37.32 -56.78 17.26
C TYR A 240 -36.58 -55.49 17.60
N MET A 241 -37.18 -54.34 17.28
CA MET A 241 -36.56 -53.06 17.62
C MET A 241 -36.49 -52.85 19.13
N GLU A 242 -37.47 -53.37 19.87
CA GLU A 242 -37.44 -53.27 21.32
C GLU A 242 -36.24 -54.00 21.91
N LYS A 243 -35.93 -55.18 21.38
CA LYS A 243 -34.81 -55.95 21.90
C LYS A 243 -33.47 -55.35 21.48
N VAL A 244 -33.42 -54.66 20.34
CA VAL A 244 -32.18 -54.05 19.90
C VAL A 244 -31.75 -52.94 20.85
N LEU A 245 -32.70 -52.07 21.25
CA LEU A 245 -32.38 -51.08 22.28
C LEU A 245 -32.09 -51.75 23.61
N GLY A 246 -32.64 -52.94 23.84
CA GLY A 246 -32.28 -53.70 25.03
C GLY A 246 -30.82 -54.13 25.01
N ARG A 247 -30.35 -54.58 23.85
CA ARG A 247 -28.93 -54.92 23.72
C ARG A 247 -28.07 -53.67 23.65
N LEU A 248 -28.54 -52.64 22.95
CA LEU A 248 -27.75 -51.41 22.83
C LEU A 248 -27.71 -50.61 24.13
N LYS A 249 -28.65 -50.86 25.05
CA LYS A 249 -28.55 -50.25 26.36
C LYS A 249 -27.59 -51.02 27.26
N ASP A 250 -27.56 -52.35 27.12
CA ASP A 250 -26.60 -53.16 27.85
C ASP A 250 -25.18 -52.83 27.40
N GLU A 251 -24.98 -52.58 26.11
CA GLU A 251 -23.66 -52.19 25.61
C GLU A 251 -23.22 -50.84 26.16
N GLU A 252 -24.14 -49.92 26.41
CA GLU A 252 -23.75 -48.69 27.09
C GLU A 252 -23.28 -48.95 28.51
N ILE A 253 -23.70 -50.07 29.11
CA ILE A 253 -23.27 -50.45 30.44
C ILE A 253 -22.11 -51.44 30.40
N ARG A 254 -22.13 -52.38 29.45
CA ARG A 254 -21.15 -53.46 29.43
C ARG A 254 -19.75 -52.94 29.17
N CYS A 255 -19.57 -52.15 28.11
CA CYS A 255 -18.23 -51.64 27.82
C CYS A 255 -17.79 -50.57 28.81
N ARG A 256 -18.74 -49.90 29.46
CA ARG A 256 -18.40 -48.86 30.43
C ARG A 256 -17.70 -49.41 31.66
N LYS A 257 -17.87 -50.70 31.96
CA LYS A 257 -17.22 -51.32 33.10
C LYS A 257 -16.27 -52.44 32.72
N TYR A 258 -16.11 -52.74 31.43
CA TYR A 258 -15.23 -53.81 31.00
C TYR A 258 -14.06 -53.35 30.13
N LEU A 259 -14.11 -52.14 29.59
CA LEU A 259 -13.09 -51.68 28.64
C LEU A 259 -12.53 -50.34 29.06
N HIS A 260 -11.40 -50.00 28.44
CA HIS A 260 -10.86 -48.65 28.55
C HIS A 260 -11.83 -47.66 27.89
N PRO A 261 -11.98 -46.46 28.44
CA PRO A 261 -12.99 -45.54 27.89
C PRO A 261 -12.75 -45.08 26.46
N SER A 262 -11.53 -45.22 25.93
CA SER A 262 -11.27 -44.80 24.57
C SER A 262 -11.90 -45.71 23.53
N SER A 263 -12.40 -46.88 23.93
CA SER A 263 -13.07 -47.81 23.03
C SER A 263 -14.58 -47.83 23.24
N TYR A 264 -15.13 -46.79 23.85
CA TYR A 264 -16.57 -46.74 24.10
C TYR A 264 -17.35 -46.63 22.80
N THR A 265 -16.92 -45.75 21.89
CA THR A 265 -17.68 -45.50 20.68
C THR A 265 -17.57 -46.65 19.68
N LYS A 266 -16.36 -47.20 19.51
CA LYS A 266 -16.13 -48.18 18.46
C LYS A 266 -16.88 -49.49 18.71
N VAL A 267 -17.01 -49.88 19.98
CA VAL A 267 -17.81 -51.07 20.29
C VAL A 267 -19.28 -50.79 20.06
N ILE A 268 -19.76 -49.61 20.47
CA ILE A 268 -21.14 -49.21 20.19
C ILE A 268 -21.38 -49.09 18.70
N HIS A 269 -20.44 -48.46 17.98
CA HIS A 269 -20.60 -48.27 16.54
C HIS A 269 -20.61 -49.59 15.79
N GLU A 270 -19.76 -50.54 16.20
CA GLU A 270 -19.75 -51.84 15.56
C GLU A 270 -20.98 -52.66 15.92
N CYS A 271 -21.51 -52.47 17.13
CA CYS A 271 -22.74 -53.14 17.53
C CYS A 271 -23.90 -52.74 16.64
N GLN A 272 -23.99 -51.45 16.29
CA GLN A 272 -25.01 -51.00 15.35
C GLN A 272 -24.75 -51.56 13.96
N GLN A 273 -23.48 -51.78 13.60
CA GLN A 273 -23.17 -52.27 12.27
C GLN A 273 -23.63 -53.70 12.01
N ARG A 274 -24.04 -54.43 13.04
CA ARG A 274 -24.53 -55.79 12.87
C ARG A 274 -26.01 -55.96 13.20
N MET A 275 -26.64 -54.97 13.81
CA MET A 275 -28.05 -55.09 14.20
C MET A 275 -28.99 -54.19 13.41
N VAL A 276 -28.56 -52.97 13.05
CA VAL A 276 -29.40 -52.05 12.30
C VAL A 276 -28.80 -51.73 10.93
N ALA A 277 -27.48 -51.62 10.82
CA ALA A 277 -26.86 -51.27 9.55
C ALA A 277 -26.87 -52.43 8.55
N ASP A 278 -26.90 -53.67 9.02
CA ASP A 278 -26.96 -54.83 8.13
C ASP A 278 -28.37 -55.32 7.90
N HIS A 279 -29.38 -54.61 8.42
CA HIS A 279 -30.78 -55.00 8.24
C HIS A 279 -31.61 -53.79 7.84
N LEU A 280 -31.03 -52.91 7.02
CA LEU A 280 -31.77 -51.76 6.52
C LEU A 280 -32.89 -52.18 5.59
N GLN A 281 -32.71 -53.29 4.86
CA GLN A 281 -33.75 -53.78 3.96
C GLN A 281 -34.99 -54.21 4.75
N PHE A 282 -34.80 -54.88 5.89
CA PHE A 282 -35.93 -55.28 6.71
C PHE A 282 -36.58 -54.08 7.40
N LEU A 283 -35.77 -53.15 7.89
CA LEU A 283 -36.30 -52.01 8.62
C LEU A 283 -37.08 -51.07 7.71
N HIS A 284 -36.52 -50.77 6.54
CA HIS A 284 -37.21 -49.87 5.61
C HIS A 284 -38.47 -50.51 5.04
N ALA A 285 -38.50 -51.83 4.92
CA ALA A 285 -39.72 -52.50 4.48
C ALA A 285 -40.83 -52.34 5.50
N GLU A 286 -40.50 -52.41 6.78
CA GLU A 286 -41.47 -52.22 7.85
C GLU A 286 -41.55 -50.78 8.33
N CYS A 287 -40.70 -49.89 7.80
CA CYS A 287 -40.78 -48.48 8.16
C CYS A 287 -42.07 -47.86 7.65
N HIS A 288 -42.54 -48.28 6.48
CA HIS A 288 -43.76 -47.70 5.90
C HIS A 288 -44.98 -48.03 6.75
N ASN A 289 -45.07 -49.26 7.26
CA ASN A 289 -46.26 -49.67 7.99
C ASN A 289 -46.35 -49.05 9.38
N ILE A 290 -45.24 -48.57 9.93
CA ILE A 290 -45.29 -47.90 11.22
C ILE A 290 -45.96 -46.53 11.09
N ILE A 291 -45.61 -45.79 10.03
CA ILE A 291 -46.10 -44.42 9.89
C ILE A 291 -47.60 -44.41 9.57
N ARG A 292 -48.05 -45.30 8.68
CA ARG A 292 -49.43 -45.27 8.24
C ARG A 292 -50.41 -45.73 9.31
N GLN A 293 -49.93 -46.42 10.34
CA GLN A 293 -50.78 -46.81 11.47
C GLN A 293 -50.50 -45.96 12.71
N GLU A 294 -49.56 -45.01 12.63
CA GLU A 294 -49.31 -44.02 13.68
C GLU A 294 -48.96 -44.66 15.02
N LYS A 295 -48.13 -45.71 14.98
CA LYS A 295 -47.63 -46.29 16.21
C LYS A 295 -46.58 -45.37 16.82
N LYS A 296 -47.00 -44.49 17.73
CA LYS A 296 -46.09 -43.49 18.30
C LYS A 296 -45.02 -44.15 19.17
N ASN A 297 -45.39 -45.21 19.89
CA ASN A 297 -44.43 -45.86 20.78
C ASN A 297 -43.34 -46.58 20.01
N ASP A 298 -43.70 -47.25 18.93
CA ASP A 298 -42.72 -48.00 18.14
C ASP A 298 -42.02 -47.18 17.08
N MET A 299 -42.49 -45.96 16.81
CA MET A 299 -41.79 -45.10 15.86
C MET A 299 -40.53 -44.49 16.47
N ALA A 300 -40.55 -44.25 17.78
CA ALA A 300 -39.35 -43.72 18.45
C ALA A 300 -38.21 -44.72 18.41
N ASN A 301 -38.52 -46.01 18.55
CA ASN A 301 -37.48 -47.03 18.49
C ASN A 301 -36.84 -47.09 17.11
N MET A 302 -37.65 -46.87 16.06
CA MET A 302 -37.10 -46.86 14.71
C MET A 302 -36.24 -45.63 14.46
N TYR A 303 -36.56 -44.51 15.11
CA TYR A 303 -35.80 -43.29 14.87
C TYR A 303 -34.40 -43.39 15.43
N VAL A 304 -34.25 -43.88 16.66
CA VAL A 304 -32.93 -43.93 17.27
C VAL A 304 -32.04 -44.95 16.58
N LEU A 305 -32.63 -46.05 16.11
CA LEU A 305 -31.86 -47.03 15.35
C LEU A 305 -31.31 -46.43 14.07
N LEU A 306 -32.13 -45.68 13.34
CA LEU A 306 -31.75 -45.13 12.06
C LEU A 306 -31.05 -43.78 12.18
N ARG A 307 -30.94 -43.23 13.38
CA ARG A 307 -30.21 -41.97 13.54
C ARG A 307 -28.71 -42.18 13.37
N ALA A 308 -28.17 -43.26 13.93
CA ALA A 308 -26.74 -43.50 13.88
C ALA A 308 -26.28 -43.99 12.52
N VAL A 309 -27.11 -44.76 11.81
CA VAL A 309 -26.75 -45.24 10.49
C VAL A 309 -26.71 -44.07 9.51
N SER A 310 -25.67 -44.04 8.67
CA SER A 310 -25.48 -42.95 7.72
C SER A 310 -26.54 -42.90 6.62
N THR A 311 -27.35 -43.96 6.47
CA THR A 311 -28.37 -43.98 5.43
C THR A 311 -29.69 -44.54 5.95
N GLY A 312 -29.94 -44.42 7.25
CA GLY A 312 -31.18 -44.91 7.82
C GLY A 312 -32.27 -43.86 7.86
N LEU A 313 -31.90 -42.63 8.25
CA LEU A 313 -32.86 -41.53 8.27
C LEU A 313 -33.48 -41.19 6.91
N PRO A 314 -32.71 -41.06 5.78
CA PRO A 314 -33.33 -40.49 4.57
C PRO A 314 -34.40 -41.34 3.90
N HIS A 315 -34.76 -42.48 4.48
CA HIS A 315 -35.92 -43.21 3.99
C HIS A 315 -37.17 -42.97 4.82
N MET A 316 -37.03 -42.84 6.14
CA MET A 316 -38.17 -42.51 6.98
C MET A 316 -38.66 -41.09 6.72
N ILE A 317 -37.79 -40.21 6.23
CA ILE A 317 -38.20 -38.87 5.84
C ILE A 317 -39.21 -38.94 4.70
N GLN A 318 -38.92 -39.79 3.70
CA GLN A 318 -39.83 -39.92 2.56
C GLN A 318 -41.15 -40.55 2.96
N GLU A 319 -41.11 -41.55 3.86
CA GLU A 319 -42.34 -42.21 4.28
C GLU A 319 -43.25 -41.28 5.07
N LEU A 320 -42.66 -40.48 5.96
CA LEU A 320 -43.47 -39.52 6.71
C LEU A 320 -44.02 -38.43 5.81
N GLN A 321 -43.22 -37.97 4.84
CA GLN A 321 -43.70 -36.94 3.92
C GLN A 321 -44.83 -37.48 3.03
N ASN A 322 -44.66 -38.69 2.50
CA ASN A 322 -45.72 -39.29 1.69
C ASN A 322 -46.91 -39.76 2.51
N HIS A 323 -46.79 -39.78 3.84
CA HIS A 323 -47.95 -40.04 4.68
C HIS A 323 -48.69 -38.76 5.04
N ILE A 324 -47.95 -37.69 5.34
CA ILE A 324 -48.58 -36.40 5.61
C ILE A 324 -49.27 -35.88 4.37
N HIS A 325 -48.59 -35.98 3.21
CA HIS A 325 -49.19 -35.58 1.94
C HIS A 325 -50.42 -36.42 1.62
N ASP A 326 -50.45 -37.66 2.06
CA ASP A 326 -51.65 -38.49 1.92
C ASP A 326 -52.66 -38.25 3.03
N GLU A 327 -52.29 -37.56 4.10
CA GLU A 327 -53.19 -37.27 5.20
C GLU A 327 -53.80 -35.89 5.13
N GLY A 328 -53.00 -34.87 4.80
CA GLY A 328 -53.55 -33.53 4.65
C GLY A 328 -54.54 -33.44 3.51
N LEU A 329 -54.29 -34.19 2.43
CA LEU A 329 -55.25 -34.24 1.33
C LEU A 329 -56.57 -34.85 1.75
N ARG A 330 -56.54 -35.80 2.69
CA ARG A 330 -57.77 -36.38 3.22
C ARG A 330 -58.57 -35.34 3.99
N ALA A 331 -57.91 -34.53 4.81
CA ALA A 331 -58.61 -33.56 5.65
C ALA A 331 -59.08 -32.34 4.88
N THR A 332 -58.54 -32.10 3.70
CA THR A 332 -58.92 -30.97 2.86
C THR A 332 -59.65 -31.43 1.61
N SER A 333 -60.52 -32.42 1.76
CA SER A 333 -61.23 -33.03 0.66
C SER A 333 -62.73 -33.02 0.93
N ASN A 334 -63.51 -32.84 -0.14
CA ASN A 334 -64.98 -32.84 -0.10
C ASN A 334 -65.49 -31.81 0.91
N LEU A 335 -64.88 -30.63 0.90
CA LEU A 335 -65.27 -29.57 1.83
C LEU A 335 -66.65 -29.04 1.47
N THR A 336 -67.45 -28.78 2.51
CA THR A 336 -68.76 -28.17 2.31
C THR A 336 -68.62 -26.73 1.89
N GLN A 337 -69.41 -26.32 0.89
CA GLN A 337 -69.35 -24.95 0.40
C GLN A 337 -69.95 -23.94 1.37
N GLU A 338 -70.62 -24.39 2.43
CA GLU A 338 -71.20 -23.46 3.40
C GLU A 338 -70.12 -22.66 4.12
N ASN A 339 -69.07 -23.33 4.58
CA ASN A 339 -67.99 -22.69 5.32
C ASN A 339 -66.64 -23.18 4.80
N MET A 340 -66.48 -23.15 3.47
CA MET A 340 -65.27 -23.65 2.84
C MET A 340 -63.97 -22.99 3.32
N PRO A 341 -63.87 -21.66 3.51
CA PRO A 341 -62.58 -21.11 3.97
C PRO A 341 -62.18 -21.57 5.37
N THR A 342 -63.12 -21.56 6.32
CA THR A 342 -62.78 -21.97 7.69
C THR A 342 -62.43 -23.45 7.74
N LEU A 343 -63.15 -24.28 6.98
CA LEU A 343 -62.85 -25.71 6.96
C LEU A 343 -61.47 -25.98 6.36
N PHE A 344 -61.11 -25.25 5.30
CA PHE A 344 -59.82 -25.48 4.66
C PHE A 344 -58.66 -25.05 5.54
N VAL A 345 -58.78 -23.91 6.20
CA VAL A 345 -57.68 -23.41 7.02
C VAL A 345 -57.50 -24.27 8.27
N GLU A 346 -58.60 -24.61 8.95
CA GLU A 346 -58.48 -25.38 10.18
C GLU A 346 -58.11 -26.83 9.92
N SER A 347 -58.35 -27.35 8.71
CA SER A 347 -57.92 -28.71 8.40
C SER A 347 -56.41 -28.80 8.28
N VAL A 348 -55.80 -27.86 7.55
CA VAL A 348 -54.35 -27.88 7.41
C VAL A 348 -53.68 -27.56 8.74
N LEU A 349 -54.29 -26.68 9.54
CA LEU A 349 -53.71 -26.32 10.83
C LEU A 349 -53.62 -27.51 11.77
N GLU A 350 -54.66 -28.35 11.80
CA GLU A 350 -54.62 -29.50 12.69
C GLU A 350 -53.69 -30.59 12.17
N VAL A 351 -53.59 -30.75 10.84
CA VAL A 351 -52.59 -31.65 10.29
C VAL A 351 -51.20 -31.16 10.63
N HIS A 352 -50.96 -29.86 10.48
CA HIS A 352 -49.73 -29.28 10.99
C HIS A 352 -49.65 -29.37 12.51
N GLY A 353 -50.78 -29.14 13.19
CA GLY A 353 -50.77 -29.17 14.65
C GLY A 353 -50.51 -30.55 15.21
N LYS A 354 -51.10 -31.59 14.60
CA LYS A 354 -50.89 -32.94 15.09
C LYS A 354 -49.47 -33.42 14.84
N PHE A 355 -48.95 -33.18 13.64
CA PHE A 355 -47.66 -33.76 13.27
C PHE A 355 -46.48 -33.02 13.88
N VAL A 356 -46.61 -31.72 14.13
CA VAL A 356 -45.60 -31.03 14.91
C VAL A 356 -45.52 -31.60 16.32
N GLN A 357 -46.69 -31.89 16.91
CA GLN A 357 -46.72 -32.59 18.18
C GLN A 357 -46.12 -33.99 18.07
N LEU A 358 -46.37 -34.67 16.96
CA LEU A 358 -45.85 -36.03 16.79
C LEU A 358 -44.34 -36.03 16.58
N ILE A 359 -43.83 -35.07 15.79
CA ILE A 359 -42.39 -35.00 15.56
C ILE A 359 -41.67 -34.57 16.83
N ASN A 360 -42.22 -33.58 17.54
CA ASN A 360 -41.56 -33.07 18.75
C ASN A 360 -41.54 -34.11 19.87
N THR A 361 -42.57 -34.96 19.95
CA THR A 361 -42.60 -35.98 20.97
C THR A 361 -41.79 -37.20 20.56
N VAL A 362 -42.16 -37.83 19.44
CA VAL A 362 -41.62 -39.14 19.12
C VAL A 362 -40.26 -39.02 18.44
N LEU A 363 -40.19 -38.29 17.33
CA LEU A 363 -38.94 -38.20 16.57
C LEU A 363 -38.09 -37.00 17.01
N ASN A 364 -37.94 -36.83 18.33
CA ASN A 364 -37.02 -35.88 18.95
C ASN A 364 -37.14 -34.43 18.46
N GLY A 365 -38.20 -34.12 17.73
CA GLY A 365 -38.27 -32.82 17.06
C GLY A 365 -37.12 -32.61 16.09
N ASP A 366 -36.76 -33.63 15.32
CA ASP A 366 -35.59 -33.56 14.46
C ASP A 366 -35.81 -32.56 13.34
N GLN A 367 -34.74 -31.84 12.99
CA GLN A 367 -34.82 -30.81 11.96
C GLN A 367 -35.06 -31.42 10.59
N HIS A 368 -34.47 -32.60 10.33
CA HIS A 368 -34.64 -33.25 9.04
C HIS A 368 -36.08 -33.69 8.79
N PHE A 369 -36.88 -33.84 9.83
CA PHE A 369 -38.28 -34.23 9.66
C PHE A 369 -39.20 -33.03 9.51
N MET A 370 -38.84 -31.88 10.09
CA MET A 370 -39.64 -30.67 9.90
C MET A 370 -39.60 -30.19 8.46
N SER A 371 -38.45 -30.35 7.79
CA SER A 371 -38.37 -30.00 6.38
C SER A 371 -39.26 -30.92 5.53
N ALA A 372 -39.35 -32.19 5.90
CA ALA A 372 -40.25 -33.11 5.21
C ALA A 372 -41.70 -32.71 5.41
N LEU A 373 -42.06 -32.32 6.64
CA LEU A 373 -43.43 -31.87 6.91
C LEU A 373 -43.72 -30.56 6.19
N ASP A 374 -42.75 -29.64 6.17
CA ASP A 374 -42.93 -28.37 5.49
C ASP A 374 -43.11 -28.57 3.99
N LYS A 375 -42.31 -29.45 3.39
CA LYS A 375 -42.44 -29.73 1.96
C LYS A 375 -43.74 -30.44 1.65
N ALA A 376 -44.16 -31.37 2.51
CA ALA A 376 -45.40 -32.11 2.27
C ALA A 376 -46.62 -31.20 2.37
N LEU A 377 -46.63 -30.28 3.33
CA LEU A 377 -47.74 -29.35 3.45
C LEU A 377 -47.76 -28.33 2.32
N THR A 378 -46.63 -28.12 1.64
CA THR A 378 -46.64 -27.26 0.46
C THR A 378 -47.41 -27.91 -0.68
N SER A 379 -47.39 -29.25 -0.78
CA SER A 379 -48.09 -29.92 -1.86
C SER A 379 -49.59 -29.91 -1.64
N VAL A 380 -50.04 -30.13 -0.40
CA VAL A 380 -51.48 -30.19 -0.15
C VAL A 380 -52.13 -28.82 -0.30
N VAL A 381 -51.42 -27.75 0.12
CA VAL A 381 -51.96 -26.41 -0.07
C VAL A 381 -52.01 -26.06 -1.54
N ASN A 382 -50.93 -26.32 -2.27
CA ASN A 382 -50.90 -26.08 -3.71
C ASN A 382 -51.28 -27.33 -4.48
N TYR A 383 -52.41 -27.94 -4.12
CA TYR A 383 -52.91 -29.11 -4.84
C TYR A 383 -53.95 -28.59 -5.83
N ARG A 384 -53.49 -28.27 -7.04
CA ARG A 384 -54.37 -27.69 -8.05
C ARG A 384 -55.38 -28.71 -8.55
N GLU A 385 -56.60 -28.24 -8.77
CA GLU A 385 -57.63 -29.09 -9.33
C GLU A 385 -57.33 -29.38 -10.80
N PRO A 386 -57.81 -30.51 -11.33
CA PRO A 386 -57.60 -30.80 -12.76
C PRO A 386 -58.28 -29.78 -13.64
N LYS A 387 -57.52 -29.26 -14.61
CA LYS A 387 -57.98 -28.22 -15.55
C LYS A 387 -58.53 -27.01 -14.81
N SER A 388 -57.85 -26.61 -13.73
CA SER A 388 -58.26 -25.46 -12.94
C SER A 388 -57.01 -24.83 -12.33
N VAL A 389 -57.22 -23.97 -11.34
CA VAL A 389 -56.14 -23.28 -10.65
C VAL A 389 -56.28 -23.56 -9.16
N CYS A 390 -55.16 -23.43 -8.44
CA CYS A 390 -55.15 -23.69 -7.00
C CYS A 390 -56.07 -22.74 -6.27
N LYS A 391 -57.02 -23.30 -5.52
CA LYS A 391 -58.03 -22.51 -4.82
C LYS A 391 -57.54 -21.97 -3.48
N ALA A 392 -56.37 -22.40 -3.02
CA ALA A 392 -55.87 -21.96 -1.71
C ALA A 392 -55.60 -20.46 -1.61
N PRO A 393 -54.94 -19.79 -2.57
CA PRO A 393 -54.70 -18.34 -2.39
C PRO A 393 -55.96 -17.50 -2.35
N GLU A 394 -57.08 -17.99 -2.92
CA GLU A 394 -58.34 -17.28 -2.77
C GLU A 394 -59.03 -17.65 -1.46
N LEU A 395 -58.92 -18.91 -1.06
CA LEU A 395 -59.61 -19.38 0.14
C LEU A 395 -59.06 -18.71 1.40
N LEU A 396 -57.74 -18.55 1.47
CA LEU A 396 -57.16 -17.88 2.63
C LEU A 396 -57.52 -16.40 2.67
N ALA A 397 -57.73 -15.78 1.51
CA ALA A 397 -58.23 -14.41 1.49
C ALA A 397 -59.64 -14.33 2.06
N LYS A 398 -60.49 -15.31 1.70
CA LYS A 398 -61.85 -15.32 2.23
C LYS A 398 -61.89 -15.71 3.70
N TYR A 399 -60.87 -16.42 4.20
CA TYR A 399 -60.82 -16.72 5.62
C TYR A 399 -60.46 -15.49 6.44
N CYS A 400 -59.56 -14.65 5.93
CA CYS A 400 -59.23 -13.41 6.61
C CYS A 400 -60.43 -12.47 6.63
N ASP A 401 -61.25 -12.50 5.58
CA ASP A 401 -62.47 -11.69 5.57
C ASP A 401 -63.48 -12.20 6.59
N ASN A 402 -63.58 -13.52 6.76
CA ASN A 402 -64.62 -14.11 7.58
C ASN A 402 -64.44 -13.86 9.07
N LEU A 403 -63.27 -13.38 9.51
CA LEU A 403 -63.06 -13.07 10.92
C LEU A 403 -62.76 -11.60 11.18
N LEU A 404 -62.14 -10.90 10.23
CA LEU A 404 -61.86 -9.48 10.42
C LEU A 404 -63.08 -8.60 10.14
N LYS A 405 -64.15 -9.16 9.58
CA LYS A 405 -65.35 -8.39 9.33
C LYS A 405 -66.06 -8.06 10.65
N LYS A 406 -66.89 -7.02 10.60
CA LYS A 406 -67.73 -6.66 11.74
C LYS A 406 -68.89 -7.65 11.79
N SER A 407 -68.69 -8.74 12.53
CA SER A 407 -69.68 -9.80 12.64
C SER A 407 -70.09 -9.98 14.10
N ALA A 408 -71.36 -10.32 14.31
CA ALA A 408 -71.91 -10.48 15.65
C ALA A 408 -71.81 -11.91 16.16
N LYS A 409 -71.16 -12.81 15.42
CA LYS A 409 -71.05 -14.21 15.82
C LYS A 409 -69.88 -14.41 16.78
N GLY A 410 -69.98 -13.76 17.93
CA GLY A 410 -68.90 -13.80 18.91
C GLY A 410 -67.68 -13.07 18.38
N MET A 411 -66.58 -13.82 18.27
CA MET A 411 -65.31 -13.35 17.68
C MET A 411 -64.79 -12.11 18.43
N THR A 412 -64.42 -12.36 19.69
CA THR A 412 -63.86 -11.31 20.52
C THR A 412 -62.47 -10.91 20.02
N GLU A 413 -62.00 -9.76 20.51
CA GLU A 413 -60.72 -9.22 20.04
C GLU A 413 -59.56 -10.14 20.39
N ASN A 414 -59.60 -10.74 21.57
CA ASN A 414 -58.57 -11.72 21.93
C ASN A 414 -58.64 -12.94 21.01
N GLU A 415 -59.85 -13.38 20.68
CA GLU A 415 -60.00 -14.55 19.80
C GLU A 415 -59.47 -14.27 18.41
N VAL A 416 -59.72 -13.07 17.88
CA VAL A 416 -59.31 -12.74 16.51
C VAL A 416 -57.79 -12.73 16.40
N GLU A 417 -57.11 -12.11 17.37
CA GLU A 417 -55.66 -12.02 17.31
C GLU A 417 -55.01 -13.40 17.46
N ASP A 418 -55.55 -14.23 18.35
CA ASP A 418 -54.99 -15.57 18.55
C ASP A 418 -55.24 -16.47 17.34
N ARG A 419 -56.37 -16.30 16.65
CA ARG A 419 -56.62 -17.07 15.44
C ARG A 419 -55.62 -16.72 14.34
N LEU A 420 -55.31 -15.43 14.19
CA LEU A 420 -54.43 -15.00 13.11
C LEU A 420 -52.97 -15.34 13.38
N THR A 421 -52.59 -15.58 14.63
CA THR A 421 -51.24 -16.07 14.92
C THR A 421 -51.04 -17.45 14.32
N SER A 422 -52.05 -18.32 14.41
CA SER A 422 -51.99 -19.61 13.75
C SER A 422 -52.12 -19.50 12.25
N PHE A 423 -52.72 -18.42 11.75
CA PHE A 423 -52.93 -18.27 10.31
C PHE A 423 -51.61 -18.11 9.56
N ILE A 424 -50.58 -17.59 10.23
CA ILE A 424 -49.29 -17.45 9.57
C ILE A 424 -48.66 -18.81 9.30
N THR A 425 -48.86 -19.77 10.22
CA THR A 425 -48.27 -21.09 10.07
C THR A 425 -48.83 -21.86 8.89
N VAL A 426 -50.03 -21.52 8.42
CA VAL A 426 -50.57 -22.08 7.19
C VAL A 426 -50.33 -21.15 6.00
N PHE A 427 -50.02 -19.87 6.26
CA PHE A 427 -49.84 -18.92 5.17
C PHE A 427 -48.54 -19.15 4.43
N LYS A 428 -47.49 -19.63 5.11
CA LYS A 428 -46.17 -19.77 4.49
C LYS A 428 -46.13 -20.87 3.43
N TYR A 429 -47.13 -21.76 3.38
CA TYR A 429 -47.15 -22.83 2.41
C TYR A 429 -47.99 -22.51 1.19
N ILE A 430 -48.42 -21.26 1.04
CA ILE A 430 -49.28 -20.87 -0.07
C ILE A 430 -48.56 -21.01 -1.41
N ASP A 431 -47.30 -20.58 -1.46
CA ASP A 431 -46.43 -20.66 -2.65
C ASP A 431 -46.97 -19.87 -3.83
N ASP A 432 -48.05 -19.12 -3.63
CA ASP A 432 -48.61 -18.19 -4.59
C ASP A 432 -49.03 -16.91 -3.88
N LYS A 433 -48.17 -16.45 -2.97
CA LYS A 433 -48.52 -15.35 -2.07
C LYS A 433 -48.78 -14.05 -2.81
N ASP A 434 -48.23 -13.88 -4.01
CA ASP A 434 -48.56 -12.71 -4.82
C ASP A 434 -50.03 -12.73 -5.23
N VAL A 435 -50.55 -13.91 -5.57
CA VAL A 435 -51.96 -14.04 -5.91
C VAL A 435 -52.84 -13.73 -4.70
N PHE A 436 -52.44 -14.25 -3.53
CA PHE A 436 -53.18 -13.97 -2.31
C PHE A 436 -53.11 -12.49 -1.94
N GLN A 437 -52.01 -11.82 -2.29
CA GLN A 437 -51.85 -10.42 -1.94
C GLN A 437 -52.90 -9.54 -2.61
N LYS A 438 -53.22 -9.82 -3.87
CA LYS A 438 -54.20 -8.99 -4.58
C LYS A 438 -55.62 -9.28 -4.10
N PHE A 439 -55.94 -10.54 -3.84
CA PHE A 439 -57.26 -10.86 -3.30
C PHE A 439 -57.46 -10.27 -1.92
N TYR A 440 -56.42 -10.29 -1.08
CA TYR A 440 -56.52 -9.65 0.23
C TYR A 440 -56.61 -8.13 0.09
N ALA A 441 -55.86 -7.55 -0.85
CA ALA A 441 -55.88 -6.11 -1.04
C ALA A 441 -57.26 -5.62 -1.46
N ARG A 442 -57.91 -6.33 -2.39
CA ARG A 442 -59.26 -5.97 -2.76
C ARG A 442 -60.25 -6.30 -1.65
N MET A 443 -59.93 -7.29 -0.81
CA MET A 443 -60.75 -7.57 0.34
C MET A 443 -60.59 -6.50 1.41
N LEU A 444 -59.40 -5.89 1.50
CA LEU A 444 -59.19 -4.80 2.43
C LEU A 444 -59.97 -3.55 2.01
N ALA A 445 -60.10 -3.33 0.70
CA ALA A 445 -60.83 -2.16 0.21
C ALA A 445 -62.31 -2.24 0.57
N LYS A 446 -62.90 -3.43 0.50
CA LYS A 446 -64.31 -3.59 0.85
C LYS A 446 -64.54 -3.32 2.33
N ARG A 447 -63.63 -3.78 3.18
CA ARG A 447 -63.80 -3.60 4.63
C ARG A 447 -63.57 -2.16 5.03
N LEU A 448 -62.51 -1.53 4.52
CA LEU A 448 -62.12 -0.20 5.00
C LEU A 448 -63.05 0.88 4.47
N ILE A 449 -63.42 0.82 3.20
CA ILE A 449 -64.21 1.89 2.59
C ILE A 449 -65.63 1.90 3.16
N HIS A 450 -66.25 0.73 3.24
CA HIS A 450 -67.63 0.63 3.74
C HIS A 450 -67.71 0.55 5.25
N GLY A 451 -66.58 0.55 5.95
CA GLY A 451 -66.58 0.49 7.40
C GLY A 451 -67.09 -0.82 7.97
N LEU A 452 -66.80 -1.94 7.32
CA LEU A 452 -67.18 -3.25 7.80
C LEU A 452 -66.07 -3.91 8.62
N SER A 453 -64.97 -3.21 8.86
CA SER A 453 -63.89 -3.77 9.67
C SER A 453 -64.31 -3.90 11.13
N MET A 454 -63.86 -4.98 11.77
CA MET A 454 -64.17 -5.19 13.18
C MET A 454 -63.45 -4.17 14.05
N SER A 455 -62.15 -3.99 13.82
CA SER A 455 -61.36 -3.03 14.59
C SER A 455 -60.20 -2.54 13.73
N MET A 456 -59.88 -1.25 13.86
CA MET A 456 -58.72 -0.71 13.16
C MET A 456 -57.42 -1.34 13.66
N ASP A 457 -57.32 -1.56 14.98
CA ASP A 457 -56.15 -2.22 15.53
C ASP A 457 -56.05 -3.67 15.07
N SER A 458 -57.19 -4.34 14.94
CA SER A 458 -57.20 -5.72 14.48
C SER A 458 -56.69 -5.84 13.05
N GLU A 459 -57.07 -4.89 12.19
CA GLU A 459 -56.55 -4.86 10.82
C GLU A 459 -55.06 -4.58 10.83
N GLU A 460 -54.60 -3.69 11.71
CA GLU A 460 -53.17 -3.41 11.83
C GLU A 460 -52.41 -4.64 12.30
N ALA A 461 -53.01 -5.43 13.20
CA ALA A 461 -52.37 -6.64 13.69
C ALA A 461 -52.16 -7.66 12.56
N MET A 462 -53.15 -7.79 11.66
CA MET A 462 -53.01 -8.70 10.54
C MET A 462 -51.94 -8.21 9.58
N ILE A 463 -51.86 -6.90 9.34
CA ILE A 463 -50.84 -6.36 8.44
C ILE A 463 -49.44 -6.59 9.01
N ASN A 464 -49.27 -6.37 10.31
CA ASN A 464 -47.97 -6.56 10.94
C ASN A 464 -47.53 -8.02 10.89
N LYS A 465 -48.45 -8.94 11.17
CA LYS A 465 -48.13 -10.36 11.08
C LYS A 465 -47.84 -10.76 9.64
N LEU A 466 -48.60 -10.20 8.69
CA LEU A 466 -48.32 -10.45 7.27
C LEU A 466 -46.99 -9.84 6.87
N LYS A 467 -46.61 -8.71 7.48
CA LYS A 467 -45.32 -8.10 7.21
C LYS A 467 -44.18 -8.99 7.68
N GLN A 468 -44.34 -9.64 8.84
CA GLN A 468 -43.31 -10.55 9.32
C GLN A 468 -43.23 -11.81 8.47
N ALA A 469 -44.35 -12.19 7.83
CA ALA A 469 -44.38 -13.45 7.10
C ALA A 469 -43.61 -13.36 5.79
N CYS A 470 -43.76 -12.25 5.05
CA CYS A 470 -43.19 -12.15 3.71
C CYS A 470 -42.47 -10.82 3.52
N GLY A 471 -41.89 -10.28 4.59
CA GLY A 471 -41.08 -9.09 4.47
C GLY A 471 -41.90 -7.82 4.36
N TYR A 472 -41.19 -6.72 4.09
CA TYR A 472 -41.78 -5.40 4.06
C TYR A 472 -42.34 -5.02 2.70
N GLU A 473 -41.73 -5.49 1.62
CA GLU A 473 -42.20 -5.16 0.28
C GLU A 473 -43.57 -5.77 0.00
N PHE A 474 -43.87 -6.90 0.65
CA PHE A 474 -45.13 -7.60 0.38
C PHE A 474 -46.34 -6.81 0.86
N THR A 475 -46.20 -6.07 1.95
CA THR A 475 -47.33 -5.35 2.55
C THR A 475 -47.19 -3.84 2.43
N SER A 476 -46.35 -3.35 1.51
CA SER A 476 -46.22 -1.91 1.34
C SER A 476 -47.51 -1.28 0.84
N LYS A 477 -48.18 -1.93 -0.11
CA LYS A 477 -49.46 -1.43 -0.59
C LYS A 477 -50.52 -1.48 0.51
N LEU A 478 -50.56 -2.58 1.27
CA LEU A 478 -51.54 -2.72 2.34
C LEU A 478 -51.33 -1.70 3.45
N HIS A 479 -50.06 -1.44 3.81
CA HIS A 479 -49.77 -0.44 4.82
C HIS A 479 -50.18 0.95 4.36
N ARG A 480 -50.05 1.23 3.06
CA ARG A 480 -50.54 2.50 2.52
C ARG A 480 -52.05 2.59 2.60
N MET A 481 -52.75 1.46 2.52
CA MET A 481 -54.21 1.48 2.59
C MET A 481 -54.69 1.83 4.00
N TYR A 482 -54.11 1.20 5.02
CA TYR A 482 -54.59 1.42 6.38
C TYR A 482 -54.16 2.76 6.93
N THR A 483 -53.03 3.29 6.46
CA THR A 483 -52.54 4.58 6.96
C THR A 483 -53.51 5.71 6.61
N ASP A 484 -54.17 5.61 5.45
CA ASP A 484 -55.13 6.64 5.05
C ASP A 484 -56.34 6.66 5.99
N MET A 485 -56.82 5.49 6.40
CA MET A 485 -57.94 5.44 7.33
C MET A 485 -57.55 5.92 8.72
N SER A 486 -56.27 5.83 9.08
CA SER A 486 -55.83 6.38 10.36
C SER A 486 -55.86 7.90 10.36
N VAL A 487 -55.72 8.52 9.19
CA VAL A 487 -55.72 9.97 9.05
C VAL A 487 -56.94 10.48 8.31
N SER A 488 -57.86 9.61 7.92
CA SER A 488 -59.08 10.06 7.26
C SER A 488 -59.93 10.92 8.19
N ALA A 489 -60.05 10.53 9.45
CA ALA A 489 -60.71 11.38 10.43
C ALA A 489 -59.91 12.64 10.71
N ASP A 490 -58.58 12.56 10.60
CA ASP A 490 -57.73 13.73 10.80
C ASP A 490 -57.94 14.75 9.69
N LEU A 491 -58.01 14.29 8.45
CA LEU A 491 -58.24 15.22 7.33
C LEU A 491 -59.64 15.80 7.36
N ASN A 492 -60.61 15.03 7.86
CA ASN A 492 -61.95 15.57 8.06
C ASN A 492 -61.94 16.71 9.08
N ASN A 493 -61.16 16.55 10.15
CA ASN A 493 -61.02 17.61 11.13
C ASN A 493 -60.32 18.83 10.54
N LYS A 494 -59.33 18.61 9.67
CA LYS A 494 -58.66 19.73 9.01
C LYS A 494 -59.54 20.43 7.99
N PHE A 495 -60.64 19.80 7.57
CA PHE A 495 -61.61 20.51 6.74
C PHE A 495 -62.71 21.17 7.58
N ASN A 496 -63.09 20.53 8.68
CA ASN A 496 -64.18 21.06 9.51
C ASN A 496 -63.84 22.39 10.14
N ASN A 497 -62.55 22.71 10.28
CA ASN A 497 -62.15 24.06 10.67
C ASN A 497 -61.70 24.90 9.49
N PHE A 498 -61.41 24.27 8.34
CA PHE A 498 -61.06 25.03 7.14
C PHE A 498 -62.21 25.91 6.68
N ILE A 499 -63.44 25.38 6.77
CA ILE A 499 -64.61 26.20 6.50
C ILE A 499 -64.73 27.31 7.53
N LYS A 500 -64.34 27.05 8.77
CA LYS A 500 -64.29 28.07 9.80
C LYS A 500 -63.09 29.00 9.63
N ASN A 501 -61.99 28.50 9.05
CA ASN A 501 -60.79 29.31 8.90
C ASN A 501 -60.96 30.43 7.87
N GLN A 502 -61.89 30.29 6.94
CA GLN A 502 -62.08 31.30 5.91
C GLN A 502 -62.71 32.56 6.50
N ASP A 503 -62.46 33.69 5.85
CA ASP A 503 -62.88 34.98 6.38
C ASP A 503 -64.39 35.14 6.34
N THR A 504 -65.01 34.85 5.20
CA THR A 504 -66.44 35.05 5.04
C THR A 504 -67.22 33.92 5.73
N VAL A 505 -68.54 34.02 5.67
CA VAL A 505 -69.41 33.02 6.29
C VAL A 505 -69.50 31.81 5.38
N ILE A 506 -68.60 30.84 5.59
CA ILE A 506 -68.56 29.63 4.77
C ILE A 506 -69.39 28.58 5.49
N ASP A 507 -70.60 28.35 4.98
CA ASP A 507 -71.47 27.29 5.46
C ASP A 507 -71.83 26.42 4.27
N LEU A 508 -71.62 25.11 4.41
CA LEU A 508 -71.76 24.19 3.29
C LEU A 508 -73.12 23.50 3.24
N GLY A 509 -73.82 23.41 4.37
CA GLY A 509 -75.07 22.67 4.40
C GLY A 509 -74.89 21.18 4.24
N ILE A 510 -73.71 20.66 4.57
CA ILE A 510 -73.37 19.27 4.35
C ILE A 510 -72.19 18.92 5.25
N SER A 511 -72.26 17.76 5.89
CA SER A 511 -71.18 17.28 6.73
C SER A 511 -70.44 16.16 6.01
N PHE A 512 -69.17 15.99 6.37
CA PHE A 512 -68.25 15.15 5.60
C PHE A 512 -67.68 14.02 6.42
N GLN A 513 -67.49 12.88 5.74
CA GLN A 513 -66.63 11.78 6.19
C GLN A 513 -65.88 11.31 4.94
N ILE A 514 -64.73 11.94 4.68
CA ILE A 514 -63.95 11.68 3.48
C ILE A 514 -62.90 10.63 3.76
N TYR A 515 -62.75 9.71 2.81
CA TYR A 515 -61.71 8.69 2.83
C TYR A 515 -60.77 9.01 1.67
N VAL A 516 -59.71 9.78 1.96
CA VAL A 516 -58.78 10.20 0.93
C VAL A 516 -57.83 9.05 0.64
N LEU A 517 -58.20 8.21 -0.33
CA LEU A 517 -57.37 7.06 -0.66
C LEU A 517 -56.10 7.51 -1.37
N GLN A 518 -55.04 6.73 -1.20
CA GLN A 518 -53.74 7.07 -1.75
C GLN A 518 -53.68 6.72 -3.24
N ALA A 519 -52.47 6.63 -3.80
CA ALA A 519 -52.28 6.38 -5.22
C ALA A 519 -52.57 4.93 -5.56
N GLY A 520 -52.12 4.49 -6.74
CA GLY A 520 -52.49 3.20 -7.30
C GLY A 520 -52.20 1.96 -6.48
N ALA A 521 -51.64 2.13 -5.28
CA ALA A 521 -51.49 1.01 -4.36
C ALA A 521 -52.85 0.40 -4.00
N TRP A 522 -53.88 1.25 -3.88
CA TRP A 522 -55.22 0.73 -3.70
C TRP A 522 -55.68 0.00 -4.97
N PRO A 523 -56.31 -1.18 -4.83
CA PRO A 523 -56.61 -1.99 -6.02
C PRO A 523 -57.81 -1.53 -6.82
N LEU A 524 -58.74 -0.78 -6.23
CA LEU A 524 -59.92 -0.35 -6.95
C LEU A 524 -59.57 0.68 -8.02
N THR A 525 -60.17 0.53 -9.20
CA THR A 525 -59.99 1.45 -10.31
C THR A 525 -61.34 1.71 -10.97
N GLN A 526 -61.35 2.68 -11.88
CA GLN A 526 -62.53 2.98 -12.71
C GLN A 526 -62.03 3.14 -14.15
N ALA A 527 -62.02 2.04 -14.88
CA ALA A 527 -61.56 2.02 -16.27
C ALA A 527 -62.61 2.58 -17.24
N PRO A 528 -63.91 2.27 -17.12
CA PRO A 528 -64.89 3.00 -17.92
C PRO A 528 -64.96 4.47 -17.51
N SER A 529 -65.39 5.30 -18.46
CA SER A 529 -65.52 6.72 -18.20
C SER A 529 -66.56 6.98 -17.12
N SER A 530 -67.83 6.65 -17.42
CA SER A 530 -68.95 6.70 -16.47
C SER A 530 -69.01 8.04 -15.74
N THR A 531 -69.10 9.11 -16.55
CA THR A 531 -69.06 10.47 -16.02
C THR A 531 -70.37 10.81 -15.34
N PHE A 532 -70.52 10.43 -14.07
CA PHE A 532 -71.68 10.80 -13.29
C PHE A 532 -71.56 12.26 -12.87
N ALA A 533 -72.55 13.07 -13.25
CA ALA A 533 -72.49 14.49 -12.97
C ALA A 533 -72.66 14.77 -11.47
N ILE A 534 -71.93 15.75 -10.98
CA ILE A 534 -71.99 16.11 -9.56
C ILE A 534 -73.33 16.76 -9.27
N PRO A 535 -74.09 16.29 -8.28
CA PRO A 535 -75.34 16.96 -7.92
C PRO A 535 -75.11 18.39 -7.44
N GLN A 536 -76.03 19.28 -7.82
CA GLN A 536 -75.86 20.70 -7.53
C GLN A 536 -76.04 21.02 -6.05
N GLU A 537 -76.69 20.13 -5.28
CA GLU A 537 -76.77 20.34 -3.85
C GLU A 537 -75.39 20.25 -3.21
N LEU A 538 -74.57 19.31 -3.65
CA LEU A 538 -73.23 19.11 -3.13
C LEU A 538 -72.15 19.64 -4.07
N GLU A 539 -72.55 20.41 -5.10
CA GLU A 539 -71.56 21.01 -5.98
C GLU A 539 -70.72 22.06 -5.26
N LYS A 540 -71.35 22.86 -4.40
CA LYS A 540 -70.60 23.78 -3.55
C LYS A 540 -69.69 23.01 -2.59
N SER A 541 -70.12 21.82 -2.17
CA SER A 541 -69.31 21.01 -1.26
C SER A 541 -68.03 20.52 -1.93
N VAL A 542 -68.16 19.94 -3.13
CA VAL A 542 -66.99 19.36 -3.79
C VAL A 542 -66.03 20.45 -4.27
N GLN A 543 -66.56 21.62 -4.65
CA GLN A 543 -65.69 22.72 -5.04
C GLN A 543 -64.92 23.26 -3.84
N MET A 544 -65.57 23.31 -2.66
CA MET A 544 -64.86 23.72 -1.45
C MET A 544 -63.79 22.70 -1.07
N PHE A 545 -64.10 21.41 -1.21
CA PHE A 545 -63.13 20.38 -0.84
C PHE A 545 -61.98 20.31 -1.84
N GLU A 546 -62.29 20.45 -3.14
CA GLU A 546 -61.23 20.47 -4.15
C GLU A 546 -60.31 21.67 -3.97
N LEU A 547 -60.88 22.83 -3.64
CA LEU A 547 -60.06 23.99 -3.32
C LEU A 547 -59.27 23.77 -2.03
N PHE A 548 -59.86 23.08 -1.06
CA PHE A 548 -59.16 22.79 0.18
C PHE A 548 -57.98 21.85 -0.06
N TYR A 549 -58.21 20.76 -0.80
CA TYR A 549 -57.17 19.77 -0.98
C TYR A 549 -56.06 20.29 -1.89
N SER A 550 -56.41 21.02 -2.95
CA SER A 550 -55.39 21.53 -3.85
C SER A 550 -54.54 22.63 -3.23
N GLN A 551 -54.98 23.20 -2.10
CA GLN A 551 -54.23 24.24 -1.41
C GLN A 551 -53.34 23.67 -0.31
N HIS A 552 -53.89 22.85 0.58
CA HIS A 552 -53.07 22.23 1.62
C HIS A 552 -52.17 21.14 1.07
N PHE A 553 -52.61 20.45 0.02
CA PHE A 553 -51.84 19.37 -0.61
C PHE A 553 -51.61 19.76 -2.06
N SER A 554 -50.51 20.48 -2.31
CA SER A 554 -50.20 20.90 -3.67
C SER A 554 -49.78 19.72 -4.52
N GLY A 555 -50.03 19.83 -5.82
CA GLY A 555 -49.66 18.79 -6.75
C GLY A 555 -50.39 17.47 -6.57
N ARG A 556 -51.70 17.52 -6.37
CA ARG A 556 -52.51 16.31 -6.17
C ARG A 556 -53.73 16.38 -7.07
N LYS A 557 -53.95 15.34 -7.87
CA LYS A 557 -55.09 15.28 -8.78
C LYS A 557 -56.21 14.49 -8.13
N LEU A 558 -57.15 15.19 -7.49
CA LEU A 558 -58.25 14.55 -6.77
C LEU A 558 -59.26 14.00 -7.78
N THR A 559 -58.94 12.82 -8.32
CA THR A 559 -59.86 12.12 -9.22
C THR A 559 -60.93 11.45 -8.38
N TRP A 560 -62.16 11.95 -8.48
CA TRP A 560 -63.24 11.48 -7.64
C TRP A 560 -63.76 10.14 -8.14
N LEU A 561 -64.08 9.26 -7.19
CA LEU A 561 -64.65 7.94 -7.48
C LEU A 561 -66.08 7.92 -6.97
N HIS A 562 -67.03 7.70 -7.89
CA HIS A 562 -68.44 7.69 -7.54
C HIS A 562 -69.08 6.31 -7.62
N TYR A 563 -68.45 5.36 -8.30
CA TYR A 563 -69.02 4.02 -8.43
C TYR A 563 -68.96 3.23 -7.12
N LEU A 564 -68.10 3.63 -6.19
CA LEU A 564 -68.06 3.06 -4.85
C LEU A 564 -68.31 4.14 -3.79
N CYS A 565 -69.13 5.13 -4.15
CA CYS A 565 -69.48 6.20 -3.23
C CYS A 565 -70.58 5.75 -2.28
N THR A 566 -70.90 6.62 -1.32
CA THR A 566 -71.93 6.34 -0.33
C THR A 566 -72.52 7.66 0.13
N GLY A 567 -73.66 7.58 0.79
CA GLY A 567 -74.32 8.77 1.30
C GLY A 567 -75.80 8.55 1.47
N GLU A 568 -76.41 9.52 2.14
CA GLU A 568 -77.84 9.47 2.47
C GLU A 568 -78.67 10.20 1.43
N VAL A 569 -79.97 9.93 1.46
CA VAL A 569 -80.93 10.52 0.54
C VAL A 569 -82.09 11.09 1.35
N LYS A 570 -82.57 12.26 0.95
CA LYS A 570 -83.77 12.87 1.52
C LYS A 570 -84.89 12.83 0.50
N MET A 571 -86.11 12.57 0.97
CA MET A 571 -87.25 12.35 0.10
C MET A 571 -88.34 13.38 0.35
N ASN A 572 -87.97 14.66 0.41
CA ASN A 572 -88.92 15.72 0.75
C ASN A 572 -90.02 15.89 -0.29
N TYR A 573 -89.79 15.44 -1.54
CA TYR A 573 -90.84 15.49 -2.55
C TYR A 573 -92.02 14.61 -2.16
N LEU A 574 -91.75 13.42 -1.61
CA LEU A 574 -92.81 12.56 -1.13
C LEU A 574 -93.45 13.12 0.14
N GLY A 575 -92.67 13.82 0.96
CA GLY A 575 -93.12 14.29 2.26
C GLY A 575 -92.10 14.03 3.33
N LYS A 576 -90.91 13.57 2.91
CA LYS A 576 -89.77 13.23 3.74
C LYS A 576 -90.14 12.24 4.86
N PRO A 577 -90.43 10.97 4.54
CA PRO A 577 -90.48 9.95 5.59
C PRO A 577 -89.16 9.21 5.73
N TYR A 578 -88.73 8.96 6.97
CA TYR A 578 -87.54 8.19 7.28
C TYR A 578 -86.30 8.78 6.63
N VAL A 579 -85.25 7.96 6.46
CA VAL A 579 -84.09 8.32 5.66
C VAL A 579 -83.73 7.14 4.76
N ALA A 580 -82.86 7.40 3.79
CA ALA A 580 -82.38 6.36 2.89
C ALA A 580 -80.92 6.63 2.58
N MET A 581 -80.12 5.57 2.52
CA MET A 581 -78.67 5.68 2.35
C MET A 581 -78.20 4.84 1.17
N VAL A 582 -78.86 5.00 0.02
CA VAL A 582 -78.48 4.30 -1.19
C VAL A 582 -77.29 5.01 -1.83
N THR A 583 -76.69 4.39 -2.84
CA THR A 583 -75.50 4.93 -3.48
C THR A 583 -75.81 6.24 -4.21
N THR A 584 -74.75 6.98 -4.53
CA THR A 584 -74.91 8.27 -5.19
C THR A 584 -75.41 8.14 -6.62
N TYR A 585 -75.29 6.96 -7.23
CA TYR A 585 -75.87 6.75 -8.55
C TYR A 585 -77.39 6.85 -8.50
N GLN A 586 -78.01 6.25 -7.48
CA GLN A 586 -79.44 6.38 -7.26
C GLN A 586 -79.83 7.69 -6.60
N MET A 587 -78.87 8.40 -6.01
CA MET A 587 -79.16 9.73 -5.47
C MET A 587 -79.55 10.70 -6.57
N ALA A 588 -78.84 10.66 -7.70
CA ALA A 588 -79.19 11.52 -8.82
C ALA A 588 -80.51 11.13 -9.45
N VAL A 589 -80.83 9.83 -9.43
CA VAL A 589 -82.12 9.38 -9.96
C VAL A 589 -83.27 9.97 -9.13
N LEU A 590 -83.15 9.91 -7.81
CA LEU A 590 -84.16 10.54 -6.95
C LEU A 590 -84.05 12.06 -6.98
N LEU A 591 -82.88 12.60 -7.33
CA LEU A 591 -82.73 14.05 -7.44
C LEU A 591 -83.60 14.60 -8.55
N ALA A 592 -83.70 13.88 -9.68
CA ALA A 592 -84.57 14.30 -10.77
C ALA A 592 -86.05 14.21 -10.40
N PHE A 593 -86.39 13.47 -9.35
CA PHE A 593 -87.79 13.33 -8.96
C PHE A 593 -88.30 14.50 -8.13
N ASN A 594 -87.42 15.43 -7.74
CA ASN A 594 -87.89 16.65 -7.08
C ASN A 594 -88.70 17.51 -8.04
N ASN A 595 -88.27 17.59 -9.30
CA ASN A 595 -88.97 18.42 -10.27
C ASN A 595 -90.28 17.78 -10.71
N SER A 596 -90.28 16.47 -10.97
CA SER A 596 -91.45 15.78 -11.50
C SER A 596 -91.65 14.46 -10.78
N GLU A 597 -92.91 14.07 -10.62
CA GLU A 597 -93.26 12.79 -10.02
C GLU A 597 -93.01 11.62 -10.96
N THR A 598 -92.93 11.87 -12.26
CA THR A 598 -92.67 10.82 -13.24
C THR A 598 -91.62 11.32 -14.23
N VAL A 599 -90.56 10.52 -14.42
CA VAL A 599 -89.49 10.86 -15.35
C VAL A 599 -89.24 9.66 -16.25
N SER A 600 -88.69 9.93 -17.43
CA SER A 600 -88.32 8.89 -18.38
C SER A 600 -86.82 8.61 -18.23
N TYR A 601 -86.29 7.75 -19.10
CA TYR A 601 -84.85 7.46 -19.07
C TYR A 601 -84.03 8.68 -19.45
N LYS A 602 -84.43 9.36 -20.53
CA LYS A 602 -83.70 10.53 -21.00
C LYS A 602 -84.02 11.80 -20.20
N GLU A 603 -85.05 11.76 -19.34
CA GLU A 603 -85.36 12.92 -18.51
C GLU A 603 -84.23 13.19 -17.51
N LEU A 604 -83.68 12.13 -16.92
CA LEU A 604 -82.55 12.28 -16.01
C LEU A 604 -81.20 11.98 -16.65
N GLN A 605 -81.19 11.31 -17.80
CA GLN A 605 -79.94 11.07 -18.51
C GLN A 605 -79.31 12.39 -18.96
N ASP A 606 -80.13 13.34 -19.41
CA ASP A 606 -79.61 14.67 -19.71
C ASP A 606 -79.16 15.40 -18.47
N SER A 607 -79.67 15.03 -17.29
CA SER A 607 -79.28 15.66 -16.04
C SER A 607 -78.07 14.98 -15.41
N THR A 608 -78.17 13.68 -15.12
CA THR A 608 -77.07 13.00 -14.45
C THR A 608 -75.89 12.73 -15.38
N GLN A 609 -76.10 12.75 -16.70
CA GLN A 609 -75.06 12.74 -17.74
C GLN A 609 -74.13 11.52 -17.63
N MET A 610 -74.49 10.53 -16.82
CA MET A 610 -73.70 9.32 -16.62
C MET A 610 -73.83 8.36 -17.81
N ASN A 611 -72.97 7.35 -17.82
CA ASN A 611 -72.88 6.45 -18.96
C ASN A 611 -74.11 5.55 -19.07
N GLU A 612 -74.34 5.06 -20.30
CA GLU A 612 -75.55 4.29 -20.59
C GLU A 612 -75.58 2.96 -19.83
N LYS A 613 -74.45 2.26 -19.79
CA LYS A 613 -74.41 0.94 -19.17
C LYS A 613 -74.61 1.01 -17.66
N GLU A 614 -73.95 1.97 -17.01
CA GLU A 614 -74.10 2.11 -15.56
C GLU A 614 -75.52 2.54 -15.18
N LEU A 615 -76.12 3.42 -15.98
CA LEU A 615 -77.47 3.90 -15.66
C LEU A 615 -78.49 2.78 -15.78
N THR A 616 -78.31 1.88 -16.74
CA THR A 616 -79.24 0.77 -16.92
C THR A 616 -79.22 -0.15 -15.70
N LYS A 617 -78.03 -0.43 -15.17
CA LYS A 617 -77.92 -1.34 -14.03
C LYS A 617 -78.42 -0.72 -12.74
N THR A 618 -78.14 0.58 -12.55
CA THR A 618 -78.46 1.23 -11.28
C THR A 618 -79.97 1.38 -11.08
N ILE A 619 -80.68 1.81 -12.12
CA ILE A 619 -82.14 1.90 -12.00
C ILE A 619 -82.77 0.51 -11.98
N LYS A 620 -82.10 -0.49 -12.56
CA LYS A 620 -82.52 -1.87 -12.34
C LYS A 620 -82.34 -2.27 -10.88
N SER A 621 -81.25 -1.83 -10.26
CA SER A 621 -81.06 -2.00 -8.82
C SER A 621 -82.00 -1.14 -8.00
N LEU A 622 -82.68 -0.18 -8.62
CA LEU A 622 -83.70 0.61 -7.95
C LEU A 622 -85.09 0.00 -8.11
N LEU A 623 -85.36 -0.65 -9.25
CA LEU A 623 -86.69 -1.17 -9.54
C LEU A 623 -87.00 -2.46 -8.80
N ASP A 624 -85.99 -3.32 -8.60
CA ASP A 624 -86.24 -4.64 -8.01
C ASP A 624 -86.76 -4.54 -6.58
N VAL A 625 -86.14 -3.67 -5.76
CA VAL A 625 -86.63 -3.46 -4.40
C VAL A 625 -87.63 -2.29 -4.37
N LYS A 626 -87.89 -1.68 -5.53
CA LYS A 626 -89.00 -0.75 -5.79
C LYS A 626 -89.09 0.40 -4.77
N MET A 627 -87.95 1.06 -4.53
CA MET A 627 -88.01 2.39 -3.95
C MET A 627 -88.72 3.36 -4.89
N ILE A 628 -88.49 3.20 -6.19
CA ILE A 628 -89.18 3.95 -7.23
C ILE A 628 -89.70 2.93 -8.23
N ASN A 629 -91.01 2.88 -8.41
CA ASN A 629 -91.62 1.87 -9.26
C ASN A 629 -91.57 2.29 -10.72
N HIS A 630 -92.12 1.45 -11.60
CA HIS A 630 -92.13 1.69 -13.03
C HIS A 630 -93.56 1.99 -13.48
N ASP A 631 -93.77 3.17 -14.06
CA ASP A 631 -95.08 3.51 -14.60
C ASP A 631 -95.42 2.63 -15.80
N SER A 632 -94.46 2.44 -16.70
CA SER A 632 -94.66 1.59 -17.88
C SER A 632 -94.30 0.15 -17.55
N GLU A 633 -94.72 -0.75 -18.44
CA GLU A 633 -94.38 -2.16 -18.32
C GLU A 633 -93.02 -2.48 -18.91
N LYS A 634 -92.33 -1.50 -19.48
CA LYS A 634 -91.01 -1.70 -20.04
C LYS A 634 -89.97 -1.85 -18.93
N GLU A 635 -89.96 -3.00 -18.25
CA GLU A 635 -88.98 -3.26 -17.22
C GLU A 635 -87.57 -3.32 -17.81
N ASP A 636 -87.43 -3.88 -19.01
CA ASP A 636 -86.19 -3.79 -19.74
C ASP A 636 -85.90 -2.34 -20.10
N ILE A 637 -84.68 -1.90 -19.83
CA ILE A 637 -84.33 -0.49 -19.97
C ILE A 637 -84.12 -0.18 -21.45
N ASP A 638 -84.78 0.88 -21.93
CA ASP A 638 -84.69 1.30 -23.31
C ASP A 638 -84.54 2.81 -23.35
N ALA A 639 -84.71 3.39 -24.55
CA ALA A 639 -84.57 4.83 -24.71
C ALA A 639 -85.63 5.59 -23.93
N GLU A 640 -86.87 5.10 -23.93
CA GLU A 640 -87.95 5.82 -23.25
C GLU A 640 -87.93 5.55 -21.75
N SER A 641 -88.23 4.31 -21.37
CA SER A 641 -88.18 3.80 -19.98
C SER A 641 -88.79 4.79 -18.98
N SER A 642 -90.08 5.07 -19.16
CA SER A 642 -90.77 6.01 -18.29
C SER A 642 -91.21 5.32 -17.00
N PHE A 643 -90.77 5.86 -15.87
CA PHE A 643 -91.15 5.31 -14.57
C PHE A 643 -91.58 6.43 -13.64
N SER A 644 -92.56 6.14 -12.80
CA SER A 644 -93.13 7.10 -11.87
C SER A 644 -92.55 6.90 -10.47
N LEU A 645 -92.87 7.84 -9.58
CA LEU A 645 -92.40 7.75 -8.20
C LEU A 645 -93.29 6.81 -7.40
N ASN A 646 -92.66 5.94 -6.61
CA ASN A 646 -93.37 5.02 -5.73
C ASN A 646 -93.73 5.76 -4.44
N MET A 647 -94.70 6.68 -4.57
CA MET A 647 -95.04 7.58 -3.48
C MET A 647 -95.77 6.84 -2.36
N ASN A 648 -96.66 5.92 -2.71
CA ASN A 648 -97.45 5.21 -1.71
C ASN A 648 -96.59 4.29 -0.85
N PHE A 649 -95.57 3.67 -1.44
CA PHE A 649 -94.72 2.74 -0.71
C PHE A 649 -93.79 3.52 0.22
N SER A 650 -94.07 3.47 1.52
CA SER A 650 -93.24 4.12 2.52
C SER A 650 -92.15 3.17 3.01
N SER A 651 -91.13 3.75 3.63
CA SER A 651 -90.00 2.97 4.11
C SER A 651 -90.40 2.12 5.31
N LYS A 652 -90.05 0.82 5.27
CA LYS A 652 -90.34 -0.06 6.38
C LYS A 652 -89.43 0.23 7.57
N ARG A 653 -88.13 0.39 7.31
CA ARG A 653 -87.14 0.65 8.34
C ARG A 653 -86.69 2.10 8.29
N THR A 654 -86.04 2.53 9.39
CA THR A 654 -85.56 3.91 9.46
C THR A 654 -84.43 4.14 8.47
N LYS A 655 -83.41 3.28 8.47
CA LYS A 655 -82.24 3.50 7.62
C LYS A 655 -82.58 3.29 6.14
N PHE A 656 -83.29 2.20 5.83
CA PHE A 656 -83.85 1.94 4.49
C PHE A 656 -82.78 1.98 3.40
N LYS A 657 -81.54 1.64 3.74
CA LYS A 657 -80.47 1.67 2.76
C LYS A 657 -80.53 0.45 1.85
N ILE A 658 -80.20 0.67 0.58
CA ILE A 658 -80.22 -0.37 -0.44
C ILE A 658 -78.81 -0.48 -1.00
N THR A 659 -78.01 -1.38 -0.43
CA THR A 659 -76.67 -1.64 -0.94
C THR A 659 -76.67 -2.58 -2.13
N THR A 660 -77.81 -3.21 -2.44
CA THR A 660 -77.98 -4.11 -3.57
C THR A 660 -77.00 -5.29 -3.55
N SER A 661 -76.60 -5.71 -2.34
CA SER A 661 -75.68 -6.83 -2.11
C SER A 661 -74.37 -6.63 -2.88
N MET A 662 -73.88 -5.39 -2.93
CA MET A 662 -72.67 -5.08 -3.66
C MET A 662 -71.42 -5.53 -2.91
N GLN A 663 -71.52 -5.77 -1.60
CA GLN A 663 -70.36 -6.17 -0.81
C GLN A 663 -69.81 -7.53 -1.25
N LYS A 664 -70.65 -8.39 -1.81
CA LYS A 664 -70.20 -9.66 -2.35
C LYS A 664 -69.64 -9.43 -3.76
N ASP A 665 -68.33 -9.61 -3.92
CA ASP A 665 -67.71 -9.42 -5.22
C ASP A 665 -68.14 -10.51 -6.19
N THR A 666 -68.42 -10.10 -7.43
CA THR A 666 -68.90 -11.05 -8.43
C THR A 666 -67.77 -11.94 -8.91
N PRO A 667 -68.08 -13.20 -9.26
CA PRO A 667 -67.05 -14.07 -9.85
C PRO A 667 -66.58 -13.61 -11.22
N GLN A 668 -67.34 -12.76 -11.90
CA GLN A 668 -66.93 -12.30 -13.24
C GLN A 668 -65.75 -11.35 -13.16
N GLU A 669 -65.69 -10.51 -12.13
CA GLU A 669 -64.59 -9.56 -12.03
C GLU A 669 -63.34 -10.16 -11.39
N MET A 670 -63.46 -11.29 -10.71
CA MET A 670 -62.30 -11.86 -10.03
C MET A 670 -61.38 -12.65 -10.95
N GLU A 671 -61.86 -13.04 -12.14
CA GLU A 671 -61.00 -13.80 -13.04
C GLU A 671 -59.97 -12.91 -13.71
N GLN A 672 -60.31 -11.65 -14.01
CA GLN A 672 -59.33 -10.74 -14.58
C GLN A 672 -58.33 -10.28 -13.54
N THR A 673 -58.71 -10.27 -12.26
CA THR A 673 -57.74 -10.01 -11.20
C THR A 673 -56.71 -11.14 -11.13
N ARG A 674 -57.15 -12.37 -11.37
CA ARG A 674 -56.21 -13.47 -11.53
C ARG A 674 -55.30 -13.24 -12.73
N SER A 675 -55.86 -12.73 -13.83
CA SER A 675 -55.04 -12.39 -14.99
C SER A 675 -54.22 -11.13 -14.75
N ALA A 676 -54.70 -10.23 -13.89
CA ALA A 676 -53.96 -9.00 -13.61
C ALA A 676 -52.64 -9.29 -12.93
N VAL A 677 -52.65 -10.13 -11.89
CA VAL A 677 -51.39 -10.53 -11.28
C VAL A 677 -50.61 -11.43 -12.22
N ASP A 678 -51.30 -12.24 -13.03
CA ASP A 678 -50.62 -13.02 -14.06
C ASP A 678 -49.92 -12.11 -15.07
N GLU A 679 -50.57 -11.01 -15.44
CA GLU A 679 -49.88 -9.98 -16.21
C GLU A 679 -48.78 -9.32 -15.38
N ASP A 680 -49.06 -9.08 -14.09
CA ASP A 680 -48.06 -8.46 -13.22
C ASP A 680 -46.90 -9.40 -12.93
N ARG A 681 -47.18 -10.70 -12.79
CA ARG A 681 -46.11 -11.66 -12.52
C ARG A 681 -45.18 -11.79 -13.73
N LYS A 682 -45.70 -11.60 -14.95
CA LYS A 682 -44.84 -11.57 -16.12
C LYS A 682 -43.94 -10.34 -16.10
N MET A 683 -44.48 -9.19 -15.68
CA MET A 683 -43.66 -8.01 -15.52
C MET A 683 -42.61 -8.20 -14.43
N TYR A 684 -42.99 -8.88 -13.34
CA TYR A 684 -42.00 -9.27 -12.34
C TYR A 684 -41.01 -10.26 -12.91
N LEU A 685 -41.47 -11.18 -13.76
CA LEU A 685 -40.58 -12.14 -14.40
C LEU A 685 -39.60 -11.44 -15.32
N GLN A 686 -40.06 -10.45 -16.09
CA GLN A 686 -39.18 -9.73 -17.00
C GLN A 686 -38.09 -8.98 -16.23
N ALA A 687 -38.45 -8.34 -15.13
CA ALA A 687 -37.45 -7.64 -14.33
C ALA A 687 -36.55 -8.61 -13.58
N ALA A 688 -37.03 -9.84 -13.35
CA ALA A 688 -36.21 -10.83 -12.64
C ALA A 688 -35.04 -11.29 -13.49
N ILE A 689 -35.26 -11.54 -14.78
CA ILE A 689 -34.18 -12.02 -15.64
C ILE A 689 -33.13 -10.93 -15.86
N VAL A 690 -33.56 -9.67 -15.92
CA VAL A 690 -32.64 -8.57 -16.21
C VAL A 690 -31.59 -8.42 -15.10
N ARG A 691 -32.04 -8.44 -13.84
CA ARG A 691 -31.10 -8.30 -12.74
C ARG A 691 -30.22 -9.54 -12.60
N ILE A 692 -30.72 -10.71 -13.02
CA ILE A 692 -29.89 -11.91 -13.03
C ILE A 692 -28.78 -11.77 -14.06
N MET A 693 -29.12 -11.36 -15.27
CA MET A 693 -28.15 -11.29 -16.36
C MET A 693 -27.28 -10.04 -16.30
N LYS A 694 -27.59 -9.09 -15.41
CA LYS A 694 -26.70 -7.94 -15.22
C LYS A 694 -25.38 -8.37 -14.58
N ALA A 695 -25.42 -9.39 -13.72
CA ALA A 695 -24.23 -9.92 -13.08
C ALA A 695 -23.74 -11.22 -13.71
N ARG A 696 -24.66 -12.08 -14.14
CA ARG A 696 -24.28 -13.36 -14.74
C ARG A 696 -23.74 -13.19 -16.15
N LYS A 697 -24.12 -12.11 -16.85
CA LYS A 697 -23.71 -11.82 -18.23
C LYS A 697 -24.17 -12.91 -19.20
N VAL A 698 -23.61 -14.12 -19.05
CA VAL A 698 -24.04 -15.28 -19.83
C VAL A 698 -24.38 -16.41 -18.87
N LEU A 699 -25.46 -17.13 -19.16
CA LEU A 699 -25.92 -18.19 -18.29
C LEU A 699 -26.63 -19.26 -19.12
N ARG A 700 -26.47 -20.51 -18.70
CA ARG A 700 -27.15 -21.62 -19.34
C ARG A 700 -28.65 -21.55 -19.06
N HIS A 701 -29.45 -22.00 -20.04
CA HIS A 701 -30.90 -21.90 -19.94
C HIS A 701 -31.45 -22.76 -18.81
N ASN A 702 -30.95 -23.99 -18.67
CA ASN A 702 -31.43 -24.88 -17.61
C ASN A 702 -31.06 -24.33 -16.23
N ALA A 703 -29.87 -23.77 -16.10
CA ALA A 703 -29.50 -23.11 -14.85
C ALA A 703 -30.30 -21.83 -14.64
N LEU A 704 -30.65 -21.13 -15.73
CA LEU A 704 -31.45 -19.92 -15.62
C LEU A 704 -32.88 -20.22 -15.18
N ILE A 705 -33.39 -21.40 -15.52
CA ILE A 705 -34.74 -21.79 -15.09
C ILE A 705 -34.78 -21.89 -13.56
N GLN A 706 -33.78 -22.53 -12.97
CA GLN A 706 -33.69 -22.57 -11.52
C GLN A 706 -33.36 -21.20 -10.93
N GLU A 707 -32.58 -20.39 -11.64
CA GLU A 707 -32.13 -19.11 -11.10
C GLU A 707 -33.29 -18.13 -10.97
N VAL A 708 -34.15 -18.05 -11.98
CA VAL A 708 -35.32 -17.18 -11.91
C VAL A 708 -36.27 -17.64 -10.81
N ILE A 709 -36.48 -18.95 -10.70
CA ILE A 709 -37.36 -19.50 -9.67
C ILE A 709 -36.79 -19.26 -8.28
N SER A 710 -35.45 -19.29 -8.14
CA SER A 710 -34.82 -19.20 -6.82
C SER A 710 -35.11 -17.86 -6.14
N GLN A 711 -34.94 -16.76 -6.85
CA GLN A 711 -35.23 -15.46 -6.25
C GLN A 711 -36.72 -15.19 -6.15
N SER A 712 -37.51 -15.69 -7.09
CA SER A 712 -38.95 -15.43 -7.10
C SER A 712 -39.73 -16.36 -6.18
N ARG A 713 -39.09 -17.35 -5.57
CA ARG A 713 -39.79 -18.27 -4.68
C ARG A 713 -40.32 -17.57 -3.42
N ALA A 714 -39.71 -16.46 -3.01
CA ALA A 714 -40.26 -15.69 -1.90
C ALA A 714 -41.65 -15.15 -2.23
N ARG A 715 -41.85 -14.68 -3.45
CA ARG A 715 -43.16 -14.36 -3.98
C ARG A 715 -43.71 -15.60 -4.70
N PHE A 716 -44.72 -15.40 -5.55
CA PHE A 716 -45.36 -16.47 -6.33
C PHE A 716 -44.35 -17.45 -6.94
N ASN A 717 -44.73 -18.71 -7.00
CA ASN A 717 -43.88 -19.71 -7.63
C ASN A 717 -44.16 -19.72 -9.13
N PRO A 718 -43.19 -19.37 -9.97
CA PRO A 718 -43.45 -19.31 -11.41
C PRO A 718 -43.33 -20.69 -12.06
N SER A 719 -44.37 -21.07 -12.80
CA SER A 719 -44.29 -22.30 -13.58
C SER A 719 -43.35 -22.10 -14.77
N ILE A 720 -42.88 -23.22 -15.32
CA ILE A 720 -41.89 -23.18 -16.39
C ILE A 720 -42.46 -22.54 -17.64
N SER A 721 -43.76 -22.75 -17.91
CA SER A 721 -44.37 -22.24 -19.14
C SER A 721 -44.36 -20.71 -19.18
N MET A 722 -44.60 -20.07 -18.04
CA MET A 722 -44.54 -18.61 -17.99
C MET A 722 -43.12 -18.09 -18.21
N ILE A 723 -42.11 -18.85 -17.80
CA ILE A 723 -40.73 -18.43 -18.01
C ILE A 723 -40.36 -18.48 -19.49
N LYS A 724 -40.82 -19.52 -20.19
CA LYS A 724 -40.44 -19.71 -21.59
C LYS A 724 -40.89 -18.55 -22.47
N LYS A 725 -42.13 -18.10 -22.28
CA LYS A 725 -42.61 -16.95 -23.04
C LYS A 725 -41.95 -15.66 -22.60
N CYS A 726 -41.57 -15.57 -21.31
CA CYS A 726 -40.92 -14.36 -20.83
C CYS A 726 -39.50 -14.23 -21.36
N ILE A 727 -38.83 -15.36 -21.61
CA ILE A 727 -37.53 -15.31 -22.28
C ILE A 727 -37.67 -14.77 -23.70
N GLU A 728 -38.69 -15.26 -24.42
CA GLU A 728 -38.89 -14.82 -25.80
C GLU A 728 -39.30 -13.36 -25.87
N VAL A 729 -40.13 -12.90 -24.93
CA VAL A 729 -40.51 -11.49 -24.87
C VAL A 729 -39.29 -10.62 -24.59
N LEU A 730 -38.45 -11.05 -23.63
CA LEU A 730 -37.20 -10.33 -23.37
C LEU A 730 -36.26 -10.41 -24.56
N ILE A 731 -36.27 -11.54 -25.28
CA ILE A 731 -35.48 -11.65 -26.50
C ILE A 731 -36.05 -10.71 -27.58
N ASP A 732 -37.37 -10.65 -27.70
CA ASP A 732 -38.00 -9.75 -28.67
C ASP A 732 -37.71 -8.28 -28.31
N LYS A 733 -37.69 -7.97 -27.02
CA LYS A 733 -37.32 -6.63 -26.56
C LYS A 733 -35.83 -6.35 -26.74
N GLN A 734 -35.04 -7.39 -27.06
CA GLN A 734 -33.59 -7.31 -27.30
C GLN A 734 -32.80 -6.89 -26.07
N TYR A 735 -33.37 -7.04 -24.87
CA TYR A 735 -32.56 -6.92 -23.66
C TYR A 735 -31.63 -8.12 -23.52
N ILE A 736 -32.06 -9.30 -23.97
CA ILE A 736 -31.28 -10.52 -23.93
C ILE A 736 -31.42 -11.21 -25.28
N GLU A 737 -30.44 -12.06 -25.60
CA GLU A 737 -30.51 -12.92 -26.77
C GLU A 737 -29.63 -14.13 -26.54
N ARG A 738 -29.83 -15.15 -27.36
CA ARG A 738 -29.07 -16.39 -27.24
C ARG A 738 -27.61 -16.16 -27.59
N SER A 739 -26.73 -16.87 -26.88
CA SER A 739 -25.31 -16.78 -27.15
C SER A 739 -24.98 -17.42 -28.50
N GLN A 740 -23.95 -16.87 -29.15
CA GLN A 740 -23.57 -17.39 -30.47
C GLN A 740 -22.94 -18.77 -30.38
N ALA A 741 -22.22 -19.05 -29.28
CA ALA A 741 -21.57 -20.36 -29.14
C ALA A 741 -22.61 -21.46 -28.89
N SER A 742 -23.59 -21.19 -28.03
CA SER A 742 -24.62 -22.18 -27.72
C SER A 742 -25.97 -21.49 -27.69
N ALA A 743 -26.95 -22.08 -28.39
CA ALA A 743 -28.31 -21.53 -28.39
C ALA A 743 -28.94 -21.64 -27.01
N ASP A 744 -28.57 -22.66 -26.23
CA ASP A 744 -29.05 -22.76 -24.85
C ASP A 744 -28.52 -21.60 -24.00
N GLU A 745 -27.25 -21.25 -24.16
CA GLU A 745 -26.70 -20.12 -23.44
C GLU A 745 -27.24 -18.81 -23.99
N TYR A 746 -27.47 -17.85 -23.08
CA TYR A 746 -28.02 -16.55 -23.45
C TYR A 746 -27.01 -15.46 -23.15
N SER A 747 -27.05 -14.40 -23.95
CA SER A 747 -26.15 -13.26 -23.80
C SER A 747 -26.95 -12.00 -23.52
N TYR A 748 -26.53 -11.25 -22.52
CA TYR A 748 -27.22 -10.03 -22.10
C TYR A 748 -26.55 -8.81 -22.72
N VAL A 749 -27.36 -7.86 -23.17
CA VAL A 749 -26.85 -6.61 -23.72
C VAL A 749 -27.53 -5.42 -23.06
N MET B 1 1.44 -33.91 56.99
CA MET B 1 1.49 -32.52 57.43
C MET B 1 2.91 -32.13 57.82
N TYR B 2 3.53 -32.95 58.66
CA TYR B 2 4.91 -32.76 59.09
C TYR B 2 5.68 -34.05 58.91
N VAL B 3 6.94 -33.92 58.49
CA VAL B 3 7.78 -35.06 58.13
C VAL B 3 8.95 -35.12 59.11
N LYS B 4 9.11 -36.27 59.76
CA LYS B 4 10.20 -36.46 60.71
C LYS B 4 11.47 -36.85 59.97
N LEU B 5 12.55 -36.10 60.20
CA LEU B 5 13.85 -36.35 59.58
C LEU B 5 14.85 -36.68 60.69
N ILE B 6 14.99 -37.96 60.99
CA ILE B 6 15.99 -38.41 61.95
C ILE B 6 17.34 -38.53 61.26
N SER B 7 18.36 -37.92 61.85
CA SER B 7 19.70 -37.90 61.26
C SER B 7 20.54 -39.05 61.82
N SER B 8 21.75 -39.18 61.28
CA SER B 8 22.67 -40.22 61.74
C SER B 8 23.26 -39.92 63.11
N ASP B 9 23.09 -38.70 63.62
CA ASP B 9 23.59 -38.33 64.94
C ASP B 9 22.50 -38.36 66.00
N GLY B 10 21.33 -38.90 65.68
CA GLY B 10 20.23 -38.99 66.62
C GLY B 10 19.34 -37.77 66.70
N HIS B 11 19.62 -36.72 65.93
CA HIS B 11 18.81 -35.52 65.93
C HIS B 11 17.65 -35.64 64.95
N GLU B 12 16.51 -35.04 65.32
CA GLU B 12 15.34 -35.02 64.48
C GLU B 12 15.11 -33.60 63.96
N PHE B 13 14.61 -33.50 62.74
CA PHE B 13 14.54 -32.24 62.00
C PHE B 13 13.16 -32.07 61.36
N ILE B 14 12.11 -32.22 62.16
CA ILE B 14 10.75 -32.19 61.63
C ILE B 14 10.43 -30.82 61.06
N VAL B 15 9.99 -30.80 59.80
CA VAL B 15 9.58 -29.59 59.10
C VAL B 15 8.21 -29.85 58.47
N LYS B 16 7.71 -28.83 57.77
CA LYS B 16 6.45 -28.96 57.05
C LYS B 16 6.62 -29.92 55.87
N ARG B 17 5.56 -30.69 55.59
CA ARG B 17 5.62 -31.67 54.53
C ARG B 17 5.76 -31.02 53.16
N GLU B 18 5.04 -29.91 52.95
CA GLU B 18 5.16 -29.20 51.67
C GLU B 18 6.55 -28.59 51.50
N HIS B 19 7.18 -28.16 52.60
CA HIS B 19 8.56 -27.70 52.53
C HIS B 19 9.50 -28.84 52.14
N ALA B 20 9.28 -30.04 52.70
CA ALA B 20 10.15 -31.17 52.43
C ALA B 20 9.93 -31.79 51.06
N LEU B 21 8.78 -31.55 50.44
CA LEU B 21 8.44 -32.20 49.17
C LEU B 21 9.27 -31.69 48.00
N THR B 22 10.06 -30.62 48.19
CA THR B 22 10.90 -30.13 47.11
C THR B 22 11.94 -31.16 46.68
N SER B 23 12.46 -31.94 47.63
CA SER B 23 13.39 -33.02 47.30
C SER B 23 12.63 -34.18 46.67
N GLY B 24 13.09 -34.63 45.51
CA GLY B 24 12.47 -35.76 44.84
C GLY B 24 12.62 -37.05 45.63
N THR B 25 13.78 -37.25 46.25
CA THR B 25 14.02 -38.46 47.03
C THR B 25 13.16 -38.47 48.29
N ILE B 26 12.94 -37.31 48.91
CA ILE B 26 12.08 -37.24 50.08
C ILE B 26 10.65 -37.63 49.71
N LYS B 27 10.17 -37.15 48.55
CA LYS B 27 8.88 -37.60 48.04
C LYS B 27 8.90 -39.10 47.77
N ALA B 28 10.00 -39.61 47.21
CA ALA B 28 10.14 -41.04 47.00
C ALA B 28 10.22 -41.79 48.34
N MET B 29 10.94 -41.24 49.31
CA MET B 29 11.03 -41.86 50.63
C MET B 29 9.68 -41.86 51.33
N LEU B 30 8.93 -40.75 51.22
CA LEU B 30 7.61 -40.68 51.83
C LEU B 30 6.64 -41.65 51.17
N SER B 31 6.71 -41.79 49.85
CA SER B 31 5.84 -42.70 49.13
C SER B 31 6.36 -44.13 49.28
N GLY B 32 5.77 -45.05 48.53
CA GLY B 32 6.11 -46.45 48.64
C GLY B 32 5.55 -47.06 49.91
N PRO B 33 6.25 -48.06 50.46
CA PRO B 33 5.83 -48.69 51.73
C PRO B 33 6.22 -47.88 52.97
N GLY B 34 6.03 -46.57 52.88
CA GLY B 34 6.30 -45.68 53.99
C GLY B 34 5.27 -44.57 54.04
N GLN B 35 4.12 -44.82 53.39
CA GLN B 35 3.06 -43.82 53.36
C GLN B 35 2.51 -43.54 54.75
N PHE B 36 2.12 -44.59 55.47
CA PHE B 36 1.71 -44.53 56.88
C PHE B 36 0.61 -43.48 57.09
N ALA B 37 -0.57 -43.80 56.54
CA ALA B 37 -1.64 -42.83 56.39
C ALA B 37 -2.30 -42.48 57.73
N GLU B 38 -1.50 -41.95 58.65
CA GLU B 38 -1.99 -41.37 59.90
C GLU B 38 -1.35 -40.03 60.21
N ASN B 39 -0.41 -39.58 59.36
CA ASN B 39 0.30 -38.29 59.46
C ASN B 39 0.89 -38.03 60.86
N GLU B 40 1.18 -39.10 61.60
CA GLU B 40 1.69 -38.93 62.96
C GLU B 40 3.20 -38.76 62.97
N THR B 41 3.94 -39.52 62.16
CA THR B 41 5.39 -39.38 62.08
C THR B 41 5.88 -39.05 60.67
N ASN B 42 5.52 -39.87 59.68
CA ASN B 42 6.09 -39.83 58.33
C ASN B 42 7.62 -39.82 58.39
N GLU B 43 8.17 -40.65 59.27
CA GLU B 43 9.59 -40.59 59.58
C GLU B 43 10.43 -41.25 58.49
N VAL B 44 11.54 -40.62 58.16
CA VAL B 44 12.51 -41.15 57.21
C VAL B 44 13.88 -41.14 57.86
N ASN B 45 14.60 -42.25 57.71
CA ASN B 45 15.88 -42.43 58.38
C ASN B 45 17.03 -41.98 57.49
N PHE B 46 17.90 -41.13 58.04
CA PHE B 46 19.09 -40.63 57.36
C PHE B 46 20.31 -41.14 58.13
N ARG B 47 20.77 -42.34 57.78
CA ARG B 47 21.85 -43.00 58.51
C ARG B 47 23.22 -42.68 57.95
N GLU B 48 23.33 -41.91 56.87
CA GLU B 48 24.61 -41.66 56.24
C GLU B 48 24.92 -40.18 56.05
N ILE B 49 24.16 -39.29 56.68
CA ILE B 49 24.46 -37.86 56.64
C ILE B 49 24.39 -37.29 58.05
N PRO B 50 25.27 -36.34 58.39
CA PRO B 50 25.29 -35.81 59.77
C PRO B 50 24.11 -34.90 60.07
N SER B 51 24.10 -34.29 61.25
CA SER B 51 23.00 -33.44 61.66
C SER B 51 23.13 -32.00 61.19
N HIS B 52 24.36 -31.52 60.98
CA HIS B 52 24.54 -30.12 60.59
C HIS B 52 24.03 -29.86 59.17
N VAL B 53 24.18 -30.84 58.27
CA VAL B 53 23.69 -30.64 56.91
C VAL B 53 22.17 -30.61 56.88
N LEU B 54 21.51 -31.36 57.77
CA LEU B 54 20.05 -31.30 57.85
C LEU B 54 19.58 -29.90 58.22
N SER B 55 20.28 -29.24 59.12
CA SER B 55 19.92 -27.88 59.50
C SER B 55 19.99 -26.94 58.30
N LYS B 56 21.04 -27.05 57.49
CA LYS B 56 21.12 -26.28 56.26
C LYS B 56 20.03 -26.69 55.28
N VAL B 57 19.77 -28.00 55.17
CA VAL B 57 18.72 -28.49 54.28
C VAL B 57 17.36 -28.02 54.75
N CYS B 58 17.08 -28.13 56.06
CA CYS B 58 15.81 -27.67 56.58
C CYS B 58 15.68 -26.15 56.47
N MET B 59 16.80 -25.43 56.61
CA MET B 59 16.77 -24.00 56.34
C MET B 59 16.48 -23.73 54.87
N TYR B 60 16.95 -24.59 53.96
CA TYR B 60 16.67 -24.41 52.55
C TYR B 60 15.19 -24.64 52.26
N PHE B 61 14.58 -25.61 52.94
CA PHE B 61 13.14 -25.85 52.76
C PHE B 61 12.34 -24.61 53.14
N THR B 62 12.74 -23.93 54.21
CA THR B 62 12.17 -22.62 54.50
C THR B 62 12.59 -21.59 53.45
N TYR B 63 13.83 -21.68 52.99
CA TYR B 63 14.36 -20.74 51.99
C TYR B 63 13.63 -20.87 50.65
N LYS B 64 13.44 -22.11 50.19
CA LYS B 64 12.92 -22.30 48.83
C LYS B 64 11.41 -22.03 48.76
N VAL B 65 10.67 -22.36 49.81
CA VAL B 65 9.23 -22.10 49.81
C VAL B 65 8.96 -20.60 49.80
N ARG B 66 9.69 -19.84 50.63
CA ARG B 66 9.52 -18.39 50.63
C ARG B 66 10.00 -17.79 49.30
N TYR B 67 11.13 -18.25 48.79
CA TYR B 67 11.74 -17.68 47.60
C TYR B 67 11.51 -18.62 46.41
N THR B 68 10.38 -18.43 45.74
CA THR B 68 10.12 -19.13 44.49
C THR B 68 9.74 -18.19 43.35
N ASN B 69 9.00 -17.12 43.64
CA ASN B 69 8.68 -16.12 42.63
C ASN B 69 8.76 -14.69 43.17
N SER B 70 9.09 -14.49 44.43
CA SER B 70 9.04 -13.15 45.03
C SER B 70 10.21 -12.31 44.52
N SER B 71 9.87 -11.22 43.82
CA SER B 71 10.84 -10.25 43.27
C SER B 71 11.86 -10.92 42.37
N THR B 72 13.03 -10.28 42.21
CA THR B 72 14.11 -10.85 41.43
C THR B 72 15.46 -10.83 42.14
N GLU B 73 15.59 -10.11 43.25
CA GLU B 73 16.83 -10.07 44.02
C GLU B 73 16.65 -10.93 45.27
N ILE B 74 17.53 -11.90 45.44
CA ILE B 74 17.39 -12.93 46.47
C ILE B 74 18.62 -12.86 47.37
N PRO B 75 18.45 -12.85 48.70
CA PRO B 75 19.61 -12.92 49.59
C PRO B 75 20.35 -14.25 49.43
N GLU B 76 21.66 -14.18 49.65
CA GLU B 76 22.51 -15.35 49.47
C GLU B 76 22.33 -16.35 50.61
N PHE B 77 22.42 -17.63 50.27
CA PHE B 77 22.40 -18.68 51.28
C PHE B 77 23.75 -18.76 51.98
N PRO B 78 23.79 -18.66 53.31
CA PRO B 78 25.08 -18.68 54.02
C PRO B 78 25.65 -20.09 54.08
N ILE B 79 26.83 -20.27 53.49
CA ILE B 79 27.50 -21.55 53.45
C ILE B 79 28.87 -21.39 54.11
N ALA B 80 29.08 -22.12 55.21
CA ALA B 80 30.40 -22.16 55.82
C ALA B 80 31.34 -22.97 54.95
N PRO B 81 32.63 -22.62 54.92
CA PRO B 81 33.59 -23.42 54.14
C PRO B 81 33.69 -24.87 54.57
N GLU B 82 33.60 -25.14 55.87
CA GLU B 82 33.70 -26.51 56.36
C GLU B 82 32.41 -27.29 56.14
N ILE B 83 31.25 -26.63 56.23
CA ILE B 83 29.99 -27.34 56.05
C ILE B 83 29.74 -27.65 54.57
N ALA B 84 30.49 -27.02 53.67
CA ALA B 84 30.45 -27.39 52.27
C ALA B 84 31.17 -28.72 52.07
N LEU B 85 31.00 -29.28 50.86
CA LEU B 85 31.56 -30.56 50.40
C LEU B 85 30.91 -31.74 51.14
N GLU B 86 30.03 -31.46 52.08
CA GLU B 86 29.14 -32.43 52.70
C GLU B 86 27.67 -32.09 52.47
N LEU B 87 27.33 -30.81 52.49
CA LEU B 87 26.01 -30.38 52.04
C LEU B 87 25.83 -30.65 50.55
N LEU B 88 26.89 -30.41 49.77
CA LEU B 88 26.85 -30.68 48.33
C LEU B 88 26.61 -32.16 48.05
N MET B 89 27.29 -33.04 48.79
CA MET B 89 27.04 -34.47 48.64
C MET B 89 25.63 -34.82 49.10
N ALA B 90 25.17 -34.21 50.21
CA ALA B 90 23.82 -34.47 50.68
C ALA B 90 22.77 -33.90 49.74
N ALA B 91 23.07 -32.77 49.10
CA ALA B 91 22.13 -32.19 48.14
C ALA B 91 21.89 -33.12 46.96
N ASN B 92 22.95 -33.74 46.45
CA ASN B 92 22.82 -34.67 45.34
C ASN B 92 22.07 -35.92 45.77
N PHE B 93 22.30 -36.39 47.01
CA PHE B 93 21.56 -37.54 47.52
C PHE B 93 20.09 -37.22 47.72
N LEU B 94 19.76 -35.96 48.00
CA LEU B 94 18.37 -35.56 48.12
C LEU B 94 17.77 -35.12 46.79
N ASP B 95 18.60 -34.78 45.80
CA ASP B 95 18.18 -34.35 44.47
C ASP B 95 17.27 -33.13 44.53
N CYS B 96 17.43 -32.31 45.56
CA CYS B 96 16.54 -31.18 45.79
C CYS B 96 17.04 -29.93 45.07
N ASP C 5 6.57 -12.11 59.10
CA ASP C 5 7.15 -13.14 58.26
C ASP C 5 8.48 -13.63 58.83
N VAL C 6 8.59 -13.65 60.15
CA VAL C 6 9.81 -14.10 60.82
C VAL C 6 9.83 -15.62 60.88
N PHE C 7 10.98 -16.21 60.61
CA PHE C 7 11.14 -17.65 60.56
C PHE C 7 11.82 -18.10 61.85
N LEU C 8 11.20 -19.02 62.58
CA LEU C 8 11.67 -19.43 63.88
C LEU C 8 12.34 -20.80 63.80
N MET C 9 12.87 -21.25 64.94
CA MET C 9 13.49 -22.57 65.04
C MET C 9 13.30 -23.06 66.46
N ILE C 10 12.27 -23.87 66.68
CA ILE C 10 11.98 -24.45 67.98
C ILE C 10 12.77 -25.74 68.10
N ARG C 11 13.57 -25.86 69.16
CA ARG C 11 14.53 -26.94 69.29
C ARG C 11 14.47 -27.52 70.69
N ARG C 12 14.41 -28.85 70.76
CA ARG C 12 14.46 -29.61 72.00
C ARG C 12 15.91 -30.08 72.19
N HIS C 13 16.15 -30.98 73.14
CA HIS C 13 17.46 -31.59 73.30
C HIS C 13 17.91 -32.32 72.04
N LYS C 14 16.99 -33.03 71.39
CA LYS C 14 17.31 -33.80 70.21
C LYS C 14 16.58 -33.32 68.97
N THR C 15 15.25 -33.21 69.02
CA THR C 15 14.49 -32.81 67.85
C THR C 15 14.57 -31.29 67.64
N THR C 16 14.19 -30.88 66.44
CA THR C 16 14.19 -29.47 66.05
C THR C 16 13.03 -29.21 65.11
N ILE C 17 12.31 -28.12 65.35
CA ILE C 17 11.14 -27.74 64.58
C ILE C 17 11.41 -26.40 63.91
N PHE C 18 11.13 -26.33 62.60
CA PHE C 18 11.35 -25.12 61.81
C PHE C 18 9.99 -24.60 61.34
N THR C 19 9.55 -23.48 61.89
CA THR C 19 8.26 -22.90 61.53
C THR C 19 8.38 -21.43 61.15
N ASP C 20 7.24 -20.78 60.92
CA ASP C 20 7.20 -19.39 60.52
C ASP C 20 6.16 -18.64 61.34
N ALA C 21 6.47 -17.39 61.67
CA ALA C 21 5.55 -16.52 62.39
C ALA C 21 5.47 -15.18 61.68
N LYS C 22 4.30 -14.54 61.80
CA LYS C 22 4.07 -13.23 61.19
C LYS C 22 4.58 -12.13 62.11
N GLU C 23 4.94 -11.00 61.51
CA GLU C 23 5.39 -9.84 62.30
C GLU C 23 4.29 -9.34 63.22
N SER C 24 3.06 -9.27 62.72
CA SER C 24 1.92 -8.84 63.53
C SER C 24 1.25 -10.01 64.23
N SER C 25 2.05 -10.78 64.97
CA SER C 25 1.56 -11.93 65.71
C SER C 25 2.06 -11.86 67.14
N THR C 26 1.42 -12.64 68.00
CA THR C 26 1.78 -12.73 69.41
C THR C 26 2.43 -14.08 69.69
N VAL C 27 2.74 -14.31 70.97
CA VAL C 27 3.40 -15.55 71.36
C VAL C 27 2.41 -16.72 71.32
N PHE C 28 1.12 -16.44 71.49
CA PHE C 28 0.11 -17.49 71.64
C PHE C 28 -0.04 -18.33 70.38
N GLU C 29 0.26 -17.75 69.21
CA GLU C 29 0.10 -18.49 67.96
C GLU C 29 1.08 -19.64 67.85
N LEU C 30 2.35 -19.42 68.23
CA LEU C 30 3.33 -20.49 68.12
C LEU C 30 3.16 -21.55 69.20
N LYS C 31 2.56 -21.19 70.33
CA LYS C 31 2.32 -22.18 71.39
C LYS C 31 1.29 -23.21 70.98
N ARG C 32 0.33 -22.81 70.14
CA ARG C 32 -0.71 -23.76 69.71
C ARG C 32 -0.17 -24.76 68.71
N ILE C 33 0.64 -24.31 67.75
CA ILE C 33 1.11 -25.22 66.69
C ILE C 33 2.13 -26.20 67.25
N VAL C 34 2.95 -25.78 68.22
CA VAL C 34 3.88 -26.72 68.84
C VAL C 34 3.13 -27.68 69.75
N GLU C 35 1.98 -27.25 70.27
CA GLU C 35 1.12 -28.17 71.04
C GLU C 35 0.52 -29.24 70.13
N GLY C 36 0.05 -28.85 68.95
CA GLY C 36 -0.55 -29.80 68.03
C GLY C 36 0.44 -30.71 67.34
N ILE C 37 1.73 -30.44 67.44
CA ILE C 37 2.75 -31.29 66.84
C ILE C 37 3.53 -32.08 67.88
N LEU C 38 3.50 -31.69 69.16
CA LEU C 38 4.23 -32.40 70.19
C LEU C 38 3.36 -32.78 71.38
N LYS C 39 2.02 -32.72 71.22
CA LYS C 39 1.00 -33.21 72.18
C LYS C 39 1.20 -32.69 73.60
N ARG C 40 1.88 -31.56 73.78
CA ARG C 40 2.12 -31.01 75.11
C ARG C 40 1.33 -29.72 75.29
N PRO C 41 0.67 -29.54 76.43
CA PRO C 41 -0.14 -28.33 76.63
C PRO C 41 0.76 -27.11 76.78
N PRO C 42 0.24 -25.91 76.47
CA PRO C 42 1.09 -24.70 76.52
C PRO C 42 1.64 -24.38 77.90
N ASP C 43 0.91 -24.69 78.97
CA ASP C 43 1.43 -24.41 80.31
C ASP C 43 2.60 -25.32 80.65
N GLU C 44 2.54 -26.59 80.24
CA GLU C 44 3.65 -27.49 80.47
C GLU C 44 4.87 -27.11 79.63
N GLN C 45 4.65 -26.74 78.37
CA GLN C 45 5.75 -26.36 77.50
C GLN C 45 6.26 -24.98 77.85
N ARG C 46 7.53 -24.73 77.52
CA ARG C 46 8.20 -23.49 77.84
C ARG C 46 8.98 -23.00 76.62
N LEU C 47 9.37 -21.73 76.67
CA LEU C 47 10.23 -21.11 75.66
C LEU C 47 11.43 -20.52 76.40
N TYR C 48 12.45 -21.35 76.60
CA TYR C 48 13.66 -20.91 77.31
C TYR C 48 14.71 -20.43 76.31
N LYS C 49 14.34 -19.38 75.56
CA LYS C 49 15.21 -18.83 74.54
C LYS C 49 16.30 -17.97 75.17
N ASP C 50 17.55 -18.24 74.76
CA ASP C 50 18.73 -17.49 75.20
C ASP C 50 18.87 -17.49 76.73
N ASP C 51 18.59 -18.64 77.33
CA ASP C 51 18.62 -18.83 78.79
C ASP C 51 17.70 -17.82 79.49
N GLN C 52 16.50 -17.65 78.93
CA GLN C 52 15.53 -16.71 79.46
C GLN C 52 14.13 -17.24 79.21
N LEU C 53 13.30 -17.26 80.26
CA LEU C 53 11.93 -17.70 80.11
C LEU C 53 11.13 -16.70 79.28
N LEU C 54 10.13 -17.22 78.57
CA LEU C 54 9.22 -16.40 77.77
C LEU C 54 7.78 -16.71 78.16
N ASP C 55 6.93 -15.71 78.00
CA ASP C 55 5.54 -15.82 78.42
C ASP C 55 4.73 -16.58 77.37
N ASP C 56 3.40 -16.58 77.51
CA ASP C 56 2.53 -17.45 76.73
C ASP C 56 1.96 -16.77 75.49
N GLY C 57 1.37 -15.58 75.63
CA GLY C 57 0.69 -14.97 74.49
C GLY C 57 0.75 -13.46 74.37
N LYS C 58 1.79 -12.82 74.89
CA LYS C 58 1.79 -11.36 74.95
C LYS C 58 2.16 -10.73 73.60
N THR C 59 3.41 -10.91 73.15
CA THR C 59 3.92 -10.21 71.98
C THR C 59 5.22 -10.84 71.51
N LEU C 60 5.35 -11.07 70.20
CA LEU C 60 6.56 -11.67 69.65
C LEU C 60 7.78 -10.76 69.83
N GLY C 61 7.57 -9.43 69.74
CA GLY C 61 8.70 -8.52 69.80
C GLY C 61 9.39 -8.50 71.16
N GLU C 62 8.61 -8.53 72.24
CA GLU C 62 9.18 -8.44 73.58
C GLU C 62 9.91 -9.71 74.01
N CYS C 63 9.76 -10.81 73.27
CA CYS C 63 10.51 -12.02 73.60
C CYS C 63 12.01 -11.83 73.38
N GLY C 64 12.39 -11.06 72.36
CA GLY C 64 13.80 -10.80 72.11
C GLY C 64 14.21 -10.98 70.67
N PHE C 65 13.24 -11.16 69.78
CA PHE C 65 13.52 -11.30 68.35
C PHE C 65 12.47 -10.56 67.53
N THR C 66 12.89 -10.07 66.38
CA THR C 66 11.99 -9.43 65.42
C THR C 66 12.12 -10.10 64.07
N SER C 67 11.54 -9.50 63.02
CA SER C 67 11.56 -10.10 61.70
C SER C 67 12.98 -10.18 61.14
N GLN C 68 13.77 -9.14 61.34
CA GLN C 68 15.13 -9.10 60.81
C GLN C 68 16.15 -9.79 61.70
N THR C 69 15.76 -10.19 62.92
CA THR C 69 16.70 -10.88 63.80
C THR C 69 16.77 -12.37 63.47
N ALA C 70 15.65 -13.08 63.61
CA ALA C 70 15.59 -14.50 63.30
C ALA C 70 15.35 -14.64 61.80
N ARG C 71 16.42 -14.47 61.03
CA ARG C 71 16.35 -14.58 59.59
C ARG C 71 16.05 -16.02 59.17
N PRO C 72 15.34 -16.21 58.06
CA PRO C 72 15.08 -17.57 57.57
C PRO C 72 16.35 -18.31 57.19
N GLN C 73 17.44 -17.60 56.92
CA GLN C 73 18.72 -18.20 56.56
C GLN C 73 19.52 -18.61 57.78
N ALA C 74 19.08 -18.22 58.98
CA ALA C 74 19.69 -18.62 60.24
C ALA C 74 18.71 -18.35 61.37
N PRO C 75 17.65 -19.15 61.50
CA PRO C 75 16.62 -18.86 62.51
C PRO C 75 17.13 -19.00 63.93
N ALA C 76 16.57 -18.18 64.82
CA ALA C 76 16.98 -18.18 66.20
C ALA C 76 16.48 -19.41 66.93
N THR C 77 17.31 -19.93 67.84
CA THR C 77 16.92 -21.09 68.63
C THR C 77 15.83 -20.71 69.64
N VAL C 78 14.83 -21.57 69.77
CA VAL C 78 13.73 -21.39 70.72
C VAL C 78 13.77 -22.52 71.73
N GLY C 79 13.76 -22.16 73.01
CA GLY C 79 13.81 -23.15 74.05
C GLY C 79 12.53 -23.95 74.17
N LEU C 80 12.66 -25.14 74.78
CA LEU C 80 11.52 -26.03 74.98
C LEU C 80 11.75 -26.84 76.24
N ALA C 81 10.89 -26.65 77.24
CA ALA C 81 11.00 -27.34 78.51
C ALA C 81 9.62 -27.79 78.98
N PHE C 82 9.55 -29.02 79.47
CA PHE C 82 8.31 -29.59 79.97
C PHE C 82 8.44 -29.86 81.47
N ARG C 83 7.29 -29.96 82.12
CA ARG C 83 7.26 -30.22 83.56
C ARG C 83 7.79 -31.60 83.88
N ALA C 84 8.43 -31.72 85.04
CA ALA C 84 8.97 -33.00 85.49
C ALA C 84 8.53 -33.30 86.92
N PHE C 88 9.50 -27.17 85.48
CA PHE C 88 9.95 -27.47 84.13
C PHE C 88 11.39 -27.94 84.12
N GLU C 89 11.78 -28.60 83.04
CA GLU C 89 13.15 -29.07 82.88
C GLU C 89 14.06 -27.91 82.46
N ALA C 90 15.35 -28.18 82.38
CA ALA C 90 16.34 -27.17 82.05
C ALA C 90 16.56 -27.11 80.54
N LEU C 91 17.54 -26.31 80.12
CA LEU C 91 17.88 -26.18 78.70
C LEU C 91 18.85 -27.30 78.35
N CYS C 92 18.30 -28.43 77.88
CA CYS C 92 19.08 -29.61 77.58
C CYS C 92 19.51 -29.66 76.11
N ILE C 93 19.57 -28.51 75.44
CA ILE C 93 19.81 -28.45 74.01
C ILE C 93 21.20 -28.97 73.70
N GLU C 94 21.26 -30.11 73.02
CA GLU C 94 22.53 -30.67 72.55
C GLU C 94 22.95 -29.97 71.26
N PRO C 95 24.17 -29.44 71.19
CA PRO C 95 24.63 -28.81 69.95
C PRO C 95 24.78 -29.84 68.83
N PHE C 96 24.68 -29.36 67.60
CA PHE C 96 24.82 -30.23 66.44
C PHE C 96 26.25 -30.75 66.32
N SER C 97 26.41 -31.76 65.47
CA SER C 97 27.73 -32.36 65.27
C SER C 97 28.67 -31.36 64.63
N SER C 98 29.94 -31.42 65.03
CA SER C 98 30.93 -30.49 64.51
C SER C 98 31.30 -30.88 63.09
N PRO C 99 31.20 -29.97 62.12
CA PRO C 99 31.67 -30.26 60.76
C PRO C 99 33.16 -30.52 60.74
N PRO C 100 33.63 -31.44 59.90
CA PRO C 100 35.06 -31.75 59.86
C PRO C 100 35.87 -30.59 59.29
N GLU C 101 37.14 -30.58 59.66
CA GLU C 101 38.05 -29.54 59.20
C GLU C 101 38.32 -29.68 57.70
N LEU C 102 38.56 -28.53 57.05
CA LEU C 102 38.85 -28.53 55.63
C LEU C 102 40.24 -29.14 55.37
N PRO C 103 40.40 -29.84 54.24
CA PRO C 103 41.70 -30.42 53.87
C PRO C 103 42.76 -29.37 53.54
N GLU D 11 -81.56 18.94 1.36
CA GLU D 11 -81.68 17.75 0.53
C GLU D 11 -80.55 16.76 0.81
N VAL D 12 -79.58 17.17 1.63
CA VAL D 12 -78.45 16.33 1.97
C VAL D 12 -77.82 16.87 3.26
N LYS D 13 -77.33 15.95 4.09
CA LYS D 13 -76.75 16.35 5.37
C LYS D 13 -75.37 15.75 5.64
N LYS D 14 -75.11 14.51 5.21
CA LYS D 14 -73.86 13.85 5.57
C LYS D 14 -73.23 13.02 4.46
N TRP D 15 -73.60 13.26 3.20
CA TRP D 15 -73.01 12.53 2.09
C TRP D 15 -71.51 12.82 1.96
N ASN D 16 -70.75 11.78 1.65
CA ASN D 16 -69.35 11.93 1.28
C ASN D 16 -68.92 10.70 0.49
N ALA D 17 -67.91 10.88 -0.36
CA ALA D 17 -67.46 9.87 -1.30
C ALA D 17 -66.04 9.44 -0.95
N VAL D 18 -65.45 8.64 -1.83
CA VAL D 18 -64.07 8.19 -1.71
C VAL D 18 -63.22 8.96 -2.72
N ALA D 19 -62.05 9.41 -2.26
CA ALA D 19 -61.14 10.16 -3.10
C ALA D 19 -60.05 9.25 -3.66
N LEU D 20 -59.32 9.77 -4.65
CA LEU D 20 -58.19 9.06 -5.24
C LEU D 20 -57.30 10.10 -5.91
N TRP D 21 -56.11 10.33 -5.37
CA TRP D 21 -55.26 11.41 -5.83
C TRP D 21 -53.98 10.87 -6.44
N ALA D 22 -53.63 11.42 -7.61
CA ALA D 22 -52.34 11.25 -8.25
C ALA D 22 -51.45 12.44 -7.88
N TRP D 23 -50.34 12.62 -8.61
CA TRP D 23 -49.38 13.65 -8.29
C TRP D 23 -49.39 14.82 -9.28
N ASP D 24 -50.49 15.03 -10.01
CA ASP D 24 -50.58 16.06 -11.06
C ASP D 24 -49.44 15.93 -12.08
N ILE D 25 -49.14 14.71 -12.49
CA ILE D 25 -48.13 14.45 -13.49
C ILE D 25 -48.84 14.23 -14.82
N VAL D 26 -48.43 15.00 -15.85
CA VAL D 26 -49.13 14.96 -17.14
C VAL D 26 -48.93 13.62 -17.83
N VAL D 27 -47.82 12.94 -17.58
CA VAL D 27 -47.54 11.63 -18.15
C VAL D 27 -47.74 10.59 -17.05
N ASP D 28 -48.54 9.56 -17.35
CA ASP D 28 -48.93 8.60 -16.32
C ASP D 28 -47.84 7.58 -16.07
N ASN D 29 -47.50 6.78 -17.09
CA ASN D 29 -46.60 5.65 -16.90
C ASN D 29 -45.59 5.59 -18.03
N CYS D 30 -44.45 4.96 -17.73
CA CYS D 30 -43.43 4.65 -18.73
C CYS D 30 -43.88 3.41 -19.49
N ALA D 31 -44.35 3.59 -20.73
CA ALA D 31 -44.89 2.48 -21.51
C ALA D 31 -43.77 1.71 -22.22
N ILE D 32 -42.74 1.33 -21.47
CA ILE D 32 -41.69 0.46 -21.98
C ILE D 32 -41.63 -0.74 -21.05
N CYS D 33 -41.35 -0.49 -19.77
CA CYS D 33 -41.44 -1.49 -18.73
C CYS D 33 -42.83 -1.59 -18.12
N ARG D 34 -43.75 -0.72 -18.54
CA ARG D 34 -45.13 -0.69 -18.05
C ARG D 34 -45.19 -0.52 -16.53
N ASN D 35 -44.28 0.29 -16.00
CA ASN D 35 -44.27 0.67 -14.60
C ASN D 35 -44.55 2.16 -14.49
N HIS D 36 -44.51 2.67 -13.25
CA HIS D 36 -44.68 4.09 -13.03
C HIS D 36 -43.41 4.85 -13.43
N ILE D 37 -43.52 6.17 -13.47
CA ILE D 37 -42.34 7.00 -13.76
C ILE D 37 -41.56 7.29 -12.48
N MET D 38 -42.21 7.26 -11.32
CA MET D 38 -41.55 7.63 -10.07
C MET D 38 -40.45 6.66 -9.69
N ASP D 39 -40.67 5.35 -9.87
CA ASP D 39 -39.71 4.36 -9.46
C ASP D 39 -38.58 4.23 -10.49
N LEU D 40 -37.60 3.39 -10.16
CA LEU D 40 -36.45 3.21 -11.03
C LEU D 40 -36.80 2.33 -12.22
N CYS D 41 -35.92 2.38 -13.23
CA CYS D 41 -36.08 1.55 -14.41
C CYS D 41 -35.77 0.09 -14.09
N ILE D 42 -36.17 -0.80 -15.00
CA ILE D 42 -35.87 -2.22 -14.83
C ILE D 42 -34.38 -2.49 -14.99
N GLU D 43 -33.70 -1.71 -15.82
CA GLU D 43 -32.25 -1.87 -15.96
C GLU D 43 -31.52 -1.49 -14.67
N CYS D 44 -31.96 -0.44 -14.00
CA CYS D 44 -31.36 -0.04 -12.74
C CYS D 44 -32.06 -0.71 -11.55
N CYS D 56 -34.86 6.01 -12.11
CA CYS D 56 -33.56 6.67 -12.07
C CYS D 56 -33.57 7.92 -12.94
N THR D 57 -33.30 7.73 -14.24
CA THR D 57 -33.29 8.82 -15.20
C THR D 57 -34.41 8.61 -16.21
N VAL D 58 -35.26 9.62 -16.36
CA VAL D 58 -36.42 9.57 -17.24
C VAL D 58 -36.23 10.59 -18.35
N ALA D 59 -36.29 10.13 -19.60
CA ALA D 59 -36.11 10.98 -20.76
C ALA D 59 -37.44 11.51 -21.27
N TRP D 60 -37.35 12.41 -22.26
CA TRP D 60 -38.51 12.97 -22.93
C TRP D 60 -38.24 12.95 -24.43
N GLY D 61 -39.31 13.17 -25.22
CA GLY D 61 -39.19 13.08 -26.65
C GLY D 61 -39.94 14.19 -27.35
N VAL D 62 -39.70 14.29 -28.66
CA VAL D 62 -40.42 15.24 -29.50
C VAL D 62 -41.90 14.89 -29.63
N CYS D 63 -42.28 13.65 -29.30
CA CYS D 63 -43.67 13.24 -29.28
C CYS D 63 -44.33 13.48 -27.92
N ASN D 64 -43.64 14.18 -27.01
CA ASN D 64 -44.14 14.51 -25.68
C ASN D 64 -44.50 13.26 -24.88
N HIS D 65 -43.63 12.26 -24.94
CA HIS D 65 -43.78 11.02 -24.17
C HIS D 65 -42.58 10.86 -23.26
N ALA D 66 -42.85 10.55 -21.99
CA ALA D 66 -41.82 10.48 -20.96
C ALA D 66 -41.55 9.03 -20.61
N PHE D 67 -40.38 8.53 -21.01
CA PHE D 67 -39.91 7.20 -20.64
C PHE D 67 -38.50 7.33 -20.07
N HIS D 68 -38.02 6.25 -19.47
CA HIS D 68 -36.69 6.26 -18.89
C HIS D 68 -35.61 6.41 -19.96
N PHE D 69 -34.52 7.09 -19.60
CA PHE D 69 -33.34 7.11 -20.46
C PHE D 69 -32.84 5.70 -20.74
N HIS D 70 -32.86 4.85 -19.70
CA HIS D 70 -32.48 3.45 -19.88
C HIS D 70 -33.48 2.74 -20.79
N CYS D 71 -34.77 3.06 -20.64
CA CYS D 71 -35.80 2.44 -21.47
C CYS D 71 -35.79 2.95 -22.91
N ILE D 72 -35.22 4.12 -23.15
CA ILE D 72 -35.18 4.73 -24.48
C ILE D 72 -33.88 4.42 -25.20
N SER D 73 -32.75 4.50 -24.51
CA SER D 73 -31.47 4.17 -25.11
C SER D 73 -31.42 2.72 -25.59
N ARG D 74 -32.09 1.82 -24.85
CA ARG D 74 -32.25 0.45 -25.35
C ARG D 74 -33.29 0.37 -26.45
N TRP D 75 -34.27 1.29 -26.46
CA TRP D 75 -35.30 1.25 -27.48
C TRP D 75 -34.76 1.65 -28.85
N LEU D 76 -33.89 2.66 -28.90
CA LEU D 76 -33.36 3.13 -30.17
C LEU D 76 -32.45 2.10 -30.84
N LYS D 77 -31.89 1.16 -30.07
CA LYS D 77 -31.19 0.03 -30.68
C LYS D 77 -32.16 -0.85 -31.47
N THR D 78 -33.38 -1.03 -30.95
CA THR D 78 -34.38 -1.80 -31.68
C THR D 78 -34.93 -1.00 -32.86
N ARG D 79 -35.53 0.16 -32.58
CA ARG D 79 -36.04 1.03 -33.63
C ARG D 79 -36.06 2.46 -33.12
N GLN D 80 -35.87 3.41 -34.04
CA GLN D 80 -35.93 4.83 -33.71
C GLN D 80 -37.33 5.39 -33.97
N VAL D 81 -38.34 4.72 -33.41
CA VAL D 81 -39.74 5.09 -33.58
C VAL D 81 -40.38 5.16 -32.21
N CYS D 82 -41.20 6.18 -31.99
CA CYS D 82 -41.92 6.31 -30.73
C CYS D 82 -42.88 5.12 -30.56
N PRO D 83 -42.94 4.50 -29.38
CA PRO D 83 -43.77 3.30 -29.21
C PRO D 83 -45.26 3.54 -29.32
N LEU D 84 -45.75 4.74 -29.01
CA LEU D 84 -47.19 4.99 -29.06
C LEU D 84 -47.65 5.38 -30.46
N ASP D 85 -47.10 6.46 -31.00
CA ASP D 85 -47.48 6.96 -32.31
C ASP D 85 -46.38 6.68 -33.32
N ASN D 86 -46.79 6.57 -34.59
CA ASN D 86 -45.85 6.29 -35.67
C ASN D 86 -45.02 7.52 -36.00
N ARG D 87 -44.12 7.90 -35.10
CA ARG D 87 -43.33 9.11 -35.25
C ARG D 87 -41.89 8.81 -34.85
N GLU D 88 -40.95 9.43 -35.56
CA GLU D 88 -39.52 9.19 -35.32
C GLU D 88 -39.10 9.83 -34.01
N TRP D 89 -38.60 9.01 -33.09
CA TRP D 89 -38.22 9.50 -31.76
C TRP D 89 -36.98 10.37 -31.85
N GLU D 90 -36.98 11.44 -31.04
CA GLU D 90 -35.81 12.29 -30.87
C GLU D 90 -35.75 12.76 -29.42
N PHE D 91 -34.55 13.12 -28.97
CA PHE D 91 -34.35 13.50 -27.59
C PHE D 91 -34.89 14.92 -27.34
N GLN D 92 -34.78 15.35 -26.09
CA GLN D 92 -35.21 16.70 -25.69
C GLN D 92 -34.06 17.47 -25.05
N THR E 21 -52.53 63.01 -0.49
CA THR E 21 -51.50 63.62 -1.33
C THR E 21 -50.12 63.45 -0.71
N SER E 22 -49.13 63.24 -1.59
CA SER E 22 -47.71 63.12 -1.22
C SER E 22 -47.49 61.98 -0.21
N LEU E 23 -47.76 60.77 -0.69
CA LEU E 23 -47.42 59.57 0.04
C LEU E 23 -45.95 59.19 -0.12
N LYS E 24 -45.20 60.03 -0.84
CA LYS E 24 -43.75 59.99 -0.80
C LYS E 24 -43.27 60.18 0.64
N PRO E 25 -42.22 59.48 1.06
CA PRO E 25 -41.71 59.68 2.42
C PRO E 25 -41.23 61.11 2.64
N ARG E 26 -41.77 61.75 3.69
CA ARG E 26 -41.44 63.12 4.02
C ARG E 26 -40.30 63.17 5.04
N VAL E 27 -40.05 64.36 5.58
CA VAL E 27 -39.15 64.56 6.70
C VAL E 27 -39.99 65.18 7.82
N VAL E 28 -40.53 64.34 8.70
CA VAL E 28 -41.51 64.76 9.70
C VAL E 28 -40.87 64.62 11.08
N ASP E 29 -40.99 65.67 11.88
CA ASP E 29 -40.50 65.64 13.24
C ASP E 29 -41.37 64.73 14.12
N PHE E 30 -40.77 64.23 15.20
CA PHE E 30 -41.44 63.26 16.05
C PHE E 30 -42.45 63.89 17.00
N ASP E 31 -42.19 65.12 17.45
CA ASP E 31 -42.90 65.67 18.60
C ASP E 31 -44.38 65.89 18.31
N GLU E 32 -44.69 66.57 17.20
CA GLU E 32 -46.10 66.87 16.92
C GLU E 32 -46.88 65.63 16.51
N THR E 33 -46.24 64.70 15.82
CA THR E 33 -46.91 63.45 15.47
C THR E 33 -47.19 62.60 16.70
N TRP E 34 -46.22 62.52 17.63
CA TRP E 34 -46.43 61.72 18.82
C TRP E 34 -47.38 62.39 19.80
N ASN E 35 -47.40 63.72 19.85
CA ASN E 35 -48.27 64.42 20.78
C ASN E 35 -49.74 64.18 20.44
N LYS E 36 -50.09 64.26 19.14
CA LYS E 36 -51.45 63.91 18.74
C LYS E 36 -51.68 62.41 18.82
N LEU E 37 -50.61 61.61 18.70
CA LEU E 37 -50.74 60.17 18.89
C LEU E 37 -51.08 59.84 20.33
N LEU E 38 -50.33 60.41 21.28
CA LEU E 38 -50.50 60.07 22.69
C LEU E 38 -51.87 60.48 23.20
N THR E 39 -52.49 61.50 22.59
CA THR E 39 -53.85 61.87 22.97
C THR E 39 -54.85 60.78 22.63
N THR E 40 -54.66 60.10 21.50
CA THR E 40 -55.64 59.12 21.04
C THR E 40 -55.23 57.67 21.28
N ILE E 41 -53.93 57.36 21.35
CA ILE E 41 -53.56 55.98 21.63
C ILE E 41 -53.86 55.63 23.08
N LYS E 42 -53.79 56.61 23.99
CA LYS E 42 -54.22 56.37 25.36
C LYS E 42 -55.73 56.19 25.44
N ALA E 43 -56.48 56.85 24.55
CA ALA E 43 -57.91 56.60 24.45
C ALA E 43 -58.20 55.20 23.91
N VAL E 44 -57.35 54.72 23.01
CA VAL E 44 -57.49 53.36 22.49
C VAL E 44 -57.26 52.34 23.60
N VAL E 45 -56.23 52.57 24.43
CA VAL E 45 -55.90 51.63 25.49
C VAL E 45 -57.01 51.56 26.53
N MET E 46 -57.58 52.70 26.91
CA MET E 46 -58.63 52.75 27.91
C MET E 46 -60.03 52.59 27.32
N LEU E 47 -60.13 52.37 26.00
CA LEU E 47 -61.41 52.26 25.28
C LEU E 47 -62.25 53.53 25.43
N GLU E 48 -61.61 54.67 25.54
CA GLU E 48 -62.30 55.93 25.31
C GLU E 48 -62.63 56.03 23.82
N TYR E 49 -63.71 56.76 23.52
CA TYR E 49 -64.18 56.83 22.15
C TYR E 49 -63.16 57.56 21.28
N VAL E 50 -62.84 56.96 20.13
CA VAL E 50 -61.90 57.53 19.18
C VAL E 50 -62.66 57.76 17.88
N GLU E 51 -62.51 58.96 17.33
CA GLU E 51 -63.13 59.28 16.05
C GLU E 51 -62.57 58.39 14.95
N ARG E 52 -63.46 57.88 14.10
CA ARG E 52 -63.05 56.98 13.03
C ARG E 52 -62.08 57.64 12.07
N ALA E 53 -62.36 58.90 11.71
CA ALA E 53 -61.42 59.65 10.88
C ALA E 53 -60.09 59.86 11.59
N THR E 54 -60.14 60.16 12.90
CA THR E 54 -58.92 60.31 13.68
C THR E 54 -58.18 58.99 13.81
N TRP E 55 -58.91 57.88 13.92
CA TRP E 55 -58.29 56.57 13.98
C TRP E 55 -57.51 56.26 12.70
N ASN E 56 -58.10 56.55 11.55
CA ASN E 56 -57.37 56.43 10.30
C ASN E 56 -56.36 57.54 10.09
N ASP E 57 -56.52 58.66 10.79
CA ASP E 57 -55.58 59.77 10.64
C ASP E 57 -54.20 59.41 11.17
N ARG E 58 -54.14 58.87 12.39
CA ARG E 58 -52.87 58.54 13.00
C ARG E 58 -52.20 57.35 12.32
N PHE E 59 -53.00 56.50 11.66
CA PHE E 59 -52.44 55.36 10.94
C PHE E 59 -51.56 55.81 9.79
N SER E 60 -51.98 56.85 9.07
CA SER E 60 -51.12 57.43 8.03
C SER E 60 -49.88 58.07 8.65
N ASP E 61 -50.02 58.66 9.84
CA ASP E 61 -48.86 59.21 10.53
C ASP E 61 -47.90 58.10 10.96
N ILE E 62 -48.42 56.95 11.38
CA ILE E 62 -47.57 55.85 11.84
C ILE E 62 -46.68 55.35 10.71
N TYR E 63 -47.25 55.17 9.52
CA TYR E 63 -46.45 54.77 8.37
C TYR E 63 -45.46 55.87 7.98
N ALA E 64 -45.89 57.13 8.08
CA ALA E 64 -45.00 58.24 7.77
C ALA E 64 -43.82 58.29 8.73
N LEU E 65 -44.06 58.05 10.02
CA LEU E 65 -42.97 57.98 10.98
C LEU E 65 -42.12 56.74 10.77
N CYS E 66 -42.69 55.67 10.22
CA CYS E 66 -41.92 54.45 10.00
C CYS E 66 -40.87 54.64 8.92
N VAL E 67 -41.12 55.52 7.96
CA VAL E 67 -40.15 55.84 6.91
C VAL E 67 -39.96 57.35 6.95
N ALA E 68 -38.95 57.81 7.68
CA ALA E 68 -38.62 59.22 7.79
C ALA E 68 -37.21 59.44 7.27
N TYR E 69 -37.05 60.46 6.43
CA TYR E 69 -35.74 60.79 5.90
C TYR E 69 -34.90 61.50 6.94
N PRO E 70 -33.67 61.06 7.20
CA PRO E 70 -33.04 59.84 6.66
C PRO E 70 -33.02 58.71 7.69
N GLU E 71 -33.58 58.96 8.87
CA GLU E 71 -33.55 58.00 9.98
C GLU E 71 -34.94 57.43 10.20
N PRO E 72 -35.10 56.09 10.19
CA PRO E 72 -36.41 55.52 10.48
C PRO E 72 -36.85 55.79 11.91
N LEU E 73 -37.86 56.65 12.05
CA LEU E 73 -38.29 57.14 13.35
C LEU E 73 -39.06 56.11 14.16
N GLY E 74 -39.36 54.94 13.58
CA GLY E 74 -40.00 53.88 14.33
C GLY E 74 -39.18 53.40 15.51
N GLU E 75 -37.85 53.40 15.37
CA GLU E 75 -36.98 53.08 16.50
C GLU E 75 -37.18 54.08 17.63
N ARG E 76 -37.25 55.37 17.31
CA ARG E 76 -37.61 56.37 18.30
C ARG E 76 -39.04 56.16 18.79
N LEU E 77 -39.94 55.80 17.88
CA LEU E 77 -41.32 55.52 18.26
C LEU E 77 -41.41 54.30 19.15
N TYR E 78 -40.58 53.28 18.89
CA TYR E 78 -40.61 52.06 19.69
C TYR E 78 -40.24 52.34 21.14
N THR E 79 -39.18 53.12 21.36
CA THR E 79 -38.76 53.47 22.72
C THR E 79 -39.80 54.34 23.41
N GLU E 80 -40.36 55.32 22.69
CA GLU E 80 -41.36 56.20 23.28
C GLU E 80 -42.67 55.47 23.55
N THR E 81 -42.99 54.46 22.74
CA THR E 81 -44.21 53.68 22.98
C THR E 81 -44.10 52.91 24.30
N LYS E 82 -42.93 52.32 24.58
CA LYS E 82 -42.75 51.57 25.80
C LYS E 82 -42.86 52.47 27.03
N ILE E 83 -42.30 53.68 26.96
CA ILE E 83 -42.40 54.62 28.06
C ILE E 83 -43.84 55.05 28.27
N PHE E 84 -44.58 55.27 27.18
CA PHE E 84 -46.00 55.58 27.29
C PHE E 84 -46.76 54.40 27.90
N LEU E 85 -46.43 53.19 27.48
CA LEU E 85 -47.02 52.01 28.11
C LEU E 85 -46.51 51.81 29.53
N GLU E 86 -45.31 52.29 29.83
CA GLU E 86 -44.77 52.16 31.18
C GLU E 86 -45.58 52.96 32.19
N ASN E 87 -45.84 54.23 31.87
CA ASN E 87 -46.55 55.09 32.82
C ASN E 87 -48.05 54.78 32.86
N HIS E 88 -48.62 54.33 31.74
CA HIS E 88 -50.07 54.08 31.69
C HIS E 88 -50.47 52.94 32.61
N VAL E 89 -49.75 51.82 32.55
CA VAL E 89 -50.05 50.70 33.44
C VAL E 89 -49.68 51.06 34.89
N ARG E 90 -48.60 51.81 35.07
CA ARG E 90 -48.23 52.28 36.40
C ARG E 90 -49.27 53.25 36.96
N HIS E 91 -49.89 54.05 36.09
CA HIS E 91 -50.97 54.93 36.55
C HIS E 91 -52.15 54.13 37.08
N LEU E 92 -52.51 53.05 36.39
CA LEU E 92 -53.55 52.16 36.89
C LEU E 92 -53.06 51.36 38.09
N HIS E 93 -51.75 51.10 38.17
CA HIS E 93 -51.20 50.31 39.26
C HIS E 93 -51.38 51.01 40.61
N LYS E 94 -51.18 52.33 40.63
CA LYS E 94 -51.44 53.08 41.86
C LYS E 94 -52.93 53.08 42.20
N ARG E 95 -53.79 53.18 41.19
CA ARG E 95 -55.23 53.14 41.43
C ARG E 95 -55.66 51.78 41.97
N VAL E 96 -55.12 50.70 41.42
CA VAL E 96 -55.46 49.36 41.90
C VAL E 96 -54.92 49.14 43.31
N LEU E 97 -53.69 49.59 43.56
CA LEU E 97 -53.09 49.45 44.89
C LEU E 97 -53.84 50.27 45.94
N GLU E 98 -54.50 51.35 45.53
CA GLU E 98 -55.31 52.14 46.45
C GLU E 98 -56.48 51.33 46.98
N SER E 99 -57.15 50.58 46.10
CA SER E 99 -58.27 49.75 46.53
C SER E 99 -57.77 48.53 47.29
N GLU E 100 -58.58 48.09 48.26
CA GLU E 100 -58.25 46.93 49.08
C GLU E 100 -59.20 45.77 48.81
N GLU E 101 -60.51 45.98 48.95
CA GLU E 101 -61.48 44.96 48.55
C GLU E 101 -61.79 45.01 47.06
N GLN E 102 -61.41 46.10 46.37
CA GLN E 102 -61.57 46.22 44.93
C GLN E 102 -60.26 46.08 44.19
N VAL E 103 -59.20 45.60 44.86
CA VAL E 103 -57.90 45.43 44.22
C VAL E 103 -57.97 44.37 43.11
N LEU E 104 -58.93 43.46 43.19
CA LEU E 104 -59.16 42.49 42.12
C LEU E 104 -60.20 42.97 41.12
N VAL E 105 -61.21 43.72 41.57
CA VAL E 105 -62.23 44.24 40.66
C VAL E 105 -61.64 45.33 39.77
N MET E 106 -60.82 46.22 40.34
CA MET E 106 -60.14 47.22 39.53
C MET E 106 -59.17 46.57 38.54
N TYR E 107 -58.48 45.52 38.97
CA TYR E 107 -57.61 44.78 38.08
C TYR E 107 -58.39 44.12 36.96
N HIS E 108 -59.56 43.56 37.28
CA HIS E 108 -60.37 42.90 36.26
C HIS E 108 -60.90 43.90 35.23
N ARG E 109 -61.44 45.03 35.70
CA ARG E 109 -61.96 46.03 34.78
C ARG E 109 -60.86 46.61 33.91
N TYR E 110 -59.70 46.90 34.49
CA TYR E 110 -58.58 47.39 33.71
C TYR E 110 -58.05 46.34 32.76
N TRP E 111 -58.11 45.05 33.14
CA TRP E 111 -57.72 43.99 32.23
C TRP E 111 -58.67 43.90 31.05
N GLU E 112 -59.96 44.19 31.28
CA GLU E 112 -60.94 44.16 30.19
C GLU E 112 -60.62 45.22 29.14
N GLU E 113 -60.14 46.39 29.58
CA GLU E 113 -59.83 47.44 28.61
C GLU E 113 -58.39 47.39 28.13
N TYR E 114 -57.44 46.97 28.96
CA TYR E 114 -56.05 46.94 28.50
C TYR E 114 -55.83 45.84 27.47
N SER E 115 -56.32 44.63 27.74
CA SER E 115 -56.17 43.53 26.80
C SER E 115 -56.90 43.80 25.50
N LYS E 116 -58.11 44.34 25.59
CA LYS E 116 -58.80 44.81 24.39
C LYS E 116 -58.04 45.97 23.75
N GLY E 117 -57.55 46.89 24.58
CA GLY E 117 -56.80 48.02 24.05
C GLY E 117 -55.48 47.62 23.42
N ALA E 118 -54.79 46.65 24.03
CA ALA E 118 -53.48 46.23 23.53
C ALA E 118 -53.59 45.64 22.12
N ASP E 119 -54.55 44.73 21.93
CA ASP E 119 -54.76 44.19 20.59
C ASP E 119 -55.28 45.24 19.63
N TYR E 120 -56.01 46.24 20.14
CA TYR E 120 -56.42 47.36 19.31
C TYR E 120 -55.20 48.18 18.86
N MET E 121 -54.22 48.36 19.75
CA MET E 121 -53.00 49.07 19.39
C MET E 121 -52.15 48.28 18.40
N ASP E 122 -52.25 46.95 18.43
CA ASP E 122 -51.50 46.12 17.48
C ASP E 122 -51.95 46.40 16.06
N CYS E 123 -53.25 46.62 15.85
CA CYS E 123 -53.73 47.04 14.54
C CYS E 123 -53.19 48.41 14.18
N LEU E 124 -53.13 49.32 15.16
CA LEU E 124 -52.61 50.66 14.90
C LEU E 124 -51.14 50.63 14.51
N TYR E 125 -50.34 49.81 15.21
CA TYR E 125 -48.92 49.68 14.93
C TYR E 125 -48.61 48.49 14.03
N ARG E 126 -49.51 48.16 13.10
CA ARG E 126 -49.32 46.99 12.26
C ARG E 126 -48.13 47.16 11.32
N TYR E 127 -47.91 48.37 10.81
CA TYR E 127 -46.83 48.58 9.85
C TYR E 127 -45.46 48.35 10.47
N LEU E 128 -45.26 48.81 11.72
CA LEU E 128 -43.98 48.63 12.37
C LEU E 128 -43.71 47.15 12.66
N ASN E 129 -44.76 46.36 12.81
CA ASN E 129 -44.57 44.93 13.09
C ASN E 129 -43.96 44.21 11.89
N THR E 130 -44.39 44.56 10.67
CA THR E 130 -44.00 43.85 9.47
C THR E 130 -42.83 44.50 8.73
N GLN E 131 -42.25 45.57 9.28
CA GLN E 131 -41.07 46.16 8.67
C GLN E 131 -39.97 46.51 9.66
N PHE E 132 -40.19 46.38 10.96
CA PHE E 132 -39.17 46.74 11.93
C PHE E 132 -38.92 45.61 12.93
N ILE E 133 -39.95 44.80 13.18
CA ILE E 133 -39.84 43.72 14.15
C ILE E 133 -39.50 42.41 13.43
N LYS E 134 -40.35 42.02 12.48
CA LYS E 134 -40.15 40.80 11.72
C LYS E 134 -39.25 40.99 10.51
N LYS E 135 -38.49 42.08 10.46
CA LYS E 135 -37.59 42.34 9.35
C LYS E 135 -36.36 41.44 9.41
N PRO E 140 -34.31 39.79 19.10
CA PRO E 140 -34.09 41.23 19.29
C PRO E 140 -35.33 41.94 19.85
N LEU E 141 -35.80 42.95 19.13
CA LEU E 141 -36.97 43.70 19.57
C LEU E 141 -38.23 42.83 19.49
N MET E 142 -39.05 42.91 20.54
CA MET E 142 -40.31 42.20 20.54
C MET E 142 -41.37 43.02 19.80
N GLU E 143 -42.49 42.37 19.50
CA GLU E 143 -43.55 43.01 18.74
C GLU E 143 -44.36 43.94 19.64
N ILE E 144 -45.31 44.66 19.03
CA ILE E 144 -46.12 45.62 19.76
C ILE E 144 -47.00 44.93 20.79
N GLY E 145 -47.62 43.82 20.41
CA GLY E 145 -48.42 43.06 21.37
C GLY E 145 -47.58 42.49 22.49
N GLU E 146 -46.38 42.00 22.17
CA GLU E 146 -45.46 41.54 23.20
C GLU E 146 -45.03 42.68 24.10
N LEU E 147 -44.77 43.86 23.53
CA LEU E 147 -44.43 45.03 24.33
C LEU E 147 -45.61 45.48 25.18
N ALA E 148 -46.82 45.40 24.63
CA ALA E 148 -48.00 45.81 25.39
C ALA E 148 -48.26 44.88 26.56
N LEU E 149 -48.17 43.56 26.33
CA LEU E 149 -48.40 42.61 27.41
C LEU E 149 -47.23 42.54 28.38
N ASP E 150 -46.05 43.02 27.98
CA ASP E 150 -44.90 43.02 28.89
C ASP E 150 -45.12 43.94 30.08
N MET E 151 -45.73 45.10 29.85
CA MET E 151 -46.03 46.02 30.93
C MET E 151 -47.06 45.43 31.90
N TRP E 152 -48.01 44.66 31.38
CA TRP E 152 -48.97 43.97 32.25
C TRP E 152 -48.36 42.76 32.93
N ARG E 153 -47.28 42.18 32.40
CA ARG E 153 -46.69 40.98 32.94
C ARG E 153 -45.38 41.25 33.67
N LYS E 154 -44.41 41.88 33.02
CA LYS E 154 -43.10 42.08 33.62
C LYS E 154 -43.04 43.31 34.52
N LEU E 155 -44.11 44.06 34.63
CA LEU E 155 -44.06 45.31 35.37
C LEU E 155 -45.14 45.44 36.44
N MET E 156 -46.33 44.93 36.20
CA MET E 156 -47.45 45.23 37.08
C MET E 156 -48.03 44.02 37.80
N VAL E 157 -48.13 42.87 37.14
CA VAL E 157 -48.72 41.72 37.82
C VAL E 157 -47.74 41.12 38.83
N GLU E 158 -46.43 41.31 38.63
CA GLU E 158 -45.46 40.81 39.60
C GLU E 158 -45.56 41.51 40.96
N PRO E 159 -45.64 42.85 41.05
CA PRO E 159 -45.93 43.45 42.37
C PRO E 159 -47.28 43.03 42.94
N LEU E 160 -48.28 42.82 42.09
CA LEU E 160 -49.61 42.42 42.54
C LEU E 160 -49.76 40.91 42.70
N GLN E 161 -48.70 40.14 42.43
CA GLN E 161 -48.79 38.69 42.55
C GLN E 161 -49.06 38.27 44.00
N ALA E 162 -48.45 38.97 44.96
CA ALA E 162 -48.62 38.63 46.37
C ALA E 162 -50.06 38.85 46.83
N ILE E 163 -50.69 39.94 46.39
CA ILE E 163 -51.98 40.32 46.94
C ILE E 163 -53.15 39.76 46.12
N LEU E 164 -53.03 39.72 44.79
CA LEU E 164 -54.16 39.26 43.97
C LEU E 164 -54.34 37.76 44.07
N ILE E 165 -53.24 37.00 44.08
CA ILE E 165 -53.35 35.55 44.24
C ILE E 165 -53.91 35.20 45.61
N ARG E 166 -53.41 35.87 46.66
CA ARG E 166 -53.88 35.59 48.02
C ARG E 166 -55.35 35.94 48.18
N MET E 167 -55.79 37.05 47.60
CA MET E 167 -57.21 37.40 47.64
C MET E 167 -58.04 36.40 46.85
N LEU E 168 -57.53 35.95 45.71
CA LEU E 168 -58.24 34.94 44.92
C LEU E 168 -58.37 33.63 45.69
N LEU E 169 -57.31 33.23 46.39
CA LEU E 169 -57.41 32.06 47.27
C LEU E 169 -58.32 32.35 48.46
N ARG E 170 -58.31 33.58 48.97
CA ARG E 170 -59.27 33.96 49.99
C ARG E 170 -60.70 33.97 49.45
N GLU E 171 -60.88 34.48 48.23
CA GLU E 171 -62.21 34.54 47.63
C GLU E 171 -62.73 33.14 47.33
N ILE E 172 -61.90 32.26 46.78
CA ILE E 172 -62.35 30.91 46.46
C ILE E 172 -62.64 30.13 47.74
N LYS E 173 -61.96 30.47 48.84
CA LYS E 173 -62.27 29.86 50.13
C LYS E 173 -63.69 30.19 50.56
N ASN E 174 -64.14 31.42 50.30
CA ASN E 174 -65.54 31.76 50.51
C ASN E 174 -66.45 30.94 49.61
N ASP E 175 -66.06 30.77 48.34
CA ASP E 175 -66.84 29.92 47.45
C ASP E 175 -66.76 28.45 47.87
N ARG E 176 -65.59 28.03 48.38
CA ARG E 176 -65.50 26.70 48.99
C ARG E 176 -66.39 26.61 50.22
N GLY E 177 -66.61 27.73 50.91
CA GLY E 177 -67.57 27.74 52.00
C GLY E 177 -68.99 27.52 51.54
N GLY E 178 -69.34 28.06 50.38
CA GLY E 178 -70.67 27.84 49.83
C GLY E 178 -71.29 29.04 49.13
N GLU E 179 -70.87 30.25 49.50
CA GLU E 179 -71.46 31.45 48.89
C GLU E 179 -70.98 31.61 47.45
N ASP E 180 -71.69 32.46 46.71
CA ASP E 180 -71.44 32.66 45.29
C ASP E 180 -70.95 34.08 45.03
N PRO E 181 -69.66 34.30 44.85
CA PRO E 181 -69.15 35.62 44.48
C PRO E 181 -69.39 35.91 43.01
N ASN E 182 -68.96 37.10 42.59
CA ASN E 182 -69.12 37.54 41.20
C ASN E 182 -68.16 36.76 40.31
N GLN E 183 -68.65 35.69 39.69
CA GLN E 183 -67.79 34.80 38.92
C GLN E 183 -67.22 35.48 37.69
N LYS E 184 -67.91 36.50 37.16
CA LYS E 184 -67.41 37.19 35.98
C LYS E 184 -66.09 37.89 36.25
N VAL E 185 -65.98 38.56 37.39
CA VAL E 185 -64.72 39.21 37.76
C VAL E 185 -63.66 38.18 38.10
N ILE E 186 -64.04 37.14 38.85
CA ILE E 186 -63.07 36.15 39.32
C ILE E 186 -62.50 35.34 38.17
N HIS E 187 -63.32 34.99 37.19
CA HIS E 187 -62.80 34.31 36.00
C HIS E 187 -61.87 35.23 35.22
N GLY E 188 -62.20 36.52 35.14
CA GLY E 188 -61.42 37.43 34.32
C GLY E 188 -60.00 37.62 34.81
N VAL E 189 -59.83 37.78 36.12
CA VAL E 189 -58.48 37.90 36.67
C VAL E 189 -57.72 36.59 36.52
N ILE E 190 -58.43 35.45 36.63
CA ILE E 190 -57.82 34.18 36.28
C ILE E 190 -57.51 34.14 34.78
N ASN E 191 -58.45 34.61 33.97
CA ASN E 191 -58.23 34.74 32.54
C ASN E 191 -57.22 35.82 32.20
N SER E 192 -56.83 36.67 33.16
CA SER E 192 -55.78 37.64 32.90
C SER E 192 -54.41 36.99 32.85
N PHE E 193 -54.19 35.96 33.66
CA PHE E 193 -52.95 35.19 33.56
C PHE E 193 -52.89 34.43 32.24
N VAL E 194 -54.03 33.97 31.75
CA VAL E 194 -54.11 33.52 30.36
C VAL E 194 -54.06 34.74 29.44
N HIS E 195 -53.63 34.51 28.20
CA HIS E 195 -53.62 35.48 27.11
C HIS E 195 -52.62 36.61 27.32
N VAL E 196 -51.87 36.61 28.43
CA VAL E 196 -50.81 37.59 28.63
C VAL E 196 -49.44 37.02 28.25
N GLU E 197 -49.28 35.70 28.31
CA GLU E 197 -48.07 35.02 27.88
C GLU E 197 -48.30 34.19 26.63
N GLN E 198 -49.40 34.46 25.90
CA GLN E 198 -49.75 33.64 24.74
C GLN E 198 -48.80 33.85 23.58
N TYR E 199 -48.18 35.03 23.49
CA TYR E 199 -47.24 35.28 22.40
C TYR E 199 -45.96 34.48 22.54
N LYS E 200 -45.67 33.94 23.72
CA LYS E 200 -44.52 33.06 23.90
C LYS E 200 -44.79 31.73 23.22
N LYS E 201 -43.93 31.37 22.26
CA LYS E 201 -44.13 30.14 21.50
C LYS E 201 -43.97 28.91 22.38
N LYS E 202 -43.00 28.92 23.27
CA LYS E 202 -42.71 27.78 24.13
C LYS E 202 -43.32 28.02 25.50
N PHE E 203 -44.13 27.06 25.97
CA PHE E 203 -44.84 27.08 27.24
C PHE E 203 -45.67 28.34 27.41
N PRO E 204 -46.75 28.50 26.64
CA PRO E 204 -47.60 29.69 26.80
C PRO E 204 -48.34 29.75 28.11
N LEU E 205 -48.52 28.61 28.79
CA LEU E 205 -49.22 28.55 30.07
C LEU E 205 -48.26 28.38 31.24
N LYS E 206 -46.97 28.67 31.04
CA LYS E 206 -46.00 28.56 32.12
C LYS E 206 -46.28 29.55 33.23
N PHE E 207 -46.70 30.77 32.88
CA PHE E 207 -47.06 31.76 33.89
C PHE E 207 -48.28 31.33 34.69
N TYR E 208 -49.28 30.72 34.03
CA TYR E 208 -50.51 30.36 34.72
C TYR E 208 -50.29 29.23 35.72
N GLN E 209 -49.30 28.37 35.48
CA GLN E 209 -49.09 27.22 36.34
C GLN E 209 -48.45 27.62 37.67
N GLU E 210 -47.27 28.25 37.61
CA GLU E 210 -46.53 28.52 38.84
C GLU E 210 -47.18 29.62 39.67
N ILE E 211 -47.87 30.57 39.02
CA ILE E 211 -48.36 31.74 39.75
C ILE E 211 -49.70 31.45 40.41
N PHE E 212 -50.64 30.86 39.67
CA PHE E 212 -51.99 30.66 40.20
C PHE E 212 -52.23 29.24 40.71
N GLU E 213 -52.10 28.23 39.84
CA GLU E 213 -52.59 26.91 40.22
C GLU E 213 -51.67 26.23 41.23
N SER E 214 -50.36 26.51 41.18
CA SER E 214 -49.46 25.92 42.17
C SER E 214 -49.77 26.39 43.59
N PRO E 215 -50.00 27.68 43.88
CA PRO E 215 -50.63 28.01 45.16
C PRO E 215 -52.02 27.43 45.32
N PHE E 216 -52.80 27.35 44.23
CA PHE E 216 -54.15 26.82 44.33
C PHE E 216 -54.14 25.33 44.67
N LEU E 217 -53.23 24.56 44.07
CA LEU E 217 -53.14 23.13 44.39
C LEU E 217 -52.77 22.92 45.84
N THR E 218 -51.87 23.74 46.37
CA THR E 218 -51.58 23.69 47.80
C THR E 218 -52.79 24.13 48.62
N GLU E 219 -53.48 25.18 48.18
CA GLU E 219 -54.61 25.69 48.95
C GLU E 219 -55.80 24.73 48.91
N THR E 220 -56.10 24.17 47.73
CA THR E 220 -57.16 23.17 47.67
C THR E 220 -56.73 21.86 48.30
N GLY E 221 -55.43 21.62 48.43
CA GLY E 221 -54.97 20.46 49.19
C GLY E 221 -55.20 20.63 50.68
N GLU E 222 -54.75 21.75 51.24
CA GLU E 222 -54.89 21.99 52.68
C GLU E 222 -56.35 22.17 53.08
N TYR E 223 -57.17 22.75 52.20
CA TYR E 223 -58.59 22.90 52.51
C TYR E 223 -59.28 21.54 52.61
N TYR E 224 -58.95 20.62 51.72
CA TYR E 224 -59.60 19.32 51.69
C TYR E 224 -58.93 18.28 52.58
N LYS E 225 -57.76 18.58 53.15
CA LYS E 225 -57.21 17.69 54.17
C LYS E 225 -58.05 17.71 55.43
N GLN E 226 -58.37 18.92 55.93
CA GLN E 226 -59.21 19.02 57.12
C GLN E 226 -60.68 18.76 56.80
N GLU E 227 -61.13 19.13 55.61
CA GLU E 227 -62.54 18.92 55.25
C GLU E 227 -62.86 17.43 55.15
N ALA E 228 -61.97 16.64 54.54
CA ALA E 228 -62.15 15.20 54.53
C ALA E 228 -62.07 14.63 55.94
N SER E 229 -61.16 15.16 56.76
CA SER E 229 -61.11 14.79 58.17
C SER E 229 -62.37 15.26 58.90
N ASN E 230 -62.92 16.40 58.50
CA ASN E 230 -64.18 16.86 59.08
C ASN E 230 -65.32 15.90 58.73
N LEU E 231 -65.37 15.43 57.48
CA LEU E 231 -66.34 14.40 57.12
C LEU E 231 -66.00 13.07 57.78
N LEU E 232 -64.71 12.80 57.99
CA LEU E 232 -64.30 11.64 58.77
C LEU E 232 -64.82 11.73 60.20
N GLN E 233 -64.73 12.92 60.81
CA GLN E 233 -65.24 13.11 62.16
C GLN E 233 -66.76 13.13 62.21
N GLU E 234 -67.43 13.42 61.08
CA GLU E 234 -68.88 13.61 61.08
C GLU E 234 -69.64 12.33 60.78
N SER E 235 -69.25 11.59 59.74
CA SER E 235 -70.00 10.45 59.27
C SER E 235 -69.12 9.21 59.20
N ASN E 236 -69.77 8.06 59.08
CA ASN E 236 -69.09 6.79 58.90
C ASN E 236 -68.59 6.66 57.47
N CYS E 237 -67.89 5.56 57.19
CA CYS E 237 -67.29 5.36 55.88
C CYS E 237 -68.32 5.15 54.79
N SER E 238 -69.46 4.53 55.12
CA SER E 238 -70.51 4.31 54.13
C SER E 238 -71.07 5.64 53.61
N GLN E 239 -71.29 6.59 54.52
CA GLN E 239 -71.77 7.91 54.14
C GLN E 239 -70.65 8.89 53.83
N TYR E 240 -69.39 8.50 54.07
CA TYR E 240 -68.27 9.37 53.77
C TYR E 240 -68.13 9.61 52.27
N MET E 241 -68.35 8.56 51.47
CA MET E 241 -68.24 8.69 50.02
C MET E 241 -69.36 9.54 49.44
N GLU E 242 -70.52 9.59 50.11
CA GLU E 242 -71.66 10.32 49.58
C GLU E 242 -71.38 11.82 49.53
N LYS E 243 -70.84 12.38 50.61
CA LYS E 243 -70.52 13.80 50.61
C LYS E 243 -69.26 14.09 49.81
N VAL E 244 -68.30 13.16 49.79
CA VAL E 244 -67.07 13.36 49.02
C VAL E 244 -67.38 13.41 47.54
N LEU E 245 -68.22 12.48 47.06
CA LEU E 245 -68.62 12.48 45.65
C LEU E 245 -69.39 13.74 45.29
N GLY E 246 -70.28 14.18 46.18
CA GLY E 246 -71.02 15.41 45.94
C GLY E 246 -70.11 16.64 45.95
N ARG E 247 -69.18 16.69 46.90
CA ARG E 247 -68.25 17.81 46.95
C ARG E 247 -67.31 17.80 45.76
N LEU E 248 -66.88 16.60 45.32
CA LEU E 248 -66.08 16.50 44.12
C LEU E 248 -66.86 16.92 42.89
N LYS E 249 -68.14 16.54 42.83
CA LYS E 249 -68.98 16.89 41.68
C LYS E 249 -69.14 18.41 41.56
N ASP E 250 -69.35 19.09 42.68
CA ASP E 250 -69.42 20.55 42.65
C ASP E 250 -68.05 21.20 42.49
N GLU E 251 -66.97 20.46 42.73
CA GLU E 251 -65.64 21.04 42.57
C GLU E 251 -65.33 21.33 41.10
N GLU E 252 -65.74 20.43 40.19
CA GLU E 252 -65.59 20.73 38.78
C GLU E 252 -66.44 21.93 38.36
N ILE E 253 -67.69 21.97 38.83
CA ILE E 253 -68.58 23.09 38.50
C ILE E 253 -68.00 24.39 39.05
N ARG E 254 -67.37 24.32 40.22
CA ARG E 254 -66.59 25.45 40.70
C ARG E 254 -65.41 25.74 39.78
N CYS E 255 -64.75 24.69 39.30
CA CYS E 255 -63.56 24.88 38.47
C CYS E 255 -63.92 25.34 37.05
N ARG E 256 -65.09 24.94 36.54
CA ARG E 256 -65.48 25.35 35.19
C ARG E 256 -65.65 26.86 35.08
N LYS E 257 -66.26 27.49 36.09
CA LYS E 257 -66.57 28.91 36.01
C LYS E 257 -65.40 29.80 36.38
N TYR E 258 -64.29 29.25 36.87
CA TYR E 258 -63.18 30.07 37.33
C TYR E 258 -61.88 29.82 36.58
N LEU E 259 -61.41 28.58 36.52
CA LEU E 259 -60.05 28.29 36.11
C LEU E 259 -59.96 27.94 34.63
N HIS E 260 -58.73 27.89 34.14
CA HIS E 260 -58.46 27.52 32.76
C HIS E 260 -58.75 26.04 32.55
N PRO E 261 -59.18 25.65 31.34
CA PRO E 261 -59.43 24.22 31.07
C PRO E 261 -58.23 23.31 31.29
N SER E 262 -57.01 23.80 31.08
CA SER E 262 -55.83 22.99 31.34
C SER E 262 -55.66 22.67 32.82
N SER E 263 -56.25 23.46 33.71
CA SER E 263 -56.17 23.23 35.14
C SER E 263 -57.33 22.40 35.68
N TYR E 264 -58.23 21.93 34.81
CA TYR E 264 -59.38 21.17 35.27
C TYR E 264 -58.96 19.83 35.86
N THR E 265 -58.02 19.14 35.21
CA THR E 265 -57.62 17.82 35.68
C THR E 265 -56.77 17.89 36.94
N LYS E 266 -55.85 18.85 37.00
CA LYS E 266 -54.93 18.93 38.13
C LYS E 266 -55.65 19.28 39.42
N VAL E 267 -56.68 20.13 39.33
CA VAL E 267 -57.43 20.50 40.53
C VAL E 267 -58.19 19.30 41.08
N ILE E 268 -58.88 18.56 40.21
CA ILE E 268 -59.65 17.41 40.70
C ILE E 268 -58.77 16.20 41.00
N HIS E 269 -57.59 16.12 40.40
CA HIS E 269 -56.67 15.03 40.77
C HIS E 269 -56.09 15.26 42.15
N GLU E 270 -55.65 16.49 42.44
CA GLU E 270 -55.21 16.82 43.79
C GLU E 270 -56.37 16.82 44.77
N CYS E 271 -57.59 17.07 44.30
CA CYS E 271 -58.75 16.94 45.15
C CYS E 271 -58.92 15.50 45.62
N GLN E 272 -58.85 14.55 44.68
CA GLN E 272 -58.89 13.14 45.05
C GLN E 272 -57.64 12.72 45.82
N GLN E 273 -56.53 13.42 45.61
CA GLN E 273 -55.31 13.12 46.35
C GLN E 273 -55.43 13.44 47.83
N ARG E 274 -56.40 14.26 48.22
CA ARG E 274 -56.54 14.70 49.60
C ARG E 274 -57.85 14.31 50.26
N MET E 275 -58.72 13.57 49.59
CA MET E 275 -59.98 13.16 50.22
C MET E 275 -60.22 11.67 50.13
N VAL E 276 -59.73 11.02 49.08
CA VAL E 276 -59.87 9.58 48.92
C VAL E 276 -58.53 8.87 48.86
N ALA E 277 -57.43 9.58 48.65
CA ALA E 277 -56.09 8.98 48.75
C ALA E 277 -55.58 8.99 50.19
N ASP E 278 -55.82 10.09 50.92
CA ASP E 278 -55.48 10.11 52.33
C ASP E 278 -56.41 9.21 53.14
N HIS E 279 -57.70 9.18 52.77
CA HIS E 279 -58.68 8.30 53.40
C HIS E 279 -58.81 6.98 52.67
N LEU E 280 -57.76 6.54 51.98
CA LEU E 280 -57.81 5.28 51.24
C LEU E 280 -57.98 4.09 52.19
N GLN E 281 -57.26 4.10 53.31
CA GLN E 281 -57.43 3.04 54.30
C GLN E 281 -58.79 3.11 54.97
N PHE E 282 -59.32 4.32 55.18
CA PHE E 282 -60.65 4.47 55.76
C PHE E 282 -61.72 3.87 54.86
N LEU E 283 -61.62 4.10 53.55
CA LEU E 283 -62.51 3.43 52.62
C LEU E 283 -62.22 1.94 52.53
N HIS E 284 -60.95 1.55 52.71
CA HIS E 284 -60.59 0.14 52.72
C HIS E 284 -61.09 -0.58 53.96
N ALA E 285 -61.49 0.16 55.00
CA ALA E 285 -61.96 -0.47 56.23
C ALA E 285 -63.30 -1.17 56.01
N GLU E 286 -64.27 -0.46 55.42
CA GLU E 286 -65.58 -1.03 55.13
C GLU E 286 -65.63 -1.61 53.72
N CYS E 287 -64.50 -1.58 53.00
CA CYS E 287 -64.47 -2.12 51.65
C CYS E 287 -64.79 -3.61 51.65
N HIS E 288 -64.29 -4.35 52.65
CA HIS E 288 -64.72 -5.74 52.81
C HIS E 288 -66.19 -5.84 53.16
N ASN E 289 -66.66 -4.96 54.05
CA ASN E 289 -68.06 -5.01 54.49
C ASN E 289 -69.02 -4.61 53.37
N ILE E 290 -68.63 -3.63 52.56
CA ILE E 290 -69.52 -3.11 51.53
C ILE E 290 -69.72 -4.12 50.40
N ILE E 291 -68.86 -5.11 50.28
CA ILE E 291 -69.02 -6.15 49.26
C ILE E 291 -69.79 -7.35 49.81
N ARG E 292 -69.53 -7.72 51.07
CA ARG E 292 -70.24 -8.85 51.68
C ARG E 292 -71.73 -8.56 51.80
N GLN E 293 -72.09 -7.33 52.19
CA GLN E 293 -73.49 -6.94 52.25
C GLN E 293 -74.08 -6.66 50.88
N GLU E 294 -73.23 -6.46 49.86
CA GLU E 294 -73.65 -6.21 48.49
C GLU E 294 -74.57 -4.98 48.38
N LYS E 295 -74.24 -3.93 49.13
CA LYS E 295 -74.95 -2.67 49.02
C LYS E 295 -74.64 -2.04 47.67
N LYS E 296 -75.61 -2.06 46.75
CA LYS E 296 -75.36 -1.73 45.36
C LYS E 296 -74.91 -0.28 45.18
N ASN E 297 -75.77 0.67 45.56
CA ASN E 297 -75.48 2.09 45.31
C ASN E 297 -74.30 2.58 46.12
N ASP E 298 -74.11 2.06 47.34
CA ASP E 298 -72.95 2.43 48.13
C ASP E 298 -71.66 1.92 47.51
N MET E 299 -71.68 0.71 46.95
CA MET E 299 -70.49 0.13 46.34
C MET E 299 -70.06 0.92 45.11
N ALA E 300 -71.03 1.41 44.32
CA ALA E 300 -70.71 2.20 43.14
C ALA E 300 -70.01 3.50 43.52
N ASN E 301 -70.51 4.18 44.55
CA ASN E 301 -69.85 5.39 45.02
C ASN E 301 -68.45 5.09 45.55
N MET E 302 -68.30 3.94 46.22
CA MET E 302 -66.96 3.48 46.58
C MET E 302 -66.15 3.16 45.33
N TYR E 303 -66.77 2.54 44.33
CA TYR E 303 -66.06 2.17 43.11
C TYR E 303 -65.62 3.40 42.33
N VAL E 304 -66.46 4.45 42.27
CA VAL E 304 -66.12 5.65 41.52
C VAL E 304 -64.89 6.33 42.12
N LEU E 305 -64.87 6.46 43.45
CA LEU E 305 -63.71 7.08 44.11
C LEU E 305 -62.47 6.20 44.00
N LEU E 306 -62.63 4.88 44.16
CA LEU E 306 -61.49 3.99 44.05
C LEU E 306 -60.99 3.84 42.62
N ARG E 307 -61.83 4.16 41.63
CA ARG E 307 -61.38 4.14 40.24
C ARG E 307 -60.33 5.21 39.99
N ALA E 308 -60.50 6.40 40.58
CA ALA E 308 -59.55 7.47 40.39
C ALA E 308 -58.24 7.23 41.14
N VAL E 309 -58.26 6.42 42.19
CA VAL E 309 -57.05 6.12 42.95
C VAL E 309 -56.20 5.15 42.15
N SER E 310 -54.89 5.45 42.05
CA SER E 310 -53.98 4.57 41.35
C SER E 310 -53.76 3.24 42.09
N THR E 311 -53.99 3.21 43.40
CA THR E 311 -53.84 2.01 44.21
C THR E 311 -55.05 1.84 45.13
N GLY E 312 -56.24 2.01 44.55
CA GLY E 312 -57.46 1.85 45.32
C GLY E 312 -58.39 0.79 44.75
N LEU E 313 -58.25 0.53 43.45
CA LEU E 313 -59.09 -0.44 42.75
C LEU E 313 -58.68 -1.91 42.97
N PRO E 314 -57.39 -2.30 42.87
CA PRO E 314 -57.07 -3.74 43.00
C PRO E 314 -57.46 -4.36 44.33
N HIS E 315 -57.44 -3.59 45.43
CA HIS E 315 -57.94 -4.13 46.69
C HIS E 315 -59.43 -4.41 46.62
N MET E 316 -60.19 -3.49 46.01
CA MET E 316 -61.61 -3.73 45.78
C MET E 316 -61.85 -4.90 44.84
N ILE E 317 -60.96 -5.07 43.86
CA ILE E 317 -61.05 -6.21 42.94
C ILE E 317 -60.92 -7.52 43.71
N GLN E 318 -59.96 -7.59 44.64
CA GLN E 318 -59.79 -8.79 45.45
C GLN E 318 -60.99 -9.00 46.37
N GLU E 319 -61.53 -7.92 46.95
CA GLU E 319 -62.66 -8.05 47.87
C GLU E 319 -63.89 -8.60 47.16
N LEU E 320 -64.16 -8.13 45.93
CA LEU E 320 -65.25 -8.71 45.16
C LEU E 320 -64.95 -10.15 44.77
N GLN E 321 -63.70 -10.44 44.42
CA GLN E 321 -63.33 -11.79 43.98
C GLN E 321 -63.51 -12.79 45.11
N ASN E 322 -63.10 -12.44 46.33
CA ASN E 322 -63.30 -13.34 47.46
C ASN E 322 -64.78 -13.52 47.79
N HIS E 323 -65.56 -12.44 47.68
CA HIS E 323 -67.00 -12.54 47.98
C HIS E 323 -67.72 -13.37 46.93
N ILE E 324 -67.38 -13.19 45.65
CA ILE E 324 -67.94 -14.04 44.60
C ILE E 324 -67.50 -15.49 44.81
N HIS E 325 -66.24 -15.68 45.21
CA HIS E 325 -65.79 -17.01 45.62
C HIS E 325 -66.57 -17.51 46.81
N ASP E 326 -66.83 -16.63 47.79
CA ASP E 326 -67.67 -17.00 48.92
C ASP E 326 -69.10 -17.26 48.49
N GLU E 327 -69.64 -16.42 47.59
CA GLU E 327 -71.01 -16.62 47.12
C GLU E 327 -71.12 -17.87 46.25
N GLY E 328 -70.12 -18.12 45.41
CA GLY E 328 -70.18 -19.26 44.51
C GLY E 328 -70.10 -20.60 45.23
N LEU E 329 -69.28 -20.68 46.28
CA LEU E 329 -69.14 -21.93 47.03
C LEU E 329 -70.44 -22.30 47.74
N ARG E 330 -71.15 -21.29 48.26
CA ARG E 330 -72.38 -21.55 49.00
C ARG E 330 -73.46 -22.14 48.09
N ALA E 331 -73.56 -21.66 46.85
CA ALA E 331 -74.59 -22.13 45.94
C ALA E 331 -74.30 -23.49 45.33
N THR E 332 -73.10 -24.03 45.52
CA THR E 332 -72.73 -25.32 44.97
C THR E 332 -72.57 -26.42 46.01
N SER E 333 -72.51 -26.07 47.31
CA SER E 333 -72.32 -27.08 48.34
C SER E 333 -73.61 -27.86 48.59
N ASN E 334 -74.75 -27.18 48.58
CA ASN E 334 -76.03 -27.78 48.95
C ASN E 334 -76.75 -28.45 47.77
N LEU E 335 -76.03 -28.73 46.68
CA LEU E 335 -76.65 -29.39 45.55
C LEU E 335 -77.03 -30.83 45.87
N THR E 336 -78.21 -31.24 45.42
CA THR E 336 -78.69 -32.58 45.69
C THR E 336 -77.93 -33.61 44.85
N GLN E 337 -77.88 -34.83 45.36
CA GLN E 337 -77.21 -35.91 44.65
C GLN E 337 -78.03 -36.47 43.49
N GLU E 338 -79.33 -36.20 43.46
CA GLU E 338 -80.18 -36.79 42.42
C GLU E 338 -80.10 -35.97 41.13
N ASN E 339 -80.58 -34.73 41.17
CA ASN E 339 -80.51 -33.84 40.01
C ASN E 339 -79.29 -32.93 40.07
N MET E 340 -78.11 -33.51 40.31
CA MET E 340 -76.89 -32.71 40.38
C MET E 340 -76.49 -32.07 39.05
N PRO E 341 -76.44 -32.79 37.91
CA PRO E 341 -75.99 -32.13 36.67
C PRO E 341 -76.87 -30.98 36.22
N THR E 342 -78.18 -31.08 36.43
CA THR E 342 -79.05 -29.94 36.13
C THR E 342 -78.84 -28.80 37.12
N LEU E 343 -78.64 -29.13 38.40
CA LEU E 343 -78.49 -28.10 39.42
C LEU E 343 -77.16 -27.35 39.26
N PHE E 344 -76.07 -28.09 39.04
CA PHE E 344 -74.73 -27.50 39.08
C PHE E 344 -74.55 -26.45 38.00
N VAL E 345 -75.04 -26.73 36.78
CA VAL E 345 -74.96 -25.74 35.72
C VAL E 345 -75.85 -24.54 36.03
N GLU E 346 -77.07 -24.79 36.49
CA GLU E 346 -77.99 -23.70 36.81
C GLU E 346 -77.52 -22.92 38.04
N SER E 347 -76.88 -23.59 39.00
CA SER E 347 -76.36 -22.90 40.18
C SER E 347 -75.26 -21.92 39.80
N VAL E 348 -74.38 -22.33 38.88
CA VAL E 348 -73.33 -21.42 38.42
C VAL E 348 -73.93 -20.27 37.62
N LEU E 349 -74.88 -20.57 36.74
CA LEU E 349 -75.52 -19.52 35.94
C LEU E 349 -76.28 -18.53 36.80
N GLU E 350 -76.92 -19.00 37.87
CA GLU E 350 -77.59 -18.08 38.78
C GLU E 350 -76.60 -17.16 39.47
N VAL E 351 -75.45 -17.70 39.88
CA VAL E 351 -74.39 -16.88 40.45
C VAL E 351 -73.76 -16.00 39.38
N HIS E 352 -73.43 -16.60 38.22
CA HIS E 352 -72.79 -15.84 37.15
C HIS E 352 -73.74 -14.79 36.58
N GLY E 353 -75.02 -15.13 36.42
CA GLY E 353 -75.96 -14.20 35.81
C GLY E 353 -76.17 -12.94 36.64
N LYS E 354 -76.32 -13.10 37.95
CA LYS E 354 -76.54 -11.93 38.80
C LYS E 354 -75.28 -11.10 38.96
N PHE E 355 -74.10 -11.74 38.91
CA PHE E 355 -72.85 -10.99 39.05
C PHE E 355 -72.49 -10.24 37.77
N VAL E 356 -72.78 -10.82 36.60
CA VAL E 356 -72.69 -10.05 35.37
C VAL E 356 -73.69 -8.91 35.39
N GLN E 357 -74.91 -9.18 35.88
CA GLN E 357 -75.89 -8.12 36.08
C GLN E 357 -75.39 -7.10 37.08
N LEU E 358 -74.66 -7.56 38.11
CA LEU E 358 -74.11 -6.63 39.09
C LEU E 358 -73.00 -5.77 38.47
N ILE E 359 -72.04 -6.41 37.81
CA ILE E 359 -70.86 -5.67 37.35
C ILE E 359 -71.22 -4.73 36.21
N ASN E 360 -72.08 -5.17 35.28
CA ASN E 360 -72.42 -4.35 34.12
C ASN E 360 -73.24 -3.13 34.53
N THR E 361 -74.17 -3.29 35.47
CA THR E 361 -75.10 -2.21 35.79
C THR E 361 -74.48 -1.19 36.75
N VAL E 362 -74.19 -1.64 37.98
CA VAL E 362 -73.82 -0.68 39.03
C VAL E 362 -72.31 -0.48 39.12
N LEU E 363 -71.51 -1.41 38.60
CA LEU E 363 -70.06 -1.29 38.61
C LEU E 363 -69.51 -0.74 37.30
N ASN E 364 -70.36 -0.14 36.46
CA ASN E 364 -69.99 0.51 35.21
C ASN E 364 -69.39 -0.46 34.19
N GLY E 365 -69.52 -1.77 34.39
CA GLY E 365 -69.00 -2.74 33.44
C GLY E 365 -67.50 -2.71 33.29
N ASP E 366 -66.77 -2.56 34.39
CA ASP E 366 -65.31 -2.52 34.32
C ASP E 366 -64.74 -3.88 33.94
N GLN E 367 -63.74 -3.87 33.05
CA GLN E 367 -63.15 -5.11 32.56
C GLN E 367 -62.42 -5.86 33.66
N HIS E 368 -61.69 -5.14 34.52
CA HIS E 368 -60.98 -5.78 35.62
C HIS E 368 -61.95 -6.43 36.60
N PHE E 369 -63.07 -5.76 36.88
CA PHE E 369 -64.11 -6.37 37.70
C PHE E 369 -64.72 -7.58 37.01
N MET E 370 -64.93 -7.48 35.69
CA MET E 370 -65.34 -8.66 34.92
C MET E 370 -64.28 -9.73 34.94
N SER E 371 -63.01 -9.35 34.81
CA SER E 371 -61.92 -10.31 34.92
C SER E 371 -61.81 -10.88 36.33
N ALA E 372 -62.19 -10.10 37.35
CA ALA E 372 -62.23 -10.61 38.71
C ALA E 372 -63.27 -11.72 38.84
N LEU E 373 -64.42 -11.55 38.18
CA LEU E 373 -65.43 -12.61 38.18
C LEU E 373 -64.90 -13.86 37.47
N ASP E 374 -64.16 -13.68 36.37
CA ASP E 374 -63.59 -14.82 35.67
C ASP E 374 -62.58 -15.57 36.56
N LYS E 375 -61.74 -14.83 37.28
CA LYS E 375 -60.76 -15.47 38.16
C LYS E 375 -61.45 -16.13 39.36
N ALA E 376 -62.44 -15.46 39.94
CA ALA E 376 -63.09 -15.98 41.14
C ALA E 376 -63.95 -17.20 40.82
N LEU E 377 -64.76 -17.13 39.77
CA LEU E 377 -65.68 -18.21 39.45
C LEU E 377 -64.96 -19.43 38.91
N THR E 378 -63.74 -19.26 38.38
CA THR E 378 -63.00 -20.39 37.82
C THR E 378 -62.70 -21.43 38.91
N SER E 379 -62.28 -20.99 40.09
CA SER E 379 -62.10 -21.91 41.21
C SER E 379 -63.42 -22.37 41.79
N VAL E 380 -64.50 -21.58 41.61
CA VAL E 380 -65.80 -21.96 42.15
C VAL E 380 -66.35 -23.17 41.40
N VAL E 381 -66.37 -23.11 40.07
CA VAL E 381 -66.87 -24.22 39.28
C VAL E 381 -65.95 -25.43 39.40
N ASN E 382 -64.65 -25.19 39.60
CA ASN E 382 -63.67 -26.26 39.78
C ASN E 382 -63.51 -26.60 41.26
N TYR E 383 -64.64 -26.85 41.92
CA TYR E 383 -64.65 -27.10 43.36
C TYR E 383 -64.13 -28.52 43.59
N ARG E 384 -62.81 -28.66 43.53
CA ARG E 384 -62.15 -29.94 43.77
C ARG E 384 -62.04 -30.14 45.27
N GLU E 385 -62.76 -31.13 45.79
CA GLU E 385 -62.64 -31.47 47.20
C GLU E 385 -61.26 -32.07 47.46
N PRO E 386 -60.69 -31.81 48.64
CA PRO E 386 -59.33 -32.31 48.92
C PRO E 386 -59.25 -33.82 48.89
N LYS E 387 -58.15 -34.33 48.33
CA LYS E 387 -57.89 -35.76 48.17
C LYS E 387 -59.03 -36.46 47.42
N SER E 388 -59.44 -35.87 46.31
CA SER E 388 -60.50 -36.41 45.48
C SER E 388 -60.31 -35.90 44.06
N VAL E 389 -61.32 -36.10 43.22
CA VAL E 389 -61.31 -35.65 41.84
C VAL E 389 -62.50 -34.73 41.60
N CYS E 390 -62.30 -33.70 40.78
CA CYS E 390 -63.37 -32.77 40.45
C CYS E 390 -64.33 -33.41 39.47
N LYS E 391 -65.61 -33.46 39.82
CA LYS E 391 -66.63 -34.08 38.99
C LYS E 391 -67.25 -33.13 37.99
N ALA E 392 -66.73 -31.90 37.88
CA ALA E 392 -67.29 -30.91 36.98
C ALA E 392 -67.27 -31.33 35.50
N PRO E 393 -66.17 -31.85 34.93
CA PRO E 393 -66.26 -32.28 33.52
C PRO E 393 -67.27 -33.39 33.28
N GLU E 394 -67.41 -34.33 34.22
CA GLU E 394 -68.45 -35.34 34.11
C GLU E 394 -69.83 -34.73 34.31
N LEU E 395 -69.94 -33.74 35.21
CA LEU E 395 -71.24 -33.11 35.47
C LEU E 395 -71.73 -32.35 34.25
N LEU E 396 -70.84 -31.60 33.59
CA LEU E 396 -71.22 -30.93 32.35
C LEU E 396 -71.50 -31.92 31.23
N ALA E 397 -70.79 -33.06 31.24
CA ALA E 397 -71.08 -34.11 30.28
C ALA E 397 -72.47 -34.69 30.53
N LYS E 398 -72.80 -34.97 31.80
CA LYS E 398 -74.14 -35.46 32.13
C LYS E 398 -75.21 -34.43 31.81
N TYR E 399 -74.95 -33.16 32.13
CA TYR E 399 -75.94 -32.12 31.88
C TYR E 399 -76.23 -31.96 30.40
N CYS E 400 -75.17 -31.95 29.57
CA CYS E 400 -75.38 -31.87 28.12
C CYS E 400 -76.04 -33.14 27.59
N ASP E 401 -75.70 -34.29 28.15
CA ASP E 401 -76.28 -35.54 27.68
C ASP E 401 -77.74 -35.67 28.12
N ASN E 402 -78.07 -35.15 29.30
CA ASN E 402 -79.44 -35.24 29.80
C ASN E 402 -80.40 -34.46 28.90
N LEU E 403 -80.00 -33.26 28.48
CA LEU E 403 -80.83 -32.45 27.59
C LEU E 403 -80.81 -32.97 26.16
N LEU E 404 -79.73 -33.60 25.73
CA LEU E 404 -79.61 -34.05 24.34
C LEU E 404 -80.34 -35.36 24.09
N LYS E 405 -80.64 -36.13 25.13
CA LYS E 405 -81.46 -37.32 24.94
C LYS E 405 -82.91 -36.94 24.70
N LYS E 406 -83.60 -37.77 23.93
CA LYS E 406 -85.05 -37.65 23.83
C LYS E 406 -85.67 -37.98 25.19
N SER E 407 -86.58 -37.14 25.65
CA SER E 407 -87.07 -37.20 27.03
C SER E 407 -88.58 -37.31 27.04
N ALA E 408 -89.10 -37.90 28.12
CA ALA E 408 -90.54 -37.97 28.32
C ALA E 408 -91.14 -36.58 28.51
N LYS E 409 -90.44 -35.71 29.23
CA LYS E 409 -90.89 -34.33 29.37
C LYS E 409 -90.90 -33.61 28.03
N GLY E 410 -89.87 -33.82 27.22
CA GLY E 410 -89.83 -33.30 25.86
C GLY E 410 -89.83 -31.79 25.75
N MET E 411 -88.75 -31.15 26.18
CA MET E 411 -88.62 -29.72 25.99
C MET E 411 -88.47 -29.40 24.50
N THR E 412 -88.89 -28.20 24.12
CA THR E 412 -88.97 -27.85 22.70
C THR E 412 -87.58 -27.68 22.10
N GLU E 413 -87.55 -27.68 20.76
CA GLU E 413 -86.29 -27.55 20.04
C GLU E 413 -85.65 -26.19 20.30
N ASN E 414 -86.44 -25.13 20.32
CA ASN E 414 -85.92 -23.79 20.59
C ASN E 414 -85.49 -23.61 22.03
N GLU E 415 -86.02 -24.42 22.95
CA GLU E 415 -85.66 -24.31 24.36
C GLU E 415 -84.22 -24.73 24.61
N VAL E 416 -83.73 -25.72 23.87
CA VAL E 416 -82.37 -26.22 24.08
C VAL E 416 -81.34 -25.19 23.66
N GLU E 417 -81.60 -24.45 22.57
CA GLU E 417 -80.61 -23.54 22.00
C GLU E 417 -80.29 -22.40 22.96
N ASP E 418 -81.30 -21.81 23.60
CA ASP E 418 -81.02 -20.80 24.62
C ASP E 418 -80.39 -21.42 25.86
N ARG E 419 -80.80 -22.64 26.21
CA ARG E 419 -80.20 -23.33 27.34
C ARG E 419 -78.74 -23.69 27.05
N LEU E 420 -78.44 -24.12 25.83
CA LEU E 420 -77.07 -24.50 25.50
C LEU E 420 -76.16 -23.28 25.40
N THR E 421 -76.69 -22.12 25.02
CA THR E 421 -75.88 -20.91 24.93
C THR E 421 -75.36 -20.51 26.30
N SER E 422 -76.21 -20.58 27.33
CA SER E 422 -75.75 -20.33 28.69
C SER E 422 -74.84 -21.46 29.18
N PHE E 423 -75.00 -22.66 28.64
CA PHE E 423 -74.14 -23.77 29.04
C PHE E 423 -72.71 -23.56 28.58
N ILE E 424 -72.52 -22.86 27.46
CA ILE E 424 -71.18 -22.55 26.98
C ILE E 424 -70.45 -21.64 27.95
N THR E 425 -71.17 -20.69 28.56
CA THR E 425 -70.55 -19.76 29.50
C THR E 425 -70.00 -20.49 30.72
N VAL E 426 -70.71 -21.50 31.20
CA VAL E 426 -70.18 -22.35 32.27
C VAL E 426 -68.97 -23.14 31.76
N PHE E 427 -69.06 -23.63 30.53
CA PHE E 427 -67.97 -24.43 29.97
C PHE E 427 -66.70 -23.61 29.76
N LYS E 428 -66.85 -22.29 29.60
CA LYS E 428 -65.68 -21.43 29.44
C LYS E 428 -64.77 -21.49 30.66
N TYR E 429 -65.33 -21.69 31.84
CA TYR E 429 -64.56 -21.92 33.06
C TYR E 429 -64.77 -23.39 33.44
N ILE E 430 -63.90 -24.25 32.93
CA ILE E 430 -63.86 -25.63 33.42
C ILE E 430 -62.46 -26.12 33.74
N ASP E 431 -61.40 -25.53 33.17
CA ASP E 431 -60.00 -25.84 33.46
C ASP E 431 -59.63 -27.30 33.18
N ASP E 432 -60.57 -28.08 32.66
CA ASP E 432 -60.37 -29.50 32.36
C ASP E 432 -61.07 -29.87 31.06
N LYS E 433 -60.87 -29.04 30.03
CA LYS E 433 -61.57 -29.22 28.76
C LYS E 433 -61.27 -30.57 28.12
N ASP E 434 -60.05 -31.08 28.29
CA ASP E 434 -59.72 -32.40 27.75
C ASP E 434 -60.48 -33.50 28.49
N VAL E 435 -60.73 -33.33 29.78
CA VAL E 435 -61.51 -34.31 30.53
C VAL E 435 -62.95 -34.33 30.03
N PHE E 436 -63.50 -33.15 29.71
CA PHE E 436 -64.85 -33.10 29.17
C PHE E 436 -64.91 -33.72 27.77
N GLN E 437 -63.85 -33.53 26.98
CA GLN E 437 -63.86 -34.01 25.60
C GLN E 437 -63.99 -35.53 25.52
N LYS E 438 -63.20 -36.24 26.32
CA LYS E 438 -63.30 -37.70 26.33
C LYS E 438 -64.64 -38.16 26.89
N PHE E 439 -65.13 -37.51 27.95
CA PHE E 439 -66.42 -37.89 28.51
C PHE E 439 -67.57 -37.58 27.56
N TYR E 440 -67.53 -36.43 26.90
CA TYR E 440 -68.59 -36.09 25.95
C TYR E 440 -68.54 -36.98 24.72
N ALA E 441 -67.35 -37.42 24.32
CA ALA E 441 -67.24 -38.31 23.16
C ALA E 441 -67.93 -39.65 23.42
N ARG E 442 -67.75 -40.20 24.63
CA ARG E 442 -68.43 -41.44 24.97
C ARG E 442 -69.94 -41.24 25.04
N MET E 443 -70.39 -40.12 25.62
CA MET E 443 -71.82 -39.85 25.69
C MET E 443 -72.40 -39.54 24.32
N LEU E 444 -71.59 -38.96 23.43
CA LEU E 444 -72.02 -38.81 22.04
C LEU E 444 -72.16 -40.15 21.35
N ALA E 445 -71.33 -41.12 21.71
CA ALA E 445 -71.42 -42.46 21.11
C ALA E 445 -72.74 -43.12 21.47
N LYS E 446 -73.07 -43.17 22.76
CA LYS E 446 -74.32 -43.80 23.19
C LYS E 446 -75.54 -43.07 22.66
N ARG E 447 -75.39 -41.82 22.23
CA ARG E 447 -76.46 -41.05 21.60
C ARG E 447 -76.50 -41.23 20.09
N LEU E 448 -75.56 -41.97 19.51
CA LEU E 448 -75.46 -42.05 18.05
C LEU E 448 -75.65 -43.46 17.51
N ILE E 449 -74.97 -44.46 18.07
CA ILE E 449 -75.17 -45.84 17.63
C ILE E 449 -76.60 -46.29 17.94
N HIS E 450 -77.07 -46.03 19.15
CA HIS E 450 -78.42 -46.43 19.53
C HIS E 450 -79.49 -45.49 19.03
N GLY E 451 -79.11 -44.37 18.40
CA GLY E 451 -80.09 -43.41 17.94
C GLY E 451 -80.79 -42.66 19.05
N LEU E 452 -80.24 -42.67 20.26
CA LEU E 452 -80.87 -42.05 21.42
C LEU E 452 -80.45 -40.58 21.50
N SER E 453 -81.00 -39.80 20.57
CA SER E 453 -80.72 -38.37 20.48
C SER E 453 -82.01 -37.61 20.28
N MET E 454 -82.02 -36.35 20.72
CA MET E 454 -83.20 -35.51 20.54
C MET E 454 -83.46 -35.23 19.07
N SER E 455 -82.42 -34.79 18.35
CA SER E 455 -82.52 -34.56 16.92
C SER E 455 -81.11 -34.58 16.34
N MET E 456 -81.03 -34.79 15.02
CA MET E 456 -79.73 -34.80 14.36
C MET E 456 -79.11 -33.41 14.37
N ASP E 457 -79.90 -32.39 14.03
CA ASP E 457 -79.37 -31.02 13.97
C ASP E 457 -79.05 -30.47 15.35
N SER E 458 -79.66 -31.00 16.41
CA SER E 458 -79.31 -30.57 17.76
C SER E 458 -77.87 -30.94 18.10
N GLU E 459 -77.44 -32.13 17.69
CA GLU E 459 -76.05 -32.54 17.90
C GLU E 459 -75.11 -31.67 17.08
N GLU E 460 -75.49 -31.34 15.84
CA GLU E 460 -74.67 -30.45 15.02
C GLU E 460 -74.58 -29.06 15.65
N ALA E 461 -75.71 -28.55 16.15
CA ALA E 461 -75.70 -27.26 16.84
C ALA E 461 -74.85 -27.31 18.09
N MET E 462 -74.96 -28.40 18.86
CA MET E 462 -74.18 -28.55 20.08
C MET E 462 -72.68 -28.64 19.78
N ILE E 463 -72.31 -29.39 18.74
CA ILE E 463 -70.91 -29.51 18.36
C ILE E 463 -70.37 -28.18 17.86
N ASN E 464 -71.16 -27.47 17.05
CA ASN E 464 -70.70 -26.20 16.48
C ASN E 464 -70.50 -25.15 17.56
N LYS E 465 -71.34 -25.15 18.59
CA LYS E 465 -71.15 -24.23 19.71
C LYS E 465 -69.86 -24.54 20.47
N LEU E 466 -69.53 -25.83 20.59
CA LEU E 466 -68.26 -26.22 21.20
C LEU E 466 -67.09 -25.75 20.36
N LYS E 467 -67.21 -25.84 19.04
CA LYS E 467 -66.14 -25.37 18.15
C LYS E 467 -65.95 -23.86 18.26
N GLN E 468 -67.02 -23.12 18.52
CA GLN E 468 -66.91 -21.68 18.73
C GLN E 468 -66.27 -21.33 20.07
N ALA E 469 -66.09 -22.30 20.97
CA ALA E 469 -65.58 -22.04 22.30
C ALA E 469 -64.15 -22.49 22.51
N CYS E 470 -63.69 -23.53 21.82
CA CYS E 470 -62.37 -24.09 22.06
C CYS E 470 -61.65 -24.39 20.76
N GLY E 471 -61.86 -23.56 19.75
CA GLY E 471 -61.17 -23.77 18.49
C GLY E 471 -61.72 -24.96 17.72
N TYR E 472 -60.91 -25.44 16.77
CA TYR E 472 -61.30 -26.54 15.90
C TYR E 472 -60.73 -27.88 16.32
N GLU E 473 -59.50 -27.90 16.86
CA GLU E 473 -58.88 -29.17 17.25
C GLU E 473 -59.57 -29.81 18.44
N PHE E 474 -60.37 -29.06 19.19
CA PHE E 474 -61.11 -29.62 20.31
C PHE E 474 -62.31 -30.44 19.86
N THR E 475 -62.94 -30.05 18.75
CA THR E 475 -64.14 -30.71 18.27
C THR E 475 -63.93 -31.46 16.97
N SER E 476 -62.68 -31.61 16.53
CA SER E 476 -62.42 -32.28 15.25
C SER E 476 -62.83 -33.74 15.29
N LYS E 477 -62.54 -34.43 16.41
CA LYS E 477 -62.98 -35.81 16.54
C LYS E 477 -64.49 -35.90 16.60
N LEU E 478 -65.13 -35.00 17.36
CA LEU E 478 -66.59 -35.03 17.48
C LEU E 478 -67.25 -34.68 16.15
N HIS E 479 -66.70 -33.71 15.41
CA HIS E 479 -67.27 -33.37 14.11
C HIS E 479 -67.10 -34.51 13.11
N ARG E 480 -65.99 -35.25 13.22
CA ARG E 480 -65.82 -36.45 12.39
C ARG E 480 -66.83 -37.52 12.76
N MET E 481 -67.21 -37.60 14.03
CA MET E 481 -68.27 -38.53 14.43
C MET E 481 -69.60 -38.13 13.82
N TYR E 482 -69.92 -36.84 13.84
CA TYR E 482 -71.18 -36.38 13.26
C TYR E 482 -71.21 -36.57 11.75
N THR E 483 -70.08 -36.35 11.10
CA THR E 483 -70.02 -36.52 9.64
C THR E 483 -70.29 -37.97 9.25
N ASP E 484 -69.65 -38.92 9.94
CA ASP E 484 -69.82 -40.32 9.61
C ASP E 484 -71.24 -40.81 9.92
N MET E 485 -71.80 -40.38 11.04
CA MET E 485 -73.17 -40.78 11.39
C MET E 485 -74.21 -40.16 10.46
N SER E 486 -73.89 -39.04 9.82
CA SER E 486 -74.82 -38.41 8.90
C SER E 486 -74.77 -39.02 7.50
N VAL E 487 -73.56 -39.34 7.04
CA VAL E 487 -73.42 -39.92 5.70
C VAL E 487 -73.79 -41.40 5.71
N SER E 488 -73.90 -42.01 6.89
CA SER E 488 -74.17 -43.43 6.97
C SER E 488 -75.56 -43.78 6.43
N ALA E 489 -76.47 -42.81 6.42
CA ALA E 489 -77.77 -43.01 5.80
C ALA E 489 -77.61 -43.24 4.29
N ASP E 490 -76.72 -42.49 3.65
CA ASP E 490 -76.47 -42.68 2.23
C ASP E 490 -75.71 -43.97 1.96
N LEU E 491 -74.87 -44.40 2.90
CA LEU E 491 -74.09 -45.62 2.71
C LEU E 491 -74.98 -46.85 2.62
N ASN E 492 -76.00 -46.94 3.48
CA ASN E 492 -76.89 -48.09 3.44
C ASN E 492 -77.71 -48.14 2.16
N ASN E 493 -78.16 -46.98 1.68
CA ASN E 493 -78.84 -46.93 0.39
C ASN E 493 -77.88 -47.27 -0.74
N LYS E 494 -76.61 -46.84 -0.63
CA LYS E 494 -75.62 -47.14 -1.65
C LYS E 494 -75.33 -48.64 -1.71
N PHE E 495 -75.26 -49.29 -0.54
CA PHE E 495 -75.11 -50.74 -0.52
C PHE E 495 -76.36 -51.45 -1.04
N ASN E 496 -77.54 -50.89 -0.76
CA ASN E 496 -78.77 -51.47 -1.28
C ASN E 496 -78.82 -51.43 -2.79
N ASN E 497 -78.17 -50.44 -3.41
CA ASN E 497 -78.01 -50.43 -4.86
C ASN E 497 -77.08 -51.55 -5.31
N PHE E 498 -76.06 -51.85 -4.50
CA PHE E 498 -75.10 -52.89 -4.85
C PHE E 498 -75.77 -54.26 -4.92
N ILE E 499 -76.71 -54.52 -4.02
CA ILE E 499 -77.47 -55.77 -4.06
C ILE E 499 -78.26 -55.86 -5.37
N LYS E 500 -78.90 -54.77 -5.77
CA LYS E 500 -79.56 -54.73 -7.06
C LYS E 500 -78.57 -54.67 -8.22
N ASN E 501 -77.31 -54.31 -7.94
CA ASN E 501 -76.28 -54.28 -8.97
C ASN E 501 -75.61 -55.64 -9.17
N GLN E 502 -75.93 -56.63 -8.34
CA GLN E 502 -75.30 -57.94 -8.46
C GLN E 502 -76.01 -58.78 -9.52
N ASP E 503 -75.26 -59.74 -10.06
CA ASP E 503 -75.81 -60.63 -11.08
C ASP E 503 -76.91 -61.51 -10.51
N THR E 504 -76.72 -62.02 -9.30
CA THR E 504 -77.68 -62.89 -8.65
C THR E 504 -78.23 -62.22 -7.40
N VAL E 505 -79.49 -62.54 -7.08
CA VAL E 505 -80.11 -62.01 -5.88
C VAL E 505 -79.49 -62.67 -4.65
N ILE E 506 -79.37 -61.88 -3.57
CA ILE E 506 -78.75 -62.34 -2.34
C ILE E 506 -79.79 -62.27 -1.24
N ASP E 507 -79.96 -63.38 -0.51
CA ASP E 507 -80.91 -63.46 0.58
C ASP E 507 -80.17 -63.23 1.91
N LEU E 508 -80.82 -62.51 2.81
CA LEU E 508 -80.26 -62.09 4.08
C LEU E 508 -81.42 -61.61 4.95
N GLY E 509 -81.11 -60.97 6.08
CA GLY E 509 -82.14 -60.45 6.96
C GLY E 509 -82.75 -59.17 6.42
N ILE E 510 -82.99 -58.19 7.30
CA ILE E 510 -83.48 -56.89 6.83
C ILE E 510 -82.33 -56.17 6.13
N SER E 511 -82.66 -55.12 5.38
CA SER E 511 -81.62 -54.32 4.72
C SER E 511 -80.71 -53.70 5.77
N PHE E 512 -79.42 -53.63 5.45
CA PHE E 512 -78.44 -53.21 6.42
C PHE E 512 -78.61 -51.75 6.83
N GLN E 513 -78.28 -51.48 8.09
CA GLN E 513 -78.28 -50.15 8.68
C GLN E 513 -76.91 -49.83 9.24
N ILE E 514 -75.87 -50.19 8.47
CA ILE E 514 -74.50 -50.14 8.97
C ILE E 514 -74.11 -48.72 9.34
N TYR E 515 -73.28 -48.60 10.37
CA TYR E 515 -72.90 -47.34 10.97
C TYR E 515 -71.39 -47.22 10.96
N VAL E 516 -70.79 -47.36 9.78
CA VAL E 516 -69.34 -47.29 9.60
C VAL E 516 -68.78 -45.98 10.16
N LEU E 517 -67.89 -46.09 11.14
CA LEU E 517 -67.29 -44.94 11.80
C LEU E 517 -65.78 -44.93 11.60
N GLN E 518 -65.20 -43.74 11.57
CA GLN E 518 -63.76 -43.60 11.44
C GLN E 518 -63.08 -44.00 12.74
N ALA E 519 -62.25 -45.04 12.67
CA ALA E 519 -61.60 -45.56 13.87
C ALA E 519 -60.57 -44.60 14.45
N GLY E 520 -60.04 -43.67 13.63
CA GLY E 520 -59.04 -42.76 14.12
C GLY E 520 -59.55 -41.78 15.16
N ALA E 521 -60.75 -41.24 14.94
CA ALA E 521 -61.28 -40.18 15.79
C ALA E 521 -62.37 -40.64 16.75
N TRP E 522 -63.03 -41.76 16.47
CA TRP E 522 -64.12 -42.20 17.33
C TRP E 522 -63.56 -42.75 18.64
N PRO E 523 -64.24 -42.49 19.77
CA PRO E 523 -63.75 -43.01 21.05
C PRO E 523 -63.98 -44.49 21.25
N LEU E 524 -64.66 -45.17 20.33
CA LEU E 524 -64.86 -46.60 20.44
C LEU E 524 -63.54 -47.33 20.23
N THR E 525 -63.30 -48.34 21.07
CA THR E 525 -62.04 -49.08 21.05
C THR E 525 -62.35 -50.55 21.26
N GLN E 526 -61.58 -51.41 20.58
CA GLN E 526 -61.73 -52.86 20.70
C GLN E 526 -61.15 -53.32 22.03
N ALA E 527 -61.83 -52.90 23.12
CA ALA E 527 -61.46 -53.36 24.44
C ALA E 527 -61.68 -54.86 24.63
N PRO E 528 -62.83 -55.45 24.27
CA PRO E 528 -62.92 -56.92 24.34
C PRO E 528 -62.14 -57.57 23.21
N SER E 529 -61.51 -58.70 23.54
CA SER E 529 -60.76 -59.48 22.56
C SER E 529 -61.41 -60.82 22.28
N SER E 530 -62.69 -60.97 22.61
CA SER E 530 -63.39 -62.21 22.38
C SER E 530 -63.57 -62.44 20.88
N THR E 531 -63.24 -63.66 20.43
CA THR E 531 -63.39 -64.03 19.02
C THR E 531 -64.84 -64.46 18.78
N PHE E 532 -65.70 -63.45 18.71
CA PHE E 532 -67.13 -63.69 18.55
C PHE E 532 -67.42 -64.04 17.10
N ALA E 533 -67.79 -65.29 16.84
CA ALA E 533 -68.15 -65.70 15.50
C ALA E 533 -69.54 -65.21 15.14
N ILE E 534 -69.71 -64.83 13.87
CA ILE E 534 -71.01 -64.40 13.36
C ILE E 534 -71.83 -65.63 13.03
N PRO E 535 -73.16 -65.56 13.08
CA PRO E 535 -73.98 -66.74 12.77
C PRO E 535 -73.85 -67.15 11.31
N GLN E 536 -74.11 -68.44 11.07
CA GLN E 536 -74.07 -68.96 9.70
C GLN E 536 -75.14 -68.33 8.83
N GLU E 537 -76.32 -68.09 9.39
CA GLU E 537 -77.36 -67.32 8.70
C GLU E 537 -76.86 -65.92 8.37
N LEU E 538 -76.08 -65.33 9.26
CA LEU E 538 -75.56 -63.98 9.10
C LEU E 538 -74.19 -63.94 8.42
N GLU E 539 -73.59 -65.10 8.15
CA GLU E 539 -72.22 -65.13 7.64
C GLU E 539 -72.13 -64.55 6.24
N LYS E 540 -73.00 -64.98 5.33
CA LYS E 540 -72.99 -64.44 3.97
C LYS E 540 -73.41 -62.98 3.95
N SER E 541 -74.15 -62.52 4.96
CA SER E 541 -74.55 -61.12 5.02
C SER E 541 -73.35 -60.21 5.20
N VAL E 542 -72.40 -60.60 6.06
CA VAL E 542 -71.20 -59.79 6.28
C VAL E 542 -70.33 -59.76 5.03
N GLN E 543 -70.14 -60.93 4.39
CA GLN E 543 -69.23 -61.03 3.25
C GLN E 543 -69.71 -60.20 2.06
N MET E 544 -71.02 -60.09 1.87
CA MET E 544 -71.56 -59.26 0.80
C MET E 544 -71.23 -57.79 1.03
N PHE E 545 -71.37 -57.32 2.27
CA PHE E 545 -71.03 -55.94 2.58
C PHE E 545 -69.52 -55.72 2.51
N GLU E 546 -68.74 -56.71 2.94
CA GLU E 546 -67.29 -56.63 2.83
C GLU E 546 -66.84 -56.59 1.37
N LEU E 547 -67.47 -57.42 0.53
CA LEU E 547 -67.16 -57.40 -0.90
C LEU E 547 -67.59 -56.08 -1.53
N PHE E 548 -68.74 -55.55 -1.13
CA PHE E 548 -69.19 -54.25 -1.63
C PHE E 548 -68.26 -53.13 -1.20
N TYR E 549 -67.77 -53.19 0.04
CA TYR E 549 -66.96 -52.10 0.57
C TYR E 549 -65.65 -51.97 -0.17
N SER E 550 -65.12 -53.08 -0.70
CA SER E 550 -63.94 -53.05 -1.55
C SER E 550 -64.24 -52.47 -2.94
N GLN E 551 -65.50 -52.39 -3.33
CA GLN E 551 -65.86 -51.82 -4.62
C GLN E 551 -65.99 -50.30 -4.57
N HIS E 552 -66.67 -49.79 -3.55
CA HIS E 552 -66.89 -48.35 -3.42
C HIS E 552 -65.91 -47.67 -2.49
N PHE E 553 -65.04 -48.44 -1.82
CA PHE E 553 -63.94 -47.91 -1.05
C PHE E 553 -62.74 -48.81 -1.28
N SER E 554 -61.59 -48.39 -0.78
CA SER E 554 -60.35 -49.10 -1.08
C SER E 554 -59.35 -48.93 0.06
N GLY E 555 -58.63 -50.02 0.35
CA GLY E 555 -57.61 -50.01 1.38
C GLY E 555 -58.14 -49.70 2.76
N ARG E 556 -59.25 -50.33 3.14
CA ARG E 556 -59.96 -49.97 4.35
C ARG E 556 -59.87 -51.04 5.43
N LYS E 557 -60.27 -52.28 5.14
CA LYS E 557 -60.11 -53.43 6.05
C LYS E 557 -60.80 -53.19 7.39
N LEU E 558 -62.13 -53.18 7.31
CA LEU E 558 -63.00 -52.93 8.47
C LEU E 558 -62.61 -53.79 9.67
N THR E 559 -62.72 -53.19 10.85
CA THR E 559 -62.63 -53.91 12.12
C THR E 559 -64.05 -54.08 12.62
N TRP E 560 -64.56 -55.31 12.59
CA TRP E 560 -65.97 -55.57 12.86
C TRP E 560 -66.23 -55.48 14.36
N LEU E 561 -66.71 -54.33 14.80
CA LEU E 561 -67.13 -54.18 16.19
C LEU E 561 -68.39 -55.01 16.44
N HIS E 562 -68.43 -55.67 17.60
CA HIS E 562 -69.54 -56.57 17.89
C HIS E 562 -70.22 -56.21 19.21
N TYR E 563 -69.45 -55.69 20.17
CA TYR E 563 -70.00 -55.41 21.50
C TYR E 563 -70.99 -54.25 21.49
N LEU E 564 -71.09 -53.49 20.41
CA LEU E 564 -72.14 -52.50 20.24
C LEU E 564 -73.06 -52.82 19.07
N CYS E 565 -73.06 -54.06 18.58
CA CYS E 565 -73.92 -54.47 17.48
C CYS E 565 -75.18 -55.12 18.03
N THR E 566 -76.34 -54.64 17.58
CA THR E 566 -77.62 -55.10 18.10
C THR E 566 -78.53 -55.57 16.97
N GLY E 567 -79.80 -55.83 17.28
CA GLY E 567 -80.73 -56.27 16.27
C GLY E 567 -81.98 -56.86 16.90
N GLU E 568 -82.68 -57.68 16.12
CA GLU E 568 -83.93 -58.30 16.56
C GLU E 568 -83.90 -59.79 16.21
N VAL E 569 -84.90 -60.49 16.75
CA VAL E 569 -85.07 -61.92 16.50
C VAL E 569 -86.54 -62.26 16.70
N LYS E 570 -87.06 -63.17 15.88
CA LYS E 570 -88.43 -63.64 16.00
C LYS E 570 -88.42 -64.89 16.87
N MET E 571 -89.00 -64.77 18.08
CA MET E 571 -89.06 -65.88 19.03
C MET E 571 -90.36 -66.68 18.81
N ASN E 572 -90.34 -67.48 17.75
CA ASN E 572 -91.53 -68.22 17.33
C ASN E 572 -91.67 -69.49 18.17
N TYR E 573 -92.01 -69.32 19.44
CA TYR E 573 -92.25 -70.47 20.31
C TYR E 573 -93.43 -70.21 21.22
N LEU E 574 -94.08 -69.06 21.06
CA LEU E 574 -95.07 -68.59 22.02
C LEU E 574 -96.44 -68.55 21.34
N GLY E 575 -97.49 -68.24 22.12
CA GLY E 575 -98.84 -68.23 21.57
C GLY E 575 -99.05 -67.19 20.48
N LYS E 576 -98.44 -66.02 20.63
CA LYS E 576 -98.49 -65.01 19.58
C LYS E 576 -97.06 -64.54 19.32
N PRO E 577 -96.76 -64.03 18.13
CA PRO E 577 -95.38 -63.61 17.83
C PRO E 577 -94.94 -62.44 18.70
N TYR E 578 -93.70 -62.52 19.19
CA TYR E 578 -93.09 -61.47 19.99
C TYR E 578 -91.87 -60.91 19.27
N VAL E 579 -91.63 -59.61 19.48
CA VAL E 579 -90.53 -58.90 18.86
C VAL E 579 -89.67 -58.31 19.96
N ALA E 580 -88.37 -58.59 19.94
CA ALA E 580 -87.45 -58.12 20.96
C ALA E 580 -86.17 -57.61 20.32
N MET E 581 -85.77 -56.40 20.69
CA MET E 581 -84.46 -55.88 20.34
C MET E 581 -83.39 -56.62 21.13
N VAL E 582 -82.38 -57.15 20.42
CA VAL E 582 -81.38 -58.00 21.04
C VAL E 582 -79.99 -57.60 20.53
N THR E 583 -79.02 -57.59 21.43
CA THR E 583 -77.63 -57.40 21.04
C THR E 583 -77.10 -58.68 20.39
N THR E 584 -76.06 -58.52 19.56
CA THR E 584 -75.57 -59.65 18.78
C THR E 584 -74.86 -60.69 19.64
N TYR E 585 -74.35 -60.32 20.81
CA TYR E 585 -73.80 -61.31 21.73
C TYR E 585 -74.89 -62.23 22.25
N GLN E 586 -76.05 -61.67 22.61
CA GLN E 586 -77.18 -62.46 23.02
C GLN E 586 -78.03 -62.94 21.85
N MET E 587 -77.82 -62.41 20.66
CA MET E 587 -78.51 -62.91 19.47
C MET E 587 -77.96 -64.25 19.02
N ALA E 588 -76.63 -64.40 19.03
CA ALA E 588 -76.02 -65.65 18.56
C ALA E 588 -76.29 -66.80 19.52
N VAL E 589 -76.33 -66.54 20.83
CA VAL E 589 -76.60 -67.61 21.78
C VAL E 589 -78.04 -68.07 21.72
N LEU E 590 -78.95 -67.24 21.17
CA LEU E 590 -80.32 -67.69 20.96
C LEU E 590 -80.42 -68.70 19.84
N LEU E 591 -79.48 -68.69 18.88
CA LEU E 591 -79.46 -69.71 17.84
C LEU E 591 -79.20 -71.10 18.40
N ALA E 592 -78.57 -71.20 19.57
CA ALA E 592 -78.46 -72.49 20.24
C ALA E 592 -79.82 -73.01 20.66
N PHE E 593 -80.70 -72.12 21.13
CA PHE E 593 -82.05 -72.52 21.52
C PHE E 593 -82.83 -73.09 20.34
N ASN E 594 -82.71 -72.46 19.16
CA ASN E 594 -83.35 -73.00 17.97
C ASN E 594 -82.68 -74.30 17.54
N ASN E 595 -81.38 -74.44 17.76
CA ASN E 595 -80.69 -75.67 17.41
C ASN E 595 -81.08 -76.81 18.35
N SER E 596 -81.09 -76.53 19.66
CA SER E 596 -81.44 -77.55 20.65
C SER E 596 -81.88 -76.86 21.93
N GLU E 597 -83.05 -77.24 22.45
CA GLU E 597 -83.55 -76.64 23.67
C GLU E 597 -82.64 -76.94 24.86
N THR E 598 -82.13 -78.17 24.93
CA THR E 598 -81.14 -78.51 25.95
C THR E 598 -79.79 -77.93 25.57
N VAL E 599 -79.16 -77.23 26.50
CA VAL E 599 -77.89 -76.54 26.23
C VAL E 599 -77.17 -76.33 27.55
N SER E 600 -75.85 -76.54 27.51
CA SER E 600 -74.98 -76.33 28.66
C SER E 600 -74.05 -75.14 28.39
N TYR E 601 -73.22 -74.83 29.38
CA TYR E 601 -72.23 -73.77 29.20
C TYR E 601 -71.21 -74.13 28.14
N LYS E 602 -70.74 -75.39 28.14
CA LYS E 602 -69.76 -75.83 27.16
C LYS E 602 -70.36 -75.98 25.78
N GLU E 603 -71.69 -76.07 25.67
CA GLU E 603 -72.34 -76.07 24.36
C GLU E 603 -72.24 -74.70 23.69
N LEU E 604 -72.09 -73.63 24.48
CA LEU E 604 -71.91 -72.29 23.94
C LEU E 604 -70.44 -71.96 23.68
N GLN E 605 -69.50 -72.73 24.25
CA GLN E 605 -68.09 -72.48 24.02
C GLN E 605 -67.72 -72.73 22.56
N ASP E 606 -68.23 -73.82 21.98
CA ASP E 606 -68.00 -74.13 20.58
C ASP E 606 -69.05 -73.52 19.66
N SER E 607 -69.76 -72.50 20.13
CA SER E 607 -70.77 -71.80 19.33
C SER E 607 -70.38 -70.35 19.04
N THR E 608 -69.92 -69.62 20.05
CA THR E 608 -69.57 -68.21 19.89
C THR E 608 -68.09 -67.93 20.03
N GLN E 609 -67.33 -68.81 20.69
CA GLN E 609 -65.89 -68.65 20.92
C GLN E 609 -65.56 -67.33 21.63
N MET E 610 -66.44 -66.94 22.55
CA MET E 610 -66.29 -65.67 23.25
C MET E 610 -65.65 -65.88 24.62
N ASN E 611 -65.27 -64.78 25.25
CA ASN E 611 -64.68 -64.83 26.57
C ASN E 611 -65.72 -65.22 27.62
N GLU E 612 -65.23 -65.71 28.76
CA GLU E 612 -66.13 -66.20 29.80
C GLU E 612 -66.89 -65.07 30.47
N LYS E 613 -66.31 -63.86 30.51
CA LYS E 613 -67.00 -62.73 31.14
C LYS E 613 -68.17 -62.26 30.29
N GLU E 614 -67.95 -62.11 28.98
CA GLU E 614 -69.03 -61.71 28.09
C GLU E 614 -70.07 -62.81 27.93
N LEU E 615 -69.64 -64.08 27.96
CA LEU E 615 -70.60 -65.17 27.95
C LEU E 615 -71.44 -65.19 29.22
N THR E 616 -70.82 -64.92 30.37
CA THR E 616 -71.58 -64.82 31.61
C THR E 616 -72.57 -63.67 31.57
N LYS E 617 -72.17 -62.54 30.98
CA LYS E 617 -73.05 -61.37 30.91
C LYS E 617 -74.26 -61.61 30.02
N THR E 618 -74.14 -62.51 29.04
CA THR E 618 -75.27 -62.80 28.16
C THR E 618 -76.38 -63.51 28.91
N ILE E 619 -76.05 -64.58 29.65
CA ILE E 619 -77.04 -65.25 30.47
C ILE E 619 -77.46 -64.37 31.64
N LYS E 620 -76.52 -63.59 32.19
CA LYS E 620 -76.88 -62.65 33.26
C LYS E 620 -77.87 -61.60 32.78
N SER E 621 -77.84 -61.26 31.49
CA SER E 621 -78.87 -60.42 30.91
C SER E 621 -80.09 -61.21 30.46
N LEU E 622 -80.05 -62.54 30.56
CA LEU E 622 -81.19 -63.38 30.21
C LEU E 622 -81.88 -63.99 31.42
N LEU E 623 -81.15 -64.24 32.51
CA LEU E 623 -81.75 -64.83 33.70
C LEU E 623 -82.54 -63.81 34.50
N ASP E 624 -82.09 -62.55 34.53
CA ASP E 624 -82.81 -61.53 35.28
C ASP E 624 -84.12 -61.15 34.59
N VAL E 625 -84.16 -61.23 33.26
CA VAL E 625 -85.38 -60.92 32.51
C VAL E 625 -86.28 -62.15 32.38
N LYS E 626 -85.89 -63.28 32.98
CA LYS E 626 -86.61 -64.56 32.99
C LYS E 626 -86.99 -65.05 31.59
N MET E 627 -86.29 -64.57 30.56
CA MET E 627 -86.48 -65.10 29.22
C MET E 627 -86.02 -66.56 29.15
N ILE E 628 -84.93 -66.89 29.83
CA ILE E 628 -84.46 -68.25 29.95
C ILE E 628 -84.62 -68.70 31.40
N ASN E 629 -84.59 -70.01 31.60
CA ASN E 629 -84.72 -70.61 32.92
C ASN E 629 -83.56 -71.56 33.19
N HIS E 630 -82.73 -71.21 34.17
CA HIS E 630 -81.57 -72.02 34.53
C HIS E 630 -82.05 -73.30 35.19
N ASP E 631 -81.90 -74.42 34.48
CA ASP E 631 -82.41 -75.71 34.96
C ASP E 631 -81.58 -76.30 36.09
N SER E 632 -80.40 -75.75 36.37
CA SER E 632 -79.59 -76.24 37.46
C SER E 632 -80.23 -75.89 38.81
N GLU E 633 -79.86 -76.64 39.84
CA GLU E 633 -80.39 -76.41 41.18
C GLU E 633 -79.96 -75.03 41.70
N LYS E 634 -78.70 -74.67 41.49
CA LYS E 634 -78.20 -73.36 41.87
C LYS E 634 -78.29 -72.41 40.68
N GLU E 635 -78.84 -71.22 40.91
CA GLU E 635 -79.09 -70.26 39.84
C GLU E 635 -77.87 -69.39 39.53
N ASP E 636 -76.78 -69.54 40.27
CA ASP E 636 -75.58 -68.76 40.00
C ASP E 636 -74.80 -69.37 38.85
N ILE E 637 -73.64 -68.78 38.55
CA ILE E 637 -72.81 -69.25 37.45
C ILE E 637 -72.10 -70.54 37.85
N ASP E 638 -71.98 -71.47 36.92
CA ASP E 638 -71.31 -72.74 37.14
C ASP E 638 -70.82 -73.30 35.83
N ALA E 639 -69.94 -74.30 35.92
CA ALA E 639 -69.32 -74.88 34.72
C ALA E 639 -70.33 -75.62 33.86
N GLU E 640 -71.33 -76.26 34.47
CA GLU E 640 -72.34 -76.97 33.69
C GLU E 640 -73.29 -76.01 33.00
N SER E 641 -74.05 -75.25 33.79
CA SER E 641 -75.02 -74.26 33.32
C SER E 641 -75.98 -74.85 32.29
N SER E 642 -76.74 -75.84 32.73
CA SER E 642 -77.78 -76.46 31.91
C SER E 642 -79.06 -75.64 32.04
N PHE E 643 -79.59 -75.20 30.90
CA PHE E 643 -80.82 -74.42 30.90
C PHE E 643 -81.55 -74.67 29.59
N SER E 644 -82.72 -74.07 29.47
CA SER E 644 -83.54 -74.19 28.27
C SER E 644 -84.30 -72.87 28.10
N LEU E 645 -85.33 -72.89 27.26
CA LEU E 645 -86.10 -71.69 26.97
C LEU E 645 -87.29 -71.60 27.91
N ASN E 646 -87.35 -70.52 28.68
CA ASN E 646 -88.44 -70.31 29.64
C ASN E 646 -89.67 -69.84 28.87
N MET E 647 -90.62 -70.76 28.67
CA MET E 647 -91.85 -70.45 27.95
C MET E 647 -92.81 -69.60 28.78
N ASN E 648 -92.54 -69.40 30.08
CA ASN E 648 -93.43 -68.66 30.95
C ASN E 648 -93.50 -67.17 30.64
N PHE E 649 -92.54 -66.64 29.87
CA PHE E 649 -92.54 -65.22 29.53
C PHE E 649 -93.66 -64.92 28.55
N SER E 650 -94.70 -64.25 29.01
CA SER E 650 -95.85 -63.89 28.18
C SER E 650 -96.24 -62.45 28.46
N SER E 651 -95.25 -61.55 28.42
CA SER E 651 -95.48 -60.14 28.72
C SER E 651 -96.39 -59.51 27.68
N LYS E 652 -97.23 -58.57 28.14
CA LYS E 652 -98.20 -57.92 27.25
C LYS E 652 -97.54 -57.02 26.21
N ARG E 653 -96.31 -56.58 26.46
CA ARG E 653 -95.62 -55.72 25.50
C ARG E 653 -95.24 -56.51 24.25
N THR E 654 -95.53 -55.94 23.08
CA THR E 654 -95.16 -56.54 21.82
C THR E 654 -93.74 -56.20 21.37
N LYS E 655 -93.11 -55.20 21.99
CA LYS E 655 -91.75 -54.83 21.69
C LYS E 655 -91.03 -54.47 22.98
N PHE E 656 -89.86 -55.06 23.19
CA PHE E 656 -89.07 -54.81 24.41
C PHE E 656 -87.61 -55.08 24.10
N LYS E 657 -86.74 -54.14 24.48
CA LYS E 657 -85.32 -54.31 24.30
C LYS E 657 -84.77 -55.11 25.49
N ILE E 658 -83.60 -55.71 25.31
CA ILE E 658 -83.01 -56.62 26.28
C ILE E 658 -81.93 -55.85 27.05
N THR E 659 -82.14 -54.52 27.13
CA THR E 659 -81.11 -53.53 27.52
C THR E 659 -80.16 -54.01 28.61
N THR E 660 -78.88 -53.91 28.30
CA THR E 660 -77.79 -54.16 29.24
C THR E 660 -77.49 -52.81 29.88
N SER E 661 -76.33 -52.64 30.53
CA SER E 661 -76.02 -51.45 31.32
C SER E 661 -75.57 -50.27 30.46
N MET E 662 -75.98 -50.24 29.19
CA MET E 662 -75.79 -49.07 28.35
C MET E 662 -76.52 -47.87 28.95
N GLN E 663 -76.00 -46.67 28.63
CA GLN E 663 -76.43 -45.38 29.16
C GLN E 663 -76.13 -45.22 30.65
N LYS E 664 -75.50 -46.24 31.24
CA LYS E 664 -74.94 -46.12 32.58
C LYS E 664 -73.43 -45.97 32.50
N ASP E 665 -72.85 -45.47 33.58
CA ASP E 665 -71.42 -45.16 33.64
C ASP E 665 -70.77 -46.06 34.68
N THR E 666 -70.21 -47.17 34.23
CA THR E 666 -69.46 -48.05 35.12
C THR E 666 -68.13 -47.37 35.48
N PRO E 667 -67.74 -47.35 36.76
CA PRO E 667 -66.53 -46.63 37.16
C PRO E 667 -65.23 -47.25 36.65
N GLN E 668 -65.25 -48.51 36.21
CA GLN E 668 -64.02 -49.14 35.75
C GLN E 668 -63.49 -48.48 34.48
N GLU E 669 -64.35 -48.33 33.47
CA GLU E 669 -63.92 -47.69 32.23
C GLU E 669 -63.82 -46.19 32.36
N MET E 670 -64.58 -45.57 33.27
CA MET E 670 -64.39 -44.16 33.55
C MET E 670 -63.02 -43.88 34.15
N GLU E 671 -62.57 -44.77 35.06
CA GLU E 671 -61.21 -44.67 35.57
C GLU E 671 -60.19 -44.90 34.47
N GLN E 672 -60.49 -45.84 33.56
CA GLN E 672 -59.65 -46.01 32.38
C GLN E 672 -59.67 -44.77 31.50
N THR E 673 -60.84 -44.18 31.29
CA THR E 673 -60.94 -42.96 30.52
C THR E 673 -60.22 -41.80 31.21
N ARG E 674 -60.36 -41.72 32.53
CA ARG E 674 -59.60 -40.72 33.29
C ARG E 674 -58.11 -40.97 33.18
N SER E 675 -57.69 -42.25 33.24
CA SER E 675 -56.31 -42.59 32.98
C SER E 675 -55.92 -42.30 31.53
N ALA E 676 -56.86 -42.54 30.61
CA ALA E 676 -56.61 -42.20 29.21
C ALA E 676 -56.46 -40.71 29.02
N VAL E 677 -57.25 -39.92 29.75
CA VAL E 677 -57.09 -38.47 29.72
C VAL E 677 -55.72 -38.09 30.26
N ASP E 678 -55.32 -38.70 31.38
CA ASP E 678 -53.98 -38.47 31.92
C ASP E 678 -52.90 -38.94 30.96
N GLU E 679 -53.17 -40.02 30.21
CA GLU E 679 -52.24 -40.43 29.15
C GLU E 679 -52.18 -39.38 28.05
N ASP E 680 -53.33 -38.80 27.69
CA ASP E 680 -53.33 -37.68 26.74
C ASP E 680 -52.66 -36.46 27.36
N ARG E 681 -52.81 -36.27 28.66
CA ARG E 681 -52.11 -35.18 29.35
C ARG E 681 -50.60 -35.37 29.26
N LYS E 682 -50.12 -36.59 29.47
CA LYS E 682 -48.69 -36.87 29.35
C LYS E 682 -48.22 -36.69 27.91
N MET E 683 -49.07 -37.03 26.94
CA MET E 683 -48.69 -36.92 25.53
C MET E 683 -48.46 -35.48 25.12
N TYR E 684 -49.35 -34.57 25.55
CA TYR E 684 -49.18 -33.16 25.22
C TYR E 684 -48.09 -32.50 26.05
N LEU E 685 -47.90 -32.95 27.30
CA LEU E 685 -46.89 -32.35 28.17
C LEU E 685 -45.48 -32.55 27.61
N GLN E 686 -45.22 -33.73 27.04
CA GLN E 686 -43.93 -33.97 26.42
C GLN E 686 -43.73 -33.09 25.18
N ALA E 687 -44.80 -32.77 24.46
CA ALA E 687 -44.68 -31.92 23.29
C ALA E 687 -44.23 -30.52 23.65
N ALA E 688 -44.79 -29.95 24.73
CA ALA E 688 -44.41 -28.61 25.15
C ALA E 688 -42.99 -28.58 25.69
N ILE E 689 -42.56 -29.64 26.36
CA ILE E 689 -41.25 -29.66 27.00
C ILE E 689 -40.14 -29.62 25.96
N VAL E 690 -40.23 -30.47 24.93
CA VAL E 690 -39.21 -30.50 23.89
C VAL E 690 -39.25 -29.23 23.06
N ARG E 691 -40.46 -28.71 22.78
CA ARG E 691 -40.58 -27.48 22.00
C ARG E 691 -40.01 -26.29 22.75
N ILE E 692 -40.21 -26.24 24.06
CA ILE E 692 -39.56 -25.21 24.88
C ILE E 692 -38.04 -25.36 24.80
N MET E 693 -37.55 -26.59 24.91
CA MET E 693 -36.13 -26.85 24.72
C MET E 693 -35.71 -26.59 23.27
N LYS E 694 -36.64 -26.74 22.32
CA LYS E 694 -36.32 -26.46 20.92
C LYS E 694 -36.08 -24.98 20.67
N ALA E 695 -36.49 -24.11 21.59
CA ALA E 695 -36.35 -22.66 21.41
C ALA E 695 -35.03 -22.13 21.98
N ARG E 696 -34.78 -22.38 23.26
CA ARG E 696 -33.62 -21.82 23.94
C ARG E 696 -32.58 -22.83 24.36
N LYS E 697 -32.97 -24.11 24.52
CA LYS E 697 -32.10 -25.24 24.83
C LYS E 697 -31.49 -25.20 26.23
N VAL E 698 -31.70 -24.10 26.96
CA VAL E 698 -31.23 -23.94 28.33
C VAL E 698 -32.30 -23.16 29.08
N LEU E 699 -32.95 -23.79 30.05
CA LEU E 699 -33.91 -23.12 30.91
C LEU E 699 -33.82 -23.68 32.32
N ARG E 700 -34.22 -22.86 33.29
CA ARG E 700 -34.30 -23.31 34.66
C ARG E 700 -35.58 -24.11 34.88
N HIS E 701 -35.64 -24.79 36.03
CA HIS E 701 -36.82 -25.60 36.34
C HIS E 701 -38.06 -24.76 36.53
N ASN E 702 -37.95 -23.62 37.23
CA ASN E 702 -39.12 -22.80 37.52
C ASN E 702 -39.69 -22.16 36.27
N ALA E 703 -38.82 -21.63 35.39
CA ALA E 703 -39.30 -21.02 34.16
C ALA E 703 -39.91 -22.06 33.23
N LEU E 704 -39.30 -23.25 33.16
CA LEU E 704 -39.86 -24.32 32.36
C LEU E 704 -41.22 -24.77 32.89
N ILE E 705 -41.34 -24.88 34.22
CA ILE E 705 -42.59 -25.33 34.83
C ILE E 705 -43.70 -24.31 34.60
N GLN E 706 -43.39 -23.01 34.80
CA GLN E 706 -44.43 -21.99 34.85
C GLN E 706 -45.09 -21.79 33.49
N GLU E 707 -44.30 -21.73 32.42
CA GLU E 707 -44.86 -21.42 31.11
C GLU E 707 -45.65 -22.59 30.54
N VAL E 708 -45.30 -23.83 30.91
CA VAL E 708 -46.09 -24.98 30.50
C VAL E 708 -47.48 -24.93 31.12
N ILE E 709 -47.57 -24.43 32.37
CA ILE E 709 -48.87 -24.17 32.97
C ILE E 709 -49.63 -23.13 32.15
N SER E 710 -48.95 -22.07 31.74
CA SER E 710 -49.58 -21.04 30.91
C SER E 710 -49.96 -21.56 29.53
N GLN E 711 -49.07 -22.35 28.91
CA GLN E 711 -49.35 -22.87 27.57
C GLN E 711 -50.48 -23.89 27.59
N SER E 712 -50.56 -24.70 28.65
CA SER E 712 -51.58 -25.72 28.76
C SER E 712 -52.75 -25.30 29.65
N ARG E 713 -52.85 -24.02 29.99
CA ARG E 713 -53.95 -23.55 30.83
C ARG E 713 -55.30 -23.77 30.14
N ALA E 714 -55.35 -23.57 28.83
CA ALA E 714 -56.57 -23.82 28.07
C ALA E 714 -56.94 -25.29 27.98
N ARG E 715 -56.05 -26.20 28.36
CA ARG E 715 -56.32 -27.63 28.31
C ARG E 715 -56.61 -28.21 29.68
N PHE E 716 -55.68 -28.06 30.62
CA PHE E 716 -55.86 -28.62 31.96
C PHE E 716 -54.94 -27.86 32.92
N ASN E 717 -54.74 -28.44 34.11
CA ASN E 717 -53.76 -27.97 35.09
C ASN E 717 -52.74 -29.06 35.41
N PRO E 718 -51.64 -29.11 34.66
CA PRO E 718 -50.74 -30.28 34.74
C PRO E 718 -49.98 -30.33 36.06
N SER E 719 -50.00 -31.50 36.69
CA SER E 719 -49.30 -31.71 37.94
C SER E 719 -47.80 -31.61 37.75
N ILE E 720 -47.11 -31.05 38.74
CA ILE E 720 -45.66 -30.91 38.68
C ILE E 720 -44.99 -32.28 38.64
N SER E 721 -45.49 -33.22 39.43
CA SER E 721 -45.00 -34.59 39.36
C SER E 721 -45.31 -35.23 38.02
N MET E 722 -46.46 -34.89 37.42
CA MET E 722 -46.77 -35.39 36.09
C MET E 722 -45.80 -34.84 35.05
N ILE E 723 -45.43 -33.57 35.18
CA ILE E 723 -44.43 -32.99 34.29
C ILE E 723 -43.07 -33.66 34.52
N LYS E 724 -42.69 -33.84 35.79
CA LYS E 724 -41.38 -34.40 36.12
C LYS E 724 -41.22 -35.83 35.60
N LYS E 725 -42.34 -36.55 35.45
CA LYS E 725 -42.27 -37.86 34.80
C LYS E 725 -41.90 -37.72 33.34
N CYS E 726 -42.38 -36.65 32.68
CA CYS E 726 -42.14 -36.49 31.24
C CYS E 726 -40.66 -36.26 30.94
N ILE E 727 -39.94 -35.55 31.82
CA ILE E 727 -38.49 -35.45 31.66
C ILE E 727 -37.85 -36.83 31.76
N GLU E 728 -38.28 -37.63 32.74
CA GLU E 728 -37.69 -38.95 32.94
C GLU E 728 -37.90 -39.87 31.75
N VAL E 729 -39.06 -39.76 31.10
CA VAL E 729 -39.32 -40.54 29.89
C VAL E 729 -38.38 -40.11 28.77
N LEU E 730 -38.20 -38.79 28.60
CA LEU E 730 -37.28 -38.32 27.56
C LEU E 730 -35.83 -38.61 27.91
N ILE E 731 -35.50 -38.72 29.19
CA ILE E 731 -34.20 -39.27 29.60
C ILE E 731 -34.08 -40.71 29.14
N ASP E 732 -35.13 -41.51 29.38
CA ASP E 732 -35.12 -42.90 28.95
C ASP E 732 -35.11 -43.03 27.43
N LYS E 733 -35.78 -42.12 26.73
CA LYS E 733 -35.78 -42.09 25.28
C LYS E 733 -34.64 -41.25 24.72
N GLN E 734 -33.66 -40.88 25.56
CA GLN E 734 -32.52 -40.01 25.26
C GLN E 734 -32.90 -38.82 24.38
N TYR E 735 -33.81 -38.00 24.90
CA TYR E 735 -34.24 -36.77 24.23
C TYR E 735 -33.86 -35.52 24.99
N ILE E 736 -34.22 -35.42 26.27
CA ILE E 736 -33.87 -34.25 27.08
C ILE E 736 -32.64 -34.64 27.90
N GLU E 737 -31.94 -33.64 28.40
CA GLU E 737 -30.77 -33.87 29.25
C GLU E 737 -30.68 -32.72 30.26
N ARG E 738 -30.86 -33.03 31.54
CA ARG E 738 -30.62 -32.04 32.57
C ARG E 738 -29.13 -31.78 32.72
N SER E 739 -28.79 -30.59 33.22
CA SER E 739 -27.40 -30.19 33.34
C SER E 739 -26.76 -30.85 34.56
N GLN E 740 -25.52 -31.28 34.40
CA GLN E 740 -24.79 -31.90 35.51
C GLN E 740 -24.32 -30.87 36.53
N ALA E 741 -23.97 -29.66 36.09
CA ALA E 741 -23.56 -28.62 37.02
C ALA E 741 -24.70 -28.18 37.92
N SER E 742 -25.94 -28.23 37.42
CA SER E 742 -27.10 -27.89 38.23
C SER E 742 -28.32 -28.58 37.62
N ALA E 743 -29.08 -29.30 38.44
CA ALA E 743 -30.30 -29.94 37.97
C ALA E 743 -31.38 -28.93 37.59
N ASP E 744 -31.21 -27.67 38.00
CA ASP E 744 -32.15 -26.62 37.59
C ASP E 744 -32.12 -26.41 36.09
N GLU E 745 -30.93 -26.40 35.49
CA GLU E 745 -30.78 -26.16 34.07
C GLU E 745 -30.94 -27.45 33.27
N TYR E 746 -31.28 -27.29 31.99
CA TYR E 746 -31.54 -28.42 31.10
C TYR E 746 -30.86 -28.16 29.76
N SER E 747 -30.62 -29.24 29.02
CA SER E 747 -29.86 -29.18 27.77
C SER E 747 -30.52 -30.09 26.75
N TYR E 748 -29.80 -30.37 25.66
CA TYR E 748 -30.30 -31.14 24.53
C TYR E 748 -29.43 -32.37 24.30
N VAL E 749 -30.07 -33.46 23.89
CA VAL E 749 -29.36 -34.68 23.55
C VAL E 749 -29.05 -34.70 22.05
N MET F 1 -71.57 44.27 4.45
CA MET F 1 -71.40 43.51 3.22
C MET F 1 -70.46 44.22 2.26
N TYR F 2 -70.55 45.55 2.24
CA TYR F 2 -69.72 46.37 1.37
C TYR F 2 -69.01 47.43 2.20
N VAL F 3 -67.85 47.86 1.72
CA VAL F 3 -67.02 48.84 2.43
C VAL F 3 -66.76 50.02 1.50
N LYS F 4 -66.57 51.19 2.11
CA LYS F 4 -66.32 52.43 1.39
C LYS F 4 -64.89 52.88 1.65
N LEU F 5 -64.19 53.26 0.58
CA LEU F 5 -62.83 53.77 0.68
C LEU F 5 -62.77 55.15 0.04
N ILE F 6 -62.30 56.13 0.81
CA ILE F 6 -62.23 57.52 0.36
C ILE F 6 -60.79 57.83 -0.02
N SER F 7 -60.57 58.20 -1.27
CA SER F 7 -59.24 58.55 -1.75
C SER F 7 -58.86 59.95 -1.33
N SER F 8 -57.58 60.29 -1.57
CA SER F 8 -57.10 61.63 -1.26
C SER F 8 -57.74 62.68 -2.17
N ASP F 9 -57.89 62.36 -3.45
CA ASP F 9 -58.41 63.34 -4.42
C ASP F 9 -59.92 63.23 -4.56
N GLY F 10 -60.63 63.28 -3.43
CA GLY F 10 -62.08 63.37 -3.43
C GLY F 10 -62.85 62.12 -3.81
N HIS F 11 -62.21 61.21 -4.55
CA HIS F 11 -62.91 60.03 -5.05
C HIS F 11 -63.23 59.05 -3.92
N GLU F 12 -64.43 58.50 -3.96
CA GLU F 12 -64.88 57.49 -3.01
C GLU F 12 -65.09 56.18 -3.75
N PHE F 13 -64.46 55.12 -3.26
CA PHE F 13 -64.54 53.81 -3.89
C PHE F 13 -65.22 52.82 -2.95
N ILE F 14 -66.21 52.10 -3.48
CA ILE F 14 -66.97 51.11 -2.73
C ILE F 14 -66.79 49.75 -3.38
N VAL F 15 -66.35 48.76 -2.60
CA VAL F 15 -66.08 47.42 -3.08
C VAL F 15 -66.58 46.45 -2.01
N LYS F 16 -66.66 45.17 -2.37
CA LYS F 16 -67.07 44.14 -1.43
C LYS F 16 -66.14 44.11 -0.22
N ARG F 17 -66.71 43.88 0.95
CA ARG F 17 -65.93 43.86 2.19
C ARG F 17 -64.90 42.74 2.18
N GLU F 18 -65.29 41.55 1.71
CA GLU F 18 -64.36 40.44 1.62
C GLU F 18 -63.23 40.75 0.65
N HIS F 19 -63.55 41.39 -0.48
CA HIS F 19 -62.53 41.72 -1.47
C HIS F 19 -61.52 42.73 -0.92
N ALA F 20 -61.99 43.68 -0.11
CA ALA F 20 -61.08 44.63 0.51
C ALA F 20 -60.45 44.08 1.78
N LEU F 21 -60.91 42.93 2.28
CA LEU F 21 -60.31 42.31 3.46
C LEU F 21 -59.07 41.51 3.14
N THR F 22 -58.70 41.39 1.86
CA THR F 22 -57.48 40.67 1.49
C THR F 22 -56.22 41.45 1.84
N SER F 23 -56.36 42.72 2.22
CA SER F 23 -55.23 43.55 2.61
C SER F 23 -55.28 43.77 4.13
N GLY F 24 -54.13 43.61 4.79
CA GLY F 24 -54.11 43.63 6.24
C GLY F 24 -54.47 44.97 6.84
N THR F 25 -54.09 46.07 6.19
CA THR F 25 -54.37 47.40 6.73
C THR F 25 -55.86 47.67 6.82
N ILE F 26 -56.60 47.33 5.76
CA ILE F 26 -58.06 47.49 5.77
C ILE F 26 -58.66 46.61 6.85
N LYS F 27 -58.14 45.38 7.00
CA LYS F 27 -58.57 44.53 8.10
C LYS F 27 -58.24 45.17 9.45
N ALA F 28 -57.06 45.77 9.56
CA ALA F 28 -56.70 46.46 10.80
C ALA F 28 -57.54 47.71 11.01
N MET F 29 -57.75 48.50 9.96
CA MET F 29 -58.49 49.75 10.11
C MET F 29 -59.96 49.50 10.43
N LEU F 30 -60.57 48.50 9.78
CA LEU F 30 -61.96 48.19 10.05
C LEU F 30 -62.16 47.58 11.43
N SER F 31 -61.13 46.97 12.00
CA SER F 31 -61.23 46.35 13.30
C SER F 31 -60.78 47.32 14.39
N GLY F 32 -61.12 46.97 15.63
CA GLY F 32 -60.74 47.77 16.78
C GLY F 32 -61.36 49.15 16.79
N PRO F 33 -60.55 50.15 17.12
CA PRO F 33 -61.05 51.53 17.11
C PRO F 33 -61.31 51.99 15.69
N GLY F 34 -62.25 52.94 15.57
CA GLY F 34 -62.68 53.36 14.25
C GLY F 34 -63.36 52.26 13.46
N GLN F 35 -64.05 51.35 14.15
CA GLN F 35 -64.75 50.27 13.45
C GLN F 35 -65.97 50.78 12.70
N PHE F 36 -66.54 51.90 13.14
CA PHE F 36 -67.77 52.48 12.58
C PHE F 36 -68.87 51.43 12.51
N ALA F 37 -69.31 51.01 13.69
CA ALA F 37 -70.14 49.81 13.83
C ALA F 37 -71.55 50.04 13.31
N GLU F 38 -71.67 50.12 11.98
CA GLU F 38 -72.96 50.12 11.31
C GLU F 38 -73.18 48.87 10.47
N ASN F 39 -72.12 48.09 10.23
CA ASN F 39 -72.16 46.79 9.55
C ASN F 39 -72.67 46.86 8.12
N GLU F 40 -72.77 48.05 7.54
CA GLU F 40 -73.25 48.15 6.16
C GLU F 40 -72.36 49.04 5.30
N THR F 41 -71.74 50.05 5.90
CA THR F 41 -70.92 50.99 5.15
C THR F 41 -69.44 50.87 5.48
N ASN F 42 -69.06 51.07 6.75
CA ASN F 42 -67.68 50.92 7.23
C ASN F 42 -66.69 51.72 6.38
N GLU F 43 -66.98 53.01 6.21
CA GLU F 43 -66.14 53.87 5.39
C GLU F 43 -64.79 54.11 6.06
N VAL F 44 -63.74 54.19 5.25
CA VAL F 44 -62.39 54.49 5.71
C VAL F 44 -61.75 55.53 4.80
N ASN F 45 -61.01 56.45 5.38
CA ASN F 45 -60.38 57.52 4.64
C ASN F 45 -58.94 57.17 4.29
N PHE F 46 -58.46 57.72 3.18
CA PHE F 46 -57.09 57.52 2.70
C PHE F 46 -56.62 58.83 2.08
N ARG F 47 -55.90 59.64 2.86
CA ARG F 47 -55.46 60.95 2.38
C ARG F 47 -54.14 60.89 1.64
N GLU F 48 -53.54 59.71 1.48
CA GLU F 48 -52.24 59.58 0.86
C GLU F 48 -52.29 59.05 -0.57
N ILE F 49 -52.99 57.95 -0.80
CA ILE F 49 -53.08 57.35 -2.13
C ILE F 49 -53.99 58.18 -3.02
N PRO F 50 -53.59 58.47 -4.26
CA PRO F 50 -54.51 59.13 -5.20
C PRO F 50 -55.66 58.24 -5.65
N SER F 51 -56.49 58.77 -6.55
CA SER F 51 -57.73 58.09 -6.90
C SER F 51 -57.48 56.86 -7.78
N HIS F 52 -56.57 56.98 -8.74
CA HIS F 52 -56.39 55.91 -9.72
C HIS F 52 -55.79 54.65 -9.08
N VAL F 53 -54.83 54.82 -8.17
CA VAL F 53 -54.24 53.65 -7.51
C VAL F 53 -55.26 53.00 -6.58
N LEU F 54 -56.11 53.78 -5.93
CA LEU F 54 -57.18 53.20 -5.13
C LEU F 54 -58.19 52.47 -6.01
N SER F 55 -58.44 52.99 -7.21
CA SER F 55 -59.17 52.22 -8.20
C SER F 55 -58.37 50.99 -8.65
N LYS F 56 -57.05 51.12 -8.71
CA LYS F 56 -56.22 50.02 -9.20
C LYS F 56 -56.20 48.86 -8.23
N VAL F 57 -56.10 49.14 -6.92
CA VAL F 57 -56.16 48.06 -5.95
C VAL F 57 -57.57 47.47 -5.89
N CYS F 58 -58.59 48.30 -6.07
CA CYS F 58 -59.96 47.79 -6.14
C CYS F 58 -60.13 46.85 -7.33
N MET F 59 -59.47 47.17 -8.46
CA MET F 59 -59.35 46.20 -9.53
C MET F 59 -58.58 44.97 -9.07
N TYR F 60 -57.50 45.18 -8.31
CA TYR F 60 -56.69 44.07 -7.83
C TYR F 60 -57.40 43.27 -6.74
N PHE F 61 -58.23 43.94 -5.92
CA PHE F 61 -58.99 43.22 -4.88
C PHE F 61 -59.89 42.16 -5.48
N THR F 62 -60.63 42.51 -6.53
CA THR F 62 -61.45 41.51 -7.21
C THR F 62 -60.59 40.52 -7.98
N TYR F 63 -59.41 40.96 -8.44
CA TYR F 63 -58.51 40.07 -9.17
C TYR F 63 -58.01 38.94 -8.29
N LYS F 64 -57.68 39.25 -7.03
CA LYS F 64 -57.17 38.21 -6.12
C LYS F 64 -58.26 37.22 -5.74
N VAL F 65 -59.47 37.70 -5.50
CA VAL F 65 -60.57 36.83 -5.08
C VAL F 65 -60.92 35.84 -6.18
N ARG F 66 -60.96 36.30 -7.43
CA ARG F 66 -61.29 35.42 -8.54
C ARG F 66 -60.22 34.36 -8.76
N TYR F 67 -58.95 34.72 -8.58
CA TYR F 67 -57.84 33.83 -8.93
C TYR F 67 -56.96 33.48 -7.75
N THR F 68 -57.55 33.08 -6.61
CA THR F 68 -56.75 32.63 -5.47
C THR F 68 -55.92 31.41 -5.85
N ASN F 69 -56.59 30.30 -6.15
CA ASN F 69 -55.93 29.12 -6.71
C ASN F 69 -56.94 28.34 -7.55
N SER F 70 -57.02 28.69 -8.83
CA SER F 70 -57.91 28.09 -9.83
C SER F 70 -57.61 28.73 -11.16
N SER F 71 -58.00 28.03 -12.24
CA SER F 71 -57.82 28.51 -13.61
C SER F 71 -56.35 28.82 -13.89
N THR F 72 -55.55 27.74 -13.92
CA THR F 72 -54.10 27.83 -13.97
C THR F 72 -53.58 28.74 -15.09
N GLU F 73 -54.36 28.90 -16.15
CA GLU F 73 -54.06 29.92 -17.15
C GLU F 73 -54.36 31.31 -16.60
N ILE F 74 -53.57 31.75 -15.62
CA ILE F 74 -53.81 32.99 -14.90
C ILE F 74 -53.50 34.19 -15.79
N PRO F 75 -54.45 35.09 -16.02
CA PRO F 75 -54.13 36.33 -16.74
C PRO F 75 -53.22 37.22 -15.92
N GLU F 76 -52.36 37.96 -16.61
CA GLU F 76 -51.41 38.84 -15.95
C GLU F 76 -52.08 40.16 -15.59
N PHE F 77 -51.29 41.12 -15.11
CA PHE F 77 -51.80 42.40 -14.66
C PHE F 77 -51.16 43.51 -15.49
N PRO F 78 -51.92 44.26 -16.28
CA PRO F 78 -51.32 45.35 -17.07
C PRO F 78 -51.05 46.61 -16.26
N ILE F 79 -49.92 46.60 -15.57
CA ILE F 79 -49.50 47.76 -14.79
C ILE F 79 -48.89 48.79 -15.73
N ALA F 80 -49.43 50.00 -15.72
CA ALA F 80 -48.92 51.06 -16.57
C ALA F 80 -47.60 51.59 -16.01
N PRO F 81 -46.67 51.96 -16.90
CA PRO F 81 -45.44 52.62 -16.42
C PRO F 81 -45.70 53.94 -15.72
N GLU F 82 -46.73 54.68 -16.12
CA GLU F 82 -47.04 55.94 -15.46
C GLU F 82 -47.69 55.72 -14.10
N ILE F 83 -48.29 54.55 -13.86
CA ILE F 83 -48.82 54.22 -12.54
C ILE F 83 -47.82 53.40 -11.72
N ALA F 84 -46.75 52.93 -12.33
CA ALA F 84 -45.67 52.28 -11.59
C ALA F 84 -44.94 53.31 -10.73
N LEU F 85 -44.33 52.82 -9.65
CA LEU F 85 -43.68 53.56 -8.55
C LEU F 85 -44.71 54.32 -7.70
N GLU F 86 -45.98 54.31 -8.09
CA GLU F 86 -47.07 54.90 -7.32
C GLU F 86 -47.87 53.84 -6.58
N LEU F 87 -48.21 52.75 -7.28
CA LEU F 87 -48.72 51.57 -6.59
C LEU F 87 -47.63 50.93 -5.73
N LEU F 88 -46.37 51.18 -6.07
CA LEU F 88 -45.23 50.73 -5.28
C LEU F 88 -45.11 51.47 -3.95
N MET F 89 -45.90 52.51 -3.73
CA MET F 89 -46.01 53.16 -2.43
C MET F 89 -47.31 52.84 -1.71
N ALA F 90 -48.10 51.89 -2.22
CA ALA F 90 -49.46 51.68 -1.74
C ALA F 90 -49.68 50.35 -1.05
N ALA F 91 -49.27 49.24 -1.68
CA ALA F 91 -49.59 47.91 -1.15
C ALA F 91 -48.91 47.65 0.19
N ASN F 92 -47.71 48.18 0.41
CA ASN F 92 -47.08 48.06 1.71
C ASN F 92 -47.86 48.83 2.76
N PHE F 93 -48.40 50.00 2.39
CA PHE F 93 -49.33 50.70 3.25
C PHE F 93 -50.64 49.94 3.42
N LEU F 94 -50.95 49.02 2.50
CA LEU F 94 -52.17 48.25 2.58
C LEU F 94 -51.98 46.83 3.11
N ASP F 95 -50.76 46.31 3.05
CA ASP F 95 -50.44 44.93 3.45
C ASP F 95 -51.32 43.93 2.68
N CYS F 96 -51.28 44.05 1.36
CA CYS F 96 -52.08 43.21 0.48
C CYS F 96 -51.60 41.76 0.46
N ASP G 5 -70.45 36.18 -15.38
CA ASP G 5 -69.29 36.63 -14.62
C ASP G 5 -68.69 37.89 -15.23
N VAL G 6 -69.49 38.95 -15.27
CA VAL G 6 -69.06 40.24 -15.84
C VAL G 6 -68.77 41.20 -14.70
N PHE G 7 -67.72 42.00 -14.86
CA PHE G 7 -67.22 42.88 -13.82
C PHE G 7 -67.45 44.33 -14.24
N LEU G 8 -67.99 45.13 -13.34
CA LEU G 8 -68.39 46.50 -13.65
C LEU G 8 -67.69 47.50 -12.74
N MET G 9 -67.72 48.76 -13.18
CA MET G 9 -67.20 49.90 -12.41
C MET G 9 -68.25 50.99 -12.48
N ILE G 10 -69.19 50.98 -11.53
CA ILE G 10 -70.27 51.95 -11.53
C ILE G 10 -69.74 53.29 -11.04
N ARG G 11 -70.03 54.36 -11.79
CA ARG G 11 -69.52 55.68 -11.50
C ARG G 11 -70.67 56.67 -11.33
N ARG G 12 -70.57 57.52 -10.31
CA ARG G 12 -71.51 58.61 -10.10
C ARG G 12 -70.76 59.68 -9.30
N HIS G 13 -70.47 60.81 -9.96
CA HIS G 13 -69.62 61.86 -9.40
C HIS G 13 -68.28 61.28 -8.93
N LYS G 14 -67.81 61.71 -7.76
CA LYS G 14 -66.59 61.15 -7.20
C LYS G 14 -66.78 59.72 -6.70
N THR G 15 -68.02 59.32 -6.43
CA THR G 15 -68.31 58.00 -5.88
C THR G 15 -68.23 56.95 -6.99
N THR G 16 -67.51 55.86 -6.71
CA THR G 16 -67.34 54.76 -7.65
C THR G 16 -67.61 53.44 -6.93
N ILE G 17 -68.43 52.59 -7.54
CA ILE G 17 -68.81 51.31 -6.96
C ILE G 17 -68.37 50.20 -7.91
N PHE G 18 -67.62 49.23 -7.40
CA PHE G 18 -67.21 48.07 -8.17
C PHE G 18 -68.25 46.97 -8.04
N THR G 19 -68.56 46.32 -9.16
CA THR G 19 -69.66 45.37 -9.21
C THR G 19 -69.29 44.17 -10.07
N ASP G 20 -69.65 42.98 -9.59
CA ASP G 20 -69.49 41.75 -10.37
C ASP G 20 -70.72 40.88 -10.20
N ALA G 21 -71.21 40.35 -11.32
CA ALA G 21 -72.36 39.45 -11.32
C ALA G 21 -72.36 38.69 -12.65
N LYS G 22 -73.33 37.78 -12.79
CA LYS G 22 -73.50 37.05 -14.04
C LYS G 22 -74.16 37.95 -15.07
N GLU G 23 -74.03 37.56 -16.35
CA GLU G 23 -74.57 38.36 -17.44
C GLU G 23 -76.09 38.20 -17.53
N SER G 24 -76.60 36.99 -17.34
CA SER G 24 -78.01 36.69 -17.51
C SER G 24 -78.77 37.06 -16.23
N SER G 25 -78.86 38.36 -15.99
CA SER G 25 -79.60 38.90 -14.86
C SER G 25 -80.01 40.32 -15.19
N THR G 26 -81.26 40.66 -14.86
CA THR G 26 -81.77 41.99 -15.16
C THR G 26 -81.03 43.06 -14.35
N VAL G 27 -81.07 44.29 -14.86
CA VAL G 27 -80.36 45.40 -14.22
C VAL G 27 -81.23 46.05 -13.17
N PHE G 28 -82.37 45.42 -12.86
CA PHE G 28 -83.24 45.93 -11.81
C PHE G 28 -82.53 45.91 -10.46
N GLU G 29 -81.98 44.76 -10.08
CA GLU G 29 -81.24 44.68 -8.83
C GLU G 29 -79.90 45.40 -8.93
N LEU G 30 -79.38 45.61 -10.14
CA LEU G 30 -78.22 46.47 -10.31
C LEU G 30 -78.54 47.89 -9.86
N LYS G 31 -79.76 48.36 -10.14
CA LYS G 31 -80.24 49.62 -9.60
C LYS G 31 -80.52 49.52 -8.10
N ARG G 32 -80.64 48.31 -7.56
CA ARG G 32 -80.99 48.12 -6.16
C ARG G 32 -79.80 47.76 -5.27
N ILE G 33 -78.74 47.17 -5.83
CA ILE G 33 -77.54 46.92 -5.03
C ILE G 33 -76.87 48.24 -4.66
N VAL G 34 -76.89 49.21 -5.58
CA VAL G 34 -76.44 50.56 -5.24
C VAL G 34 -77.42 51.22 -4.28
N GLU G 35 -78.72 50.92 -4.43
CA GLU G 35 -79.73 51.50 -3.56
C GLU G 35 -79.54 51.06 -2.10
N GLY G 36 -79.20 49.79 -1.90
CA GLY G 36 -78.94 49.30 -0.56
C GLY G 36 -77.72 49.91 0.09
N ILE G 37 -76.67 50.20 -0.71
CA ILE G 37 -75.42 50.71 -0.18
C ILE G 37 -75.33 52.23 -0.23
N LEU G 38 -76.34 52.91 -0.77
CA LEU G 38 -76.39 54.36 -0.77
C LEU G 38 -77.49 54.94 0.12
N LYS G 39 -78.43 54.10 0.58
CA LYS G 39 -79.52 54.51 1.45
C LYS G 39 -80.34 55.67 0.85
N ARG G 40 -80.70 55.50 -0.41
CA ARG G 40 -81.40 56.50 -1.19
C ARG G 40 -82.64 55.89 -1.81
N PRO G 41 -83.62 56.70 -2.20
CA PRO G 41 -84.85 56.17 -2.83
C PRO G 41 -84.52 55.42 -4.12
N PRO G 42 -85.23 54.31 -4.38
CA PRO G 42 -84.81 53.39 -5.45
C PRO G 42 -85.15 53.85 -6.86
N ASP G 43 -86.30 54.48 -7.05
CA ASP G 43 -86.79 54.78 -8.40
C ASP G 43 -86.04 55.93 -9.07
N GLU G 44 -85.23 56.69 -8.32
CA GLU G 44 -84.54 57.84 -8.88
C GLU G 44 -83.31 57.48 -9.71
N GLN G 45 -82.81 56.25 -9.60
CA GLN G 45 -81.62 55.87 -10.35
C GLN G 45 -81.91 55.76 -11.84
N ARG G 46 -80.88 56.04 -12.65
CA ARG G 46 -80.96 55.86 -14.09
C ARG G 46 -79.56 55.53 -14.58
N LEU G 47 -79.28 54.25 -14.79
CA LEU G 47 -77.95 53.83 -15.24
C LEU G 47 -77.71 54.32 -16.67
N TYR G 48 -76.46 54.67 -16.95
CA TYR G 48 -76.08 55.23 -18.24
C TYR G 48 -74.80 54.56 -18.71
N LYS G 49 -74.94 53.52 -19.53
CA LYS G 49 -73.80 52.82 -20.10
C LYS G 49 -73.45 53.47 -21.44
N ASP G 50 -72.22 53.98 -21.54
CA ASP G 50 -71.72 54.66 -22.73
C ASP G 50 -72.64 55.81 -23.16
N ASP G 51 -73.11 56.58 -22.17
CA ASP G 51 -73.97 57.74 -22.38
C ASP G 51 -75.25 57.36 -23.12
N GLN G 52 -75.93 56.33 -22.63
CA GLN G 52 -77.23 55.94 -23.16
C GLN G 52 -78.01 55.24 -22.06
N LEU G 53 -79.32 55.30 -22.17
CA LEU G 53 -80.23 54.65 -21.23
C LEU G 53 -80.69 53.31 -21.78
N LEU G 54 -80.88 52.35 -20.89
CA LEU G 54 -81.29 51.01 -21.27
C LEU G 54 -82.42 50.54 -20.36
N ASP G 55 -83.11 49.50 -20.82
CA ASP G 55 -84.31 49.02 -20.13
C ASP G 55 -83.96 48.45 -18.76
N ASP G 56 -84.80 48.76 -17.77
CA ASP G 56 -84.60 48.24 -16.42
C ASP G 56 -84.83 46.75 -16.35
N GLY G 57 -85.75 46.23 -17.17
CA GLY G 57 -85.96 44.79 -17.23
C GLY G 57 -84.97 44.04 -18.09
N LYS G 58 -84.17 44.75 -18.87
CA LYS G 58 -83.18 44.11 -19.73
C LYS G 58 -81.97 43.67 -18.92
N THR G 59 -81.37 42.55 -19.33
CA THR G 59 -80.19 42.05 -18.66
C THR G 59 -78.96 42.87 -19.04
N LEU G 60 -77.96 42.85 -18.15
CA LEU G 60 -76.73 43.58 -18.42
C LEU G 60 -75.84 42.87 -19.42
N GLY G 61 -76.06 41.57 -19.65
CA GLY G 61 -75.35 40.88 -20.71
C GLY G 61 -75.71 41.42 -22.09
N GLU G 62 -76.97 41.82 -22.26
CA GLU G 62 -77.43 42.46 -23.48
C GLU G 62 -77.20 43.97 -23.49
N CYS G 63 -76.69 44.53 -22.38
CA CYS G 63 -76.48 45.97 -22.29
C CYS G 63 -75.29 46.45 -23.10
N GLY G 64 -74.43 45.54 -23.58
CA GLY G 64 -73.35 45.94 -24.46
C GLY G 64 -72.00 45.32 -24.15
N PHE G 65 -71.77 44.94 -22.90
CA PHE G 65 -70.48 44.43 -22.47
C PHE G 65 -70.55 42.93 -22.18
N THR G 66 -69.41 42.27 -22.39
CA THR G 66 -69.25 40.85 -22.12
C THR G 66 -68.13 40.62 -21.12
N SER G 67 -68.08 39.40 -20.58
CA SER G 67 -67.06 39.06 -19.59
C SER G 67 -65.65 39.01 -20.18
N GLN G 68 -65.54 38.63 -21.46
CA GLN G 68 -64.22 38.47 -22.08
C GLN G 68 -63.52 39.81 -22.25
N THR G 69 -64.24 40.93 -22.15
CA THR G 69 -63.64 42.26 -22.14
C THR G 69 -63.59 42.86 -20.75
N ALA G 70 -64.61 42.63 -19.93
CA ALA G 70 -64.71 43.25 -18.60
C ALA G 70 -64.01 42.39 -17.55
N ARG G 71 -62.72 42.16 -17.77
CA ARG G 71 -61.90 41.49 -16.78
C ARG G 71 -61.66 42.49 -15.65
N PRO G 72 -61.44 42.03 -14.40
CA PRO G 72 -61.30 42.98 -13.29
C PRO G 72 -60.27 44.10 -13.44
N GLN G 73 -59.17 43.88 -14.16
CA GLN G 73 -58.20 44.97 -14.34
C GLN G 73 -58.83 46.13 -15.12
N ALA G 74 -59.59 45.83 -16.17
CA ALA G 74 -60.29 46.85 -16.95
C ALA G 74 -61.76 46.47 -17.04
N PRO G 75 -62.51 46.65 -15.96
CA PRO G 75 -63.92 46.28 -15.97
C PRO G 75 -64.73 47.25 -16.81
N ALA G 76 -65.90 46.79 -17.23
CA ALA G 76 -66.80 47.60 -18.05
C ALA G 76 -67.38 48.70 -17.18
N THR G 77 -66.79 49.90 -17.27
CA THR G 77 -67.26 51.02 -16.47
C THR G 77 -68.61 51.52 -16.98
N VAL G 78 -69.48 51.88 -16.04
CA VAL G 78 -70.80 52.42 -16.37
C VAL G 78 -71.03 53.65 -15.52
N GLY G 79 -71.87 54.55 -16.02
CA GLY G 79 -72.19 55.78 -15.33
C GLY G 79 -73.57 55.71 -14.70
N LEU G 80 -73.65 56.15 -13.46
CA LEU G 80 -74.90 56.19 -12.72
C LEU G 80 -75.37 57.64 -12.60
N ALA G 81 -76.69 57.82 -12.54
CA ALA G 81 -77.27 59.13 -12.38
C ALA G 81 -78.57 59.01 -11.60
N PHE G 82 -78.92 60.09 -10.89
CA PHE G 82 -80.11 60.12 -10.06
C PHE G 82 -81.06 61.21 -10.55
N ARG G 83 -82.35 60.98 -10.33
CA ARG G 83 -83.35 61.97 -10.70
C ARG G 83 -83.22 63.22 -9.84
N ALA G 84 -83.33 64.38 -10.49
CA ALA G 84 -83.19 65.66 -9.80
C ALA G 84 -84.49 66.04 -9.08
N PHE G 88 -85.54 62.40 -15.16
CA PHE G 88 -84.25 62.02 -14.59
C PHE G 88 -83.23 63.14 -14.76
N GLU G 89 -81.96 62.77 -14.84
CA GLU G 89 -80.87 63.72 -14.99
C GLU G 89 -79.69 62.99 -15.61
N ALA G 90 -78.90 63.72 -16.40
CA ALA G 90 -77.84 63.11 -17.18
C ALA G 90 -76.71 62.60 -16.28
N LEU G 91 -75.94 61.65 -16.80
CA LEU G 91 -74.85 61.06 -16.03
C LEU G 91 -73.76 62.09 -15.79
N CYS G 92 -73.24 62.09 -14.56
CA CYS G 92 -72.17 63.01 -14.16
C CYS G 92 -71.17 62.20 -13.33
N ILE G 93 -70.03 61.86 -13.94
CA ILE G 93 -69.01 61.07 -13.29
C ILE G 93 -67.71 61.88 -13.26
N GLU G 94 -66.83 61.51 -12.34
CA GLU G 94 -65.52 62.13 -12.22
C GLU G 94 -64.45 61.21 -12.76
N PRO G 95 -63.75 61.57 -13.83
CA PRO G 95 -62.65 60.74 -14.32
C PRO G 95 -61.52 60.70 -13.31
N PHE G 96 -60.80 59.58 -13.32
CA PHE G 96 -59.68 59.40 -12.40
C PHE G 96 -58.54 60.36 -12.74
N SER G 97 -57.94 60.93 -11.71
CA SER G 97 -56.85 61.88 -11.89
C SER G 97 -55.62 61.19 -12.46
N SER G 98 -54.89 61.93 -13.29
CA SER G 98 -53.68 61.39 -13.89
C SER G 98 -52.56 61.31 -12.86
N PRO G 99 -51.77 60.25 -12.86
CA PRO G 99 -50.61 60.17 -11.97
C PRO G 99 -49.54 61.16 -12.38
N PRO G 100 -48.68 61.58 -11.45
CA PRO G 100 -47.55 62.45 -11.82
C PRO G 100 -46.61 61.72 -12.78
N GLU G 101 -46.44 62.29 -13.96
CA GLU G 101 -45.67 61.64 -15.00
C GLU G 101 -44.17 61.67 -14.69
N LEU G 102 -43.45 60.73 -15.27
CA LEU G 102 -42.02 60.65 -15.07
C LEU G 102 -41.33 61.83 -15.76
N PRO G 103 -40.25 62.37 -15.16
CA PRO G 103 -39.50 63.49 -15.76
C PRO G 103 -38.78 63.09 -17.05
N ARG H 9 -89.26 -71.81 16.15
CA ARG H 9 -88.02 -71.63 15.39
C ARG H 9 -87.58 -70.17 15.43
N PHE H 10 -86.40 -69.93 16.00
CA PHE H 10 -85.88 -68.58 16.11
C PHE H 10 -85.40 -68.09 14.76
N GLU H 11 -85.81 -66.87 14.39
CA GLU H 11 -85.41 -66.26 13.13
C GLU H 11 -84.95 -64.83 13.38
N VAL H 12 -83.79 -64.48 12.83
CA VAL H 12 -83.19 -63.17 13.04
C VAL H 12 -83.48 -62.29 11.84
N LYS H 13 -83.99 -61.08 12.09
CA LYS H 13 -84.26 -60.13 11.02
C LYS H 13 -83.38 -58.89 11.09
N LYS H 14 -83.39 -58.17 12.22
CA LYS H 14 -82.62 -56.94 12.34
C LYS H 14 -81.21 -57.24 12.82
N TRP H 15 -80.24 -56.55 12.23
CA TRP H 15 -78.83 -56.70 12.59
C TRP H 15 -78.15 -55.33 12.67
N ASN H 16 -78.66 -54.46 13.54
CA ASN H 16 -78.06 -53.15 13.78
C ASN H 16 -76.56 -53.30 14.06
N ALA H 17 -75.71 -52.84 13.15
CA ALA H 17 -74.30 -53.21 13.16
C ALA H 17 -73.41 -52.00 12.95
N VAL H 18 -72.28 -51.98 13.67
CA VAL H 18 -71.28 -50.93 13.59
C VAL H 18 -69.93 -51.57 13.31
N ALA H 19 -69.19 -51.00 12.35
CA ALA H 19 -67.85 -51.48 12.01
C ALA H 19 -66.94 -50.30 11.77
N LEU H 20 -65.84 -50.24 12.53
CA LEU H 20 -64.88 -49.16 12.36
C LEU H 20 -64.06 -49.38 11.09
N TRP H 21 -63.81 -48.30 10.36
CA TRP H 21 -62.98 -48.34 9.17
C TRP H 21 -61.68 -47.58 9.42
N ALA H 22 -60.59 -48.11 8.87
CA ALA H 22 -59.26 -47.53 9.05
C ALA H 22 -58.54 -47.63 7.71
N TRP H 23 -57.22 -47.44 7.75
CA TRP H 23 -56.40 -47.51 6.55
C TRP H 23 -55.47 -48.72 6.63
N ASP H 24 -55.39 -49.47 5.53
CA ASP H 24 -54.64 -50.72 5.44
C ASP H 24 -53.76 -50.71 4.20
N ILE H 25 -53.03 -49.62 4.00
CA ILE H 25 -52.19 -49.45 2.82
C ILE H 25 -50.84 -50.09 3.13
N VAL H 26 -50.66 -51.33 2.68
CA VAL H 26 -49.36 -51.96 2.74
C VAL H 26 -48.55 -51.56 1.52
N VAL H 27 -47.22 -51.60 1.66
CA VAL H 27 -46.32 -50.93 0.72
C VAL H 27 -46.34 -51.63 -0.64
N ASP H 28 -46.39 -50.82 -1.71
CA ASP H 28 -46.30 -51.28 -3.09
C ASP H 28 -47.40 -52.28 -3.42
N ASN H 29 -48.61 -52.02 -2.92
CA ASN H 29 -49.76 -52.89 -3.12
C ASN H 29 -50.85 -52.12 -3.86
N CYS H 30 -51.46 -52.78 -4.84
CA CYS H 30 -52.58 -52.20 -5.56
C CYS H 30 -53.78 -52.09 -4.63
N ALA H 31 -54.16 -50.85 -4.30
CA ALA H 31 -55.21 -50.63 -3.31
C ALA H 31 -56.56 -51.15 -3.77
N ILE H 32 -56.88 -50.99 -5.06
CA ILE H 32 -58.16 -51.48 -5.56
C ILE H 32 -58.11 -52.98 -5.79
N CYS H 33 -57.06 -53.46 -6.47
CA CYS H 33 -56.97 -54.86 -6.86
C CYS H 33 -56.52 -55.77 -5.73
N ARG H 34 -56.12 -55.21 -4.59
CA ARG H 34 -55.79 -55.97 -3.37
C ARG H 34 -54.65 -56.97 -3.62
N ASN H 35 -53.65 -56.55 -4.39
CA ASN H 35 -52.46 -57.36 -4.62
C ASN H 35 -51.31 -56.43 -4.97
N HIS H 36 -50.17 -57.01 -5.34
CA HIS H 36 -49.00 -56.21 -5.67
C HIS H 36 -49.21 -55.45 -6.97
N ILE H 37 -48.65 -54.24 -7.03
CA ILE H 37 -48.78 -53.42 -8.22
C ILE H 37 -48.03 -54.03 -9.39
N MET H 38 -46.93 -54.74 -9.13
CA MET H 38 -46.15 -55.35 -10.20
C MET H 38 -46.85 -56.56 -10.82
N ASP H 39 -47.83 -57.13 -10.14
CA ASP H 39 -48.56 -58.28 -10.65
C ASP H 39 -49.66 -57.80 -11.60
N LEU H 40 -50.53 -58.72 -12.01
CA LEU H 40 -51.64 -58.38 -12.89
C LEU H 40 -52.83 -57.89 -12.08
N CYS H 41 -53.64 -57.04 -12.71
CA CYS H 41 -54.83 -56.52 -12.07
C CYS H 41 -55.86 -57.63 -11.87
N ILE H 42 -56.81 -57.38 -10.96
CA ILE H 42 -57.79 -58.41 -10.61
C ILE H 42 -58.70 -58.72 -11.80
N GLU H 43 -58.88 -57.77 -12.73
CA GLU H 43 -59.56 -58.09 -13.98
C GLU H 43 -58.69 -59.00 -14.84
N CYS H 44 -57.38 -58.78 -14.83
CA CYS H 44 -56.45 -59.62 -15.57
C CYS H 44 -55.94 -60.81 -14.78
N GLN H 45 -56.25 -60.89 -13.48
CA GLN H 45 -55.87 -62.07 -12.70
C GLN H 45 -56.59 -63.31 -13.21
N ALA H 46 -57.89 -63.21 -13.45
CA ALA H 46 -58.61 -64.24 -14.17
C ALA H 46 -58.38 -64.08 -15.66
N ASN H 47 -58.60 -65.18 -16.39
CA ASN H 47 -58.34 -65.34 -17.83
C ASN H 47 -57.03 -64.66 -18.24
N GLN H 48 -55.94 -65.13 -17.63
CA GLN H 48 -54.63 -64.56 -17.87
C GLN H 48 -54.16 -64.77 -19.31
N ALA H 49 -54.60 -65.87 -19.93
CA ALA H 49 -54.20 -66.14 -21.32
C ALA H 49 -54.79 -65.11 -22.28
N SER H 50 -55.96 -64.56 -21.97
CA SER H 50 -56.55 -63.52 -22.81
C SER H 50 -55.70 -62.26 -22.80
N ALA H 51 -55.20 -61.86 -21.63
CA ALA H 51 -54.35 -60.69 -21.52
C ALA H 51 -52.94 -60.99 -21.98
N THR H 52 -52.22 -59.94 -22.37
CA THR H 52 -50.83 -60.07 -22.79
C THR H 52 -49.85 -59.84 -21.65
N SER H 53 -50.35 -59.68 -20.42
CA SER H 53 -49.52 -59.51 -19.21
C SER H 53 -48.65 -58.26 -19.27
N GLU H 54 -49.09 -57.25 -20.03
CA GLU H 54 -48.37 -55.99 -20.13
C GLU H 54 -49.27 -54.77 -19.93
N GLU H 55 -50.57 -54.86 -20.23
CA GLU H 55 -51.47 -53.72 -20.15
C GLU H 55 -51.74 -53.25 -18.73
N CYS H 56 -51.31 -54.01 -17.72
CA CYS H 56 -51.42 -53.58 -16.33
C CYS H 56 -50.28 -52.61 -15.98
N THR H 57 -50.30 -51.46 -16.66
CA THR H 57 -49.26 -50.47 -16.47
C THR H 57 -49.44 -49.74 -15.15
N VAL H 58 -48.32 -49.45 -14.49
CA VAL H 58 -48.34 -48.81 -13.18
C VAL H 58 -48.72 -47.35 -13.35
N ALA H 59 -49.99 -47.04 -13.09
CA ALA H 59 -50.48 -45.68 -13.23
C ALA H 59 -49.92 -44.79 -12.11
N TRP H 60 -49.93 -43.49 -12.38
CA TRP H 60 -49.44 -42.50 -11.42
C TRP H 60 -50.28 -41.25 -11.54
N GLY H 61 -50.21 -40.41 -10.50
CA GLY H 61 -50.99 -39.19 -10.50
C GLY H 61 -50.48 -38.22 -9.44
N VAL H 62 -51.14 -37.06 -9.39
CA VAL H 62 -50.80 -36.04 -8.41
C VAL H 62 -51.07 -36.52 -7.00
N CYS H 63 -51.97 -37.51 -6.84
CA CYS H 63 -52.18 -38.14 -5.55
C CYS H 63 -51.02 -39.02 -5.11
N ASN H 64 -50.07 -39.30 -6.02
CA ASN H 64 -48.88 -40.10 -5.73
C ASN H 64 -49.24 -41.49 -5.23
N HIS H 65 -50.19 -42.13 -5.90
CA HIS H 65 -50.56 -43.51 -5.62
C HIS H 65 -50.51 -44.31 -6.90
N ALA H 66 -50.02 -45.55 -6.80
CA ALA H 66 -49.75 -46.40 -7.96
C ALA H 66 -50.77 -47.53 -8.03
N PHE H 67 -51.43 -47.66 -9.18
CA PHE H 67 -52.31 -48.77 -9.46
C PHE H 67 -52.09 -49.22 -10.91
N HIS H 68 -52.73 -50.31 -11.27
CA HIS H 68 -52.75 -50.71 -12.68
C HIS H 68 -53.68 -49.79 -13.45
N PHE H 69 -53.50 -49.76 -14.78
CA PHE H 69 -54.31 -48.89 -15.61
C PHE H 69 -55.77 -49.34 -15.65
N HIS H 70 -56.02 -50.64 -15.46
CA HIS H 70 -57.39 -51.13 -15.45
C HIS H 70 -58.16 -50.72 -14.21
N CYS H 71 -57.46 -50.35 -13.13
CA CYS H 71 -58.13 -50.03 -11.88
C CYS H 71 -58.86 -48.70 -11.96
N ILE H 72 -58.11 -47.62 -12.22
CA ILE H 72 -58.70 -46.28 -12.23
C ILE H 72 -59.67 -46.13 -13.40
N SER H 73 -59.35 -46.74 -14.55
CA SER H 73 -60.25 -46.69 -15.69
C SER H 73 -61.60 -47.34 -15.38
N ARG H 74 -61.57 -48.46 -14.67
CA ARG H 74 -62.81 -49.03 -14.14
C ARG H 74 -63.38 -48.16 -13.04
N TRP H 75 -62.50 -47.56 -12.22
CA TRP H 75 -62.96 -46.71 -11.13
C TRP H 75 -63.57 -45.41 -11.66
N LEU H 76 -63.01 -44.87 -12.75
CA LEU H 76 -63.52 -43.62 -13.32
C LEU H 76 -64.94 -43.75 -13.85
N LYS H 77 -65.38 -44.98 -14.19
CA LYS H 77 -66.76 -45.19 -14.60
C LYS H 77 -67.73 -44.87 -13.46
N THR H 78 -67.37 -45.26 -12.23
CA THR H 78 -68.23 -44.98 -11.08
C THR H 78 -68.07 -43.55 -10.61
N ARG H 79 -66.85 -43.16 -10.20
CA ARG H 79 -66.59 -41.83 -9.69
C ARG H 79 -65.24 -41.35 -10.19
N GLN H 80 -65.09 -40.03 -10.29
CA GLN H 80 -63.87 -39.40 -10.78
C GLN H 80 -62.91 -39.02 -9.66
N VAL H 81 -62.93 -39.75 -8.56
CA VAL H 81 -62.20 -39.39 -7.35
C VAL H 81 -61.21 -40.51 -7.00
N CYS H 82 -60.01 -40.11 -6.59
CA CYS H 82 -59.02 -41.08 -6.13
C CYS H 82 -59.54 -41.77 -4.86
N PRO H 83 -59.30 -43.07 -4.70
CA PRO H 83 -59.84 -43.78 -3.54
C PRO H 83 -59.12 -43.46 -2.23
N LEU H 84 -57.80 -43.31 -2.28
CA LEU H 84 -57.04 -43.12 -1.04
C LEU H 84 -57.27 -41.72 -0.46
N ASP H 85 -57.22 -40.70 -1.31
CA ASP H 85 -57.52 -39.34 -0.91
C ASP H 85 -58.69 -38.84 -1.73
N ASN H 86 -59.68 -38.24 -1.06
CA ASN H 86 -60.96 -37.92 -1.70
C ASN H 86 -60.85 -36.67 -2.58
N ARG H 87 -59.95 -36.74 -3.57
CA ARG H 87 -59.75 -35.67 -4.52
C ARG H 87 -59.72 -36.25 -5.93
N GLU H 88 -59.84 -35.35 -6.91
CA GLU H 88 -59.93 -35.78 -8.30
C GLU H 88 -58.61 -36.36 -8.79
N TRP H 89 -58.71 -37.43 -9.58
CA TRP H 89 -57.56 -38.18 -10.06
C TRP H 89 -56.97 -37.55 -11.31
N GLU H 90 -55.65 -37.63 -11.44
CA GLU H 90 -54.95 -37.18 -12.65
C GLU H 90 -53.96 -38.26 -13.08
N PHE H 91 -53.53 -38.16 -14.33
CA PHE H 91 -52.42 -38.96 -14.85
C PHE H 91 -51.20 -38.05 -15.02
N GLN H 92 -50.06 -38.49 -14.49
CA GLN H 92 -48.84 -37.71 -14.59
C GLN H 92 -47.72 -38.41 -15.34
N LYS H 93 -47.68 -39.74 -15.35
CA LYS H 93 -46.60 -40.49 -15.98
C LYS H 93 -47.20 -41.72 -16.64
N TYR H 94 -46.33 -42.63 -17.05
CA TYR H 94 -46.76 -43.87 -17.70
C TYR H 94 -46.31 -45.09 -16.89
N MET I 1 72.61 -7.61 9.22
CA MET I 1 71.52 -7.00 9.97
C MET I 1 70.21 -7.15 9.20
N GLU I 2 69.10 -7.07 9.94
CA GLU I 2 67.78 -7.22 9.32
C GLU I 2 67.46 -6.08 8.36
N GLY I 3 67.95 -4.87 8.66
CA GLY I 3 67.81 -3.77 7.72
C GLY I 3 68.57 -4.03 6.43
N LEU I 4 69.76 -4.63 6.54
CA LEU I 4 70.51 -5.02 5.35
C LEU I 4 69.77 -6.09 4.57
N ALA I 5 69.12 -7.03 5.26
CA ALA I 5 68.35 -8.06 4.56
C ALA I 5 67.18 -7.46 3.80
N GLY I 6 66.43 -6.55 4.45
CA GLY I 6 65.35 -5.88 3.76
C GLY I 6 65.83 -5.02 2.61
N TYR I 7 67.03 -4.43 2.75
CA TYR I 7 67.55 -3.57 1.70
C TYR I 7 68.04 -4.41 0.52
N VAL I 8 68.57 -5.62 0.80
CA VAL I 8 68.83 -6.62 -0.25
C VAL I 8 67.53 -6.97 -0.97
N TYR I 9 66.47 -7.23 -0.21
CA TYR I 9 65.19 -7.61 -0.81
C TYR I 9 64.65 -6.50 -1.71
N LYS I 10 64.74 -5.24 -1.26
CA LYS I 10 64.29 -4.12 -2.07
C LYS I 10 65.14 -3.97 -3.32
N ALA I 11 66.47 -4.09 -3.17
CA ALA I 11 67.37 -3.95 -4.31
C ALA I 11 67.11 -5.00 -5.38
N ALA I 12 66.82 -6.24 -4.95
CA ALA I 12 66.47 -7.28 -5.91
C ALA I 12 65.06 -7.11 -6.45
N SER I 13 64.17 -6.45 -5.68
CA SER I 13 62.78 -6.30 -6.11
C SER I 13 62.65 -5.24 -7.19
N GLU I 14 63.03 -4.00 -6.88
CA GLU I 14 62.89 -2.92 -7.86
C GLU I 14 64.12 -2.73 -8.72
N GLY I 15 65.04 -3.69 -8.72
CA GLY I 15 66.17 -3.65 -9.64
C GLY I 15 67.24 -2.64 -9.31
N LYS I 16 67.37 -2.25 -8.04
CA LYS I 16 68.39 -1.28 -7.63
C LYS I 16 69.73 -2.01 -7.59
N VAL I 17 70.36 -2.12 -8.77
CA VAL I 17 71.61 -2.86 -8.89
C VAL I 17 72.77 -2.13 -8.23
N LEU I 18 72.77 -0.79 -8.28
CA LEU I 18 73.84 -0.02 -7.66
C LEU I 18 73.85 -0.18 -6.15
N THR I 19 72.66 -0.15 -5.53
CA THR I 19 72.58 -0.39 -4.09
C THR I 19 72.99 -1.81 -3.74
N LEU I 20 72.67 -2.78 -4.61
CA LEU I 20 73.10 -4.15 -4.39
C LEU I 20 74.62 -4.26 -4.44
N ALA I 21 75.25 -3.56 -5.38
CA ALA I 21 76.71 -3.55 -5.46
C ALA I 21 77.33 -2.87 -4.25
N ALA I 22 76.69 -1.80 -3.73
CA ALA I 22 77.16 -1.20 -2.49
C ALA I 22 77.04 -2.16 -1.33
N LEU I 23 75.97 -2.95 -1.30
CA LEU I 23 75.82 -4.02 -0.31
C LEU I 23 76.93 -5.05 -0.42
N LEU I 24 77.26 -5.46 -1.64
CA LEU I 24 78.20 -6.54 -1.88
C LEU I 24 79.65 -6.08 -1.84
N LEU I 25 79.89 -4.79 -1.59
CA LEU I 25 81.23 -4.24 -1.38
C LEU I 25 81.28 -3.57 -0.02
N ASN I 26 82.49 -3.12 0.34
CA ASN I 26 82.79 -2.28 1.51
C ASN I 26 82.55 -2.99 2.85
N ARG I 27 82.20 -4.27 2.84
CA ARG I 27 81.98 -5.01 4.08
C ARG I 27 82.56 -6.41 3.92
N SER I 28 82.20 -7.30 4.85
CA SER I 28 82.66 -8.68 4.82
C SER I 28 81.87 -9.48 3.79
N GLU I 29 82.08 -10.79 3.75
CA GLU I 29 81.43 -11.63 2.75
C GLU I 29 80.47 -12.66 3.33
N SER I 30 80.74 -13.19 4.52
CA SER I 30 79.89 -14.27 5.06
C SER I 30 78.52 -13.74 5.47
N ASP I 31 78.49 -12.64 6.23
CA ASP I 31 77.22 -12.08 6.68
C ASP I 31 76.41 -11.53 5.52
N ILE I 32 77.08 -10.84 4.58
CA ILE I 32 76.38 -10.29 3.42
C ILE I 32 75.87 -11.42 2.54
N ARG I 33 76.64 -12.52 2.42
CA ARG I 33 76.17 -13.68 1.66
C ARG I 33 74.95 -14.31 2.30
N TYR I 34 74.95 -14.42 3.62
CA TYR I 34 73.79 -14.98 4.32
C TYR I 34 72.57 -14.07 4.17
N LEU I 35 72.79 -12.74 4.16
CA LEU I 35 71.67 -11.82 3.98
C LEU I 35 71.14 -11.86 2.56
N LEU I 36 72.00 -12.06 1.56
CA LEU I 36 71.53 -12.16 0.19
C LEU I 36 71.04 -13.56 -0.17
N GLY I 37 71.20 -14.53 0.74
CA GLY I 37 70.65 -15.84 0.49
C GLY I 37 69.18 -16.00 0.73
N TYR I 38 68.51 -14.95 1.21
CA TYR I 38 67.09 -15.00 1.52
C TYR I 38 66.53 -13.58 1.53
N VAL I 39 65.20 -13.49 1.49
CA VAL I 39 64.51 -12.22 1.61
C VAL I 39 63.54 -12.31 2.79
N SER I 40 62.96 -11.16 3.13
CA SER I 40 61.96 -11.10 4.19
C SER I 40 60.70 -11.84 3.75
N GLN I 41 59.97 -12.36 4.74
CA GLN I 41 58.75 -13.14 4.47
C GLN I 41 57.57 -12.18 4.28
N GLN I 42 57.61 -11.47 3.17
CA GLN I 42 56.57 -10.51 2.79
C GLN I 42 55.87 -11.01 1.53
N GLY I 43 54.54 -11.00 1.55
CA GLY I 43 53.79 -11.51 0.42
C GLY I 43 53.76 -13.01 0.32
N GLY I 44 54.02 -13.71 1.41
CA GLY I 44 54.02 -15.17 1.40
C GLY I 44 55.11 -15.79 0.56
N GLN I 45 56.34 -15.27 0.64
CA GLN I 45 57.44 -15.82 -0.13
C GLN I 45 58.76 -15.59 0.60
N ARG I 46 59.58 -16.64 0.65
CA ARG I 46 60.94 -16.57 1.16
C ARG I 46 61.96 -16.68 0.03
N SER I 47 61.58 -16.21 -1.16
CA SER I 47 62.29 -16.50 -2.39
C SER I 47 63.70 -15.92 -2.40
N THR I 48 64.52 -16.46 -3.30
CA THR I 48 65.85 -15.93 -3.53
C THR I 48 65.75 -14.52 -4.11
N PRO I 49 66.68 -13.64 -3.74
CA PRO I 49 66.75 -12.34 -4.46
C PRO I 49 66.92 -12.49 -5.96
N LEU I 50 67.64 -13.52 -6.40
CA LEU I 50 67.74 -13.80 -7.83
C LEU I 50 66.40 -14.21 -8.42
N ILE I 51 65.57 -14.90 -7.63
CA ILE I 51 64.24 -15.29 -8.10
C ILE I 51 63.38 -14.06 -8.39
N ILE I 52 63.37 -13.10 -7.46
CA ILE I 52 62.58 -11.90 -7.68
C ILE I 52 63.24 -10.94 -8.66
N ALA I 53 64.55 -11.09 -8.91
CA ALA I 53 65.18 -10.35 -9.99
C ALA I 53 64.82 -10.93 -11.34
N ALA I 54 64.63 -12.25 -11.43
CA ALA I 54 64.16 -12.89 -12.64
C ALA I 54 62.65 -12.72 -12.85
N ARG I 55 61.90 -12.44 -11.80
CA ARG I 55 60.46 -12.25 -11.93
C ARG I 55 60.13 -11.02 -12.77
N ASN I 56 60.89 -9.94 -12.60
CA ASN I 56 60.68 -8.72 -13.37
C ASN I 56 61.72 -8.55 -14.48
N GLY I 57 62.47 -9.60 -14.79
CA GLY I 57 63.44 -9.57 -15.88
C GLY I 57 64.63 -8.66 -15.66
N HIS I 58 65.20 -8.67 -14.46
CA HIS I 58 66.38 -7.87 -14.16
C HIS I 58 67.61 -8.79 -14.21
N ALA I 59 68.09 -9.02 -15.43
CA ALA I 59 69.28 -9.86 -15.61
C ALA I 59 70.54 -9.14 -15.15
N LYS I 60 70.54 -7.80 -15.21
CA LYS I 60 71.70 -7.04 -14.74
C LYS I 60 71.91 -7.22 -13.24
N VAL I 61 70.81 -7.25 -12.47
CA VAL I 61 70.91 -7.37 -11.02
C VAL I 61 71.54 -8.71 -10.63
N VAL I 62 71.00 -9.80 -11.19
CA VAL I 62 71.52 -11.13 -10.87
C VAL I 62 72.93 -11.30 -11.41
N ARG I 63 73.23 -10.71 -12.58
CA ARG I 63 74.58 -10.81 -13.13
C ARG I 63 75.61 -10.11 -12.26
N LEU I 64 75.28 -8.89 -11.80
CA LEU I 64 76.21 -8.18 -10.92
C LEU I 64 76.32 -8.86 -9.56
N LEU I 65 75.23 -9.44 -9.06
CA LEU I 65 75.29 -10.18 -7.81
C LEU I 65 76.22 -11.38 -7.93
N LEU I 66 76.10 -12.15 -9.02
CA LEU I 66 76.98 -13.30 -9.21
C LEU I 66 78.42 -12.87 -9.48
N GLU I 67 78.61 -11.69 -10.10
CA GLU I 67 79.97 -11.21 -10.34
C GLU I 67 80.65 -10.79 -9.05
N HIS I 68 79.92 -10.12 -8.15
CA HIS I 68 80.54 -9.63 -6.92
C HIS I 68 80.66 -10.73 -5.87
N TYR I 69 79.52 -11.28 -5.43
CA TYR I 69 79.48 -12.38 -4.47
C TYR I 69 78.85 -13.59 -5.16
N ARG I 70 79.69 -14.52 -5.62
CA ARG I 70 79.20 -15.68 -6.36
C ARG I 70 78.40 -16.59 -5.43
N VAL I 71 77.12 -16.74 -5.71
CA VAL I 71 76.23 -17.61 -4.94
C VAL I 71 75.65 -18.63 -5.89
N GLN I 72 75.26 -19.78 -5.34
CA GLN I 72 74.63 -20.81 -6.16
C GLN I 72 73.23 -20.37 -6.56
N THR I 73 72.95 -20.46 -7.87
CA THR I 73 71.63 -20.11 -8.38
C THR I 73 70.58 -21.16 -8.05
N GLN I 74 71.00 -22.31 -7.52
CA GLN I 74 70.09 -23.36 -7.07
C GLN I 74 69.49 -23.06 -5.70
N GLN I 75 69.75 -21.88 -5.14
CA GLN I 75 69.14 -21.49 -3.87
C GLN I 75 67.63 -21.40 -4.03
N THR I 76 66.91 -22.22 -3.26
CA THR I 76 65.47 -22.33 -3.42
C THR I 76 64.76 -21.16 -2.74
N GLY I 77 63.44 -21.19 -2.78
CA GLY I 77 62.64 -20.14 -2.18
C GLY I 77 61.17 -20.23 -2.55
N THR I 78 60.29 -19.81 -1.63
CA THR I 78 58.86 -19.86 -1.89
C THR I 78 58.48 -18.87 -2.98
N VAL I 79 57.71 -19.34 -3.96
CA VAL I 79 57.29 -18.52 -5.09
C VAL I 79 55.77 -18.59 -5.19
N ARG I 80 55.13 -17.44 -5.30
CA ARG I 80 53.68 -17.37 -5.40
C ARG I 80 53.24 -17.32 -6.86
N PHE I 81 52.03 -17.79 -7.11
CA PHE I 81 51.39 -17.76 -8.41
C PHE I 81 50.04 -17.07 -8.28
N ASP I 82 49.22 -17.18 -9.32
CA ASP I 82 47.89 -16.56 -9.30
C ASP I 82 47.02 -17.13 -8.18
N GLY I 83 47.05 -18.44 -8.00
CA GLY I 83 46.29 -19.06 -6.93
C GLY I 83 47.00 -20.23 -6.30
N TYR I 84 48.30 -20.37 -6.58
CA TYR I 84 49.09 -21.51 -6.12
C TYR I 84 50.38 -21.00 -5.50
N VAL I 85 50.91 -21.77 -4.55
CA VAL I 85 52.15 -21.44 -3.85
C VAL I 85 53.07 -22.65 -3.99
N ILE I 86 54.00 -22.59 -4.94
CA ILE I 86 54.98 -23.65 -5.16
C ILE I 86 56.36 -23.02 -5.02
N ASP I 87 57.18 -23.59 -4.12
CA ASP I 87 58.47 -22.99 -3.78
C ASP I 87 59.47 -23.27 -4.88
N GLY I 88 59.84 -22.22 -5.62
CA GLY I 88 60.78 -22.32 -6.72
C GLY I 88 62.17 -22.77 -6.33
N ALA I 89 62.70 -23.76 -7.06
CA ALA I 89 64.02 -24.28 -6.76
C ALA I 89 65.16 -23.37 -7.22
N THR I 90 64.96 -22.66 -8.33
CA THR I 90 66.02 -21.84 -8.89
C THR I 90 65.41 -20.59 -9.54
N ALA I 91 66.27 -19.60 -9.80
CA ALA I 91 65.81 -18.34 -10.35
C ALA I 91 65.45 -18.48 -11.82
N LEU I 92 66.18 -19.32 -12.57
CA LEU I 92 65.90 -19.46 -13.99
C LEU I 92 64.58 -20.16 -14.27
N TRP I 93 64.10 -20.99 -13.33
CA TRP I 93 62.75 -21.53 -13.45
C TRP I 93 61.71 -20.41 -13.43
N CYS I 94 61.87 -19.46 -12.51
CA CYS I 94 60.96 -18.32 -12.47
C CYS I 94 61.15 -17.41 -13.68
N ALA I 95 62.37 -17.31 -14.21
CA ALA I 95 62.60 -16.54 -15.43
C ALA I 95 61.88 -17.17 -16.61
N ALA I 96 61.94 -18.50 -16.73
CA ALA I 96 61.23 -19.19 -17.79
C ALA I 96 59.72 -19.07 -17.62
N GLY I 97 59.24 -19.15 -16.37
CA GLY I 97 57.83 -18.95 -16.11
C GLY I 97 57.35 -17.53 -16.32
N ALA I 98 58.26 -16.56 -16.26
CA ALA I 98 57.93 -15.16 -16.49
C ALA I 98 58.42 -14.65 -17.84
N GLY I 99 59.00 -15.52 -18.67
CA GLY I 99 59.41 -15.14 -20.01
C GLY I 99 60.61 -14.20 -20.05
N HIS I 100 61.73 -14.64 -19.49
CA HIS I 100 62.95 -13.84 -19.46
C HIS I 100 64.12 -14.73 -19.88
N PHE I 101 64.44 -14.68 -21.17
CA PHE I 101 65.53 -15.50 -21.71
C PHE I 101 66.89 -15.04 -21.23
N GLU I 102 67.04 -13.74 -20.95
CA GLU I 102 68.35 -13.20 -20.56
C GLU I 102 68.82 -13.78 -19.23
N VAL I 103 67.93 -13.85 -18.25
CA VAL I 103 68.31 -14.39 -16.95
C VAL I 103 68.64 -15.88 -17.06
N VAL I 104 67.86 -16.61 -17.86
CA VAL I 104 68.11 -18.04 -18.04
C VAL I 104 69.46 -18.28 -18.69
N LYS I 105 69.78 -17.53 -19.75
CA LYS I 105 71.05 -17.76 -20.44
C LYS I 105 72.23 -17.31 -19.58
N LEU I 106 72.06 -16.23 -18.80
CA LEU I 106 73.14 -15.80 -17.92
C LEU I 106 73.38 -16.80 -16.80
N LEU I 107 72.30 -17.40 -16.27
CA LEU I 107 72.45 -18.38 -15.20
C LEU I 107 73.06 -19.67 -15.73
N VAL I 108 72.72 -20.07 -16.96
CA VAL I 108 73.36 -21.25 -17.56
C VAL I 108 74.83 -20.96 -17.84
N SER I 109 75.15 -19.74 -18.27
CA SER I 109 76.55 -19.37 -18.48
C SER I 109 77.32 -19.40 -17.17
N HIS I 110 76.71 -18.95 -16.08
CA HIS I 110 77.35 -19.05 -14.77
C HIS I 110 77.43 -20.48 -14.26
N GLY I 111 76.67 -21.40 -14.86
CA GLY I 111 76.65 -22.78 -14.41
C GLY I 111 75.49 -23.03 -13.47
N ALA I 112 74.49 -23.79 -13.93
CA ALA I 112 73.27 -23.96 -13.16
C ALA I 112 72.59 -25.26 -13.56
N ASN I 113 71.64 -25.68 -12.74
CA ASN I 113 70.86 -26.88 -13.00
C ASN I 113 69.79 -26.57 -14.04
N VAL I 114 69.91 -27.19 -15.22
CA VAL I 114 68.98 -26.94 -16.31
C VAL I 114 67.59 -27.50 -16.02
N ASN I 115 67.49 -28.55 -15.21
CA ASN I 115 66.22 -29.21 -14.91
C ASN I 115 66.03 -29.30 -13.39
N HIS I 116 66.26 -28.18 -12.71
CA HIS I 116 66.08 -28.11 -11.27
C HIS I 116 64.61 -28.28 -10.92
N THR I 117 64.26 -29.45 -10.40
CA THR I 117 62.87 -29.75 -10.07
C THR I 117 62.38 -28.87 -8.93
N THR I 118 61.17 -28.35 -9.09
CA THR I 118 60.54 -27.46 -8.12
C THR I 118 59.90 -28.36 -7.05
N VAL I 119 59.08 -27.80 -6.16
CA VAL I 119 58.42 -28.62 -5.14
C VAL I 119 57.52 -29.67 -5.78
N THR I 120 56.66 -29.25 -6.71
CA THR I 120 55.94 -30.20 -7.55
C THR I 120 56.69 -30.43 -8.86
N ASN I 121 58.00 -30.68 -8.75
CA ASN I 121 58.96 -30.98 -9.81
C ASN I 121 58.75 -30.17 -11.10
N SER I 122 58.38 -28.90 -10.97
CA SER I 122 58.13 -28.07 -12.14
C SER I 122 59.44 -27.74 -12.84
N THR I 123 59.64 -28.30 -14.02
CA THR I 123 60.87 -28.07 -14.77
C THR I 123 60.91 -26.64 -15.28
N PRO I 124 62.09 -26.02 -15.36
CA PRO I 124 62.20 -24.75 -16.09
C PRO I 124 61.79 -24.86 -17.55
N LEU I 125 62.04 -26.01 -18.19
CA LEU I 125 61.48 -26.26 -19.51
C LEU I 125 59.95 -26.31 -19.45
N ARG I 126 59.41 -26.91 -18.40
CA ARG I 126 57.96 -26.92 -18.20
C ARG I 126 57.42 -25.51 -17.97
N ALA I 127 58.17 -24.69 -17.22
CA ALA I 127 57.77 -23.30 -17.02
C ALA I 127 57.78 -22.52 -18.33
N ALA I 128 58.78 -22.77 -19.18
CA ALA I 128 58.82 -22.13 -20.49
C ALA I 128 57.67 -22.61 -21.37
N CYS I 129 57.31 -23.88 -21.26
CA CYS I 129 56.14 -24.39 -21.99
C CYS I 129 54.86 -23.72 -21.49
N PHE I 130 54.78 -23.45 -20.19
CA PHE I 130 53.66 -22.69 -19.65
C PHE I 130 53.62 -21.28 -20.22
N ASP I 131 54.77 -20.61 -20.27
CA ASP I 131 54.81 -19.26 -20.80
C ASP I 131 54.69 -19.25 -22.32
N GLY I 132 55.37 -20.16 -23.00
CA GLY I 132 55.34 -20.22 -24.44
C GLY I 132 56.56 -19.66 -25.16
N ARG I 133 57.62 -19.35 -24.43
CA ARG I 133 58.84 -18.81 -25.04
C ARG I 133 59.59 -19.94 -25.73
N LEU I 134 59.69 -19.86 -27.06
CA LEU I 134 60.35 -20.93 -27.82
C LEU I 134 61.86 -20.87 -27.70
N ASP I 135 62.43 -19.67 -27.55
CA ASP I 135 63.89 -19.54 -27.45
C ASP I 135 64.41 -20.21 -26.18
N ILE I 136 63.68 -20.07 -25.07
CA ILE I 136 64.08 -20.72 -23.83
C ILE I 136 64.00 -22.24 -23.98
N VAL I 137 62.96 -22.73 -24.65
CA VAL I 137 62.83 -24.17 -24.89
C VAL I 137 64.00 -24.69 -25.72
N LYS I 138 64.36 -23.95 -26.78
CA LYS I 138 65.49 -24.34 -27.61
C LYS I 138 66.79 -24.34 -26.81
N TYR I 139 66.98 -23.35 -25.95
CA TYR I 139 68.23 -23.27 -25.20
C TYR I 139 68.35 -24.41 -24.18
N LEU I 140 67.25 -24.74 -23.51
CA LEU I 140 67.30 -25.84 -22.54
C LEU I 140 67.44 -27.18 -23.22
N VAL I 141 66.78 -27.40 -24.37
CA VAL I 141 66.99 -28.68 -25.06
C VAL I 141 68.38 -28.74 -25.70
N GLU I 142 69.02 -27.59 -25.95
CA GLU I 142 70.44 -27.60 -26.25
C GLU I 142 71.25 -27.97 -25.02
N ASN I 143 70.80 -27.55 -23.84
CA ASN I 143 71.47 -27.84 -22.58
C ASN I 143 70.89 -29.08 -21.88
N ASN I 144 70.40 -30.06 -22.64
CA ASN I 144 69.86 -31.32 -22.14
C ASN I 144 68.67 -31.09 -21.19
N ALA I 145 67.59 -30.55 -21.75
CA ALA I 145 66.36 -30.40 -21.00
C ALA I 145 65.74 -31.76 -20.74
N ASN I 146 65.14 -31.93 -19.56
CA ASN I 146 64.45 -33.16 -19.19
C ASN I 146 63.00 -33.03 -19.60
N ILE I 147 62.66 -33.59 -20.76
CA ILE I 147 61.30 -33.50 -21.29
C ILE I 147 60.37 -34.56 -20.74
N SER I 148 60.89 -35.51 -19.96
CA SER I 148 60.11 -36.60 -19.42
C SER I 148 59.63 -36.35 -17.99
N ILE I 149 59.87 -35.17 -17.44
CA ILE I 149 59.48 -34.88 -16.07
C ILE I 149 57.99 -34.63 -15.99
N ALA I 150 57.31 -35.36 -15.12
CA ALA I 150 55.88 -35.23 -14.90
C ALA I 150 55.61 -34.99 -13.42
N ASN I 151 54.52 -34.27 -13.15
CA ASN I 151 54.20 -33.85 -11.79
C ASN I 151 53.71 -35.03 -10.96
N LYS I 152 53.36 -34.73 -9.70
CA LYS I 152 52.55 -35.66 -8.92
C LYS I 152 51.23 -35.95 -9.61
N TYR I 153 50.69 -34.96 -10.32
CA TYR I 153 49.55 -35.13 -11.20
C TYR I 153 49.94 -35.70 -12.57
N ASP I 154 51.18 -36.19 -12.71
CA ASP I 154 51.68 -36.85 -13.92
C ASP I 154 51.59 -35.94 -15.13
N ASN I 155 51.97 -34.67 -14.96
CA ASN I 155 51.86 -33.66 -16.01
C ASN I 155 53.23 -33.51 -16.67
N THR I 156 53.45 -34.27 -17.74
CA THR I 156 54.61 -34.09 -18.59
C THR I 156 54.52 -32.74 -19.30
N CYS I 157 55.68 -32.10 -19.51
CA CYS I 157 55.74 -30.73 -20.01
C CYS I 157 55.07 -30.54 -21.36
N LEU I 158 54.90 -31.61 -22.14
CA LEU I 158 54.12 -31.52 -23.37
C LEU I 158 52.66 -31.18 -23.08
N MET I 159 52.11 -31.73 -21.99
CA MET I 159 50.75 -31.39 -21.59
C MET I 159 50.63 -29.90 -21.27
N ILE I 160 51.61 -29.36 -20.54
CA ILE I 160 51.60 -27.95 -20.18
C ILE I 160 51.76 -27.07 -21.40
N ALA I 161 52.59 -27.50 -22.36
CA ALA I 161 52.69 -26.79 -23.62
C ALA I 161 51.37 -26.82 -24.39
N ALA I 162 50.64 -27.93 -24.30
CA ALA I 162 49.36 -28.07 -24.98
C ALA I 162 48.19 -27.46 -24.21
N TYR I 163 48.44 -26.96 -22.99
CA TYR I 163 47.37 -26.29 -22.25
C TYR I 163 46.86 -25.06 -22.98
N LYS I 164 47.77 -24.21 -23.45
CA LYS I 164 47.43 -22.97 -24.13
C LYS I 164 47.76 -23.10 -25.62
N GLY I 165 47.61 -21.99 -26.34
CA GLY I 165 47.84 -21.99 -27.77
C GLY I 165 49.30 -21.79 -28.15
N HIS I 166 50.21 -22.38 -27.37
CA HIS I 166 51.64 -22.33 -27.66
C HIS I 166 51.98 -23.46 -28.64
N THR I 167 51.51 -23.29 -29.88
CA THR I 167 51.67 -24.32 -30.89
C THR I 167 53.13 -24.43 -31.34
N ASP I 168 53.88 -23.33 -31.32
CA ASP I 168 55.29 -23.39 -31.65
C ASP I 168 56.07 -24.24 -30.65
N VAL I 169 55.77 -24.08 -29.36
CA VAL I 169 56.42 -24.89 -28.33
C VAL I 169 56.03 -26.34 -28.48
N VAL I 170 54.75 -26.60 -28.81
CA VAL I 170 54.27 -27.97 -28.97
C VAL I 170 54.97 -28.65 -30.14
N ARG I 171 55.06 -27.95 -31.28
CA ARG I 171 55.68 -28.55 -32.45
C ARG I 171 57.18 -28.72 -32.28
N TYR I 172 57.84 -27.80 -31.57
CA TYR I 172 59.26 -27.98 -31.32
C TYR I 172 59.52 -29.11 -30.33
N LEU I 173 58.62 -29.28 -29.34
CA LEU I 173 58.79 -30.35 -28.38
C LEU I 173 58.58 -31.72 -29.04
N LEU I 174 57.51 -31.86 -29.83
CA LEU I 174 57.31 -33.11 -30.55
C LEU I 174 58.39 -33.34 -31.61
N GLU I 175 59.01 -32.26 -32.11
CA GLU I 175 60.20 -32.41 -32.92
C GLU I 175 61.35 -32.97 -32.09
N GLN I 176 61.44 -32.58 -30.82
CA GLN I 176 62.51 -33.06 -29.93
C GLN I 176 62.08 -34.32 -29.18
N ARG I 177 61.52 -35.29 -29.91
CA ARG I 177 61.24 -36.64 -29.43
C ARG I 177 60.40 -36.65 -28.14
N ALA I 178 59.32 -35.87 -28.15
CA ALA I 178 58.44 -35.82 -27.00
C ALA I 178 57.56 -37.07 -26.94
N ASP I 179 56.69 -37.11 -25.93
CA ASP I 179 55.75 -38.23 -25.72
C ASP I 179 54.34 -37.68 -25.91
N PRO I 180 53.76 -37.82 -27.11
CA PRO I 180 52.39 -37.35 -27.32
C PRO I 180 51.34 -38.12 -26.54
N ASN I 181 51.68 -39.31 -26.04
CA ASN I 181 50.75 -40.11 -25.24
C ASN I 181 51.17 -40.18 -23.78
N ALA I 182 51.72 -39.08 -23.25
CA ALA I 182 52.11 -39.04 -21.85
C ALA I 182 50.87 -38.93 -20.97
N LYS I 183 50.67 -39.93 -20.12
CA LYS I 183 49.45 -40.03 -19.33
C LYS I 183 49.51 -39.10 -18.14
N ALA I 184 48.35 -38.52 -17.79
CA ALA I 184 48.21 -37.71 -16.60
C ALA I 184 47.65 -38.55 -15.45
N HIS I 185 47.44 -37.89 -14.31
CA HIS I 185 46.92 -38.59 -13.14
C HIS I 185 45.49 -39.06 -13.35
N CYS I 186 44.66 -38.22 -13.98
CA CYS I 186 43.26 -38.54 -14.25
C CYS I 186 43.05 -39.09 -15.65
N GLY I 187 44.09 -39.67 -16.24
CA GLY I 187 44.00 -40.22 -17.57
C GLY I 187 44.14 -39.25 -18.70
N ALA I 188 44.32 -37.95 -18.40
CA ALA I 188 44.35 -36.94 -19.45
C ALA I 188 45.66 -37.02 -20.24
N THR I 189 45.64 -36.43 -21.43
CA THR I 189 46.78 -36.39 -22.32
C THR I 189 46.65 -35.11 -23.13
N ALA I 190 47.72 -34.76 -23.86
CA ALA I 190 47.70 -33.56 -24.70
C ALA I 190 46.59 -33.61 -25.75
N LEU I 191 46.20 -34.81 -26.19
CA LEU I 191 45.04 -34.93 -27.06
C LEU I 191 43.78 -34.45 -26.37
N HIS I 192 43.50 -34.97 -25.17
CA HIS I 192 42.34 -34.50 -24.41
C HIS I 192 42.50 -33.05 -23.97
N PHE I 193 43.74 -32.63 -23.64
CA PHE I 193 43.96 -31.26 -23.20
C PHE I 193 43.67 -30.27 -24.31
N ALA I 194 44.12 -30.56 -25.53
CA ALA I 194 43.83 -29.69 -26.66
C ALA I 194 42.38 -29.82 -27.12
N ALA I 195 41.77 -30.98 -26.89
CA ALA I 195 40.34 -31.13 -27.16
C ALA I 195 39.50 -30.25 -26.24
N GLU I 196 39.90 -30.18 -24.96
CA GLU I 196 39.18 -29.33 -24.01
C GLU I 196 39.47 -27.85 -24.25
N ALA I 197 40.73 -27.50 -24.52
CA ALA I 197 41.12 -26.11 -24.70
C ALA I 197 40.89 -25.61 -26.12
N GLY I 198 40.48 -26.48 -27.04
CA GLY I 198 40.15 -26.06 -28.40
C GLY I 198 41.31 -25.56 -29.24
N HIS I 199 42.45 -26.25 -29.18
CA HIS I 199 43.60 -25.94 -30.03
C HIS I 199 43.65 -27.00 -31.12
N ILE I 200 42.93 -26.75 -32.21
CA ILE I 200 42.83 -27.72 -33.30
C ILE I 200 44.17 -27.89 -34.00
N ASP I 201 44.95 -26.81 -34.11
CA ASP I 201 46.27 -26.90 -34.73
C ASP I 201 47.22 -27.77 -33.91
N ILE I 202 47.11 -27.73 -32.58
CA ILE I 202 47.91 -28.62 -31.74
C ILE I 202 47.47 -30.08 -31.95
N VAL I 203 46.17 -30.30 -32.13
CA VAL I 203 45.68 -31.64 -32.43
C VAL I 203 46.26 -32.15 -33.74
N LYS I 204 46.29 -31.28 -34.77
CA LYS I 204 46.88 -31.68 -36.05
C LYS I 204 48.38 -31.90 -35.93
N GLU I 205 49.05 -31.12 -35.07
CA GLU I 205 50.48 -31.31 -34.85
C GLU I 205 50.77 -32.66 -34.21
N LEU I 206 49.93 -33.07 -33.25
CA LEU I 206 50.08 -34.41 -32.67
C LEU I 206 49.67 -35.49 -33.68
N ILE I 207 48.73 -35.18 -34.56
CA ILE I 207 48.34 -36.11 -35.62
C ILE I 207 49.49 -36.30 -36.60
N LYS I 208 50.34 -35.29 -36.76
CA LYS I 208 51.56 -35.47 -37.55
C LYS I 208 52.46 -36.54 -36.94
N TRP I 209 52.55 -36.58 -35.61
CA TRP I 209 53.27 -37.68 -34.95
C TRP I 209 52.47 -38.97 -35.01
N ARG I 210 51.17 -38.90 -34.72
CA ARG I 210 50.22 -40.03 -34.66
C ARG I 210 50.83 -41.29 -34.05
N ALA I 211 51.38 -41.14 -32.85
CA ALA I 211 51.92 -42.30 -32.14
C ALA I 211 50.79 -43.25 -31.71
N ALA I 212 49.89 -42.75 -30.87
CA ALA I 212 48.74 -43.53 -30.42
C ALA I 212 47.68 -42.59 -29.87
N ILE I 213 46.49 -43.13 -29.68
CA ILE I 213 45.38 -42.41 -29.06
C ILE I 213 44.92 -43.20 -27.85
N VAL I 214 44.70 -42.52 -26.73
CA VAL I 214 44.42 -43.18 -25.46
C VAL I 214 43.20 -42.52 -24.81
N VAL I 215 42.52 -43.29 -23.96
CA VAL I 215 41.33 -42.83 -23.25
C VAL I 215 41.75 -42.14 -21.95
N ASN I 216 40.82 -41.41 -21.34
CA ASN I 216 41.07 -40.73 -20.08
C ASN I 216 40.84 -41.69 -18.91
N GLY I 217 40.82 -41.15 -17.69
CA GLY I 217 40.63 -41.99 -16.52
C GLY I 217 39.25 -42.59 -16.44
N HIS I 218 38.22 -41.81 -16.77
CA HIS I 218 36.86 -42.35 -16.83
C HIS I 218 36.70 -43.30 -18.00
N GLY I 219 37.40 -43.05 -19.10
CA GLY I 219 37.41 -43.92 -20.26
C GLY I 219 36.54 -43.42 -21.39
N MET I 220 37.18 -42.74 -22.35
CA MET I 220 36.56 -42.24 -23.57
C MET I 220 37.66 -41.67 -24.46
N THR I 221 37.48 -41.79 -25.77
CA THR I 221 38.46 -41.28 -26.71
C THR I 221 38.44 -39.75 -26.69
N PRO I 222 39.55 -39.10 -27.07
CA PRO I 222 39.58 -37.63 -27.14
C PRO I 222 38.54 -37.02 -28.07
N LEU I 223 37.91 -37.81 -28.94
CA LEU I 223 36.74 -37.32 -29.66
C LEU I 223 35.61 -36.97 -28.69
N LYS I 224 35.40 -37.82 -27.67
CA LYS I 224 34.40 -37.52 -26.66
C LYS I 224 34.82 -36.35 -25.78
N VAL I 225 36.13 -36.15 -25.60
CA VAL I 225 36.61 -35.00 -24.83
C VAL I 225 36.38 -33.71 -25.62
N ALA I 226 36.61 -33.74 -26.92
CA ALA I 226 36.31 -32.59 -27.77
C ALA I 226 34.82 -32.30 -27.82
N ALA I 227 34.00 -33.35 -27.90
CA ALA I 227 32.56 -33.18 -27.85
C ALA I 227 32.05 -32.84 -26.46
N GLU I 228 32.89 -32.96 -25.43
CA GLU I 228 32.49 -32.61 -24.07
C GLU I 228 32.42 -31.10 -23.87
N SER I 229 33.16 -30.34 -24.66
CA SER I 229 33.13 -28.88 -24.62
C SER I 229 32.69 -28.35 -25.98
N CYS I 230 32.54 -27.04 -26.07
CA CYS I 230 32.11 -26.38 -27.32
C CYS I 230 33.33 -26.10 -28.18
N LYS I 231 33.93 -27.19 -28.67
CA LYS I 231 35.17 -27.18 -29.43
C LYS I 231 34.98 -27.91 -30.75
N ALA I 232 33.93 -27.50 -31.49
CA ALA I 232 33.45 -28.24 -32.66
C ALA I 232 34.50 -28.39 -33.76
N ASP I 233 35.52 -27.54 -33.81
CA ASP I 233 36.56 -27.69 -34.81
C ASP I 233 37.34 -28.98 -34.60
N VAL I 234 37.70 -29.27 -33.35
CA VAL I 234 38.42 -30.51 -33.04
C VAL I 234 37.51 -31.72 -33.27
N VAL I 235 36.21 -31.57 -32.97
CA VAL I 235 35.26 -32.65 -33.20
C VAL I 235 35.16 -32.96 -34.70
N GLU I 236 35.08 -31.93 -35.53
CA GLU I 236 35.00 -32.14 -36.97
C GLU I 236 36.29 -32.72 -37.51
N LEU I 237 37.44 -32.29 -36.98
CA LEU I 237 38.71 -32.87 -37.41
C LEU I 237 38.80 -34.35 -37.06
N LEU I 238 38.37 -34.73 -35.86
CA LEU I 238 38.46 -36.12 -35.46
C LEU I 238 37.41 -36.98 -36.15
N LEU I 239 36.28 -36.40 -36.54
CA LEU I 239 35.32 -37.13 -37.37
C LEU I 239 35.83 -37.27 -38.80
N SER I 240 36.61 -36.30 -39.27
CA SER I 240 37.27 -36.44 -40.56
C SER I 240 38.32 -37.54 -40.52
N HIS I 241 39.00 -37.69 -39.37
CA HIS I 241 39.87 -38.84 -39.18
C HIS I 241 39.10 -40.15 -39.22
N ALA I 242 37.91 -40.16 -38.59
CA ALA I 242 36.94 -41.26 -38.70
C ALA I 242 37.51 -42.59 -38.24
N ASP I 243 38.26 -42.59 -37.14
CA ASP I 243 38.76 -43.82 -36.55
C ASP I 243 37.80 -44.37 -35.50
N CYS I 244 36.53 -44.47 -35.88
CA CYS I 244 35.47 -44.97 -35.01
C CYS I 244 34.37 -45.56 -35.88
N ASP I 245 33.54 -46.40 -35.27
CA ASP I 245 32.41 -46.97 -35.98
C ASP I 245 31.27 -45.96 -36.07
N ARG I 246 30.16 -46.39 -36.67
CA ARG I 246 29.06 -45.47 -36.97
C ARG I 246 28.38 -44.98 -35.70
N ARG I 247 28.00 -45.90 -34.80
CA ARG I 247 27.20 -45.54 -33.64
C ARG I 247 27.97 -44.63 -32.69
N SER I 248 29.26 -44.89 -32.50
CA SER I 248 30.09 -44.03 -31.67
C SER I 248 30.20 -42.63 -32.27
N ARG I 249 30.31 -42.54 -33.60
CA ARG I 249 30.32 -41.24 -34.26
C ARG I 249 29.00 -40.50 -34.07
N ILE I 250 27.89 -41.24 -34.15
CA ILE I 250 26.57 -40.62 -33.98
C ILE I 250 26.42 -40.06 -32.57
N GLU I 251 26.78 -40.85 -31.56
CA GLU I 251 26.67 -40.36 -30.19
C GLU I 251 27.74 -39.31 -29.86
N ALA I 252 28.86 -39.31 -30.57
CA ALA I 252 29.82 -38.22 -30.41
C ALA I 252 29.28 -36.92 -30.96
N LEU I 253 28.57 -36.97 -32.09
CA LEU I 253 27.87 -35.79 -32.59
C LEU I 253 26.78 -35.36 -31.62
N GLU I 254 26.09 -36.33 -31.01
CA GLU I 254 25.09 -36.01 -29.99
C GLU I 254 25.72 -35.28 -28.81
N LEU I 255 26.88 -35.75 -28.36
CA LEU I 255 27.59 -35.09 -27.25
C LEU I 255 28.08 -33.70 -27.66
N LEU I 256 28.51 -33.54 -28.91
CA LEU I 256 28.93 -32.23 -29.39
C LEU I 256 27.76 -31.25 -29.37
N GLY I 257 26.57 -31.71 -29.78
CA GLY I 257 25.39 -30.87 -29.66
C GLY I 257 25.01 -30.61 -28.21
N ALA I 258 25.18 -31.61 -27.33
CA ALA I 258 24.75 -31.49 -25.95
C ALA I 258 25.64 -30.52 -25.17
N SER I 259 26.94 -30.49 -25.47
CA SER I 259 27.84 -29.58 -24.78
C SER I 259 27.51 -28.13 -25.11
N PHE I 260 27.08 -27.87 -26.35
CA PHE I 260 26.66 -26.54 -26.76
C PHE I 260 25.25 -26.21 -26.31
N ALA I 261 24.52 -27.19 -25.77
CA ALA I 261 23.13 -26.97 -25.38
C ALA I 261 23.02 -26.16 -24.09
N ASN I 262 23.89 -26.42 -23.12
CA ASN I 262 23.77 -25.82 -21.80
C ASN I 262 25.14 -25.35 -21.30
N ASP I 263 25.86 -24.61 -22.15
CA ASP I 263 27.14 -24.02 -21.75
C ASP I 263 26.96 -22.54 -21.49
N ARG I 264 27.51 -22.07 -20.36
CA ARG I 264 27.40 -20.67 -19.99
C ARG I 264 28.16 -19.75 -20.95
N GLU I 265 29.37 -20.16 -21.36
CA GLU I 265 30.24 -19.28 -22.13
C GLU I 265 29.67 -19.01 -23.52
N ASN I 266 29.27 -20.06 -24.23
CA ASN I 266 28.63 -19.92 -25.53
C ASN I 266 27.43 -20.86 -25.60
N TYR I 267 26.32 -20.35 -26.15
CA TYR I 267 25.07 -21.09 -26.14
C TYR I 267 24.17 -20.57 -27.24
N ASP I 268 23.85 -21.42 -28.21
CA ASP I 268 22.87 -21.12 -29.24
C ASP I 268 22.01 -22.36 -29.46
N ILE I 269 20.69 -22.16 -29.47
CA ILE I 269 19.78 -23.28 -29.69
C ILE I 269 19.87 -23.80 -31.12
N ILE I 270 20.17 -22.91 -32.07
CA ILE I 270 20.16 -23.27 -33.48
C ILE I 270 21.23 -24.31 -33.79
N LYS I 271 22.47 -24.04 -33.37
CA LYS I 271 23.56 -24.96 -33.66
C LYS I 271 23.39 -26.28 -32.92
N THR I 272 22.91 -26.23 -31.68
CA THR I 272 22.67 -27.46 -30.91
C THR I 272 21.61 -28.33 -31.58
N TYR I 273 20.49 -27.70 -31.99
CA TYR I 273 19.43 -28.44 -32.64
C TYR I 273 19.90 -29.02 -33.98
N HIS I 274 20.68 -28.24 -34.73
CA HIS I 274 21.18 -28.72 -36.02
C HIS I 274 22.14 -29.89 -35.83
N TYR I 275 23.01 -29.82 -34.82
CA TYR I 275 23.90 -30.95 -34.54
C TYR I 275 23.14 -32.19 -34.11
N LEU I 276 22.09 -32.01 -33.28
CA LEU I 276 21.26 -33.14 -32.90
C LEU I 276 20.57 -33.77 -34.10
N TYR I 277 20.03 -32.92 -34.98
CA TYR I 277 19.34 -33.44 -36.16
C TYR I 277 20.31 -34.13 -37.12
N LEU I 278 21.53 -33.60 -37.28
CA LEU I 278 22.52 -34.25 -38.13
C LEU I 278 22.97 -35.58 -37.54
N ALA I 279 23.15 -35.63 -36.23
CA ALA I 279 23.49 -36.90 -35.58
C ALA I 279 22.39 -37.93 -35.78
N MET I 280 21.13 -37.52 -35.64
CA MET I 280 20.06 -38.51 -35.79
C MET I 280 19.85 -38.88 -37.25
N LEU I 281 20.13 -37.96 -38.18
CA LEU I 281 20.14 -38.32 -39.59
C LEU I 281 21.23 -39.35 -39.89
N GLU I 282 22.41 -39.18 -39.30
CA GLU I 282 23.45 -40.21 -39.43
C GLU I 282 23.00 -41.52 -38.79
N ARG I 283 22.23 -41.44 -37.70
CA ARG I 283 21.68 -42.65 -37.09
C ARG I 283 20.70 -43.35 -38.02
N PHE I 284 19.84 -42.59 -38.68
CA PHE I 284 18.84 -43.15 -39.59
C PHE I 284 19.41 -43.49 -40.96
N GLN I 285 20.66 -43.09 -41.24
CA GLN I 285 21.31 -43.45 -42.49
C GLN I 285 21.54 -44.95 -42.62
N ASP I 286 21.46 -45.70 -41.51
CA ASP I 286 21.63 -47.15 -41.58
C ASP I 286 20.54 -47.80 -42.40
N GLY I 287 19.30 -47.33 -42.27
CA GLY I 287 18.19 -47.91 -43.00
C GLY I 287 17.80 -49.27 -42.46
N ASP I 288 18.11 -50.34 -43.20
CA ASP I 288 17.92 -51.68 -42.69
C ASP I 288 18.87 -51.94 -41.52
N ASN I 289 18.44 -52.84 -40.62
CA ASN I 289 19.07 -53.12 -39.32
C ASN I 289 19.58 -51.83 -38.65
N ILE I 290 18.65 -50.89 -38.49
CA ILE I 290 18.99 -49.55 -38.02
C ILE I 290 19.42 -49.61 -36.57
N LEU I 291 20.54 -48.97 -36.26
CA LEU I 291 20.96 -48.79 -34.88
C LEU I 291 20.17 -47.65 -34.26
N GLU I 292 19.77 -47.83 -33.01
CA GLU I 292 19.03 -46.80 -32.28
C GLU I 292 19.58 -46.69 -30.88
N LYS I 293 19.46 -45.49 -30.30
CA LYS I 293 19.92 -45.27 -28.94
C LYS I 293 19.02 -46.00 -27.95
N GLU I 294 19.64 -46.44 -26.86
CA GLU I 294 18.91 -47.16 -25.82
C GLU I 294 17.91 -46.23 -25.14
N VAL I 295 16.71 -46.72 -24.91
CA VAL I 295 15.67 -45.94 -24.25
C VAL I 295 15.88 -45.97 -22.74
N LEU I 296 15.83 -44.80 -22.13
CA LEU I 296 15.96 -44.68 -20.69
C LEU I 296 14.72 -44.01 -20.11
N PRO I 297 14.25 -44.46 -18.95
CA PRO I 297 13.05 -43.85 -18.35
C PRO I 297 13.32 -42.41 -17.95
N PRO I 298 12.33 -41.54 -18.09
CA PRO I 298 12.52 -40.13 -17.69
C PRO I 298 12.55 -40.00 -16.18
N ILE I 299 13.55 -39.29 -15.67
CA ILE I 299 13.61 -38.98 -14.25
C ILE I 299 12.47 -38.01 -13.93
N HIS I 300 11.71 -38.32 -12.87
CA HIS I 300 10.55 -37.49 -12.54
C HIS I 300 10.96 -36.09 -12.15
N ALA I 301 12.03 -35.94 -11.38
CA ALA I 301 12.53 -34.62 -11.02
C ALA I 301 13.30 -33.99 -12.17
N TYR I 302 14.40 -34.61 -12.58
CA TYR I 302 15.24 -34.08 -13.64
C TYR I 302 14.57 -34.39 -14.99
N GLY I 303 13.99 -33.36 -15.61
CA GLY I 303 13.26 -33.55 -16.84
C GLY I 303 11.90 -34.17 -16.61
N ASN I 304 11.19 -34.38 -17.73
CA ASN I 304 9.89 -35.04 -17.67
C ASN I 304 9.65 -36.05 -18.77
N ARG I 305 10.46 -36.08 -19.83
CA ARG I 305 10.24 -36.97 -20.96
C ARG I 305 11.56 -37.63 -21.35
N THR I 306 11.45 -38.77 -22.02
CA THR I 306 12.62 -39.49 -22.49
C THR I 306 13.10 -38.88 -23.81
N GLU I 307 14.00 -39.58 -24.50
CA GLU I 307 14.57 -39.08 -25.73
C GLU I 307 13.55 -39.21 -26.87
N CYS I 308 13.90 -38.59 -28.00
CA CYS I 308 13.10 -38.66 -29.22
C CYS I 308 13.77 -39.63 -30.17
N ARG I 309 13.00 -40.55 -30.74
CA ARG I 309 13.54 -41.56 -31.64
C ARG I 309 13.13 -41.34 -33.10
N ASN I 310 12.64 -40.16 -33.45
CA ASN I 310 12.26 -39.88 -34.83
C ASN I 310 12.80 -38.52 -35.24
N PRO I 311 13.19 -38.35 -36.51
CA PRO I 311 13.65 -37.01 -36.96
C PRO I 311 12.56 -35.95 -36.91
N GLN I 312 11.33 -36.31 -37.26
CA GLN I 312 10.22 -35.39 -37.17
C GLN I 312 9.93 -34.99 -35.73
N GLU I 313 10.34 -35.81 -34.76
CA GLU I 313 10.12 -35.47 -33.35
C GLU I 313 10.90 -34.22 -32.95
N LEU I 314 12.21 -34.21 -33.19
CA LEU I 314 12.96 -32.99 -32.88
C LEU I 314 12.72 -31.89 -33.89
N GLU I 315 12.32 -32.23 -35.12
CA GLU I 315 11.88 -31.21 -36.07
C GLU I 315 10.69 -30.43 -35.51
N SER I 316 9.77 -31.13 -34.84
CA SER I 316 8.64 -30.48 -34.20
C SER I 316 9.02 -29.76 -32.91
N ILE I 317 9.85 -30.39 -32.07
CA ILE I 317 10.10 -29.84 -30.74
C ILE I 317 11.34 -28.95 -30.73
N ARG I 318 11.81 -28.55 -31.92
CA ARG I 318 12.84 -27.53 -32.03
C ARG I 318 12.46 -26.25 -31.29
N GLN I 319 11.18 -25.86 -31.37
CA GLN I 319 10.72 -24.68 -30.63
C GLN I 319 10.74 -24.92 -29.13
N ASP I 320 10.57 -26.17 -28.70
CA ASP I 320 10.68 -26.53 -27.29
C ASP I 320 12.15 -26.58 -26.93
N ARG I 321 12.71 -25.39 -26.67
CA ARG I 321 14.14 -25.28 -26.35
C ARG I 321 14.48 -25.97 -25.04
N ASP I 322 13.58 -25.88 -24.06
CA ASP I 322 13.79 -26.57 -22.79
C ASP I 322 13.84 -28.09 -22.99
N ALA I 323 12.97 -28.61 -23.86
CA ALA I 323 13.00 -30.04 -24.17
C ALA I 323 14.28 -30.41 -24.91
N LEU I 324 14.78 -29.52 -25.77
CA LEU I 324 16.04 -29.77 -26.46
C LEU I 324 17.20 -29.85 -25.47
N HIS I 325 17.25 -28.91 -24.52
CA HIS I 325 18.29 -28.95 -23.49
C HIS I 325 18.16 -30.20 -22.63
N MET I 326 16.92 -30.59 -22.29
CA MET I 326 16.70 -31.79 -21.49
C MET I 326 17.19 -33.04 -22.21
N GLU I 327 16.86 -33.17 -23.50
CA GLU I 327 17.31 -34.34 -24.26
C GLU I 327 18.82 -34.35 -24.44
N GLY I 328 19.42 -33.18 -24.68
CA GLY I 328 20.87 -33.12 -24.78
C GLY I 328 21.56 -33.53 -23.50
N LEU I 329 21.08 -33.01 -22.36
CA LEU I 329 21.67 -33.40 -21.09
C LEU I 329 21.40 -34.87 -20.77
N ILE I 330 20.27 -35.41 -21.24
CA ILE I 330 19.96 -36.82 -21.00
C ILE I 330 20.93 -37.71 -21.76
N VAL I 331 21.17 -37.41 -23.05
CA VAL I 331 22.12 -38.23 -23.80
C VAL I 331 23.54 -38.02 -23.25
N ARG I 332 23.87 -36.81 -22.78
CA ARG I 332 25.17 -36.56 -22.17
C ARG I 332 25.35 -37.40 -20.91
N GLU I 333 24.31 -37.49 -20.07
CA GLU I 333 24.39 -38.28 -18.85
C GLU I 333 24.47 -39.77 -19.17
N ARG I 334 23.66 -40.24 -20.11
CA ARG I 334 23.64 -41.68 -20.40
C ARG I 334 24.89 -42.13 -21.15
N ILE I 335 25.62 -41.22 -21.77
CA ILE I 335 26.89 -41.60 -22.39
C ILE I 335 28.05 -41.44 -21.42
N LEU I 336 28.19 -40.26 -20.80
CA LEU I 336 29.31 -40.01 -19.91
C LEU I 336 29.18 -40.80 -18.62
N GLY I 337 27.96 -41.03 -18.14
CA GLY I 337 27.75 -41.77 -16.92
C GLY I 337 27.85 -40.90 -15.68
N ALA I 338 27.56 -41.52 -14.53
CA ALA I 338 27.62 -40.81 -13.26
C ALA I 338 29.06 -40.57 -12.80
N ASP I 339 30.02 -41.33 -13.34
CA ASP I 339 31.41 -41.15 -12.93
C ASP I 339 32.03 -39.87 -13.47
N ASN I 340 31.49 -39.30 -14.54
CA ASN I 340 32.07 -38.10 -15.14
C ASN I 340 31.69 -36.88 -14.31
N ILE I 341 32.70 -36.05 -14.01
CA ILE I 341 32.49 -34.89 -13.13
C ILE I 341 31.67 -33.82 -13.83
N ASP I 342 31.93 -33.59 -15.12
CA ASP I 342 31.34 -32.47 -15.85
C ASP I 342 29.89 -32.71 -16.25
N VAL I 343 29.24 -33.77 -15.77
CA VAL I 343 27.87 -34.05 -16.15
C VAL I 343 26.89 -33.10 -15.48
N SER I 344 27.29 -32.46 -14.38
CA SER I 344 26.35 -31.65 -13.58
C SER I 344 26.54 -30.15 -13.75
N HIS I 345 27.68 -29.70 -14.25
CA HIS I 345 27.89 -28.26 -14.43
C HIS I 345 26.94 -27.64 -15.45
N PRO I 346 26.70 -28.22 -16.64
CA PRO I 346 25.61 -27.68 -17.48
C PRO I 346 24.24 -27.76 -16.83
N ILE I 347 23.99 -28.80 -16.03
CA ILE I 347 22.75 -28.89 -15.26
C ILE I 347 22.67 -27.72 -14.28
N ILE I 348 23.78 -27.40 -13.62
CA ILE I 348 23.82 -26.28 -12.69
C ILE I 348 23.54 -24.96 -13.41
N TYR I 349 24.14 -24.78 -14.59
CA TYR I 349 23.92 -23.56 -15.37
C TYR I 349 22.47 -23.43 -15.79
N ARG I 350 21.87 -24.53 -16.26
CA ARG I 350 20.47 -24.48 -16.70
C ARG I 350 19.54 -24.25 -15.53
N GLY I 351 19.85 -24.82 -14.37
CA GLY I 351 19.05 -24.54 -13.18
C GLY I 351 19.17 -23.09 -12.74
N ALA I 352 20.36 -22.52 -12.84
CA ALA I 352 20.53 -21.10 -12.50
C ALA I 352 19.75 -20.21 -13.45
N VAL I 353 19.75 -20.55 -14.74
CA VAL I 353 18.97 -19.79 -15.72
C VAL I 353 17.48 -19.92 -15.43
N TYR I 354 17.03 -21.14 -15.09
CA TYR I 354 15.61 -21.35 -14.79
C TYR I 354 15.18 -20.60 -13.54
N ALA I 355 16.06 -20.54 -12.53
CA ALA I 355 15.78 -19.74 -11.34
C ALA I 355 15.74 -18.26 -11.70
N ASP I 356 16.60 -17.83 -12.63
CA ASP I 356 16.54 -16.46 -13.12
C ASP I 356 15.26 -16.19 -13.89
N ASN I 357 14.70 -17.22 -14.53
CA ASN I 357 13.43 -17.11 -15.23
C ASN I 357 12.24 -17.55 -14.38
N MET I 358 12.44 -17.68 -13.07
CA MET I 358 11.40 -18.05 -12.10
C MET I 358 10.81 -19.44 -12.39
N GLU I 359 11.58 -20.29 -13.06
CA GLU I 359 11.24 -21.72 -13.16
C GLU I 359 11.85 -22.43 -11.94
N PHE I 360 11.25 -22.14 -10.79
CA PHE I 360 11.84 -22.52 -9.51
C PHE I 360 11.84 -24.03 -9.30
N GLU I 361 10.72 -24.70 -9.63
CA GLU I 361 10.64 -26.14 -9.46
C GLU I 361 11.66 -26.86 -10.35
N GLN I 362 11.80 -26.40 -11.60
CA GLN I 362 12.79 -26.98 -12.50
C GLN I 362 14.20 -26.79 -11.96
N CYS I 363 14.50 -25.60 -11.43
CA CYS I 363 15.81 -25.34 -10.85
C CYS I 363 16.08 -26.24 -9.65
N ILE I 364 15.10 -26.40 -8.77
CA ILE I 364 15.28 -27.25 -7.59
C ILE I 364 15.50 -28.69 -7.99
N LYS I 365 14.72 -29.19 -8.95
CA LYS I 365 14.87 -30.58 -9.38
C LYS I 365 16.22 -30.82 -10.06
N LEU I 366 16.62 -29.88 -10.94
CA LEU I 366 17.91 -30.02 -11.61
C LEU I 366 19.06 -29.98 -10.62
N TRP I 367 19.00 -29.07 -9.64
CA TRP I 367 20.09 -28.97 -8.68
C TRP I 367 20.10 -30.15 -7.72
N LEU I 368 18.92 -30.72 -7.41
CA LEU I 368 18.88 -31.94 -6.63
C LEU I 368 19.52 -33.09 -7.37
N HIS I 369 19.25 -33.22 -8.67
CA HIS I 369 19.89 -34.27 -9.47
C HIS I 369 21.40 -34.04 -9.56
N ALA I 370 21.82 -32.78 -9.71
CA ALA I 370 23.25 -32.47 -9.77
C ALA I 370 23.94 -32.80 -8.45
N LEU I 371 23.30 -32.47 -7.33
CA LEU I 371 23.85 -32.82 -6.02
C LEU I 371 23.91 -34.33 -5.84
N HIS I 372 22.89 -35.05 -6.31
CA HIS I 372 22.92 -36.51 -6.24
C HIS I 372 24.09 -37.07 -7.03
N LEU I 373 24.31 -36.56 -8.24
CA LEU I 373 25.42 -37.03 -9.06
C LEU I 373 26.76 -36.70 -8.42
N ARG I 374 26.90 -35.50 -7.88
CA ARG I 374 28.16 -35.10 -7.27
C ARG I 374 28.44 -35.88 -5.99
N GLN I 375 27.40 -36.22 -5.24
CA GLN I 375 27.58 -37.02 -4.02
C GLN I 375 27.89 -38.48 -4.35
N LYS I 376 27.26 -39.01 -5.41
CA LYS I 376 27.59 -40.35 -5.87
C LYS I 376 29.01 -40.41 -6.41
N GLY I 377 29.50 -39.31 -6.98
CA GLY I 377 30.90 -39.21 -7.34
C GLY I 377 31.82 -38.90 -6.19
N ASN I 378 31.27 -38.59 -5.01
CA ASN I 378 32.03 -38.30 -3.79
C ASN I 378 32.99 -37.14 -4.00
N ARG I 379 32.41 -35.97 -4.27
CA ARG I 379 33.16 -34.76 -4.59
C ARG I 379 32.94 -33.70 -3.52
N ASN I 380 33.53 -32.53 -3.75
CA ASN I 380 33.38 -31.38 -2.85
C ASN I 380 32.10 -30.66 -3.23
N THR I 381 31.06 -30.81 -2.40
CA THR I 381 29.73 -30.34 -2.75
C THR I 381 29.21 -29.30 -1.78
N HIS I 382 30.02 -28.29 -1.45
CA HIS I 382 29.56 -27.20 -0.59
C HIS I 382 29.14 -25.96 -1.36
N LYS I 383 29.74 -25.71 -2.52
CA LYS I 383 29.37 -24.54 -3.31
C LYS I 383 27.93 -24.64 -3.82
N ASP I 384 27.55 -25.80 -4.33
CA ASP I 384 26.18 -25.98 -4.78
C ASP I 384 25.19 -25.95 -3.62
N LEU I 385 25.59 -26.44 -2.44
CA LEU I 385 24.75 -26.30 -1.26
C LEU I 385 24.55 -24.85 -0.88
N LEU I 386 25.61 -24.04 -0.96
CA LEU I 386 25.48 -22.61 -0.67
C LEU I 386 24.57 -21.92 -1.67
N ARG I 387 24.74 -22.22 -2.96
CA ARG I 387 23.84 -21.67 -3.97
C ARG I 387 22.41 -22.13 -3.77
N PHE I 388 22.23 -23.35 -3.27
CA PHE I 388 20.90 -23.93 -3.15
C PHE I 388 20.15 -23.32 -1.95
N ALA I 389 20.87 -23.09 -0.85
CA ALA I 389 20.33 -22.27 0.23
C ALA I 389 20.07 -20.85 -0.25
N GLN I 390 20.89 -20.33 -1.16
CA GLN I 390 20.65 -19.01 -1.73
C GLN I 390 19.35 -18.95 -2.51
N VAL I 391 19.05 -20.00 -3.29
CA VAL I 391 17.81 -19.95 -4.06
C VAL I 391 16.59 -20.16 -3.15
N PHE I 392 16.71 -20.98 -2.09
CA PHE I 392 15.69 -20.95 -1.03
C PHE I 392 15.49 -19.55 -0.47
N SER I 393 16.58 -18.85 -0.17
CA SER I 393 16.47 -17.52 0.40
C SER I 393 15.80 -16.55 -0.57
N GLN I 394 16.14 -16.63 -1.85
CA GLN I 394 15.52 -15.77 -2.85
C GLN I 394 14.04 -16.07 -3.00
N MET I 395 13.65 -17.35 -2.99
CA MET I 395 12.24 -17.69 -3.09
C MET I 395 11.46 -17.24 -1.86
N ILE I 396 12.04 -17.42 -0.66
CA ILE I 396 11.34 -16.99 0.54
C ILE I 396 11.22 -15.48 0.59
N HIS I 397 12.26 -14.77 0.15
CA HIS I 397 12.19 -13.30 0.07
C HIS I 397 11.12 -12.85 -0.93
N LEU I 398 10.89 -13.64 -1.97
CA LEU I 398 9.81 -13.39 -2.92
C LEU I 398 8.49 -14.03 -2.49
N ASN I 399 8.38 -14.48 -1.24
CA ASN I 399 7.16 -15.06 -0.68
C ASN I 399 6.68 -16.27 -1.48
N GLU I 400 7.62 -17.11 -1.89
CA GLU I 400 7.32 -18.32 -2.65
C GLU I 400 7.55 -19.54 -1.78
N THR I 401 6.58 -20.43 -1.74
CA THR I 401 6.69 -21.64 -0.94
C THR I 401 7.65 -22.64 -1.60
N VAL I 402 8.22 -23.50 -0.78
CA VAL I 402 9.14 -24.53 -1.26
C VAL I 402 8.50 -25.90 -1.04
N LYS I 403 9.18 -26.95 -1.51
CA LYS I 403 8.68 -28.32 -1.39
C LYS I 403 9.37 -28.99 -0.20
N ALA I 404 8.59 -29.36 0.80
CA ALA I 404 9.14 -30.00 1.99
C ALA I 404 9.86 -31.33 1.73
N PRO I 405 9.39 -32.23 0.85
CA PRO I 405 10.22 -33.41 0.54
C PRO I 405 11.58 -33.05 -0.05
N ASP I 406 11.66 -31.99 -0.85
CA ASP I 406 12.96 -31.53 -1.32
C ASP I 406 13.83 -31.07 -0.17
N ILE I 407 13.21 -30.39 0.82
CA ILE I 407 13.96 -29.98 2.01
C ILE I 407 14.54 -31.19 2.72
N GLU I 408 13.71 -32.21 2.92
CA GLU I 408 14.16 -33.42 3.62
C GLU I 408 15.26 -34.13 2.84
N CYS I 409 15.10 -34.25 1.52
CA CYS I 409 16.10 -34.91 0.70
C CYS I 409 17.44 -34.17 0.73
N VAL I 410 17.41 -32.85 0.61
CA VAL I 410 18.66 -32.11 0.63
C VAL I 410 19.24 -32.04 2.04
N LEU I 411 18.41 -32.16 3.08
CA LEU I 411 18.94 -32.25 4.43
C LEU I 411 19.65 -33.57 4.65
N ARG I 412 19.07 -34.67 4.15
CA ARG I 412 19.76 -35.96 4.20
C ARG I 412 21.05 -35.93 3.40
N CYS I 413 21.03 -35.29 2.23
CA CYS I 413 22.24 -35.16 1.42
C CYS I 413 23.30 -34.34 2.15
N SER I 414 22.89 -33.26 2.82
CA SER I 414 23.85 -32.43 3.55
C SER I 414 24.40 -33.17 4.76
N VAL I 415 23.57 -33.99 5.42
CA VAL I 415 24.05 -34.80 6.54
C VAL I 415 25.10 -35.80 6.05
N LEU I 416 24.83 -36.45 4.92
CA LEU I 416 25.79 -37.38 4.34
C LEU I 416 27.07 -36.67 3.92
N GLU I 417 26.94 -35.45 3.39
CA GLU I 417 28.12 -34.67 3.01
C GLU I 417 28.93 -34.25 4.22
N ILE I 418 28.25 -33.94 5.33
CA ILE I 418 28.96 -33.59 6.56
C ILE I 418 29.68 -34.82 7.11
N GLU I 419 29.06 -36.00 6.99
CA GLU I 419 29.75 -37.24 7.36
C GLU I 419 31.01 -37.44 6.51
N GLN I 420 30.89 -37.23 5.20
CA GLN I 420 32.04 -37.37 4.31
C GLN I 420 33.12 -36.34 4.63
N SER I 421 32.71 -35.11 4.95
CA SER I 421 33.66 -34.07 5.30
C SER I 421 34.38 -34.40 6.59
N MET I 422 33.67 -34.94 7.58
CA MET I 422 34.32 -35.37 8.81
C MET I 422 35.29 -36.51 8.55
N ASN I 423 34.92 -37.45 7.68
CA ASN I 423 35.82 -38.55 7.35
C ASN I 423 37.09 -38.05 6.68
N ARG I 424 36.96 -37.14 5.72
CA ARG I 424 38.16 -36.64 5.04
C ARG I 424 38.95 -35.66 5.88
N VAL I 425 38.34 -35.03 6.89
CA VAL I 425 39.10 -34.24 7.85
C VAL I 425 39.93 -35.16 8.75
N LYS I 426 39.30 -36.20 9.29
CA LYS I 426 40.01 -37.09 10.21
C LYS I 426 40.96 -38.04 9.49
N ASN I 427 40.85 -38.19 8.18
CA ASN I 427 41.75 -39.07 7.44
C ASN I 427 42.97 -38.35 6.88
N ILE I 428 42.82 -37.10 6.46
CA ILE I 428 43.94 -36.36 5.87
C ILE I 428 44.84 -35.86 7.00
N SER I 429 46.14 -35.75 6.70
CA SER I 429 47.10 -35.28 7.69
C SER I 429 47.39 -33.79 7.57
N ASP I 430 47.97 -33.34 6.45
CA ASP I 430 48.33 -31.94 6.31
C ASP I 430 48.16 -31.43 4.88
N ALA I 431 47.45 -32.17 4.01
CA ALA I 431 47.37 -31.77 2.60
C ALA I 431 46.54 -30.51 2.43
N ASP I 432 45.27 -30.56 2.80
CA ASP I 432 44.37 -29.41 2.72
C ASP I 432 43.56 -29.31 4.02
N VAL I 433 44.25 -29.42 5.16
CA VAL I 433 43.58 -29.42 6.45
C VAL I 433 42.92 -28.09 6.73
N HIS I 434 43.57 -26.98 6.33
CA HIS I 434 42.93 -25.67 6.45
C HIS I 434 41.72 -25.56 5.51
N ASN I 435 41.87 -26.03 4.28
CA ASN I 435 40.76 -26.04 3.34
C ASN I 435 39.65 -26.96 3.82
N ALA I 436 40.01 -28.10 4.41
CA ALA I 436 39.02 -29.01 4.95
C ALA I 436 38.26 -28.38 6.12
N MET I 437 38.97 -27.65 6.99
CA MET I 437 38.30 -26.96 8.10
C MET I 437 37.36 -25.88 7.59
N ASP I 438 37.79 -25.11 6.59
CA ASP I 438 36.92 -24.09 6.01
C ASP I 438 35.70 -24.74 5.35
N ASN I 439 35.91 -25.87 4.67
CA ASN I 439 34.80 -26.59 4.05
C ASN I 439 33.81 -27.10 5.10
N TYR I 440 34.32 -27.63 6.21
CA TYR I 440 33.45 -28.09 7.29
C TYR I 440 32.64 -26.94 7.88
N GLU I 441 33.29 -25.78 8.08
CA GLU I 441 32.58 -24.61 8.60
C GLU I 441 31.50 -24.15 7.63
N CYS I 442 31.83 -24.12 6.32
CA CYS I 442 30.84 -23.71 5.33
C CYS I 442 29.68 -24.70 5.26
N ASN I 443 29.96 -25.99 5.41
CA ASN I 443 28.90 -26.99 5.41
C ASN I 443 27.98 -26.81 6.61
N LEU I 444 28.55 -26.54 7.79
CA LEU I 444 27.72 -26.29 8.96
C LEU I 444 26.88 -25.03 8.79
N TYR I 445 27.46 -23.97 8.22
CA TYR I 445 26.71 -22.75 7.97
C TYR I 445 25.56 -22.99 6.99
N THR I 446 25.82 -23.75 5.92
CA THR I 446 24.78 -24.02 4.94
C THR I 446 23.68 -24.89 5.52
N PHE I 447 24.03 -25.85 6.38
CA PHE I 447 23.01 -26.65 7.06
C PHE I 447 22.16 -25.77 7.96
N LEU I 448 22.78 -24.83 8.67
CA LEU I 448 22.03 -23.89 9.49
C LEU I 448 21.08 -23.04 8.65
N TYR I 449 21.56 -22.59 7.49
CA TYR I 449 20.70 -21.82 6.58
C TYR I 449 19.52 -22.65 6.09
N LEU I 450 19.78 -23.93 5.79
CA LEU I 450 18.71 -24.81 5.34
C LEU I 450 17.67 -25.02 6.44
N VAL I 451 18.12 -25.19 7.68
CA VAL I 451 17.19 -25.36 8.80
C VAL I 451 16.37 -24.08 9.00
N CYS I 452 17.03 -22.91 8.88
CA CYS I 452 16.31 -21.65 9.00
C CYS I 452 15.26 -21.50 7.90
N ILE I 453 15.61 -21.89 6.68
CA ILE I 453 14.68 -21.84 5.57
C ILE I 453 13.48 -22.75 5.83
N SER I 454 13.75 -23.97 6.30
CA SER I 454 12.69 -24.92 6.58
C SER I 454 11.75 -24.41 7.66
N THR I 455 12.31 -23.75 8.68
CA THR I 455 11.47 -23.17 9.73
C THR I 455 10.69 -21.97 9.21
N LYS I 456 11.25 -21.24 8.24
CA LYS I 456 10.56 -20.07 7.70
C LYS I 456 9.26 -20.46 6.99
N THR I 457 9.30 -21.53 6.21
CA THR I 457 8.12 -21.98 5.47
C THR I 457 7.29 -22.92 6.34
N GLN I 458 6.21 -23.45 5.78
CA GLN I 458 5.36 -24.43 6.45
C GLN I 458 5.52 -25.78 5.75
N CYS I 459 5.52 -26.85 6.53
CA CYS I 459 5.74 -28.19 6.02
C CYS I 459 4.70 -29.14 6.59
N SER I 460 4.50 -30.25 5.89
CA SER I 460 3.60 -31.29 6.36
C SER I 460 4.19 -31.98 7.58
N GLU I 461 3.31 -32.60 8.38
CA GLU I 461 3.74 -33.21 9.63
C GLU I 461 4.68 -34.39 9.40
N GLU I 462 4.44 -35.17 8.34
CA GLU I 462 5.35 -36.27 8.03
C GLU I 462 6.69 -35.75 7.53
N ASP I 463 6.67 -34.75 6.66
CA ASP I 463 7.91 -34.16 6.18
C ASP I 463 8.66 -33.45 7.31
N GLN I 464 7.93 -32.79 8.21
CA GLN I 464 8.57 -32.18 9.37
C GLN I 464 9.17 -33.22 10.29
N CYS I 465 8.49 -34.35 10.46
CA CYS I 465 9.05 -35.44 11.27
C CYS I 465 10.31 -36.00 10.65
N LYS I 466 10.32 -36.15 9.32
CA LYS I 466 11.53 -36.63 8.63
C LYS I 466 12.67 -35.62 8.75
N ILE I 467 12.35 -34.32 8.65
CA ILE I 467 13.35 -33.28 8.83
C ILE I 467 13.93 -33.32 10.25
N ASN I 468 13.05 -33.50 11.23
CA ASN I 468 13.49 -33.63 12.62
C ASN I 468 14.39 -34.86 12.79
N LYS I 469 14.06 -35.96 12.09
CA LYS I 469 14.90 -37.15 12.14
C LYS I 469 16.29 -36.88 11.58
N GLN I 470 16.36 -36.18 10.44
CA GLN I 470 17.66 -35.86 9.85
C GLN I 470 18.48 -34.94 10.75
N ILE I 471 17.83 -33.92 11.32
CA ILE I 471 18.54 -33.01 12.21
C ILE I 471 18.97 -33.72 13.49
N TYR I 472 18.16 -34.65 13.98
CA TYR I 472 18.54 -35.45 15.13
C TYR I 472 19.74 -36.33 14.82
N ASN I 473 19.79 -36.90 13.62
CA ASN I 473 20.96 -37.68 13.22
C ASN I 473 22.21 -36.81 13.16
N LEU I 474 22.09 -35.62 12.58
CA LEU I 474 23.26 -34.75 12.47
C LEU I 474 23.74 -34.27 13.83
N ILE I 475 22.81 -33.94 14.74
CA ILE I 475 23.21 -33.52 16.07
C ILE I 475 23.69 -34.71 16.91
N HIS I 476 23.28 -35.93 16.54
CA HIS I 476 23.88 -37.12 17.15
C HIS I 476 25.31 -37.31 16.70
N LEU I 477 25.61 -36.90 15.46
CA LEU I 477 27.01 -36.86 15.03
C LEU I 477 27.81 -35.83 15.83
N ASP I 478 27.14 -34.79 16.34
CA ASP I 478 27.71 -33.72 17.16
C ASP I 478 28.84 -32.99 16.42
N PRO I 479 28.53 -32.20 15.41
CA PRO I 479 29.58 -31.43 14.72
C PRO I 479 30.19 -30.37 15.62
N ARG I 480 31.48 -30.11 15.42
CA ARG I 480 32.20 -29.11 16.17
C ARG I 480 32.96 -28.20 15.22
N THR I 481 33.16 -26.96 15.63
CA THR I 481 33.86 -25.97 14.81
C THR I 481 35.34 -25.97 15.17
N ARG I 482 36.06 -24.96 14.67
CA ARG I 482 37.47 -24.81 15.01
C ARG I 482 37.65 -24.50 16.50
N GLU I 483 36.79 -23.65 17.05
CA GLU I 483 36.81 -23.32 18.47
C GLU I 483 35.92 -24.22 19.30
N GLY I 484 35.29 -25.23 18.70
CA GLY I 484 34.48 -26.17 19.43
C GLY I 484 33.01 -25.81 19.54
N PHE I 485 32.53 -24.82 18.80
CA PHE I 485 31.12 -24.49 18.83
C PHE I 485 30.30 -25.64 18.27
N THR I 486 29.21 -25.96 18.96
CA THR I 486 28.29 -26.96 18.46
C THR I 486 27.29 -26.30 17.52
N LEU I 487 26.32 -27.09 17.05
CA LEU I 487 25.27 -26.54 16.19
C LEU I 487 24.39 -25.57 16.96
N LEU I 488 24.09 -25.89 18.21
CA LEU I 488 23.30 -24.97 19.04
C LEU I 488 24.05 -23.66 19.27
N HIS I 489 25.35 -23.75 19.56
CA HIS I 489 26.16 -22.54 19.72
C HIS I 489 26.20 -21.72 18.43
N LEU I 490 26.28 -22.41 17.30
CA LEU I 490 26.31 -21.73 16.01
C LEU I 490 24.99 -21.00 15.74
N ALA I 491 23.87 -21.63 16.08
CA ALA I 491 22.58 -20.98 15.90
C ALA I 491 22.38 -19.85 16.89
N VAL I 492 22.95 -19.97 18.10
CA VAL I 492 22.78 -18.95 19.12
C VAL I 492 23.54 -17.68 18.76
N ASN I 493 24.77 -17.81 18.30
CA ASN I 493 25.66 -16.67 18.16
C ASN I 493 25.24 -15.77 17.00
N SER I 494 25.34 -14.47 17.21
CA SER I 494 25.19 -13.50 16.13
C SER I 494 26.46 -13.36 15.30
N ASN I 495 27.56 -13.97 15.74
CA ASN I 495 28.82 -13.96 15.00
C ASN I 495 28.83 -14.98 13.87
N THR I 496 27.79 -15.79 13.74
CA THR I 496 27.70 -16.77 12.66
C THR I 496 27.60 -16.03 11.33
N PRO I 497 28.50 -16.30 10.38
CA PRO I 497 28.45 -15.58 9.10
C PRO I 497 27.21 -15.94 8.30
N VAL I 498 26.73 -14.96 7.53
CA VAL I 498 25.59 -15.12 6.63
C VAL I 498 26.03 -14.68 5.24
N ASP I 499 25.65 -15.46 4.23
CA ASP I 499 26.08 -15.19 2.87
C ASP I 499 25.51 -13.87 2.36
N ASP I 500 26.30 -13.19 1.53
CA ASP I 500 25.97 -11.85 1.04
C ASP I 500 24.77 -11.84 0.10
N PHE I 501 24.30 -12.99 -0.35
CA PHE I 501 23.12 -13.08 -1.20
C PHE I 501 21.86 -12.96 -0.35
N HIS I 502 20.70 -13.34 -0.91
CA HIS I 502 19.40 -13.18 -0.26
C HIS I 502 19.27 -13.88 1.09
N THR I 503 20.30 -14.63 1.50
CA THR I 503 20.30 -15.27 2.82
C THR I 503 20.19 -14.26 3.94
N ASN I 504 20.73 -13.05 3.75
CA ASN I 504 20.57 -11.99 4.75
C ASN I 504 19.10 -11.66 4.97
N ASP I 505 18.25 -11.89 3.97
CA ASP I 505 16.83 -11.68 4.11
C ASP I 505 16.14 -12.74 4.97
N VAL I 506 16.76 -13.91 5.12
CA VAL I 506 16.12 -15.01 5.84
C VAL I 506 16.93 -15.50 7.03
N CYS I 507 18.25 -15.31 7.05
CA CYS I 507 19.08 -15.77 8.16
C CYS I 507 19.37 -14.58 9.07
N SER I 508 18.87 -14.65 10.29
CA SER I 508 18.95 -13.56 11.27
C SER I 508 19.41 -14.11 12.61
N PHE I 509 20.51 -14.87 12.59
CA PHE I 509 21.03 -15.47 13.80
C PHE I 509 21.44 -14.38 14.79
N PRO I 510 21.01 -14.45 16.06
CA PRO I 510 20.26 -15.52 16.75
C PRO I 510 18.82 -15.74 16.28
N ASN I 511 18.52 -16.96 15.81
CA ASN I 511 17.18 -17.33 15.38
C ASN I 511 16.56 -18.23 16.44
N ALA I 512 15.39 -17.84 16.92
CA ALA I 512 14.74 -18.60 18.00
C ALA I 512 14.14 -19.90 17.48
N LEU I 513 13.60 -19.89 16.26
CA LEU I 513 12.96 -21.08 15.72
C LEU I 513 13.95 -22.20 15.48
N VAL I 514 15.15 -21.86 15.00
CA VAL I 514 16.20 -22.86 14.80
C VAL I 514 16.61 -23.48 16.13
N THR I 515 16.76 -22.66 17.16
CA THR I 515 17.09 -23.17 18.48
C THR I 515 15.99 -24.07 19.03
N LYS I 516 14.72 -23.67 18.82
CA LYS I 516 13.61 -24.52 19.25
C LYS I 516 13.62 -25.86 18.53
N LEU I 517 13.91 -25.85 17.23
CA LEU I 517 13.97 -27.09 16.46
C LEU I 517 15.10 -27.99 16.97
N LEU I 518 16.26 -27.40 17.24
CA LEU I 518 17.37 -28.19 17.78
C LEU I 518 17.03 -28.78 19.14
N LEU I 519 16.37 -27.99 19.99
CA LEU I 519 16.06 -28.47 21.33
C LEU I 519 14.97 -29.55 21.31
N ASP I 520 14.01 -29.46 20.39
CA ASP I 520 13.02 -30.52 20.32
C ASP I 520 13.57 -31.78 19.64
N CYS I 521 14.52 -31.63 18.70
CA CYS I 521 15.15 -32.80 18.12
C CYS I 521 16.20 -33.40 19.04
N GLY I 522 16.61 -32.69 20.09
CA GLY I 522 17.47 -33.27 21.11
C GLY I 522 18.92 -32.85 21.03
N ALA I 523 19.16 -31.56 20.78
CA ALA I 523 20.53 -31.05 20.79
C ALA I 523 21.07 -31.02 22.21
N GLU I 524 22.36 -31.32 22.34
CA GLU I 524 23.01 -31.28 23.64
C GLU I 524 23.21 -29.83 24.06
N VAL I 525 22.25 -29.30 24.83
CA VAL I 525 22.28 -27.88 25.21
C VAL I 525 23.42 -27.60 26.18
N ASN I 526 23.76 -28.57 27.04
CA ASN I 526 24.82 -28.38 28.02
C ASN I 526 26.22 -28.44 27.40
N ALA I 527 26.34 -28.79 26.13
CA ALA I 527 27.64 -28.89 25.48
C ALA I 527 28.31 -27.52 25.39
N VAL I 528 29.63 -27.51 25.57
CA VAL I 528 30.41 -26.29 25.56
C VAL I 528 31.48 -26.39 24.49
N ASP I 529 32.14 -25.26 24.22
CA ASP I 529 33.19 -25.16 23.23
C ASP I 529 34.56 -25.40 23.89
N ASN I 530 35.62 -25.12 23.14
CA ASN I 530 36.95 -25.14 23.73
C ASN I 530 37.14 -24.00 24.72
N GLU I 531 36.49 -22.86 24.48
CA GLU I 531 36.56 -21.71 25.38
C GLU I 531 35.73 -21.89 26.64
N GLY I 532 34.93 -22.95 26.72
CA GLY I 532 34.15 -23.25 27.89
C GLY I 532 32.78 -22.60 27.95
N ASN I 533 32.48 -21.70 27.02
CA ASN I 533 31.16 -21.08 27.00
C ASN I 533 30.11 -22.06 26.50
N SER I 534 28.92 -21.96 27.07
CA SER I 534 27.78 -22.75 26.66
C SER I 534 26.87 -21.89 25.77
N ALA I 535 25.70 -22.43 25.42
CA ALA I 535 24.74 -21.67 24.64
C ALA I 535 24.22 -20.47 25.43
N LEU I 536 24.02 -20.65 26.74
CA LEU I 536 23.50 -19.57 27.56
C LEU I 536 24.48 -18.41 27.65
N HIS I 537 25.78 -18.71 27.73
CA HIS I 537 26.79 -17.65 27.77
C HIS I 537 26.77 -16.83 26.48
N ILE I 538 26.67 -17.50 25.34
CA ILE I 538 26.69 -16.81 24.06
C ILE I 538 25.42 -15.98 23.88
N ILE I 539 24.27 -16.52 24.27
CA ILE I 539 23.03 -15.78 24.08
C ILE I 539 22.92 -14.61 25.05
N VAL I 540 23.47 -14.75 26.26
CA VAL I 540 23.46 -13.60 27.16
C VAL I 540 24.52 -12.58 26.75
N GLN I 541 25.52 -13.00 25.97
CA GLN I 541 26.51 -12.08 25.41
C GLN I 541 25.98 -11.33 24.19
N TYR I 542 24.68 -11.40 23.90
CA TYR I 542 24.12 -10.71 22.76
C TYR I 542 24.02 -9.21 23.04
N ASN I 543 24.19 -8.41 21.98
CA ASN I 543 24.41 -6.98 22.11
C ASN I 543 23.27 -6.12 21.56
N ARG I 544 22.15 -6.72 21.19
CA ARG I 544 20.97 -5.98 20.73
C ARG I 544 19.73 -6.48 21.47
N PRO I 545 19.68 -6.30 22.79
CA PRO I 545 18.62 -6.95 23.58
C PRO I 545 17.23 -6.41 23.31
N ILE I 546 17.11 -5.20 22.76
CA ILE I 546 15.82 -4.54 22.60
C ILE I 546 15.39 -4.44 21.14
N SER I 547 16.33 -4.39 20.19
CA SER I 547 15.98 -4.27 18.79
C SER I 547 15.22 -5.49 18.29
N ASP I 548 15.57 -6.68 18.77
CA ASP I 548 14.93 -7.94 18.39
C ASP I 548 14.63 -8.76 19.64
N PHE I 549 13.99 -8.14 20.62
CA PHE I 549 13.78 -8.78 21.92
C PHE I 549 12.91 -10.03 21.83
N LEU I 550 12.06 -10.13 20.81
CA LEU I 550 11.21 -11.32 20.67
C LEU I 550 12.06 -12.58 20.51
N THR I 551 13.06 -12.51 19.62
CA THR I 551 13.94 -13.66 19.40
C THR I 551 14.74 -13.99 20.66
N LEU I 552 15.26 -12.96 21.34
CA LEU I 552 16.06 -13.19 22.53
C LEU I 552 15.24 -13.81 23.65
N HIS I 553 14.03 -13.28 23.89
CA HIS I 553 13.18 -13.85 24.93
C HIS I 553 12.77 -15.28 24.60
N SER I 554 12.43 -15.54 23.33
CA SER I 554 12.03 -16.89 22.94
C SER I 554 13.18 -17.87 23.11
N ILE I 555 14.40 -17.47 22.74
CA ILE I 555 15.52 -18.40 22.84
C ILE I 555 15.96 -18.60 24.28
N ILE I 556 15.84 -17.57 25.14
CA ILE I 556 16.10 -17.75 26.57
C ILE I 556 15.10 -18.72 27.16
N ILE I 557 13.81 -18.54 26.83
CA ILE I 557 12.77 -19.43 27.34
C ILE I 557 12.99 -20.85 26.87
N SER I 558 13.36 -21.03 25.60
CA SER I 558 13.60 -22.36 25.06
C SER I 558 14.82 -23.02 25.73
N LEU I 559 15.90 -22.26 25.92
CA LEU I 559 17.09 -22.81 26.55
C LEU I 559 16.83 -23.21 27.99
N VAL I 560 16.05 -22.42 28.71
CA VAL I 560 15.69 -22.78 30.09
C VAL I 560 14.76 -23.99 30.09
N GLU I 561 13.82 -24.05 29.15
CA GLU I 561 12.83 -25.12 29.12
C GLU I 561 13.47 -26.47 28.80
N ALA I 562 14.38 -26.50 27.82
CA ALA I 562 15.06 -27.75 27.51
C ALA I 562 15.97 -28.19 28.65
N GLY I 563 16.45 -27.25 29.44
CA GLY I 563 17.22 -27.54 30.63
C GLY I 563 18.72 -27.34 30.43
N ALA I 564 19.20 -26.18 30.83
CA ALA I 564 20.62 -25.87 30.82
C ALA I 564 20.98 -25.25 32.15
N HIS I 565 22.05 -25.75 32.78
CA HIS I 565 22.43 -25.27 34.09
C HIS I 565 22.92 -23.83 33.98
N THR I 566 22.11 -22.89 34.47
CA THR I 566 22.42 -21.47 34.32
C THR I 566 23.63 -21.03 35.11
N ASP I 567 24.08 -21.84 36.07
CA ASP I 567 25.23 -21.50 36.88
C ASP I 567 26.54 -22.10 36.35
N MET I 568 26.49 -22.83 35.24
CA MET I 568 27.71 -23.40 34.69
C MET I 568 28.62 -22.31 34.17
N THR I 569 29.93 -22.57 34.22
CA THR I 569 30.94 -21.54 34.01
C THR I 569 31.87 -21.92 32.87
N ASN I 570 32.46 -20.91 32.26
CA ASN I 570 33.45 -21.08 31.19
C ASN I 570 34.82 -21.37 31.80
N LYS I 571 35.87 -21.27 30.98
CA LYS I 571 37.22 -21.48 31.47
C LYS I 571 37.63 -20.42 32.48
N GLN I 572 37.09 -19.21 32.37
CA GLN I 572 37.40 -18.13 33.29
C GLN I 572 36.55 -18.18 34.56
N ASN I 573 35.64 -19.17 34.66
CA ASN I 573 34.83 -19.41 35.85
C ASN I 573 33.96 -18.21 36.21
N LYS I 574 33.06 -17.87 35.29
CA LYS I 574 32.04 -16.86 35.55
C LYS I 574 30.73 -17.28 34.88
N THR I 575 29.63 -17.01 35.57
CA THR I 575 28.31 -17.44 35.13
C THR I 575 27.82 -16.60 33.97
N PRO I 576 26.81 -17.08 33.22
CA PRO I 576 26.19 -16.22 32.19
C PRO I 576 25.63 -14.93 32.73
N LEU I 577 25.06 -14.93 33.94
CA LEU I 577 24.63 -13.67 34.53
C LEU I 577 25.82 -12.78 34.89
N ASP I 578 26.98 -13.39 35.16
CA ASP I 578 28.20 -12.62 35.31
C ASP I 578 28.74 -12.16 33.97
N LYS I 579 28.44 -12.88 32.89
CA LYS I 579 28.83 -12.52 31.53
C LYS I 579 27.68 -11.89 30.77
N SER I 580 26.87 -11.08 31.45
CA SER I 580 25.68 -10.51 30.81
C SER I 580 26.07 -9.40 29.84
N THR I 581 26.76 -8.37 30.34
CA THR I 581 27.07 -7.15 29.57
C THR I 581 25.81 -6.49 29.03
N THR I 582 24.68 -6.72 29.70
CA THR I 582 23.38 -6.22 29.24
C THR I 582 22.38 -6.34 30.39
N GLY I 583 21.71 -5.24 30.73
CA GLY I 583 20.73 -5.28 31.80
C GLY I 583 19.52 -6.13 31.47
N VAL I 584 19.02 -6.02 30.22
CA VAL I 584 17.78 -6.68 29.84
C VAL I 584 17.95 -8.21 29.90
N SER I 585 19.01 -8.72 29.28
CA SER I 585 19.25 -10.16 29.28
C SER I 585 19.54 -10.67 30.68
N GLU I 586 20.23 -9.86 31.49
CA GLU I 586 20.51 -10.24 32.87
C GLU I 586 19.22 -10.40 33.67
N ILE I 587 18.30 -9.44 33.52
CA ILE I 587 17.04 -9.53 34.27
C ILE I 587 16.19 -10.69 33.75
N LEU I 588 16.21 -10.92 32.43
CA LEU I 588 15.46 -12.05 31.88
C LEU I 588 15.99 -13.39 32.39
N LEU I 589 17.33 -13.53 32.45
CA LEU I 589 17.90 -14.74 33.00
C LEU I 589 17.61 -14.88 34.48
N LYS I 590 17.66 -13.77 35.23
CA LYS I 590 17.41 -13.81 36.66
C LYS I 590 15.98 -14.24 36.96
N THR I 591 15.00 -13.71 36.22
CA THR I 591 13.63 -14.16 36.41
C THR I 591 13.37 -15.51 35.77
N GLN I 592 14.28 -16.02 34.95
CA GLN I 592 14.20 -17.38 34.44
C GLN I 592 15.14 -18.33 35.17
N MET I 593 15.71 -17.91 36.31
CA MET I 593 16.60 -18.76 37.07
C MET I 593 15.81 -19.81 37.85
N LYS I 594 16.53 -20.62 38.61
CA LYS I 594 15.91 -21.67 39.43
C LYS I 594 16.86 -22.03 40.55
N MET I 595 16.36 -21.97 41.79
CA MET I 595 17.18 -22.29 42.95
C MET I 595 17.45 -23.80 43.03
N SER I 596 18.58 -24.14 43.65
CA SER I 596 18.95 -25.53 43.86
C SER I 596 20.00 -25.58 44.95
N LEU I 597 19.91 -26.60 45.81
CA LEU I 597 20.94 -26.79 46.83
C LEU I 597 22.27 -27.17 46.19
N LYS I 598 22.23 -28.06 45.19
CA LYS I 598 23.46 -28.57 44.59
C LYS I 598 24.22 -27.45 43.89
N CYS I 599 23.52 -26.59 43.16
CA CYS I 599 24.18 -25.52 42.42
C CYS I 599 24.83 -24.51 43.37
N LEU I 600 24.10 -24.10 44.42
CA LEU I 600 24.64 -23.13 45.36
C LEU I 600 25.81 -23.73 46.15
N ALA I 601 25.69 -25.00 46.54
CA ALA I 601 26.79 -25.66 47.25
C ALA I 601 28.03 -25.79 46.37
N ALA I 602 27.83 -26.13 45.09
CA ALA I 602 28.96 -26.22 44.17
C ALA I 602 29.60 -24.84 43.95
N ARG I 603 28.78 -23.79 43.87
CA ARG I 603 29.33 -22.44 43.74
C ARG I 603 30.15 -22.06 44.97
N ALA I 604 29.65 -22.39 46.17
CA ALA I 604 30.38 -22.11 47.39
C ALA I 604 31.69 -22.89 47.44
N VAL I 605 31.67 -24.16 47.02
CA VAL I 605 32.88 -24.98 47.02
C VAL I 605 33.90 -24.40 46.05
N ARG I 606 33.46 -24.02 44.85
CA ARG I 606 34.38 -23.48 43.85
C ARG I 606 34.95 -22.14 44.30
N ALA I 607 34.12 -21.29 44.90
CA ALA I 607 34.60 -19.99 45.36
C ALA I 607 35.58 -20.13 46.52
N ASN I 608 35.30 -21.03 47.46
CA ASN I 608 36.17 -21.23 48.60
C ASN I 608 37.39 -22.09 48.29
N ASP I 609 37.42 -22.71 47.10
CA ASP I 609 38.54 -23.53 46.64
C ASP I 609 38.83 -24.69 47.59
N ILE I 610 37.77 -25.28 48.14
CA ILE I 610 37.93 -26.48 48.95
C ILE I 610 38.39 -27.63 48.06
N ASN I 611 39.14 -28.56 48.64
CA ASN I 611 39.69 -29.70 47.90
C ASN I 611 38.55 -30.66 47.58
N TYR I 612 37.85 -30.35 46.48
CA TYR I 612 36.76 -31.20 46.02
C TYR I 612 37.24 -32.48 45.36
N GLN I 613 38.53 -32.60 45.09
CA GLN I 613 39.04 -33.77 44.39
C GLN I 613 39.00 -35.00 45.30
N ASP I 614 38.44 -36.09 44.77
CA ASP I 614 38.49 -37.43 45.37
C ASP I 614 37.76 -37.49 46.71
N GLN I 615 36.88 -36.52 46.99
CA GLN I 615 36.04 -36.55 48.17
C GLN I 615 34.56 -36.55 47.83
N ILE I 616 34.21 -36.57 46.54
CA ILE I 616 32.83 -36.53 46.09
C ILE I 616 32.66 -37.60 45.01
N PRO I 617 31.43 -37.97 44.67
CA PRO I 617 31.20 -38.79 43.48
C PRO I 617 31.74 -38.09 42.23
N ARG I 618 32.09 -38.92 41.24
CA ARG I 618 32.69 -38.36 40.02
C ARG I 618 31.74 -37.43 39.29
N THR I 619 30.45 -37.80 39.21
CA THR I 619 29.47 -36.90 38.62
C THR I 619 29.43 -35.58 39.35
N LEU I 620 29.59 -35.60 40.67
CA LEU I 620 29.78 -34.37 41.41
C LEU I 620 31.07 -33.66 41.01
N GLU I 621 32.08 -34.40 40.53
CA GLU I 621 33.30 -33.73 40.10
C GLU I 621 33.08 -32.94 38.81
N GLU I 622 32.41 -33.53 37.81
CA GLU I 622 32.03 -32.66 36.68
C GLU I 622 31.01 -31.61 37.06
N PHE I 623 30.19 -31.86 38.09
CA PHE I 623 29.26 -30.84 38.53
C PHE I 623 29.99 -29.63 39.11
N VAL I 624 31.05 -29.87 39.88
CA VAL I 624 31.88 -28.78 40.38
C VAL I 624 32.63 -28.12 39.22
N GLY I 625 33.08 -28.92 38.26
CA GLY I 625 33.75 -28.37 37.09
C GLY I 625 32.84 -27.46 36.27
N PHE I 626 31.54 -27.73 36.28
CA PHE I 626 30.59 -26.79 35.69
C PHE I 626 30.62 -25.45 36.44
N HIS I 627 30.66 -25.50 37.77
CA HIS I 627 30.67 -24.29 38.58
C HIS I 627 32.09 -23.78 38.80
N MET J 1 11.11 38.92 -30.27
CA MET J 1 11.76 39.21 -29.00
C MET J 1 11.35 38.19 -27.92
N GLU J 2 10.07 38.20 -27.56
CA GLU J 2 9.57 37.23 -26.59
C GLU J 2 9.61 35.81 -27.16
N GLY J 3 9.31 35.67 -28.46
CA GLY J 3 9.45 34.37 -29.10
C GLY J 3 10.88 33.87 -29.10
N LEU J 4 11.83 34.79 -29.32
CA LEU J 4 13.24 34.42 -29.25
C LEU J 4 13.63 33.99 -27.84
N ALA J 5 13.07 34.65 -26.82
CA ALA J 5 13.31 34.26 -25.43
C ALA J 5 12.75 32.87 -25.16
N GLY J 6 11.55 32.57 -25.68
CA GLY J 6 11.02 31.23 -25.56
C GLY J 6 11.88 30.20 -26.26
N TYR J 7 12.41 30.55 -27.44
CA TYR J 7 13.28 29.64 -28.17
C TYR J 7 14.56 29.33 -27.40
N VAL J 8 15.19 30.37 -26.83
CA VAL J 8 16.43 30.13 -26.10
C VAL J 8 16.16 29.41 -24.79
N TYR J 9 15.00 29.64 -24.16
CA TYR J 9 14.66 28.87 -22.97
C TYR J 9 14.43 27.40 -23.31
N LYS J 10 13.79 27.13 -24.45
CA LYS J 10 13.59 25.74 -24.87
C LYS J 10 14.93 25.08 -25.22
N ALA J 11 15.85 25.84 -25.81
CA ALA J 11 17.17 25.30 -26.11
C ALA J 11 17.96 25.00 -24.84
N ALA J 12 17.91 25.91 -23.86
CA ALA J 12 18.67 25.70 -22.63
C ALA J 12 18.05 24.63 -21.75
N SER J 13 16.72 24.50 -21.76
CA SER J 13 16.06 23.45 -21.00
C SER J 13 16.43 22.07 -21.54
N GLU J 14 16.52 21.94 -22.86
CA GLU J 14 17.01 20.71 -23.45
C GLU J 14 18.50 20.54 -23.17
N GLY J 15 19.32 21.44 -23.69
CA GLY J 15 20.75 21.36 -23.48
C GLY J 15 21.58 21.67 -24.70
N LYS J 16 20.92 21.98 -25.82
CA LYS J 16 21.64 22.42 -27.01
C LYS J 16 22.30 23.76 -26.76
N VAL J 17 23.38 24.01 -27.50
CA VAL J 17 24.14 25.25 -27.39
C VAL J 17 24.16 26.04 -28.69
N LEU J 18 24.29 25.36 -29.82
CA LEU J 18 24.39 26.07 -31.10
C LEU J 18 23.06 26.69 -31.51
N THR J 19 21.94 26.12 -31.08
CA THR J 19 20.64 26.66 -31.44
C THR J 19 20.45 28.07 -30.88
N LEU J 20 20.63 28.24 -29.57
CA LEU J 20 20.54 29.58 -29.02
C LEU J 20 21.77 30.42 -29.31
N ALA J 21 22.91 29.79 -29.63
CA ALA J 21 24.06 30.56 -30.09
C ALA J 21 23.75 31.27 -31.40
N ALA J 22 23.09 30.58 -32.34
CA ALA J 22 22.69 31.22 -33.58
C ALA J 22 21.47 32.11 -33.39
N LEU J 23 20.64 31.82 -32.39
CA LEU J 23 19.55 32.73 -32.06
C LEU J 23 20.07 34.05 -31.49
N LEU J 24 21.19 34.02 -30.79
CA LEU J 24 21.86 35.21 -30.29
C LEU J 24 22.92 35.74 -31.24
N LEU J 25 23.07 35.13 -32.41
CA LEU J 25 24.15 35.49 -33.32
C LEU J 25 23.94 36.89 -33.89
N ASN J 26 25.03 37.66 -33.94
CA ASN J 26 25.04 39.02 -34.48
C ASN J 26 24.04 39.92 -33.76
N ARG J 27 23.94 39.76 -32.44
CA ARG J 27 23.05 40.55 -31.62
C ARG J 27 23.84 41.33 -30.58
N SER J 28 23.33 42.51 -30.22
CA SER J 28 23.93 43.28 -29.15
C SER J 28 23.66 42.62 -27.80
N GLU J 29 24.35 43.10 -26.76
CA GLU J 29 24.17 42.51 -25.44
C GLU J 29 22.80 42.82 -24.84
N SER J 30 22.09 43.82 -25.37
CA SER J 30 20.79 44.19 -24.80
C SER J 30 19.77 43.07 -24.96
N ASP J 31 19.46 42.71 -26.21
CA ASP J 31 18.49 41.64 -26.42
C ASP J 31 19.07 40.27 -26.06
N ILE J 32 20.40 40.11 -26.07
CA ILE J 32 21.00 38.87 -25.58
C ILE J 32 20.69 38.68 -24.11
N ARG J 33 20.87 39.72 -23.30
CA ARG J 33 20.51 39.64 -21.89
C ARG J 33 19.00 39.53 -21.70
N TYR J 34 18.22 40.15 -22.59
CA TYR J 34 16.77 40.03 -22.49
C TYR J 34 16.31 38.59 -22.70
N LEU J 35 16.91 37.90 -23.68
CA LEU J 35 16.61 36.48 -23.86
C LEU J 35 17.16 35.65 -22.70
N LEU J 36 18.35 36.00 -22.21
CA LEU J 36 18.93 35.33 -21.05
C LEU J 36 18.29 35.76 -19.74
N GLY J 37 17.54 36.86 -19.75
CA GLY J 37 16.83 37.30 -18.57
C GLY J 37 15.38 36.84 -18.58
N TYR J 38 15.10 35.79 -19.35
CA TYR J 38 13.75 35.25 -19.48
C TYR J 38 13.41 34.49 -18.20
N VAL J 39 13.00 35.26 -17.19
CA VAL J 39 12.64 34.72 -15.88
C VAL J 39 11.14 34.39 -15.81
N SER J 40 10.44 34.47 -16.93
CA SER J 40 9.00 34.23 -16.95
C SER J 40 8.69 32.78 -16.60
N GLN J 41 7.49 32.56 -16.08
CA GLN J 41 7.09 31.23 -15.63
C GLN J 41 6.85 30.31 -16.82
N GLN J 42 7.40 29.11 -16.74
CA GLN J 42 7.11 28.04 -17.69
C GLN J 42 6.63 26.84 -16.92
N GLY J 43 5.43 26.38 -17.23
CA GLY J 43 4.79 25.37 -16.39
C GLY J 43 4.27 25.92 -15.08
N GLY J 44 4.04 27.23 -14.99
CA GLY J 44 3.56 27.86 -13.78
C GLY J 44 4.63 28.21 -12.76
N GLN J 45 5.89 27.91 -13.04
CA GLN J 45 6.98 28.15 -12.11
C GLN J 45 8.08 28.96 -12.78
N ARG J 46 8.62 29.94 -12.04
CA ARG J 46 9.68 30.80 -12.57
C ARG J 46 10.92 29.98 -12.92
N SER J 47 11.46 30.25 -14.11
CA SER J 47 12.69 29.60 -14.56
C SER J 47 13.38 30.49 -15.57
N THR J 48 14.66 30.25 -15.76
CA THR J 48 15.54 31.06 -16.58
C THR J 48 16.44 30.11 -17.37
N PRO J 49 16.81 30.47 -18.61
CA PRO J 49 17.74 29.60 -19.38
C PRO J 49 19.03 29.26 -18.66
N LEU J 50 19.64 30.21 -17.95
CA LEU J 50 20.80 29.87 -17.13
C LEU J 50 20.40 28.98 -15.96
N ILE J 51 19.25 29.28 -15.33
CA ILE J 51 18.78 28.48 -14.20
C ILE J 51 18.44 27.06 -14.65
N ILE J 52 17.71 26.92 -15.75
CA ILE J 52 17.34 25.59 -16.21
C ILE J 52 18.55 24.86 -16.80
N ALA J 53 19.55 25.60 -17.29
CA ALA J 53 20.79 24.97 -17.71
C ALA J 53 21.55 24.41 -16.53
N ALA J 54 21.60 25.15 -15.42
CA ALA J 54 22.16 24.62 -14.19
C ALA J 54 21.30 23.49 -13.65
N ARG J 55 19.97 23.60 -13.79
CA ARG J 55 19.08 22.52 -13.39
C ARG J 55 19.23 21.31 -14.30
N ASN J 56 19.55 21.52 -15.57
CA ASN J 56 19.76 20.40 -16.49
C ASN J 56 20.95 19.56 -16.06
N GLY J 57 22.14 20.15 -16.07
CA GLY J 57 23.33 19.43 -15.66
C GLY J 57 24.43 19.40 -16.69
N HIS J 58 24.20 20.00 -17.85
CA HIS J 58 25.23 20.13 -18.87
C HIS J 58 26.19 21.22 -18.46
N ALA J 59 27.43 20.83 -18.12
CA ALA J 59 28.43 21.81 -17.72
C ALA J 59 28.83 22.72 -18.88
N LYS J 60 28.70 22.23 -20.11
CA LYS J 60 29.06 23.03 -21.28
C LYS J 60 28.17 24.26 -21.42
N VAL J 61 26.85 24.08 -21.23
CA VAL J 61 25.92 25.19 -21.41
C VAL J 61 26.18 26.29 -20.38
N VAL J 62 26.32 25.91 -19.11
CA VAL J 62 26.55 26.90 -18.07
C VAL J 62 27.95 27.52 -18.19
N ARG J 63 28.95 26.74 -18.61
CA ARG J 63 30.30 27.29 -18.76
C ARG J 63 30.37 28.25 -19.93
N LEU J 64 29.53 28.06 -20.95
CA LEU J 64 29.43 29.06 -22.01
C LEU J 64 28.62 30.26 -21.55
N LEU J 65 27.63 30.05 -20.69
CA LEU J 65 26.80 31.15 -20.21
C LEU J 65 27.58 32.05 -19.25
N LEU J 66 28.55 31.52 -18.52
CA LEU J 66 29.30 32.34 -17.57
C LEU J 66 30.52 33.00 -18.22
N GLU J 67 31.18 32.31 -19.14
CA GLU J 67 32.45 32.81 -19.69
C GLU J 67 32.22 33.69 -20.92
N HIS J 68 31.62 33.14 -21.97
CA HIS J 68 31.44 33.88 -23.21
C HIS J 68 30.12 34.63 -23.28
N TYR J 69 29.23 34.44 -22.30
CA TYR J 69 27.98 35.17 -22.22
C TYR J 69 27.93 35.93 -20.91
N ARG J 70 27.07 36.96 -20.86
CA ARG J 70 26.97 37.85 -19.72
C ARG J 70 25.63 37.62 -19.04
N VAL J 71 25.62 36.66 -18.11
CA VAL J 71 24.46 36.41 -17.25
C VAL J 71 24.97 36.14 -15.85
N GLN J 72 24.23 36.62 -14.85
CA GLN J 72 24.62 36.50 -13.45
C GLN J 72 23.81 35.42 -12.76
N THR J 73 24.42 34.82 -11.74
CA THR J 73 23.74 33.77 -10.98
C THR J 73 22.60 34.30 -10.13
N GLN J 74 22.55 35.62 -9.91
CA GLN J 74 21.45 36.23 -9.16
C GLN J 74 20.20 36.17 -10.02
N GLN J 75 19.26 35.30 -9.66
CA GLN J 75 18.11 35.02 -10.51
C GLN J 75 17.02 34.41 -9.63
N THR J 76 15.82 34.32 -10.20
CA THR J 76 14.66 33.73 -9.52
C THR J 76 14.28 32.43 -10.25
N GLY J 77 14.15 31.35 -9.49
CA GLY J 77 13.80 30.08 -10.06
C GLY J 77 13.32 29.10 -9.01
N THR J 78 13.07 27.87 -9.44
CA THR J 78 12.61 26.83 -8.54
C THR J 78 13.78 26.27 -7.71
N VAL J 79 13.44 25.79 -6.53
CA VAL J 79 14.41 25.10 -5.69
C VAL J 79 14.06 23.63 -5.45
N ARG J 80 12.79 23.27 -5.51
CA ARG J 80 12.35 21.89 -5.33
C ARG J 80 10.98 21.77 -5.98
N PHE J 81 10.91 21.03 -7.09
CA PHE J 81 9.70 21.06 -7.92
C PHE J 81 8.53 20.38 -7.23
N ASP J 82 8.77 19.27 -6.54
CA ASP J 82 7.69 18.48 -5.94
C ASP J 82 7.33 19.05 -4.58
N GLY J 83 6.29 19.88 -4.55
CA GLY J 83 5.70 20.34 -3.31
C GLY J 83 6.24 21.63 -2.75
N TYR J 84 7.32 22.18 -3.30
CA TYR J 84 7.91 23.41 -2.79
C TYR J 84 7.81 24.56 -3.77
N VAL J 85 8.34 24.38 -4.99
CA VAL J 85 8.52 25.38 -6.05
C VAL J 85 8.74 26.79 -5.52
N ILE J 86 9.67 26.94 -4.58
CA ILE J 86 9.94 28.21 -3.94
C ILE J 86 10.90 29.02 -4.80
N ASP J 87 10.65 30.32 -4.91
CA ASP J 87 11.43 31.21 -5.77
C ASP J 87 12.75 31.58 -5.10
N GLY J 88 13.46 32.53 -5.71
CA GLY J 88 14.74 32.99 -5.19
C GLY J 88 15.85 31.96 -5.25
N ALA J 89 16.07 31.38 -6.43
CA ALA J 89 17.02 30.29 -6.60
C ALA J 89 18.27 30.78 -7.34
N THR J 90 19.42 30.54 -6.74
CA THR J 90 20.69 30.75 -7.42
C THR J 90 20.98 29.55 -8.31
N ALA J 91 21.68 29.81 -9.43
CA ALA J 91 22.03 28.72 -10.35
C ALA J 91 22.90 27.68 -9.66
N LEU J 92 23.81 28.12 -8.78
CA LEU J 92 24.57 27.18 -7.96
C LEU J 92 23.64 26.38 -7.05
N TRP J 93 22.64 27.06 -6.47
CA TRP J 93 21.65 26.37 -5.65
C TRP J 93 20.85 25.37 -6.47
N CYS J 94 20.48 25.74 -7.70
CA CYS J 94 19.74 24.82 -8.55
C CYS J 94 20.57 23.59 -8.91
N ALA J 95 21.86 23.80 -9.19
CA ALA J 95 22.74 22.67 -9.49
C ALA J 95 22.94 21.78 -8.26
N ALA J 96 23.05 22.39 -7.07
CA ALA J 96 23.21 21.62 -5.85
C ALA J 96 21.96 20.81 -5.54
N GLY J 97 20.77 21.40 -5.74
CA GLY J 97 19.54 20.67 -5.56
C GLY J 97 19.35 19.56 -6.58
N ALA J 98 19.81 19.78 -7.82
CA ALA J 98 19.75 18.75 -8.83
C ALA J 98 20.81 17.68 -8.60
N GLY J 99 22.00 18.07 -8.14
CA GLY J 99 23.02 17.13 -7.75
C GLY J 99 24.20 16.97 -8.70
N HIS J 100 24.28 17.77 -9.75
CA HIS J 100 25.40 17.69 -10.68
C HIS J 100 26.62 18.36 -10.05
N PHE J 101 27.59 17.53 -9.63
CA PHE J 101 28.75 18.06 -8.92
C PHE J 101 29.65 18.87 -9.84
N GLU J 102 29.76 18.48 -11.11
CA GLU J 102 30.60 19.23 -12.05
C GLU J 102 30.05 20.63 -12.26
N VAL J 103 28.73 20.77 -12.42
CA VAL J 103 28.13 22.09 -12.57
C VAL J 103 28.29 22.90 -11.28
N VAL J 104 28.17 22.23 -10.13
CA VAL J 104 28.31 22.92 -8.85
C VAL J 104 29.72 23.48 -8.70
N LYS J 105 30.74 22.66 -8.93
CA LYS J 105 32.11 23.11 -8.77
C LYS J 105 32.48 24.15 -9.83
N LEU J 106 31.93 24.03 -11.04
CA LEU J 106 32.19 25.02 -12.07
C LEU J 106 31.57 26.37 -11.70
N LEU J 107 30.35 26.38 -11.15
CA LEU J 107 29.75 27.63 -10.71
C LEU J 107 30.46 28.20 -9.49
N VAL J 108 30.98 27.35 -8.61
CA VAL J 108 31.74 27.83 -7.47
C VAL J 108 33.03 28.49 -7.93
N SER J 109 33.75 27.85 -8.85
CA SER J 109 34.95 28.46 -9.42
C SER J 109 34.62 29.71 -10.22
N HIS J 110 33.41 29.78 -10.78
CA HIS J 110 32.97 30.99 -11.46
C HIS J 110 32.82 32.15 -10.48
N GLY J 111 32.31 31.88 -9.29
CA GLY J 111 32.09 32.93 -8.30
C GLY J 111 30.63 33.13 -7.96
N ALA J 112 29.85 32.04 -8.01
CA ALA J 112 28.43 32.11 -7.76
C ALA J 112 28.14 32.39 -6.28
N ASN J 113 26.88 32.72 -6.00
CA ASN J 113 26.46 33.01 -4.63
C ASN J 113 26.44 31.72 -3.82
N VAL J 114 27.16 31.71 -2.70
CA VAL J 114 27.26 30.54 -1.84
C VAL J 114 26.53 30.72 -0.52
N ASN J 115 26.14 31.94 -0.15
CA ASN J 115 25.45 32.23 1.09
C ASN J 115 24.09 32.88 0.81
N HIS J 116 23.44 32.47 -0.27
CA HIS J 116 22.18 33.07 -0.67
C HIS J 116 21.05 32.63 0.25
N THR J 117 20.15 33.56 0.56
CA THR J 117 18.95 33.28 1.34
C THR J 117 17.73 33.67 0.52
N THR J 118 16.80 32.74 0.36
CA THR J 118 15.57 32.98 -0.38
C THR J 118 14.51 33.58 0.55
N VAL J 119 13.25 33.59 0.09
CA VAL J 119 12.15 34.03 0.94
C VAL J 119 11.99 33.10 2.14
N THR J 120 12.37 31.84 2.01
CA THR J 120 12.45 30.91 3.13
C THR J 120 13.86 30.79 3.68
N ASN J 121 14.75 31.71 3.27
CA ASN J 121 16.16 31.79 3.67
C ASN J 121 16.86 30.44 3.76
N SER J 122 16.75 29.68 2.66
CA SER J 122 17.40 28.38 2.54
C SER J 122 18.65 28.50 1.68
N THR J 123 19.69 27.72 2.04
CA THR J 123 21.03 27.75 1.47
C THR J 123 21.25 26.59 0.50
N PRO J 124 22.17 26.74 -0.46
CA PRO J 124 22.56 25.58 -1.27
C PRO J 124 23.17 24.45 -0.47
N LEU J 125 23.73 24.72 0.71
CA LEU J 125 24.33 23.68 1.52
C LEU J 125 23.27 22.66 1.99
N ARG J 126 22.11 23.14 2.43
CA ARG J 126 21.08 22.20 2.85
C ARG J 126 20.44 21.49 1.67
N ALA J 127 20.44 22.12 0.48
CA ALA J 127 20.02 21.40 -0.72
C ALA J 127 20.97 20.27 -1.06
N ALA J 128 22.28 20.53 -0.93
CA ALA J 128 23.26 19.47 -1.15
C ALA J 128 23.12 18.36 -0.13
N CYS J 129 22.85 18.72 1.13
CA CYS J 129 22.58 17.71 2.15
C CYS J 129 21.31 16.92 1.83
N PHE J 130 20.29 17.59 1.31
CA PHE J 130 19.04 16.92 0.95
C PHE J 130 19.24 15.96 -0.21
N ASP J 131 20.13 16.30 -1.14
CA ASP J 131 20.41 15.41 -2.26
C ASP J 131 21.41 14.31 -1.90
N GLY J 132 22.09 14.43 -0.76
CA GLY J 132 23.00 13.38 -0.33
C GLY J 132 24.27 13.24 -1.13
N ARG J 133 24.72 14.31 -1.79
CA ARG J 133 25.95 14.28 -2.57
C ARG J 133 27.09 14.74 -1.66
N LEU J 134 27.91 13.79 -1.20
CA LEU J 134 29.04 14.14 -0.34
C LEU J 134 30.06 15.01 -1.06
N ASP J 135 30.25 14.79 -2.36
CA ASP J 135 31.24 15.56 -3.11
C ASP J 135 30.87 17.04 -3.20
N ILE J 136 29.58 17.33 -3.45
CA ILE J 136 29.11 18.71 -3.50
C ILE J 136 29.28 19.39 -2.13
N VAL J 137 28.92 18.67 -1.07
CA VAL J 137 29.07 19.22 0.28
C VAL J 137 30.55 19.46 0.60
N LYS J 138 31.42 18.54 0.16
CA LYS J 138 32.85 18.70 0.40
C LYS J 138 33.41 19.91 -0.33
N TYR J 139 32.99 20.11 -1.59
CA TYR J 139 33.42 21.29 -2.33
C TYR J 139 32.92 22.57 -1.67
N LEU J 140 31.66 22.58 -1.23
CA LEU J 140 31.09 23.76 -0.59
C LEU J 140 31.80 24.07 0.73
N VAL J 141 32.14 23.04 1.51
CA VAL J 141 32.82 23.26 2.78
C VAL J 141 34.26 23.72 2.54
N GLU J 142 34.94 23.12 1.55
CA GLU J 142 36.31 23.52 1.24
C GLU J 142 36.37 24.96 0.72
N ASN J 143 35.30 25.42 0.06
CA ASN J 143 35.23 26.81 -0.33
C ASN J 143 34.66 27.71 0.75
N ASN J 144 34.28 27.12 1.90
CA ASN J 144 33.94 27.87 3.13
C ASN J 144 32.77 28.83 2.91
N ALA J 145 31.61 28.26 2.61
CA ALA J 145 30.41 29.09 2.47
C ALA J 145 29.83 29.45 3.83
N ASN J 146 29.37 28.45 4.57
CA ASN J 146 28.79 28.61 5.90
C ASN J 146 28.56 27.22 6.47
N ILE J 147 28.16 27.18 7.75
CA ILE J 147 27.88 25.91 8.42
C ILE J 147 26.55 25.98 9.17
N SER J 148 26.02 27.18 9.37
CA SER J 148 24.89 27.39 10.26
C SER J 148 23.83 28.29 9.63
N ILE J 149 23.45 27.99 8.39
CA ILE J 149 22.31 28.65 7.76
C ILE J 149 21.08 27.80 7.99
N ALA J 150 20.05 28.39 8.59
CA ALA J 150 18.84 27.69 8.97
C ALA J 150 17.64 28.23 8.19
N ASN J 151 16.54 27.50 8.26
CA ASN J 151 15.31 27.87 7.58
C ASN J 151 14.49 28.81 8.46
N LYS J 152 13.27 29.12 8.01
CA LYS J 152 12.34 29.89 8.85
C LYS J 152 11.96 29.12 10.10
N TYR J 153 11.91 27.79 10.00
CA TYR J 153 11.71 26.93 11.16
C TYR J 153 13.01 26.64 11.91
N ASP J 154 14.05 27.45 11.65
CA ASP J 154 15.39 27.27 12.22
C ASP J 154 15.93 25.88 11.91
N ASN J 155 15.70 25.41 10.69
CA ASN J 155 16.06 24.06 10.28
C ASN J 155 17.47 24.07 9.69
N THR J 156 18.41 23.48 10.41
CA THR J 156 19.80 23.41 9.97
C THR J 156 19.94 22.41 8.84
N CYS J 157 20.96 22.60 8.01
CA CYS J 157 21.35 21.61 7.01
C CYS J 157 21.65 20.26 7.65
N LEU J 158 22.23 20.28 8.84
CA LEU J 158 22.48 19.04 9.58
C LEU J 158 21.18 18.29 9.88
N MET J 159 20.16 19.02 10.30
CA MET J 159 18.88 18.38 10.62
C MET J 159 18.18 17.88 9.37
N ILE J 160 18.31 18.61 8.26
CA ILE J 160 17.73 18.17 7.00
C ILE J 160 18.41 16.89 6.52
N ALA J 161 19.74 16.84 6.62
CA ALA J 161 20.47 15.62 6.25
C ALA J 161 20.13 14.46 7.19
N ALA J 162 19.97 14.76 8.48
CA ALA J 162 19.61 13.72 9.45
C ALA J 162 18.21 13.19 9.21
N TYR J 163 17.31 14.01 8.66
CA TYR J 163 15.99 13.52 8.30
C TYR J 163 16.05 12.54 7.14
N LYS J 164 17.12 12.56 6.36
CA LYS J 164 17.37 11.58 5.32
C LYS J 164 18.37 10.54 5.82
N GLY J 165 18.68 9.58 4.97
CA GLY J 165 19.60 8.51 5.29
C GLY J 165 21.04 8.77 4.92
N HIS J 166 21.39 10.00 4.56
CA HIS J 166 22.73 10.34 4.10
C HIS J 166 23.67 10.41 5.29
N THR J 167 24.06 9.23 5.79
CA THR J 167 24.94 9.16 6.94
C THR J 167 26.33 9.68 6.63
N ASP J 168 26.79 9.52 5.38
CA ASP J 168 28.11 10.01 5.01
C ASP J 168 28.14 11.54 5.01
N VAL J 169 27.10 12.17 4.48
CA VAL J 169 27.01 13.63 4.50
C VAL J 169 26.90 14.14 5.92
N VAL J 170 26.14 13.45 6.78
CA VAL J 170 26.01 13.84 8.17
C VAL J 170 27.36 13.75 8.88
N ARG J 171 28.09 12.65 8.65
CA ARG J 171 29.38 12.49 9.30
C ARG J 171 30.41 13.51 8.79
N TYR J 172 30.34 13.86 7.50
CA TYR J 172 31.25 14.88 6.98
C TYR J 172 30.91 16.25 7.54
N LEU J 173 29.62 16.54 7.69
CA LEU J 173 29.22 17.84 8.22
C LEU J 173 29.59 17.98 9.68
N LEU J 174 29.42 16.91 10.47
CA LEU J 174 29.86 16.98 11.86
C LEU J 174 31.38 16.92 11.97
N GLU J 175 32.07 16.45 10.94
CA GLU J 175 33.52 16.56 10.92
C GLU J 175 33.99 18.01 10.81
N GLN J 176 33.11 18.91 10.37
CA GLN J 176 33.38 20.34 10.38
C GLN J 176 33.04 20.99 11.71
N ARG J 177 32.77 20.19 12.74
CA ARG J 177 32.51 20.65 14.11
C ARG J 177 31.27 21.54 14.19
N ALA J 178 30.31 21.35 13.30
CA ALA J 178 29.01 21.99 13.47
C ALA J 178 28.27 21.33 14.61
N ASP J 179 27.76 22.13 15.54
CA ASP J 179 27.23 21.58 16.78
C ASP J 179 25.95 20.81 16.52
N PRO J 180 25.75 19.68 17.20
CA PRO J 180 24.48 18.94 17.08
C PRO J 180 23.35 19.53 17.91
N ASN J 181 23.63 20.57 18.70
CA ASN J 181 22.64 21.16 19.59
C ASN J 181 21.87 22.30 18.94
N ALA J 182 21.71 22.27 17.61
CA ALA J 182 20.98 23.31 16.89
C ALA J 182 19.49 23.13 17.16
N LYS J 183 19.07 23.61 18.34
CA LYS J 183 17.68 23.47 18.77
C LYS J 183 16.78 24.39 17.96
N ALA J 184 16.03 23.82 17.03
CA ALA J 184 15.06 24.60 16.27
C ALA J 184 13.86 24.94 17.15
N HIS J 185 13.11 25.95 16.72
CA HIS J 185 11.91 26.33 17.46
C HIS J 185 10.84 25.25 17.38
N CYS J 186 10.86 24.42 16.33
CA CYS J 186 9.99 23.26 16.28
C CYS J 186 10.32 22.27 17.38
N GLY J 187 11.61 22.07 17.66
CA GLY J 187 12.02 21.23 18.76
C GLY J 187 13.12 20.23 18.41
N ALA J 188 13.47 20.15 17.13
CA ALA J 188 14.46 19.17 16.70
C ALA J 188 15.86 19.56 17.16
N THR J 189 16.55 18.63 17.81
CA THR J 189 17.93 18.83 18.26
C THR J 189 18.90 17.99 17.44
N ALA J 190 18.63 17.88 16.14
CA ALA J 190 19.36 17.16 15.10
C ALA J 190 19.30 15.64 15.25
N LEU J 191 18.71 15.13 16.32
CA LEU J 191 18.48 13.70 16.49
C LEU J 191 17.01 13.36 16.59
N HIS J 192 16.16 14.33 16.95
CA HIS J 192 14.73 14.20 16.70
C HIS J 192 14.48 13.89 15.23
N PHE J 193 15.05 14.69 14.32
CA PHE J 193 14.89 14.47 12.90
C PHE J 193 15.62 13.22 12.42
N ALA J 194 16.61 12.75 13.19
CA ALA J 194 17.19 11.45 12.88
C ALA J 194 16.23 10.33 13.19
N ALA J 195 15.45 10.46 14.27
CA ALA J 195 14.68 9.34 14.78
C ALA J 195 13.22 9.38 14.33
N GLU J 196 13.00 9.33 13.01
CA GLU J 196 11.73 8.89 12.43
C GLU J 196 11.90 7.71 11.50
N ALA J 197 12.83 7.77 10.55
CA ALA J 197 13.02 6.71 9.57
C ALA J 197 14.01 5.65 10.02
N GLY J 198 14.44 5.71 11.28
CA GLY J 198 15.36 4.71 11.81
C GLY J 198 16.73 4.74 11.19
N HIS J 199 17.31 5.93 10.99
CA HIS J 199 18.67 6.03 10.49
C HIS J 199 19.63 5.64 11.61
N ILE J 200 19.90 4.33 11.71
CA ILE J 200 20.55 3.78 12.89
C ILE J 200 21.99 4.29 13.02
N ASP J 201 22.74 4.32 11.93
CA ASP J 201 24.13 4.75 12.00
C ASP J 201 24.24 6.27 12.15
N ILE J 202 23.24 7.02 11.69
CA ILE J 202 23.21 8.46 11.95
C ILE J 202 23.07 8.72 13.44
N VAL J 203 22.17 7.99 14.09
CA VAL J 203 22.01 8.12 15.55
C VAL J 203 23.27 7.68 16.26
N LYS J 204 23.92 6.61 15.77
CA LYS J 204 25.17 6.17 16.37
C LYS J 204 26.25 7.24 16.24
N GLU J 205 26.35 7.87 15.08
CA GLU J 205 27.33 8.94 14.88
C GLU J 205 27.05 10.12 15.79
N LEU J 206 25.78 10.50 15.93
CA LEU J 206 25.44 11.64 16.78
C LEU J 206 25.70 11.35 18.25
N ILE J 207 25.41 10.13 18.69
CA ILE J 207 25.72 9.75 20.07
C ILE J 207 27.24 9.75 20.28
N LYS J 208 27.99 9.26 19.29
CA LYS J 208 29.45 9.34 19.35
C LYS J 208 29.91 10.80 19.34
N TRP J 209 29.22 11.66 18.60
CA TRP J 209 29.58 13.06 18.49
C TRP J 209 28.93 13.93 19.57
N ARG J 210 28.47 13.32 20.67
CA ARG J 210 27.92 14.02 21.83
C ARG J 210 26.72 14.88 21.44
N ALA J 211 25.65 14.18 21.05
CA ALA J 211 24.44 14.84 20.58
C ALA J 211 23.74 15.64 21.67
N ALA J 212 23.96 15.30 22.95
CA ALA J 212 23.40 16.01 24.09
C ALA J 212 21.87 16.05 24.02
N ILE J 213 21.29 14.85 24.21
CA ILE J 213 19.85 14.63 24.11
C ILE J 213 19.09 15.64 24.97
N VAL J 214 18.04 16.22 24.38
CA VAL J 214 17.24 17.26 25.04
C VAL J 214 15.85 17.23 24.41
N VAL J 215 14.85 17.62 25.21
CA VAL J 215 13.45 17.53 24.77
C VAL J 215 13.17 18.53 23.65
N ASN J 216 12.06 18.30 22.95
CA ASN J 216 11.63 19.15 21.85
C ASN J 216 10.68 20.24 22.36
N GLY J 217 10.02 20.93 21.44
CA GLY J 217 9.01 21.90 21.83
C GLY J 217 7.81 21.26 22.50
N HIS J 218 7.44 20.05 22.08
CA HIS J 218 6.35 19.32 22.72
C HIS J 218 6.77 18.69 24.05
N GLY J 219 8.04 18.76 24.42
CA GLY J 219 8.53 18.14 25.63
C GLY J 219 8.96 16.70 25.48
N MET J 220 8.76 16.11 24.31
CA MET J 220 9.15 14.72 24.08
C MET J 220 10.67 14.63 23.89
N THR J 221 11.29 13.69 24.59
CA THR J 221 12.69 13.40 24.33
C THR J 221 12.84 12.73 22.98
N PRO J 222 14.00 12.83 22.34
CA PRO J 222 14.24 12.03 21.14
C PRO J 222 14.15 10.54 21.40
N LEU J 223 14.44 10.10 22.62
CA LEU J 223 14.15 8.73 23.01
C LEU J 223 12.65 8.45 22.97
N LYS J 224 11.85 9.40 23.46
CA LYS J 224 10.39 9.27 23.36
C LYS J 224 9.94 9.30 21.92
N VAL J 225 10.57 10.12 21.08
CA VAL J 225 10.21 10.19 19.67
C VAL J 225 10.50 8.86 18.99
N ALA J 226 11.67 8.27 19.27
CA ALA J 226 12.03 6.98 18.69
C ALA J 226 11.10 5.87 19.18
N ALA J 227 10.70 5.93 20.46
CA ALA J 227 9.73 4.97 20.97
C ALA J 227 8.38 5.13 20.28
N GLU J 228 7.98 6.37 20.02
CA GLU J 228 6.72 6.62 19.31
C GLU J 228 6.77 6.15 17.87
N SER J 229 7.93 6.25 17.22
CA SER J 229 8.08 5.95 15.80
C SER J 229 8.22 4.46 15.51
N CYS J 230 8.07 3.59 16.52
CA CYS J 230 8.12 2.14 16.36
C CYS J 230 9.46 1.68 15.77
N LYS J 231 10.56 2.29 16.23
CA LYS J 231 11.90 1.94 15.78
C LYS J 231 12.70 1.51 17.01
N ALA J 232 12.91 0.20 17.15
CA ALA J 232 13.47 -0.34 18.39
C ALA J 232 14.98 -0.14 18.49
N ASP J 233 15.70 -0.20 17.37
CA ASP J 233 17.15 -0.18 17.41
C ASP J 233 17.69 1.19 17.83
N VAL J 234 17.10 2.26 17.31
CA VAL J 234 17.51 3.59 17.75
C VAL J 234 17.11 3.83 19.19
N VAL J 235 16.00 3.21 19.63
CA VAL J 235 15.63 3.24 21.05
C VAL J 235 16.73 2.57 21.88
N GLU J 236 17.27 1.45 21.39
CA GLU J 236 18.35 0.76 22.09
C GLU J 236 19.59 1.65 22.20
N LEU J 237 20.00 2.28 21.09
CA LEU J 237 21.19 3.12 21.15
C LEU J 237 20.99 4.35 22.03
N LEU J 238 19.81 4.98 21.97
CA LEU J 238 19.53 6.12 22.83
C LEU J 238 19.48 5.71 24.29
N LEU J 239 18.99 4.50 24.58
CA LEU J 239 19.00 3.99 25.94
C LEU J 239 20.41 3.73 26.42
N SER J 240 21.30 3.32 25.53
CA SER J 240 22.70 3.10 25.88
C SER J 240 23.54 4.37 25.83
N HIS J 241 22.92 5.54 25.75
CA HIS J 241 23.63 6.81 25.61
C HIS J 241 23.55 7.62 26.89
N ALA J 242 24.72 8.02 27.40
CA ALA J 242 24.88 8.97 28.52
C ALA J 242 24.15 8.42 29.75
N ASP J 243 23.32 9.20 30.42
CA ASP J 243 22.64 8.75 31.63
C ASP J 243 21.52 7.78 31.28
N CYS J 244 21.45 6.67 32.02
CA CYS J 244 20.40 5.69 31.81
C CYS J 244 19.03 6.26 32.19
N ASP J 245 18.93 6.84 33.40
CA ASP J 245 17.72 7.47 33.91
C ASP J 245 16.54 6.48 33.89
N ARG J 246 16.65 5.50 34.79
CA ARG J 246 15.80 4.31 34.87
C ARG J 246 14.31 4.57 34.66
N ARG J 247 13.79 5.67 35.21
CA ARG J 247 12.39 6.02 34.97
C ARG J 247 12.14 6.30 33.48
N SER J 248 13.04 7.07 32.85
CA SER J 248 12.92 7.31 31.42
C SER J 248 13.11 6.03 30.62
N ARG J 249 13.96 5.11 31.11
CA ARG J 249 14.13 3.82 30.44
C ARG J 249 12.84 3.01 30.44
N ILE J 250 12.20 2.93 31.60
CA ILE J 250 10.95 2.17 31.71
C ILE J 250 9.86 2.82 30.88
N GLU J 251 9.77 4.16 30.92
CA GLU J 251 8.76 4.85 30.10
C GLU J 251 9.07 4.70 28.62
N ALA J 252 10.34 4.58 28.24
CA ALA J 252 10.69 4.38 26.83
C ALA J 252 10.27 2.99 26.37
N LEU J 253 10.52 1.97 27.17
CA LEU J 253 10.07 0.62 26.81
C LEU J 253 8.55 0.56 26.74
N GLU J 254 7.87 1.20 27.70
CA GLU J 254 6.41 1.25 27.68
C GLU J 254 5.88 1.95 26.44
N LEU J 255 6.49 3.08 26.07
CA LEU J 255 6.04 3.81 24.90
C LEU J 255 6.32 3.04 23.61
N LEU J 256 7.45 2.33 23.55
CA LEU J 256 7.74 1.51 22.39
C LEU J 256 6.71 0.40 22.23
N GLY J 257 6.37 -0.28 23.33
CA GLY J 257 5.32 -1.29 23.26
C GLY J 257 3.98 -0.71 22.88
N ALA J 258 3.64 0.44 23.44
CA ALA J 258 2.37 1.10 23.15
C ALA J 258 2.27 1.48 21.67
N SER J 259 3.34 2.02 21.12
CA SER J 259 3.35 2.39 19.71
C SER J 259 3.31 1.16 18.82
N PHE J 260 3.97 0.08 19.24
CA PHE J 260 3.87 -1.17 18.50
C PHE J 260 2.47 -1.76 18.56
N ALA J 261 1.69 -1.42 19.58
CA ALA J 261 0.35 -2.01 19.72
C ALA J 261 -0.62 -1.45 18.68
N ASN J 262 -0.50 -0.17 18.34
CA ASN J 262 -1.51 0.51 17.54
C ASN J 262 -0.89 1.30 16.39
N ASP J 263 -0.01 0.64 15.63
CA ASP J 263 0.57 1.24 14.43
C ASP J 263 0.30 0.33 13.25
N ARG J 264 -0.13 0.92 12.13
CA ARG J 264 -0.49 0.14 10.95
C ARG J 264 0.73 -0.53 10.33
N GLU J 265 1.86 0.18 10.27
CA GLU J 265 3.05 -0.37 9.63
C GLU J 265 3.66 -1.51 10.44
N ASN J 266 3.80 -1.31 11.75
CA ASN J 266 4.40 -2.30 12.64
C ASN J 266 3.37 -2.68 13.70
N TYR J 267 2.57 -3.69 13.39
CA TYR J 267 1.53 -4.18 14.30
C TYR J 267 1.93 -5.58 14.74
N ASP J 268 2.72 -5.66 15.80
CA ASP J 268 3.16 -6.92 16.39
C ASP J 268 2.71 -6.94 17.84
N ILE J 269 1.57 -7.56 18.10
CA ILE J 269 1.00 -7.53 19.45
C ILE J 269 1.86 -8.34 20.41
N ILE J 270 2.51 -9.40 19.94
CA ILE J 270 3.41 -10.17 20.80
C ILE J 270 4.63 -9.34 21.18
N LYS J 271 5.10 -8.50 20.25
CA LYS J 271 6.19 -7.58 20.57
C LYS J 271 5.76 -6.56 21.62
N THR J 272 4.52 -6.08 21.53
CA THR J 272 3.99 -5.16 22.53
C THR J 272 3.92 -5.83 23.90
N TYR J 273 3.43 -7.07 23.93
CA TYR J 273 3.35 -7.80 25.20
C TYR J 273 4.74 -8.03 25.79
N HIS J 274 5.71 -8.37 24.95
CA HIS J 274 7.07 -8.64 25.45
C HIS J 274 7.73 -7.36 25.93
N TYR J 275 7.53 -6.24 25.23
CA TYR J 275 8.11 -4.97 25.67
C TYR J 275 7.48 -4.51 26.98
N LEU J 276 6.16 -4.67 27.12
CA LEU J 276 5.51 -4.35 28.38
C LEU J 276 5.97 -5.29 29.49
N TYR J 277 6.27 -6.55 29.14
CA TYR J 277 6.84 -7.47 30.12
C TYR J 277 8.21 -7.00 30.60
N LEU J 278 9.04 -6.52 29.67
CA LEU J 278 10.33 -5.95 30.06
C LEU J 278 10.14 -4.74 30.97
N ALA J 279 9.18 -3.87 30.62
CA ALA J 279 8.94 -2.68 31.42
C ALA J 279 8.49 -3.04 32.83
N MET J 280 7.55 -3.98 32.95
CA MET J 280 7.07 -4.39 34.26
C MET J 280 8.13 -5.15 35.04
N LEU J 281 9.01 -5.89 34.36
CA LEU J 281 10.08 -6.59 35.05
C LEU J 281 11.10 -5.61 35.61
N GLU J 282 11.49 -4.61 34.81
CA GLU J 282 12.41 -3.60 35.32
C GLU J 282 11.76 -2.72 36.38
N ARG J 283 10.43 -2.60 36.33
CA ARG J 283 9.71 -1.94 37.41
C ARG J 283 9.80 -2.74 38.70
N PHE J 284 9.52 -4.05 38.61
CA PHE J 284 9.55 -4.96 39.76
C PHE J 284 10.91 -5.63 39.91
N GLN J 285 11.98 -4.99 39.43
CA GLN J 285 13.30 -5.63 39.46
C GLN J 285 13.89 -5.64 40.88
N ASP J 286 13.98 -4.47 41.50
CA ASP J 286 14.67 -4.35 42.78
C ASP J 286 13.89 -4.98 43.93
N GLY J 287 12.58 -5.19 43.78
CA GLY J 287 11.80 -5.66 44.90
C GLY J 287 11.33 -4.48 45.72
N ASP J 288 12.08 -4.16 46.79
CA ASP J 288 11.88 -2.92 47.50
C ASP J 288 12.37 -1.74 46.65
N ASN J 289 12.20 -0.53 47.19
CA ASN J 289 12.39 0.75 46.49
C ASN J 289 11.89 0.70 45.05
N ILE J 290 10.66 0.21 44.91
CA ILE J 290 10.06 -0.10 43.61
C ILE J 290 9.35 1.15 43.08
N LEU J 291 9.61 1.47 41.81
CA LEU J 291 8.85 2.52 41.15
C LEU J 291 7.45 2.04 40.84
N GLU J 292 6.50 2.97 40.81
CA GLU J 292 5.11 2.63 40.55
C GLU J 292 4.50 3.62 39.57
N LYS J 293 3.58 3.11 38.75
CA LYS J 293 2.90 3.94 37.77
C LYS J 293 1.93 4.89 38.45
N GLU J 294 1.77 6.07 37.86
CA GLU J 294 0.79 7.03 38.35
C GLU J 294 -0.62 6.51 38.10
N VAL J 295 -1.50 6.69 39.08
CA VAL J 295 -2.85 6.15 39.02
C VAL J 295 -3.74 7.08 38.21
N LEU J 296 -3.83 6.82 36.90
CA LEU J 296 -4.75 7.59 36.06
C LEU J 296 -6.19 7.15 36.30
N PRO J 297 -7.15 8.06 36.14
CA PRO J 297 -8.54 7.64 36.12
C PRO J 297 -8.83 6.78 34.92
N PRO J 298 -9.75 5.82 35.03
CA PRO J 298 -10.08 4.98 33.87
C PRO J 298 -10.83 5.77 32.81
N ILE J 299 -10.17 6.02 31.68
CA ILE J 299 -10.79 6.79 30.60
C ILE J 299 -11.89 5.96 29.97
N HIS J 300 -13.07 6.57 29.80
CA HIS J 300 -14.25 5.84 29.33
C HIS J 300 -14.11 5.37 27.90
N ALA J 301 -13.23 5.99 27.10
CA ALA J 301 -13.04 5.56 25.72
C ALA J 301 -12.43 4.16 25.66
N TYR J 302 -11.45 3.89 26.50
CA TYR J 302 -10.79 2.58 26.54
C TYR J 302 -11.45 1.67 27.57
N GLY J 303 -12.76 1.52 27.48
CA GLY J 303 -13.49 0.78 28.50
C GLY J 303 -13.38 1.48 29.84
N ASN J 304 -12.99 0.73 30.87
CA ASN J 304 -12.67 1.29 32.18
C ASN J 304 -11.45 0.61 32.75
N ARG J 305 -10.45 0.35 31.91
CA ARG J 305 -9.23 -0.30 32.36
C ARG J 305 -8.42 0.63 33.24
N THR J 306 -7.64 0.04 34.14
CA THR J 306 -6.86 0.76 35.13
C THR J 306 -5.37 0.48 34.97
N GLU J 307 -4.89 0.50 33.72
CA GLU J 307 -3.51 0.22 33.33
C GLU J 307 -3.06 -1.16 33.80
N CYS J 308 -1.74 -1.35 33.90
CA CYS J 308 -1.18 -2.60 34.40
C CYS J 308 0.04 -2.25 35.25
N ARG J 309 -0.16 -2.20 36.57
CA ARG J 309 0.91 -1.90 37.51
C ARG J 309 1.44 -3.15 38.19
N ASN J 310 1.08 -4.33 37.69
CA ASN J 310 1.55 -5.60 38.24
C ASN J 310 1.93 -6.52 37.11
N PRO J 311 2.99 -7.32 37.28
CA PRO J 311 3.31 -8.33 36.26
C PRO J 311 2.25 -9.40 36.13
N GLN J 312 1.53 -9.72 37.21
CA GLN J 312 0.50 -10.74 37.17
C GLN J 312 -0.67 -10.33 36.28
N GLU J 313 -1.12 -9.08 36.40
CA GLU J 313 -2.27 -8.65 35.63
C GLU J 313 -1.90 -8.40 34.17
N LEU J 314 -0.62 -8.09 33.90
CA LEU J 314 -0.16 -8.07 32.51
C LEU J 314 -0.09 -9.48 31.94
N GLU J 315 0.35 -10.44 32.76
CA GLU J 315 0.37 -11.85 32.34
C GLU J 315 -1.03 -12.35 32.06
N SER J 316 -2.03 -11.88 32.81
CA SER J 316 -3.40 -12.32 32.61
C SER J 316 -3.97 -11.85 31.27
N ILE J 317 -3.48 -10.71 30.76
CA ILE J 317 -4.01 -10.15 29.52
C ILE J 317 -3.09 -10.45 28.33
N ARG J 318 -2.28 -11.50 28.43
CA ARG J 318 -1.39 -11.87 27.33
C ARG J 318 -2.17 -12.29 26.09
N GLN J 319 -3.27 -13.03 26.28
CA GLN J 319 -4.04 -13.53 25.14
C GLN J 319 -5.05 -12.52 24.62
N ASP J 320 -5.60 -11.68 25.50
CA ASP J 320 -6.67 -10.76 25.11
C ASP J 320 -6.11 -9.66 24.23
N ARG J 321 -6.43 -9.71 22.94
CA ARG J 321 -5.92 -8.72 21.99
C ARG J 321 -6.53 -7.35 22.23
N ASP J 322 -7.84 -7.29 22.45
CA ASP J 322 -8.49 -6.00 22.68
C ASP J 322 -8.01 -5.34 23.97
N ALA J 323 -7.85 -6.14 25.03
CA ALA J 323 -7.32 -5.61 26.28
C ALA J 323 -5.90 -5.12 26.12
N LEU J 324 -5.09 -5.83 25.33
CA LEU J 324 -3.72 -5.39 25.08
C LEU J 324 -3.69 -4.09 24.30
N HIS J 325 -4.57 -3.95 23.29
CA HIS J 325 -4.65 -2.70 22.54
C HIS J 325 -5.06 -1.54 23.44
N MET J 326 -6.05 -1.78 24.30
CA MET J 326 -6.51 -0.73 25.21
C MET J 326 -5.42 -0.36 26.21
N GLU J 327 -4.67 -1.35 26.71
CA GLU J 327 -3.57 -1.08 27.62
C GLU J 327 -2.48 -0.26 26.93
N GLY J 328 -2.15 -0.61 25.69
CA GLY J 328 -1.18 0.17 24.95
C GLY J 328 -1.63 1.60 24.73
N LEU J 329 -2.90 1.78 24.36
CA LEU J 329 -3.41 3.15 24.17
C LEU J 329 -3.40 3.93 25.48
N ILE J 330 -3.73 3.28 26.60
CA ILE J 330 -3.77 3.96 27.88
C ILE J 330 -2.37 4.39 28.32
N VAL J 331 -1.39 3.48 28.21
CA VAL J 331 -0.04 3.86 28.62
C VAL J 331 0.56 4.89 27.66
N ARG J 332 0.17 4.83 26.38
CA ARG J 332 0.58 5.87 25.43
C ARG J 332 0.02 7.23 25.81
N GLU J 333 -1.26 7.26 26.22
CA GLU J 333 -1.87 8.50 26.70
C GLU J 333 -1.18 8.99 27.96
N ARG J 334 -0.80 8.06 28.84
CA ARG J 334 -0.13 8.43 30.09
C ARG J 334 1.22 9.07 29.83
N ILE J 335 2.05 8.44 29.00
CA ILE J 335 3.42 8.92 28.81
C ILE J 335 3.46 10.10 27.86
N LEU J 336 2.78 10.01 26.72
CA LEU J 336 2.82 11.07 25.72
C LEU J 336 1.97 12.27 26.13
N GLY J 337 1.15 12.17 27.16
CA GLY J 337 0.29 13.25 27.55
C GLY J 337 -0.90 13.40 26.61
N ALA J 338 -1.57 14.54 26.74
CA ALA J 338 -2.76 14.84 25.94
C ALA J 338 -2.54 15.96 24.93
N ASP J 339 -1.34 16.51 24.84
CA ASP J 339 -1.09 17.68 24.00
C ASP J 339 -0.29 17.37 22.74
N ASN J 340 0.42 16.25 22.70
CA ASN J 340 1.33 15.98 21.58
C ASN J 340 0.57 15.67 20.30
N ILE J 341 1.24 15.87 19.17
CA ILE J 341 0.60 15.78 17.86
C ILE J 341 0.27 14.33 17.49
N ASP J 342 1.10 13.38 17.92
CA ASP J 342 1.03 12.02 17.40
C ASP J 342 0.16 11.08 18.24
N VAL J 343 -0.46 11.56 19.32
CA VAL J 343 -1.27 10.67 20.15
C VAL J 343 -2.57 10.28 19.43
N SER J 344 -3.10 11.18 18.60
CA SER J 344 -4.42 10.96 18.01
C SER J 344 -4.41 9.83 16.98
N HIS J 345 -3.35 9.75 16.17
CA HIS J 345 -3.35 8.83 15.03
C HIS J 345 -3.51 7.36 15.38
N PRO J 346 -2.83 6.79 16.39
CA PRO J 346 -3.14 5.40 16.76
C PRO J 346 -4.56 5.17 17.21
N ILE J 347 -5.18 6.16 17.86
CA ILE J 347 -6.59 6.04 18.25
C ILE J 347 -7.47 5.96 17.00
N ILE J 348 -7.15 6.79 16.00
CA ILE J 348 -7.90 6.76 14.74
C ILE J 348 -7.71 5.42 14.04
N TYR J 349 -6.49 4.89 14.07
CA TYR J 349 -6.24 3.59 13.43
C TYR J 349 -6.98 2.46 14.14
N ARG J 350 -7.01 2.49 15.47
CA ARG J 350 -7.77 1.48 16.21
C ARG J 350 -9.26 1.61 15.96
N GLY J 351 -9.76 2.84 15.84
CA GLY J 351 -11.15 3.03 15.46
C GLY J 351 -11.45 2.49 14.07
N ALA J 352 -10.54 2.70 13.13
CA ALA J 352 -10.72 2.14 11.79
C ALA J 352 -10.71 0.62 11.81
N VAL J 353 -9.83 0.04 12.63
CA VAL J 353 -9.76 -1.42 12.75
C VAL J 353 -11.07 -1.97 13.31
N TYR J 354 -11.60 -1.32 14.36
CA TYR J 354 -12.88 -1.75 14.91
C TYR J 354 -14.02 -1.54 13.93
N ALA J 355 -13.98 -0.47 13.14
CA ALA J 355 -15.02 -0.22 12.15
C ALA J 355 -15.00 -1.29 11.06
N ASP J 356 -13.81 -1.70 10.61
CA ASP J 356 -13.72 -2.76 9.62
C ASP J 356 -14.15 -4.11 10.18
N ASN J 357 -14.16 -4.28 11.49
CA ASN J 357 -14.65 -5.49 12.14
C ASN J 357 -16.06 -5.32 12.68
N MET J 358 -16.75 -4.23 12.32
CA MET J 358 -18.15 -3.97 12.64
C MET J 358 -18.40 -3.84 14.14
N GLU J 359 -17.36 -3.61 14.94
CA GLU J 359 -17.53 -3.27 16.35
C GLU J 359 -17.73 -1.76 16.44
N PHE J 360 -18.94 -1.33 16.11
CA PHE J 360 -19.20 0.07 15.79
C PHE J 360 -19.21 0.97 17.03
N GLU J 361 -19.80 0.50 18.13
CA GLU J 361 -19.92 1.37 19.32
C GLU J 361 -18.55 1.72 19.88
N GLN J 362 -17.64 0.74 19.95
CA GLN J 362 -16.31 1.00 20.48
C GLN J 362 -15.53 1.94 19.58
N CYS J 363 -15.66 1.80 18.26
CA CYS J 363 -14.94 2.70 17.36
C CYS J 363 -15.52 4.10 17.40
N ILE J 364 -16.84 4.23 17.60
CA ILE J 364 -17.44 5.55 17.79
C ILE J 364 -16.89 6.20 19.05
N LYS J 365 -16.78 5.44 20.15
CA LYS J 365 -16.23 6.00 21.39
C LYS J 365 -14.78 6.44 21.19
N LEU J 366 -13.98 5.59 20.55
CA LEU J 366 -12.57 5.89 20.34
C LEU J 366 -12.39 7.11 19.44
N TRP J 367 -13.15 7.18 18.34
CA TRP J 367 -13.04 8.32 17.45
C TRP J 367 -13.57 9.60 18.09
N LEU J 368 -14.58 9.50 18.95
CA LEU J 368 -15.06 10.68 19.67
C LEU J 368 -14.00 11.20 20.62
N HIS J 369 -13.32 10.31 21.35
CA HIS J 369 -12.23 10.75 22.21
C HIS J 369 -11.07 11.32 21.40
N ALA J 370 -10.80 10.73 20.23
CA ALA J 370 -9.75 11.25 19.36
C ALA J 370 -10.10 12.66 18.87
N LEU J 371 -11.37 12.88 18.53
CA LEU J 371 -11.81 14.21 18.10
C LEU J 371 -11.70 15.22 19.24
N HIS J 372 -12.06 14.81 20.47
CA HIS J 372 -11.90 15.69 21.61
C HIS J 372 -10.43 16.05 21.83
N LEU J 373 -9.55 15.05 21.73
CA LEU J 373 -8.12 15.30 21.91
C LEU J 373 -7.57 16.20 20.82
N ARG J 374 -8.02 16.00 19.58
CA ARG J 374 -7.59 16.83 18.47
C ARG J 374 -8.04 18.28 18.64
N GLN J 375 -9.30 18.48 19.06
CA GLN J 375 -9.80 19.83 19.24
C GLN J 375 -9.26 20.50 20.48
N LYS J 376 -8.76 19.72 21.45
CA LYS J 376 -8.04 20.31 22.57
C LYS J 376 -6.75 20.96 22.10
N GLY J 377 -6.06 20.33 21.15
CA GLY J 377 -4.91 20.94 20.52
C GLY J 377 -5.23 21.88 19.37
N ASN J 378 -6.50 21.92 18.96
CA ASN J 378 -6.99 22.79 17.88
C ASN J 378 -6.24 22.53 16.57
N ARG J 379 -6.42 21.32 16.05
CA ARG J 379 -5.81 20.89 14.80
C ARG J 379 -6.88 20.83 13.71
N ASN J 380 -6.45 20.50 12.50
CA ASN J 380 -7.36 20.36 11.36
C ASN J 380 -8.00 18.98 11.42
N THR J 381 -9.27 18.94 11.78
CA THR J 381 -9.96 17.68 12.02
C THR J 381 -11.06 17.41 10.99
N HIS J 382 -10.90 17.95 9.78
CA HIS J 382 -11.88 17.69 8.73
C HIS J 382 -11.89 16.21 8.32
N LYS J 383 -10.72 15.57 8.36
CA LYS J 383 -10.65 14.15 8.05
C LYS J 383 -11.39 13.32 9.10
N ASP J 384 -11.29 13.69 10.37
CA ASP J 384 -11.99 12.95 11.41
C ASP J 384 -13.50 13.13 11.31
N LEU J 385 -13.96 14.34 10.99
CA LEU J 385 -15.39 14.56 10.77
C LEU J 385 -15.89 13.79 9.55
N LEU J 386 -15.08 13.74 8.50
CA LEU J 386 -15.43 12.94 7.33
C LEU J 386 -15.51 11.47 7.67
N ARG J 387 -14.58 10.98 8.49
CA ARG J 387 -14.60 9.58 8.92
C ARG J 387 -15.84 9.29 9.77
N PHE J 388 -16.21 10.23 10.63
CA PHE J 388 -17.46 10.11 11.38
C PHE J 388 -18.66 10.01 10.45
N ALA J 389 -18.67 10.83 9.40
CA ALA J 389 -19.74 10.77 8.42
C ALA J 389 -19.78 9.40 7.73
N GLN J 390 -18.60 8.88 7.36
CA GLN J 390 -18.56 7.58 6.69
C GLN J 390 -19.07 6.46 7.60
N VAL J 391 -18.62 6.45 8.86
CA VAL J 391 -19.02 5.36 9.75
C VAL J 391 -20.49 5.48 10.12
N PHE J 392 -21.01 6.69 10.27
CA PHE J 392 -22.43 6.87 10.52
C PHE J 392 -23.26 6.44 9.32
N SER J 393 -22.79 6.74 8.10
CA SER J 393 -23.51 6.31 6.91
C SER J 393 -23.52 4.80 6.79
N GLN J 394 -22.39 4.15 7.09
CA GLN J 394 -22.34 2.69 7.04
C GLN J 394 -23.23 2.08 8.13
N MET J 395 -23.27 2.70 9.32
CA MET J 395 -24.13 2.22 10.39
C MET J 395 -25.61 2.32 10.01
N ILE J 396 -25.98 3.42 9.34
CA ILE J 396 -27.35 3.56 8.88
C ILE J 396 -27.65 2.55 7.77
N HIS J 397 -26.67 2.31 6.89
CA HIS J 397 -26.85 1.35 5.81
C HIS J 397 -27.06 -0.06 6.35
N LEU J 398 -26.33 -0.43 7.40
CA LEU J 398 -26.54 -1.70 8.09
C LEU J 398 -27.63 -1.62 9.16
N ASN J 399 -28.54 -0.64 9.03
CA ASN J 399 -29.69 -0.38 9.89
C ASN J 399 -29.43 -0.58 11.38
N GLU J 400 -28.30 -0.06 11.86
CA GLU J 400 -27.98 -0.05 13.29
C GLU J 400 -28.22 1.35 13.83
N THR J 401 -28.79 1.42 15.03
CA THR J 401 -29.11 2.70 15.63
C THR J 401 -27.85 3.47 16.00
N VAL J 402 -27.95 4.80 15.97
CA VAL J 402 -26.86 5.69 16.31
C VAL J 402 -27.16 6.31 17.66
N LYS J 403 -26.19 6.23 18.58
CA LYS J 403 -26.35 6.83 19.91
C LYS J 403 -26.44 8.34 19.76
N ALA J 404 -27.59 8.90 20.12
CA ALA J 404 -27.84 10.32 19.94
C ALA J 404 -26.88 11.24 20.70
N PRO J 405 -26.48 10.98 21.96
CA PRO J 405 -25.44 11.82 22.56
C PRO J 405 -24.12 11.83 21.79
N ASP J 406 -23.74 10.71 21.17
CA ASP J 406 -22.52 10.67 20.39
C ASP J 406 -22.61 11.56 19.17
N ILE J 407 -23.74 11.51 18.44
CA ILE J 407 -23.88 12.37 17.27
C ILE J 407 -24.04 13.83 17.68
N GLU J 408 -24.62 14.09 18.86
CA GLU J 408 -24.67 15.46 19.37
C GLU J 408 -23.27 15.98 19.68
N CYS J 409 -22.42 15.14 20.29
CA CYS J 409 -21.06 15.57 20.60
C CYS J 409 -20.25 15.79 19.35
N VAL J 410 -20.38 14.91 18.35
CA VAL J 410 -19.65 15.13 17.11
C VAL J 410 -20.20 16.35 16.36
N LEU J 411 -21.49 16.65 16.52
CA LEU J 411 -22.06 17.83 15.88
C LEU J 411 -21.54 19.11 16.51
N ARG J 412 -21.49 19.18 17.85
CA ARG J 412 -20.96 20.38 18.48
C ARG J 412 -19.46 20.51 18.24
N CYS J 413 -18.73 19.39 18.17
CA CYS J 413 -17.32 19.45 17.79
C CYS J 413 -17.15 19.98 16.37
N SER J 414 -18.01 19.54 15.45
CA SER J 414 -17.96 20.04 14.08
C SER J 414 -18.28 21.53 14.03
N VAL J 415 -19.25 21.97 14.83
CA VAL J 415 -19.60 23.39 14.85
C VAL J 415 -18.43 24.24 15.35
N LEU J 416 -17.80 23.79 16.45
CA LEU J 416 -16.64 24.52 16.98
C LEU J 416 -15.49 24.51 15.98
N GLU J 417 -15.27 23.38 15.31
CA GLU J 417 -14.19 23.30 14.33
C GLU J 417 -14.45 24.18 13.12
N ILE J 418 -15.71 24.28 12.68
CA ILE J 418 -16.06 25.19 11.60
C ILE J 418 -15.83 26.63 12.03
N GLU J 419 -16.18 26.95 13.28
CA GLU J 419 -15.93 28.28 13.83
C GLU J 419 -14.45 28.63 13.77
N GLN J 420 -13.59 27.76 14.29
CA GLN J 420 -12.17 28.06 14.31
C GLN J 420 -11.56 27.97 12.92
N SER J 421 -12.15 27.17 12.02
CA SER J 421 -11.65 27.08 10.65
C SER J 421 -11.90 28.38 9.90
N MET J 422 -13.10 28.95 10.04
CA MET J 422 -13.35 30.23 9.38
C MET J 422 -12.60 31.36 10.09
N ASN J 423 -12.32 31.22 11.39
CA ASN J 423 -11.45 32.19 12.05
C ASN J 423 -10.04 32.14 11.48
N ARG J 424 -9.52 30.92 11.21
CA ARG J 424 -8.22 30.79 10.59
C ARG J 424 -8.23 31.30 9.15
N VAL J 425 -9.34 31.10 8.44
CA VAL J 425 -9.49 31.63 7.09
C VAL J 425 -9.42 33.15 7.11
N LYS J 426 -10.08 33.77 8.08
CA LYS J 426 -9.95 35.22 8.26
C LYS J 426 -8.53 35.61 8.60
N ASN J 427 -7.86 34.84 9.46
CA ASN J 427 -6.50 35.16 9.87
C ASN J 427 -5.51 34.94 8.73
N ILE J 428 -5.61 33.80 8.05
CA ILE J 428 -4.73 33.50 6.92
C ILE J 428 -5.29 34.24 5.71
N SER J 429 -4.74 35.43 5.44
CA SER J 429 -5.25 36.28 4.37
C SER J 429 -5.07 35.65 3.00
N ASP J 430 -3.81 35.47 2.56
CA ASP J 430 -3.56 34.89 1.25
C ASP J 430 -2.36 33.95 1.21
N ALA J 431 -1.70 33.67 2.35
CA ALA J 431 -0.53 32.81 2.34
C ALA J 431 -0.91 31.37 2.03
N ASP J 432 -1.91 30.84 2.74
CA ASP J 432 -2.39 29.48 2.54
C ASP J 432 -3.92 29.46 2.61
N VAL J 433 -4.56 30.42 1.94
CA VAL J 433 -6.01 30.56 2.04
C VAL J 433 -6.75 29.55 1.18
N HIS J 434 -6.13 29.02 0.12
CA HIS J 434 -6.84 28.13 -0.79
C HIS J 434 -7.21 26.81 -0.13
N ASN J 435 -6.24 26.14 0.50
CA ASN J 435 -6.54 24.88 1.14
C ASN J 435 -7.34 25.07 2.42
N ALA J 436 -7.17 26.23 3.08
CA ALA J 436 -8.02 26.55 4.23
C ALA J 436 -9.47 26.68 3.83
N MET J 437 -9.75 27.36 2.70
CA MET J 437 -11.12 27.46 2.22
C MET J 437 -11.64 26.11 1.73
N ASP J 438 -10.77 25.29 1.13
CA ASP J 438 -11.19 23.96 0.73
C ASP J 438 -11.58 23.11 1.93
N ASN J 439 -10.79 23.16 3.01
CA ASN J 439 -11.12 22.45 4.23
C ASN J 439 -12.38 23.01 4.88
N TYR J 440 -12.59 24.32 4.80
CA TYR J 440 -13.81 24.94 5.33
C TYR J 440 -15.04 24.44 4.58
N GLU J 441 -14.95 24.38 3.25
CA GLU J 441 -16.07 23.86 2.45
C GLU J 441 -16.30 22.38 2.74
N CYS J 442 -15.22 21.60 2.89
CA CYS J 442 -15.38 20.20 3.26
C CYS J 442 -15.99 20.04 4.64
N ASN J 443 -15.68 20.95 5.56
CA ASN J 443 -16.30 20.94 6.89
C ASN J 443 -17.79 21.21 6.78
N LEU J 444 -18.18 22.15 5.91
CA LEU J 444 -19.60 22.38 5.67
C LEU J 444 -20.27 21.14 5.09
N TYR J 445 -19.60 20.47 4.16
CA TYR J 445 -20.15 19.25 3.57
C TYR J 445 -20.33 18.16 4.63
N THR J 446 -19.34 18.00 5.51
CA THR J 446 -19.45 17.01 6.57
C THR J 446 -20.55 17.38 7.57
N PHE J 447 -20.75 18.68 7.82
CA PHE J 447 -21.85 19.09 8.68
C PHE J 447 -23.20 18.71 8.06
N LEU J 448 -23.34 18.93 6.75
CA LEU J 448 -24.57 18.49 6.07
C LEU J 448 -24.74 16.98 6.14
N TYR J 449 -23.64 16.23 6.00
CA TYR J 449 -23.72 14.77 6.12
C TYR J 449 -24.18 14.36 7.51
N LEU J 450 -23.64 15.00 8.55
CA LEU J 450 -24.02 14.68 9.91
C LEU J 450 -25.46 15.04 10.19
N VAL J 451 -25.94 16.17 9.66
CA VAL J 451 -27.34 16.54 9.83
C VAL J 451 -28.25 15.54 9.11
N CYS J 452 -27.83 15.08 7.92
CA CYS J 452 -28.61 14.06 7.21
C CYS J 452 -28.68 12.77 8.00
N ILE J 453 -27.55 12.37 8.60
CA ILE J 453 -27.54 11.16 9.44
C ILE J 453 -28.46 11.34 10.65
N SER J 454 -28.40 12.51 11.30
CA SER J 454 -29.23 12.75 12.46
C SER J 454 -30.72 12.73 12.10
N THR J 455 -31.07 13.27 10.94
CA THR J 455 -32.45 13.18 10.47
C THR J 455 -32.84 11.74 10.19
N LYS J 456 -31.93 10.95 9.63
CA LYS J 456 -32.22 9.56 9.33
C LYS J 456 -32.37 8.71 10.59
N THR J 457 -31.84 9.15 11.72
CA THR J 457 -31.93 8.41 12.97
C THR J 457 -33.21 8.78 13.74
N GLN J 458 -33.47 8.00 14.77
CA GLN J 458 -34.56 8.25 15.71
C GLN J 458 -33.96 8.60 17.06
N CYS J 459 -34.31 9.78 17.58
CA CYS J 459 -33.76 10.27 18.83
C CYS J 459 -34.88 10.72 19.75
N SER J 460 -34.52 10.91 21.02
CA SER J 460 -35.47 11.36 22.02
C SER J 460 -35.71 12.87 21.89
N GLU J 461 -36.51 13.42 22.79
CA GLU J 461 -36.88 14.82 22.71
C GLU J 461 -35.69 15.73 23.04
N GLU J 462 -34.98 15.44 24.13
CA GLU J 462 -33.87 16.30 24.53
C GLU J 462 -32.67 16.16 23.60
N ASP J 463 -32.46 14.98 23.03
CA ASP J 463 -31.38 14.81 22.06
C ASP J 463 -31.65 15.60 20.78
N GLN J 464 -32.89 15.55 20.29
CA GLN J 464 -33.27 16.36 19.14
C GLN J 464 -33.18 17.85 19.47
N CYS J 465 -33.52 18.22 20.72
CA CYS J 465 -33.38 19.61 21.14
C CYS J 465 -31.93 20.05 21.13
N LYS J 466 -31.02 19.19 21.58
CA LYS J 466 -29.59 19.52 21.55
C LYS J 466 -29.07 19.64 20.12
N ILE J 467 -29.51 18.74 19.24
CA ILE J 467 -29.13 18.81 17.82
C ILE J 467 -29.63 20.12 17.21
N ASN J 468 -30.88 20.47 17.48
CA ASN J 468 -31.43 21.73 16.98
C ASN J 468 -30.68 22.93 17.56
N LYS J 469 -30.26 22.83 18.82
CA LYS J 469 -29.50 23.92 19.44
C LYS J 469 -28.17 24.12 18.74
N GLN J 470 -27.46 23.03 18.44
CA GLN J 470 -26.19 23.13 17.74
C GLN J 470 -26.37 23.69 16.33
N ILE J 471 -27.37 23.18 15.61
CA ILE J 471 -27.61 23.64 14.24
C ILE J 471 -28.04 25.10 14.24
N TYR J 472 -28.83 25.52 15.24
CA TYR J 472 -29.25 26.92 15.33
C TYR J 472 -28.07 27.81 15.68
N ASN J 473 -27.14 27.32 16.51
CA ASN J 473 -25.93 28.08 16.79
C ASN J 473 -25.12 28.32 15.52
N LEU J 474 -24.94 27.27 14.73
CA LEU J 474 -24.19 27.43 13.48
C LEU J 474 -24.93 28.35 12.51
N ILE J 475 -26.25 28.20 12.40
CA ILE J 475 -27.04 29.02 11.49
C ILE J 475 -27.02 30.48 11.91
N HIS J 476 -27.10 30.74 13.22
CA HIS J 476 -26.97 32.11 13.71
C HIS J 476 -25.59 32.67 13.43
N LEU J 477 -24.57 31.81 13.44
CA LEU J 477 -23.26 32.26 12.97
C LEU J 477 -23.23 32.36 11.45
N ASP J 478 -24.07 31.58 10.75
CA ASP J 478 -24.29 31.62 9.30
C ASP J 478 -23.01 31.47 8.48
N PRO J 479 -22.44 30.27 8.40
CA PRO J 479 -21.32 30.06 7.48
C PRO J 479 -21.77 30.17 6.04
N ARG J 480 -20.84 30.59 5.18
CA ARG J 480 -21.10 30.75 3.76
C ARG J 480 -19.98 30.11 2.96
N THR J 481 -20.36 29.46 1.86
CA THR J 481 -19.40 28.74 1.04
C THR J 481 -18.54 29.70 0.23
N ARG J 482 -17.55 29.14 -0.48
CA ARG J 482 -16.73 29.94 -1.38
C ARG J 482 -17.56 30.53 -2.51
N GLU J 483 -18.51 29.75 -3.04
CA GLU J 483 -19.41 30.21 -4.09
C GLU J 483 -20.52 31.11 -3.57
N GLY J 484 -20.49 31.48 -2.29
CA GLY J 484 -21.51 32.33 -1.71
C GLY J 484 -22.76 31.63 -1.24
N PHE J 485 -22.86 30.32 -1.41
CA PHE J 485 -24.04 29.58 -0.98
C PHE J 485 -24.15 29.60 0.54
N THR J 486 -25.38 29.77 1.03
CA THR J 486 -25.63 29.58 2.45
C THR J 486 -25.76 28.08 2.74
N LEU J 487 -25.93 27.75 4.02
CA LEU J 487 -26.00 26.34 4.40
C LEU J 487 -27.22 25.66 3.79
N LEU J 488 -28.36 26.34 3.81
CA LEU J 488 -29.56 25.79 3.19
C LEU J 488 -29.41 25.73 1.67
N HIS J 489 -28.67 26.67 1.08
CA HIS J 489 -28.36 26.59 -0.34
C HIS J 489 -27.55 25.33 -0.65
N LEU J 490 -26.59 25.01 0.22
CA LEU J 490 -25.86 23.76 0.07
C LEU J 490 -26.76 22.55 0.30
N ALA J 491 -27.83 22.73 1.08
CA ALA J 491 -28.77 21.63 1.30
C ALA J 491 -29.68 21.39 0.10
N VAL J 492 -30.02 22.44 -0.65
CA VAL J 492 -31.02 22.31 -1.72
C VAL J 492 -30.44 21.95 -3.07
N ASN J 493 -29.13 22.01 -3.24
CA ASN J 493 -28.58 21.82 -4.58
C ASN J 493 -28.43 20.34 -4.92
N SER J 494 -28.10 20.07 -6.18
CA SER J 494 -27.87 18.73 -6.66
C SER J 494 -26.42 18.43 -6.98
N ASN J 495 -25.58 19.46 -7.12
CA ASN J 495 -24.18 19.29 -7.45
C ASN J 495 -23.28 19.21 -6.21
N THR J 496 -23.85 18.91 -5.05
CA THR J 496 -23.05 18.76 -3.84
C THR J 496 -22.22 17.49 -3.96
N PRO J 497 -20.89 17.57 -3.84
CA PRO J 497 -20.08 16.35 -3.87
C PRO J 497 -20.35 15.49 -2.65
N VAL J 498 -20.41 14.18 -2.89
CA VAL J 498 -20.63 13.19 -1.83
C VAL J 498 -19.44 12.25 -1.83
N ASP J 499 -18.97 11.88 -0.64
CA ASP J 499 -17.82 11.01 -0.51
C ASP J 499 -18.12 9.63 -1.11
N ASP J 500 -17.08 9.01 -1.68
CA ASP J 500 -17.22 7.75 -2.40
C ASP J 500 -17.56 6.58 -1.49
N PHE J 501 -17.45 6.75 -0.17
CA PHE J 501 -17.84 5.72 0.78
C PHE J 501 -19.36 5.73 1.00
N HIS J 502 -19.81 5.08 2.07
CA HIS J 502 -21.23 4.80 2.29
C HIS J 502 -22.12 6.03 2.38
N THR J 503 -21.57 7.24 2.39
CA THR J 503 -22.40 8.44 2.36
C THR J 503 -23.25 8.50 1.10
N ASN J 504 -22.70 8.02 -0.04
CA ASN J 504 -23.48 7.91 -1.26
C ASN J 504 -24.71 7.03 -1.09
N ASP J 505 -24.66 6.09 -0.13
CA ASP J 505 -25.83 5.28 0.17
C ASP J 505 -26.94 6.12 0.79
N VAL J 506 -26.61 7.07 1.66
CA VAL J 506 -27.63 7.74 2.45
C VAL J 506 -27.63 9.25 2.30
N CYS J 507 -26.51 9.90 1.99
CA CYS J 507 -26.47 11.36 1.94
C CYS J 507 -26.86 11.82 0.53
N SER J 508 -28.16 11.80 0.27
CA SER J 508 -28.70 12.24 -1.00
C SER J 508 -28.93 13.74 -0.99
N PHE J 509 -28.90 14.34 -2.17
CA PHE J 509 -29.10 15.77 -2.31
C PHE J 509 -29.82 16.05 -3.63
N PRO J 510 -30.88 16.88 -3.61
CA PRO J 510 -31.45 17.60 -2.47
C PRO J 510 -32.25 16.70 -1.53
N ASN J 511 -32.14 16.93 -0.22
CA ASN J 511 -32.80 16.11 0.79
C ASN J 511 -33.95 16.88 1.39
N ALA J 512 -35.12 16.25 1.47
CA ALA J 512 -36.31 16.90 2.00
C ALA J 512 -36.18 17.12 3.50
N LEU J 513 -35.76 16.09 4.24
CA LEU J 513 -35.67 16.19 5.69
C LEU J 513 -34.62 17.20 6.13
N VAL J 514 -33.48 17.24 5.43
CA VAL J 514 -32.41 18.16 5.78
C VAL J 514 -32.88 19.60 5.63
N THR J 515 -33.48 19.93 4.49
CA THR J 515 -33.98 21.29 4.26
C THR J 515 -35.10 21.64 5.21
N LYS J 516 -36.00 20.68 5.49
CA LYS J 516 -37.10 20.92 6.41
C LYS J 516 -36.58 21.24 7.81
N LEU J 517 -35.62 20.45 8.30
CA LEU J 517 -35.10 20.68 9.64
C LEU J 517 -34.27 21.95 9.69
N LEU J 518 -33.54 22.28 8.62
CA LEU J 518 -32.78 23.53 8.59
C LEU J 518 -33.71 24.73 8.62
N LEU J 519 -34.79 24.69 7.85
CA LEU J 519 -35.73 25.80 7.83
C LEU J 519 -36.48 25.93 9.15
N ASP J 520 -36.90 24.80 9.73
CA ASP J 520 -37.55 24.83 11.04
C ASP J 520 -36.59 25.25 12.14
N CYS J 521 -35.30 25.06 11.95
CA CYS J 521 -34.31 25.43 12.95
C CYS J 521 -34.00 26.92 12.95
N GLY J 522 -34.42 27.65 11.92
CA GLY J 522 -34.24 29.09 11.88
C GLY J 522 -33.26 29.57 10.85
N ALA J 523 -33.19 28.88 9.71
CA ALA J 523 -32.27 29.26 8.65
C ALA J 523 -32.74 30.53 7.94
N GLU J 524 -31.78 31.29 7.43
CA GLU J 524 -32.08 32.48 6.63
C GLU J 524 -32.60 32.03 5.28
N VAL J 525 -33.92 31.97 5.13
CA VAL J 525 -34.52 31.43 3.92
C VAL J 525 -34.36 32.38 2.74
N ASN J 526 -34.22 33.69 2.99
CA ASN J 526 -34.01 34.67 1.94
C ASN J 526 -32.54 34.96 1.71
N ALA J 527 -31.65 34.08 2.16
CA ALA J 527 -30.22 34.27 1.95
C ALA J 527 -29.88 34.18 0.47
N VAL J 528 -29.00 35.07 0.03
CA VAL J 528 -28.62 35.16 -1.38
C VAL J 528 -27.18 34.70 -1.52
N ASP J 529 -26.84 34.17 -2.68
CA ASP J 529 -25.48 33.71 -2.95
C ASP J 529 -24.72 34.80 -3.71
N ASN J 530 -23.47 34.49 -4.07
CA ASN J 530 -22.70 35.40 -4.90
C ASN J 530 -23.20 35.41 -6.33
N GLU J 531 -23.96 34.40 -6.74
CA GLU J 531 -24.59 34.36 -8.05
C GLU J 531 -25.93 35.06 -8.09
N GLY J 532 -26.41 35.55 -6.94
CA GLY J 532 -27.64 36.31 -6.87
C GLY J 532 -28.90 35.48 -6.69
N ASN J 533 -28.80 34.16 -6.69
CA ASN J 533 -29.97 33.30 -6.61
C ASN J 533 -30.36 33.04 -5.16
N SER J 534 -31.57 32.51 -4.99
CA SER J 534 -32.07 32.02 -3.71
C SER J 534 -32.17 30.51 -3.74
N ALA J 535 -32.67 29.94 -2.63
CA ALA J 535 -32.80 28.49 -2.52
C ALA J 535 -33.82 27.95 -3.50
N LEU J 536 -34.91 28.70 -3.72
CA LEU J 536 -35.93 28.27 -4.66
C LEU J 536 -35.37 28.20 -6.08
N HIS J 537 -34.51 29.17 -6.44
CA HIS J 537 -33.86 29.17 -7.74
C HIS J 537 -33.05 27.90 -7.94
N ILE J 538 -32.33 27.47 -6.90
CA ILE J 538 -31.50 26.28 -7.01
C ILE J 538 -32.37 25.03 -7.08
N ILE J 539 -33.42 24.96 -6.26
CA ILE J 539 -34.20 23.73 -6.19
C ILE J 539 -35.05 23.53 -7.43
N VAL J 540 -35.54 24.61 -8.07
CA VAL J 540 -36.32 24.40 -9.30
C VAL J 540 -35.43 23.93 -10.45
N GLN J 541 -34.13 24.19 -10.38
CA GLN J 541 -33.19 23.79 -11.41
C GLN J 541 -32.76 22.33 -11.30
N TYR J 542 -33.49 21.51 -10.55
CA TYR J 542 -33.13 20.11 -10.38
C TYR J 542 -33.27 19.34 -11.68
N ASN J 543 -32.26 18.53 -11.99
CA ASN J 543 -32.22 17.78 -13.24
C ASN J 543 -33.09 16.52 -13.21
N ARG J 544 -33.58 16.10 -12.04
CA ARG J 544 -34.37 14.88 -11.90
C ARG J 544 -35.68 15.24 -11.21
N PRO J 545 -36.62 15.86 -11.95
CA PRO J 545 -37.85 16.33 -11.32
C PRO J 545 -38.85 15.22 -11.02
N ILE J 546 -38.85 14.18 -11.86
CA ILE J 546 -39.82 13.09 -11.75
C ILE J 546 -39.16 11.81 -11.25
N SER J 547 -37.90 11.87 -10.84
CA SER J 547 -37.25 10.72 -10.23
C SER J 547 -37.54 10.62 -8.74
N ASP J 548 -37.49 11.74 -8.03
CA ASP J 548 -37.76 11.83 -6.59
C ASP J 548 -38.69 13.00 -6.32
N PHE J 549 -39.78 13.06 -7.08
CA PHE J 549 -40.65 14.23 -7.12
C PHE J 549 -41.19 14.57 -5.73
N LEU J 550 -41.48 13.54 -4.92
CA LEU J 550 -42.00 13.76 -3.58
C LEU J 550 -41.07 14.65 -2.76
N THR J 551 -39.76 14.40 -2.87
CA THR J 551 -38.78 15.25 -2.20
C THR J 551 -38.96 16.70 -2.64
N LEU J 552 -39.07 16.92 -3.95
CA LEU J 552 -39.40 18.24 -4.46
C LEU J 552 -40.70 18.74 -3.86
N HIS J 553 -41.74 17.90 -3.90
CA HIS J 553 -43.04 18.26 -3.35
C HIS J 553 -42.95 18.53 -1.85
N SER J 554 -41.93 17.99 -1.19
CA SER J 554 -41.70 18.37 0.20
C SER J 554 -41.01 19.73 0.28
N ILE J 555 -39.86 19.87 -0.40
CA ILE J 555 -39.02 21.05 -0.15
C ILE J 555 -39.72 22.31 -0.63
N ILE J 556 -40.45 22.22 -1.74
CA ILE J 556 -41.24 23.34 -2.24
C ILE J 556 -42.31 23.73 -1.23
N ILE J 557 -42.98 22.74 -0.61
CA ILE J 557 -43.98 23.12 0.39
C ILE J 557 -43.30 23.51 1.70
N SER J 558 -42.00 23.23 1.83
CA SER J 558 -41.27 23.69 3.01
C SER J 558 -40.95 25.18 2.91
N LEU J 559 -40.23 25.56 1.85
CA LEU J 559 -39.71 26.93 1.74
C LEU J 559 -40.82 27.96 1.67
N VAL J 560 -41.86 27.71 0.89
CA VAL J 560 -42.98 28.63 0.81
C VAL J 560 -43.69 28.74 2.16
N GLU J 561 -43.61 27.69 2.98
CA GLU J 561 -44.20 27.77 4.31
C GLU J 561 -43.43 28.70 5.25
N ALA J 562 -42.23 29.14 4.88
CA ALA J 562 -41.46 30.05 5.72
C ALA J 562 -40.63 30.94 4.81
N GLY J 563 -41.14 32.14 4.53
CA GLY J 563 -40.43 33.07 3.65
C GLY J 563 -40.34 32.53 2.24
N ALA J 564 -39.15 32.68 1.65
CA ALA J 564 -38.82 32.16 0.31
C ALA J 564 -39.78 32.73 -0.74
N HIS J 565 -39.64 34.03 -0.99
CA HIS J 565 -40.44 34.73 -1.98
C HIS J 565 -40.33 34.03 -3.34
N THR J 566 -41.49 33.60 -3.85
CA THR J 566 -41.55 32.75 -5.04
C THR J 566 -41.15 33.49 -6.31
N ASP J 567 -41.02 34.81 -6.27
CA ASP J 567 -40.63 35.64 -7.40
C ASP J 567 -39.44 36.51 -7.02
N MET J 568 -38.40 35.87 -6.48
CA MET J 568 -37.27 36.60 -5.93
C MET J 568 -36.51 37.37 -7.00
N THR J 569 -36.47 36.87 -8.24
CA THR J 569 -35.89 37.57 -9.41
C THR J 569 -34.42 37.90 -9.17
N ASN J 570 -33.59 36.86 -9.25
CA ASN J 570 -32.14 36.94 -9.02
C ASN J 570 -31.46 38.03 -9.83
N LYS J 571 -30.22 38.37 -9.45
CA LYS J 571 -29.56 39.57 -9.96
C LYS J 571 -29.40 39.59 -11.47
N GLN J 572 -29.44 38.44 -12.14
CA GLN J 572 -29.52 38.45 -13.60
C GLN J 572 -30.95 38.40 -14.09
N ASN J 573 -31.81 39.23 -13.47
CA ASN J 573 -33.21 39.45 -13.86
C ASN J 573 -33.95 38.16 -14.21
N LYS J 574 -33.90 37.17 -13.31
CA LYS J 574 -34.52 35.88 -13.54
C LYS J 574 -35.31 35.46 -12.30
N THR J 575 -36.63 35.47 -12.41
CA THR J 575 -37.48 34.85 -11.41
C THR J 575 -37.31 33.34 -11.44
N PRO J 576 -37.41 32.66 -10.30
CA PRO J 576 -37.25 31.19 -10.31
C PRO J 576 -38.32 30.46 -11.11
N LEU J 577 -39.47 31.09 -11.33
CA LEU J 577 -40.45 30.51 -12.24
C LEU J 577 -39.90 30.44 -13.66
N ASP J 578 -39.20 31.50 -14.09
CA ASP J 578 -38.53 31.46 -15.40
C ASP J 578 -37.32 30.54 -15.40
N LYS J 579 -36.76 30.24 -14.23
CA LYS J 579 -35.64 29.31 -14.10
C LYS J 579 -36.10 27.93 -13.64
N SER J 580 -37.41 27.67 -13.70
CA SER J 580 -37.92 26.35 -13.33
C SER J 580 -37.38 25.26 -14.27
N THR J 581 -37.34 25.55 -15.57
CA THR J 581 -36.80 24.67 -16.60
C THR J 581 -37.47 23.30 -16.63
N THR J 582 -38.68 23.18 -16.10
CA THR J 582 -39.38 21.91 -16.01
C THR J 582 -40.86 22.20 -15.78
N GLY J 583 -41.73 21.52 -16.53
CA GLY J 583 -43.15 21.74 -16.38
C GLY J 583 -43.67 21.36 -15.00
N VAL J 584 -43.18 20.27 -14.44
CA VAL J 584 -43.64 19.82 -13.12
C VAL J 584 -43.26 20.84 -12.05
N SER J 585 -42.02 21.31 -12.07
CA SER J 585 -41.55 22.26 -11.07
C SER J 585 -42.29 23.59 -11.19
N GLU J 586 -42.54 24.05 -12.42
CA GLU J 586 -43.25 25.31 -12.56
C GLU J 586 -44.72 25.17 -12.19
N ILE J 587 -45.31 23.99 -12.40
CA ILE J 587 -46.67 23.75 -11.91
C ILE J 587 -46.71 23.79 -10.39
N LEU J 588 -45.73 23.16 -9.73
CA LEU J 588 -45.66 23.20 -8.28
C LEU J 588 -45.50 24.63 -7.77
N LEU J 589 -44.61 25.39 -8.40
CA LEU J 589 -44.39 26.77 -7.98
C LEU J 589 -45.62 27.64 -8.21
N LYS J 590 -46.30 27.46 -9.34
CA LYS J 590 -47.51 28.22 -9.64
C LYS J 590 -48.61 27.89 -8.64
N THR J 591 -48.74 26.62 -8.25
CA THR J 591 -49.67 26.26 -7.19
C THR J 591 -49.27 26.88 -5.87
N GLN J 592 -47.96 27.03 -5.62
CA GLN J 592 -47.50 27.67 -4.40
C GLN J 592 -47.23 29.17 -4.56
N MET J 593 -47.40 29.72 -5.77
CA MET J 593 -47.29 31.16 -5.93
C MET J 593 -48.53 31.86 -5.37
N LYS J 594 -48.35 33.12 -5.01
CA LYS J 594 -49.40 33.90 -4.35
C LYS J 594 -49.72 35.13 -5.18
N MET J 595 -51.01 35.34 -5.46
CA MET J 595 -51.47 36.63 -5.97
C MET J 595 -51.25 37.66 -4.87
N SER J 596 -50.35 38.61 -5.11
CA SER J 596 -49.71 39.30 -4.00
C SER J 596 -49.55 40.79 -4.34
N LEU J 597 -48.67 41.42 -3.56
CA LEU J 597 -48.43 42.86 -3.43
C LEU J 597 -47.56 43.43 -4.55
N LYS J 598 -46.82 44.48 -4.19
CA LYS J 598 -45.81 45.05 -5.07
C LYS J 598 -44.65 44.07 -5.23
N CYS J 599 -44.98 42.87 -5.72
CA CYS J 599 -44.07 41.93 -6.36
C CYS J 599 -44.52 41.67 -7.78
N LEU J 600 -45.78 41.25 -7.97
CA LEU J 600 -46.39 41.40 -9.28
C LEU J 600 -46.61 42.88 -9.61
N ALA J 601 -46.80 43.72 -8.58
CA ALA J 601 -46.82 45.15 -8.82
C ALA J 601 -45.43 45.78 -8.69
N ALA J 602 -44.36 44.98 -8.85
CA ALA J 602 -42.99 45.49 -8.92
C ALA J 602 -42.18 44.92 -10.08
N ARG J 603 -42.58 43.77 -10.64
CA ARG J 603 -41.92 43.26 -11.83
C ARG J 603 -41.99 44.28 -12.97
N ALA J 604 -43.13 44.98 -13.08
CA ALA J 604 -43.26 46.01 -14.11
C ALA J 604 -42.34 47.20 -13.84
N VAL J 605 -42.27 47.66 -12.59
CA VAL J 605 -41.50 48.87 -12.29
C VAL J 605 -40.00 48.57 -12.27
N ARG J 606 -39.60 47.30 -12.22
CA ARG J 606 -38.19 47.00 -12.46
C ARG J 606 -37.90 46.58 -13.90
N ALA J 607 -38.90 46.14 -14.66
CA ALA J 607 -38.69 45.91 -16.08
C ALA J 607 -38.54 47.24 -16.82
N ASN J 608 -39.44 48.19 -16.55
CA ASN J 608 -39.31 49.55 -17.05
C ASN J 608 -38.54 50.33 -16.00
N ASP J 609 -37.37 50.85 -16.38
CA ASP J 609 -36.45 51.44 -15.40
C ASP J 609 -36.99 52.77 -14.90
N ILE J 610 -37.73 52.71 -13.79
CA ILE J 610 -38.23 53.88 -13.10
C ILE J 610 -37.34 54.12 -11.88
N ASN J 611 -36.93 55.36 -11.68
CA ASN J 611 -35.99 55.70 -10.62
C ASN J 611 -36.57 55.46 -9.23
N TYR J 612 -36.02 54.47 -8.51
CA TYR J 612 -36.42 54.20 -7.13
C TYR J 612 -35.36 54.66 -6.14
N GLN J 613 -34.32 55.34 -6.60
CA GLN J 613 -33.21 55.73 -5.74
C GLN J 613 -33.64 56.86 -4.81
N ASP J 614 -34.04 56.49 -3.59
CA ASP J 614 -34.63 57.38 -2.59
C ASP J 614 -35.92 58.04 -3.07
N GLN J 615 -36.52 57.50 -4.13
CA GLN J 615 -37.88 57.84 -4.52
C GLN J 615 -38.89 56.89 -3.88
N ILE J 616 -38.43 55.96 -3.06
CA ILE J 616 -39.24 54.88 -2.52
C ILE J 616 -38.78 54.71 -1.08
N PRO J 617 -39.59 54.15 -0.18
CA PRO J 617 -39.12 53.92 1.20
C PRO J 617 -37.85 53.07 1.29
N ARG J 618 -37.22 53.12 2.46
CA ARG J 618 -35.91 52.51 2.64
C ARG J 618 -35.97 50.98 2.58
N THR J 619 -36.96 50.38 3.25
CA THR J 619 -37.14 48.93 3.10
C THR J 619 -37.59 48.59 1.69
N LEU J 620 -38.29 49.52 1.03
CA LEU J 620 -38.67 49.31 -0.36
C LEU J 620 -37.47 49.34 -1.30
N GLU J 621 -36.33 49.90 -0.88
CA GLU J 621 -35.12 49.80 -1.68
C GLU J 621 -34.71 48.34 -1.86
N GLU J 622 -34.61 47.60 -0.75
CA GLU J 622 -34.31 46.18 -0.84
C GLU J 622 -35.46 45.39 -1.43
N PHE J 623 -36.70 45.86 -1.21
CA PHE J 623 -37.86 45.20 -1.82
C PHE J 623 -37.77 45.25 -3.34
N VAL J 624 -37.43 46.40 -3.90
CA VAL J 624 -37.22 46.52 -5.34
C VAL J 624 -35.97 45.76 -5.76
N GLY J 625 -34.93 45.79 -4.94
CA GLY J 625 -33.70 45.08 -5.27
C GLY J 625 -33.90 43.59 -5.41
N PHE J 626 -34.82 43.02 -4.63
CA PHE J 626 -35.24 41.66 -4.91
C PHE J 626 -36.09 41.63 -6.17
N HIS J 627 -37.26 42.27 -6.12
CA HIS J 627 -38.21 42.19 -7.22
C HIS J 627 -37.77 43.06 -8.39
N ALA K 41 18.34 30.32 -45.85
CA ALA K 41 19.35 29.29 -45.62
C ALA K 41 20.50 29.84 -44.78
N VAL K 42 20.58 31.17 -44.70
CA VAL K 42 21.61 31.81 -43.88
C VAL K 42 21.37 31.54 -42.41
N GLN K 43 20.11 31.49 -41.98
CA GLN K 43 19.79 31.22 -40.59
C GLN K 43 18.73 30.13 -40.46
N LYS K 44 17.90 29.98 -41.49
CA LYS K 44 16.78 29.03 -41.41
C LYS K 44 17.24 27.60 -41.65
N PHE K 45 17.76 27.32 -42.85
CA PHE K 45 18.33 26.01 -43.12
C PHE K 45 19.67 25.80 -42.44
N PHE K 46 20.29 26.90 -41.98
CA PHE K 46 21.58 26.80 -41.30
C PHE K 46 21.45 26.08 -39.96
N LEU K 47 20.34 26.31 -39.25
CA LEU K 47 20.15 25.72 -37.92
C LEU K 47 20.10 24.19 -37.98
N GLU K 48 19.39 23.63 -38.95
CA GLU K 48 19.27 22.18 -39.03
C GLU K 48 20.56 21.52 -39.48
N GLU K 49 21.47 22.25 -40.10
CA GLU K 49 22.75 21.67 -40.50
C GLU K 49 23.60 21.32 -39.28
N ILE K 50 23.53 22.14 -38.23
CA ILE K 50 24.13 21.72 -36.96
C ILE K 50 23.32 20.59 -36.35
N GLN K 51 21.98 20.68 -36.43
CA GLN K 51 21.13 19.66 -35.85
C GLN K 51 21.34 18.29 -36.50
N LEU K 52 21.59 18.28 -37.81
CA LEU K 52 22.04 17.05 -38.46
C LEU K 52 23.39 16.61 -37.91
N GLY K 53 24.31 17.56 -37.73
CA GLY K 53 25.59 17.24 -37.12
C GLY K 53 25.48 16.87 -35.65
N GLU K 54 24.62 17.57 -34.91
CA GLU K 54 24.49 17.32 -33.48
C GLU K 54 23.95 15.92 -33.20
N GLU K 55 22.97 15.47 -33.98
CA GLU K 55 22.48 14.11 -33.82
C GLU K 55 23.54 13.09 -34.21
N LEU K 56 24.31 13.38 -35.26
CA LEU K 56 25.42 12.51 -35.63
C LEU K 56 26.58 12.63 -34.64
N LEU K 57 26.72 13.78 -33.98
CA LEU K 57 27.63 13.88 -32.85
C LEU K 57 27.20 12.96 -31.72
N ALA K 58 25.90 12.92 -31.44
CA ALA K 58 25.36 11.98 -30.46
C ALA K 58 25.25 10.56 -31.00
N GLN K 59 25.26 10.39 -32.32
CA GLN K 59 25.23 9.06 -32.91
C GLN K 59 26.56 8.34 -32.70
N GLY K 60 27.64 8.88 -33.27
CA GLY K 60 28.93 8.25 -33.20
C GLY K 60 29.68 8.32 -34.51
N GLU K 61 28.95 8.59 -35.60
CA GLU K 61 29.56 8.84 -36.90
C GLU K 61 29.88 10.34 -36.98
N TYR K 62 30.99 10.70 -36.35
CA TYR K 62 31.37 12.11 -36.28
C TYR K 62 31.81 12.64 -37.63
N GLU K 63 32.30 11.77 -38.53
CA GLU K 63 32.69 12.22 -39.86
C GLU K 63 31.49 12.72 -40.66
N LYS K 64 30.32 12.12 -40.47
CA LYS K 64 29.11 12.63 -41.08
C LYS K 64 28.59 13.86 -40.35
N GLY K 65 28.78 13.91 -39.03
CA GLY K 65 28.41 15.10 -38.29
C GLY K 65 29.26 16.30 -38.64
N VAL K 66 30.55 16.07 -38.89
CA VAL K 66 31.42 17.14 -39.35
C VAL K 66 30.99 17.64 -40.73
N ASP K 67 30.56 16.72 -41.60
CA ASP K 67 30.12 17.08 -42.95
C ASP K 67 28.92 18.02 -42.90
N HIS K 68 27.96 17.74 -42.02
CA HIS K 68 26.84 18.66 -41.86
C HIS K 68 27.26 19.92 -41.11
N LEU K 69 28.26 19.82 -40.24
CA LEU K 69 28.77 21.00 -39.55
C LEU K 69 29.63 21.87 -40.47
N THR K 70 30.46 21.26 -41.31
CA THR K 70 31.31 22.03 -42.22
C THR K 70 30.50 22.68 -43.33
N ASN K 71 29.31 22.16 -43.64
CA ASN K 71 28.41 22.86 -44.57
C ASN K 71 27.73 24.04 -43.89
N ALA K 72 27.40 23.91 -42.60
CA ALA K 72 26.82 25.03 -41.86
C ALA K 72 27.79 26.19 -41.74
N ILE K 73 29.06 25.89 -41.45
CA ILE K 73 30.08 26.93 -41.36
C ILE K 73 30.32 27.56 -42.72
N ALA K 74 30.24 26.76 -43.79
CA ALA K 74 30.41 27.30 -45.14
C ALA K 74 29.26 28.24 -45.54
N VAL K 75 28.08 28.04 -44.97
CA VAL K 75 26.92 28.88 -45.27
C VAL K 75 26.57 29.82 -44.14
N CYS K 76 27.34 29.82 -43.05
CA CYS K 76 27.06 30.72 -41.95
C CYS K 76 27.38 32.16 -42.33
N GLY K 77 26.56 33.10 -41.84
CA GLY K 77 26.79 34.50 -42.15
C GLY K 77 28.07 35.03 -41.54
N GLN K 78 28.34 34.69 -40.28
CA GLN K 78 29.55 35.10 -39.58
C GLN K 78 30.19 33.89 -38.92
N PRO K 79 30.84 33.02 -39.70
CA PRO K 79 31.43 31.81 -39.12
C PRO K 79 32.78 32.03 -38.47
N GLN K 80 33.42 33.18 -38.69
CA GLN K 80 34.70 33.44 -38.04
C GLN K 80 34.52 33.69 -36.54
N GLN K 81 33.38 34.24 -36.14
CA GLN K 81 33.08 34.40 -34.72
C GLN K 81 32.87 33.06 -34.03
N LEU K 82 32.54 32.01 -34.79
CA LEU K 82 32.31 30.68 -34.25
C LEU K 82 33.59 29.88 -34.08
N LEU K 83 34.76 30.48 -34.36
CA LEU K 83 36.02 29.77 -34.14
C LEU K 83 36.22 29.43 -32.67
N GLN K 84 35.91 30.39 -31.78
CA GLN K 84 35.96 30.10 -30.35
C GLN K 84 34.79 29.23 -29.92
N VAL K 85 33.64 29.37 -30.59
CA VAL K 85 32.48 28.55 -30.25
C VAL K 85 32.71 27.10 -30.60
N LEU K 86 33.22 26.83 -31.82
CA LEU K 86 33.32 25.48 -32.34
C LEU K 86 34.60 24.77 -31.92
N GLN K 87 35.51 25.43 -31.19
CA GLN K 87 36.73 24.79 -30.76
C GLN K 87 36.58 24.00 -29.46
N GLN K 88 35.37 23.96 -28.89
CA GLN K 88 35.15 23.20 -27.67
C GLN K 88 33.81 22.48 -27.65
N THR K 89 33.05 22.52 -28.75
CA THR K 89 31.76 21.82 -28.84
C THR K 89 31.90 20.35 -29.19
N LEU K 90 33.11 19.88 -29.49
CA LEU K 90 33.35 18.55 -30.01
C LEU K 90 34.36 17.82 -29.13
N PRO K 91 34.35 16.49 -29.17
CA PRO K 91 35.46 15.75 -28.57
C PRO K 91 36.75 16.05 -29.29
N PRO K 92 37.89 15.95 -28.59
CA PRO K 92 39.19 16.35 -29.18
C PRO K 92 39.57 15.58 -30.43
N PRO K 93 39.22 14.28 -30.58
CA PRO K 93 39.44 13.66 -31.90
C PRO K 93 38.68 14.31 -33.03
N VAL K 94 37.50 14.87 -32.76
CA VAL K 94 36.65 15.44 -33.82
C VAL K 94 37.13 16.83 -34.25
N PHE K 95 38.03 17.45 -33.47
CA PHE K 95 38.58 18.75 -33.85
C PHE K 95 39.33 18.67 -35.17
N GLN K 96 40.10 17.59 -35.36
CA GLN K 96 40.91 17.45 -36.58
C GLN K 96 40.05 17.34 -37.82
N MET K 97 38.93 16.61 -37.73
CA MET K 97 38.05 16.47 -38.89
C MET K 97 37.38 17.78 -39.26
N LEU K 98 37.03 18.59 -38.26
CA LEU K 98 36.35 19.86 -38.53
C LEU K 98 37.30 20.87 -39.16
N LEU K 99 38.53 20.97 -38.65
CA LEU K 99 39.45 21.99 -39.13
C LEU K 99 39.94 21.68 -40.54
N THR K 100 40.05 20.41 -40.91
CA THR K 100 40.54 20.04 -42.23
C THR K 100 39.46 20.10 -43.30
N LYS K 101 38.20 20.34 -42.93
CA LYS K 101 37.10 20.37 -43.88
C LYS K 101 36.55 21.76 -44.13
N LEU K 102 36.86 22.74 -43.28
CA LEU K 102 36.40 24.11 -43.53
C LEU K 102 36.99 24.72 -44.80
N PRO K 103 38.31 24.63 -45.07
CA PRO K 103 38.72 25.19 -46.37
C PRO K 103 38.44 24.23 -47.52
N ASP L 38 1.49 -2.87 -23.99
CA ASP L 38 1.32 -3.91 -25.00
C ASP L 38 1.50 -3.37 -26.43
N ALA L 39 0.70 -3.87 -27.36
CA ALA L 39 0.82 -3.53 -28.76
C ALA L 39 -0.05 -2.32 -29.10
N GLU L 40 -0.27 -2.08 -30.38
CA GLU L 40 -1.14 -1.04 -30.96
C GLU L 40 -0.56 0.33 -30.62
N ALA L 41 -1.43 1.32 -30.40
CA ALA L 41 -0.98 2.68 -30.10
C ALA L 41 -0.23 2.78 -28.78
N VAL L 42 -0.42 1.81 -27.89
CA VAL L 42 0.37 1.76 -26.66
C VAL L 42 1.83 1.46 -26.99
N GLN L 43 2.08 0.57 -27.96
CA GLN L 43 3.44 0.19 -28.32
C GLN L 43 4.23 1.37 -28.87
N LYS L 44 3.61 2.18 -29.74
CA LYS L 44 4.29 3.38 -30.23
C LYS L 44 4.40 4.42 -29.11
N PHE L 45 3.42 4.46 -28.21
CA PHE L 45 3.54 5.31 -27.02
C PHE L 45 4.62 4.79 -26.09
N PHE L 46 4.79 3.47 -26.02
CA PHE L 46 5.86 2.89 -25.19
C PHE L 46 7.23 3.33 -25.70
N LEU L 47 7.49 3.13 -26.99
CA LEU L 47 8.81 3.46 -27.54
C LEU L 47 9.05 4.97 -27.57
N GLU L 48 7.99 5.76 -27.72
CA GLU L 48 8.14 7.21 -27.62
C GLU L 48 8.57 7.62 -26.22
N GLU L 49 7.99 7.00 -25.19
CA GLU L 49 8.40 7.28 -23.83
C GLU L 49 9.79 6.71 -23.54
N ILE L 50 10.15 5.61 -24.18
CA ILE L 50 11.54 5.12 -24.10
C ILE L 50 12.50 6.12 -24.72
N GLN L 51 12.17 6.64 -25.91
CA GLN L 51 13.09 7.56 -26.59
C GLN L 51 13.12 8.92 -25.90
N LEU L 52 11.96 9.47 -25.55
CA LEU L 52 11.93 10.76 -24.87
C LEU L 52 12.47 10.63 -23.45
N GLY L 53 12.21 9.51 -22.79
CA GLY L 53 12.81 9.28 -21.48
C GLY L 53 14.31 9.14 -21.53
N GLU L 54 14.83 8.55 -22.61
CA GLU L 54 16.28 8.48 -22.81
C GLU L 54 16.88 9.88 -22.98
N GLU L 55 16.22 10.72 -23.77
CA GLU L 55 16.79 12.02 -24.10
C GLU L 55 16.85 12.92 -22.88
N LEU L 56 15.75 13.04 -22.13
CA LEU L 56 15.71 13.91 -20.97
C LEU L 56 16.68 13.43 -19.89
N LEU L 57 16.80 12.11 -19.73
CA LEU L 57 17.82 11.57 -18.82
C LEU L 57 19.22 11.90 -19.31
N ALA L 58 19.46 11.78 -20.62
CA ALA L 58 20.75 12.19 -21.17
C ALA L 58 20.90 13.71 -21.13
N GLN L 59 19.81 14.45 -21.36
CA GLN L 59 19.86 15.90 -21.26
C GLN L 59 20.11 16.33 -19.81
N GLY L 60 19.46 15.68 -18.86
CA GLY L 60 19.66 16.00 -17.47
C GLY L 60 18.37 16.23 -16.70
N GLU L 61 17.26 16.35 -17.43
CA GLU L 61 15.93 16.51 -16.81
C GLU L 61 15.49 15.14 -16.28
N TYR L 62 16.04 14.79 -15.11
CA TYR L 62 15.77 13.48 -14.54
C TYR L 62 14.34 13.36 -14.04
N GLU L 63 13.78 14.44 -13.47
CA GLU L 63 12.43 14.40 -12.94
C GLU L 63 11.41 14.18 -14.05
N LYS L 64 11.55 14.88 -15.17
CA LYS L 64 10.67 14.66 -16.31
C LYS L 64 11.06 13.42 -17.09
N GLY L 65 12.35 13.09 -17.13
CA GLY L 65 12.79 11.89 -17.84
C GLY L 65 12.31 10.61 -17.20
N VAL L 66 12.40 10.51 -15.87
CA VAL L 66 11.92 9.32 -15.18
C VAL L 66 10.40 9.24 -15.24
N ASP L 67 9.72 10.39 -15.09
CA ASP L 67 8.26 10.40 -15.20
C ASP L 67 7.81 10.00 -16.59
N HIS L 68 8.53 10.41 -17.63
CA HIS L 68 8.25 9.92 -18.97
C HIS L 68 8.51 8.43 -19.08
N LEU L 69 9.58 7.94 -18.44
CA LEU L 69 9.84 6.51 -18.39
C LEU L 69 8.90 5.80 -17.43
N THR L 70 8.34 6.51 -16.44
CA THR L 70 7.36 5.90 -15.54
C THR L 70 6.11 5.46 -16.29
N ASN L 71 5.67 6.29 -17.23
CA ASN L 71 4.54 5.90 -18.09
C ASN L 71 4.91 4.72 -18.97
N ALA L 72 6.18 4.63 -19.40
CA ALA L 72 6.60 3.52 -20.26
C ALA L 72 6.54 2.19 -19.54
N ILE L 73 7.02 2.13 -18.30
CA ILE L 73 6.98 0.90 -17.53
C ILE L 73 5.55 0.51 -17.18
N ALA L 74 4.68 1.50 -16.92
CA ALA L 74 3.28 1.22 -16.65
C ALA L 74 2.57 0.63 -17.86
N VAL L 75 2.99 1.00 -19.08
CA VAL L 75 2.43 0.45 -20.30
C VAL L 75 3.34 -0.60 -20.92
N CYS L 76 4.41 -0.99 -20.22
CA CYS L 76 5.35 -1.97 -20.74
C CYS L 76 4.70 -3.35 -20.83
N GLY L 77 5.09 -4.11 -21.86
CA GLY L 77 4.62 -5.47 -21.98
C GLY L 77 5.13 -6.38 -20.88
N GLN L 78 6.41 -6.22 -20.51
CA GLN L 78 7.03 -6.98 -19.43
C GLN L 78 7.72 -6.00 -18.49
N PRO L 79 6.96 -5.34 -17.61
CA PRO L 79 7.58 -4.41 -16.66
C PRO L 79 8.56 -5.07 -15.71
N GLN L 80 8.32 -6.33 -15.34
CA GLN L 80 9.24 -7.03 -14.43
C GLN L 80 10.52 -7.42 -15.16
N GLN L 81 10.41 -7.89 -16.41
CA GLN L 81 11.60 -8.26 -17.18
C GLN L 81 12.40 -7.04 -17.60
N LEU L 82 11.71 -5.91 -17.84
CA LEU L 82 12.42 -4.68 -18.16
C LEU L 82 13.22 -4.17 -16.97
N LEU L 83 12.70 -4.40 -15.75
CA LEU L 83 13.39 -3.96 -14.54
C LEU L 83 14.68 -4.73 -14.29
N GLN L 84 14.84 -5.91 -14.90
CA GLN L 84 16.13 -6.61 -14.85
C GLN L 84 17.20 -5.80 -15.57
N VAL L 85 16.90 -5.32 -16.78
CA VAL L 85 17.83 -4.45 -17.48
C VAL L 85 17.90 -3.08 -16.81
N LEU L 86 16.78 -2.58 -16.29
CA LEU L 86 16.74 -1.27 -15.65
C LEU L 86 17.60 -1.20 -14.40
N GLN L 87 17.95 -2.35 -13.81
CA GLN L 87 18.87 -2.36 -12.68
C GLN L 87 20.26 -1.87 -13.05
N GLN L 88 20.62 -1.92 -14.34
CA GLN L 88 21.93 -1.50 -14.80
C GLN L 88 21.89 -0.28 -15.72
N THR L 89 20.73 0.11 -16.24
CA THR L 89 20.65 1.25 -17.13
C THR L 89 20.84 2.56 -16.37
N LEU L 90 19.95 2.85 -15.44
CA LEU L 90 20.02 4.09 -14.69
C LEU L 90 21.11 4.02 -13.62
N PRO L 91 21.67 5.16 -13.24
CA PRO L 91 22.55 5.18 -12.07
C PRO L 91 21.77 4.81 -10.82
N PRO L 92 22.44 4.24 -9.82
CA PRO L 92 21.74 3.78 -8.61
C PRO L 92 20.97 4.89 -7.89
N PRO L 93 21.45 6.16 -7.86
CA PRO L 93 20.54 7.22 -7.42
C PRO L 93 19.34 7.41 -8.34
N VAL L 94 19.55 7.33 -9.65
CA VAL L 94 18.44 7.52 -10.59
C VAL L 94 17.48 6.34 -10.53
N PHE L 95 18.01 5.12 -10.41
CA PHE L 95 17.15 3.95 -10.29
C PHE L 95 16.35 3.98 -9.00
N GLN L 96 16.97 4.42 -7.90
CA GLN L 96 16.23 4.62 -6.66
C GLN L 96 15.21 5.73 -6.81
N MET L 97 15.55 6.78 -7.57
CA MET L 97 14.59 7.82 -7.89
C MET L 97 13.43 7.27 -8.69
N LEU L 98 13.71 6.35 -9.63
CA LEU L 98 12.64 5.64 -10.32
C LEU L 98 11.86 4.74 -9.38
N LEU L 99 12.55 4.12 -8.41
CA LEU L 99 11.91 3.18 -7.49
C LEU L 99 10.84 3.85 -6.65
N THR L 100 11.04 5.13 -6.30
CA THR L 100 10.01 5.86 -5.57
C THR L 100 8.78 6.13 -6.43
N LYS L 101 8.98 6.29 -7.73
CA LYS L 101 7.87 6.58 -8.65
C LYS L 101 7.34 5.33 -9.35
N LEU L 102 7.96 4.16 -9.15
CA LEU L 102 7.45 2.93 -9.75
C LEU L 102 6.06 2.56 -9.25
N PRO L 103 5.75 2.57 -7.94
CA PRO L 103 4.35 2.24 -7.62
C PRO L 103 3.40 3.39 -7.90
N UNK M 1 20.26 -13.05 -11.73
CA UNK M 1 21.03 -13.09 -10.49
C UNK M 1 22.52 -13.18 -10.77
N UNK M 2 23.31 -12.49 -9.95
CA UNK M 2 24.76 -12.54 -10.08
C UNK M 2 25.32 -13.91 -9.71
N UNK M 3 24.58 -14.71 -8.93
CA UNK M 3 25.02 -16.04 -8.59
C UNK M 3 25.15 -16.93 -9.83
N UNK M 4 24.23 -16.74 -10.80
CA UNK M 4 24.38 -17.43 -12.07
C UNK M 4 25.64 -17.00 -12.80
N UNK M 5 25.95 -15.69 -12.75
CA UNK M 5 27.23 -15.22 -13.26
C UNK M 5 28.38 -15.73 -12.39
N UNK M 6 28.17 -15.80 -11.08
CA UNK M 6 29.20 -16.33 -10.18
C UNK M 6 29.37 -17.83 -10.36
N UNK M 7 28.34 -18.52 -10.87
CA UNK M 7 28.48 -19.94 -11.17
C UNK M 7 29.50 -20.16 -12.28
N UNK M 8 29.56 -19.26 -13.26
CA UNK M 8 30.59 -19.33 -14.28
C UNK M 8 31.97 -19.05 -13.71
N UNK M 9 32.05 -18.22 -12.68
CA UNK M 9 33.35 -17.91 -12.06
C UNK M 9 33.94 -19.10 -11.33
N UNK M 10 33.14 -20.08 -10.95
CA UNK M 10 33.63 -21.27 -10.26
C UNK M 10 34.32 -22.21 -11.23
N MET N 1 71.18 9.79 16.34
CA MET N 1 70.16 8.82 15.97
C MET N 1 69.30 9.34 14.83
N GLU N 2 69.31 8.61 13.71
CA GLU N 2 68.54 8.98 12.52
C GLU N 2 67.27 8.16 12.35
N GLY N 3 67.39 6.82 12.39
CA GLY N 3 66.22 5.98 12.23
C GLY N 3 65.25 6.07 13.39
N LEU N 4 65.78 6.15 14.62
CA LEU N 4 64.92 6.19 15.79
C LEU N 4 64.23 7.55 15.94
N ALA N 5 64.90 8.63 15.53
CA ALA N 5 64.28 9.95 15.61
C ALA N 5 63.08 10.05 14.68
N GLY N 6 63.18 9.51 13.47
CA GLY N 6 62.04 9.48 12.57
C GLY N 6 60.99 8.47 12.99
N TYR N 7 61.40 7.39 13.65
CA TYR N 7 60.44 6.40 14.14
C TYR N 7 59.62 6.99 15.29
N VAL N 8 60.25 7.79 16.15
CA VAL N 8 59.49 8.54 17.15
C VAL N 8 58.64 9.61 16.48
N TYR N 9 59.17 10.23 15.41
CA TYR N 9 58.39 11.17 14.63
C TYR N 9 57.18 10.48 13.98
N LYS N 10 57.38 9.27 13.45
CA LYS N 10 56.28 8.51 12.89
C LYS N 10 55.30 8.02 13.95
N ALA N 11 55.69 8.06 15.23
CA ALA N 11 54.78 7.70 16.31
C ALA N 11 53.83 8.83 16.68
N ALA N 12 53.98 10.01 16.09
CA ALA N 12 53.09 11.12 16.39
C ALA N 12 52.54 11.77 15.12
N SER N 13 53.32 11.74 14.04
CA SER N 13 52.91 12.42 12.81
C SER N 13 51.73 11.73 12.14
N GLU N 14 51.74 10.40 12.11
CA GLU N 14 50.68 9.65 11.46
C GLU N 14 49.52 9.31 12.39
N GLY N 15 49.59 9.74 13.65
CA GLY N 15 48.52 9.51 14.59
C GLY N 15 48.51 8.14 15.24
N LYS N 16 49.52 7.31 14.98
CA LYS N 16 49.57 5.98 15.57
C LYS N 16 49.97 6.08 17.03
N VAL N 17 49.06 5.71 17.94
CA VAL N 17 49.28 5.97 19.35
C VAL N 17 50.00 4.79 20.03
N LEU N 18 49.90 3.59 19.46
CA LEU N 18 50.54 2.43 20.09
C LEU N 18 52.05 2.45 19.94
N THR N 19 52.56 2.95 18.81
CA THR N 19 54.00 3.06 18.63
C THR N 19 54.61 4.05 19.62
N LEU N 20 53.92 5.17 19.88
CA LEU N 20 54.39 6.13 20.87
C LEU N 20 54.39 5.53 22.27
N ALA N 21 53.45 4.61 22.54
CA ALA N 21 53.45 3.92 23.84
C ALA N 21 54.67 3.02 23.99
N ALA N 22 55.09 2.37 22.91
CA ALA N 22 56.21 1.45 22.94
C ALA N 22 57.56 2.13 22.71
N LEU N 23 57.57 3.41 22.34
CA LEU N 23 58.81 4.13 22.08
C LEU N 23 59.23 5.01 23.24
N LEU N 24 58.35 5.90 23.70
CA LEU N 24 58.66 6.72 24.87
C LEU N 24 58.82 5.86 26.11
N LEU N 25 57.91 4.90 26.30
CA LEU N 25 58.10 3.86 27.29
C LEU N 25 58.81 2.69 26.65
N ASN N 26 58.99 1.61 27.41
CA ASN N 26 59.67 0.38 27.02
C ASN N 26 61.13 0.62 26.62
N ARG N 27 61.70 1.77 26.97
CA ARG N 27 63.08 2.11 26.64
C ARG N 27 63.61 3.06 27.71
N SER N 28 64.80 3.60 27.48
CA SER N 28 65.39 4.55 28.41
C SER N 28 64.75 5.93 28.24
N GLU N 29 65.12 6.85 29.14
CA GLU N 29 64.59 8.21 29.10
C GLU N 29 65.53 9.20 28.45
N SER N 30 66.84 8.96 28.49
CA SER N 30 67.79 9.91 27.93
C SER N 30 67.79 9.89 26.41
N ASP N 31 67.70 8.70 25.81
CA ASP N 31 67.76 8.60 24.36
C ASP N 31 66.50 9.17 23.71
N ILE N 32 65.33 8.82 24.22
CA ILE N 32 64.08 9.28 23.63
C ILE N 32 63.90 10.78 23.83
N ARG N 33 64.53 11.35 24.86
CA ARG N 33 64.43 12.78 25.11
C ARG N 33 64.99 13.59 23.94
N TYR N 34 66.10 13.14 23.37
CA TYR N 34 66.62 13.76 22.16
C TYR N 34 65.71 13.48 20.96
N LEU N 35 65.14 12.28 20.91
CA LEU N 35 64.30 11.90 19.77
C LEU N 35 63.02 12.73 19.70
N LEU N 36 62.37 12.95 20.83
CA LEU N 36 61.15 13.73 20.86
C LEU N 36 61.41 15.22 21.01
N GLY N 37 62.67 15.65 21.06
CA GLY N 37 62.96 17.07 21.10
C GLY N 37 62.61 17.78 19.81
N TYR N 38 62.94 17.18 18.67
CA TYR N 38 62.74 17.78 17.36
C TYR N 38 62.94 16.70 16.30
N VAL N 39 62.74 17.08 15.04
CA VAL N 39 63.02 16.22 13.91
C VAL N 39 63.98 16.95 12.98
N SER N 40 64.81 16.19 12.26
CA SER N 40 65.88 16.77 11.45
C SER N 40 65.53 16.82 9.96
N GLN N 41 65.23 15.68 9.35
CA GLN N 41 65.01 15.60 7.91
C GLN N 41 63.59 15.18 7.55
N GLN N 42 62.71 14.97 8.53
CA GLN N 42 61.37 14.48 8.26
C GLN N 42 60.44 15.66 7.99
N GLY N 43 59.96 15.75 6.75
CA GLY N 43 59.06 16.82 6.37
C GLY N 43 59.72 18.12 5.99
N GLY N 44 61.05 18.17 5.94
CA GLY N 44 61.74 19.41 5.62
C GLY N 44 61.55 20.48 6.67
N GLN N 45 61.49 20.09 7.94
CA GLN N 45 61.19 21.01 9.02
C GLN N 45 61.80 20.50 10.31
N ARG N 46 61.86 21.36 11.31
CA ARG N 46 62.64 21.15 12.53
C ARG N 46 61.78 21.30 13.77
N SER N 47 60.63 20.64 13.79
CA SER N 47 59.72 20.72 14.92
C SER N 47 59.68 19.41 15.70
N THR N 48 59.21 19.51 16.94
CA THR N 48 58.98 18.35 17.78
C THR N 48 57.88 17.47 17.18
N PRO N 49 57.99 16.15 17.31
CA PRO N 49 56.90 15.28 16.82
C PRO N 49 55.54 15.58 17.42
N LEU N 50 55.49 16.10 18.65
CA LEU N 50 54.24 16.63 19.19
C LEU N 50 53.75 17.83 18.37
N ILE N 51 54.68 18.68 17.93
CA ILE N 51 54.28 19.85 17.14
C ILE N 51 53.73 19.44 15.78
N ILE N 52 54.39 18.50 15.10
CA ILE N 52 53.88 18.03 13.82
C ILE N 52 52.59 17.23 14.00
N ALA N 53 52.36 16.67 15.19
CA ALA N 53 51.05 16.09 15.49
C ALA N 53 50.02 17.19 15.76
N ALA N 54 50.45 18.31 16.34
CA ALA N 54 49.55 19.45 16.51
C ALA N 54 49.19 20.07 15.16
N ARG N 55 50.09 19.99 14.18
CA ARG N 55 49.76 20.44 12.83
C ARG N 55 48.63 19.59 12.23
N ASN N 56 48.68 18.28 12.46
CA ASN N 56 47.62 17.38 12.02
C ASN N 56 46.50 17.26 13.05
N GLY N 57 46.62 17.92 14.20
CA GLY N 57 45.59 17.90 15.21
C GLY N 57 45.36 16.56 15.88
N HIS N 58 46.43 15.84 16.22
CA HIS N 58 46.32 14.56 16.92
C HIS N 58 46.26 14.83 18.42
N ALA N 59 45.05 15.13 18.89
CA ALA N 59 44.86 15.51 20.29
C ALA N 59 45.14 14.34 21.24
N LYS N 60 44.73 13.14 20.85
CA LYS N 60 44.97 11.98 21.72
C LYS N 60 46.44 11.59 21.73
N VAL N 61 47.13 11.77 20.60
CA VAL N 61 48.53 11.38 20.52
C VAL N 61 49.41 12.31 21.35
N VAL N 62 49.16 13.62 21.27
CA VAL N 62 49.98 14.57 22.03
C VAL N 62 49.75 14.46 23.53
N ARG N 63 48.57 13.98 23.95
CA ARG N 63 48.34 13.72 25.36
C ARG N 63 49.20 12.57 25.87
N LEU N 64 49.33 11.51 25.06
CA LEU N 64 50.13 10.36 25.44
C LEU N 64 51.62 10.69 25.47
N LEU N 65 52.07 11.59 24.61
CA LEU N 65 53.49 11.98 24.60
C LEU N 65 53.86 12.70 25.89
N LEU N 66 52.97 13.56 26.39
CA LEU N 66 53.25 14.29 27.62
C LEU N 66 53.21 13.38 28.85
N GLU N 67 52.39 12.33 28.82
CA GLU N 67 52.24 11.47 29.98
C GLU N 67 53.53 10.75 30.33
N HIS N 68 54.31 10.36 29.32
CA HIS N 68 55.59 9.70 29.58
C HIS N 68 56.67 10.71 29.93
N TYR N 69 56.98 11.62 29.01
CA TYR N 69 57.97 12.67 29.23
C TYR N 69 57.36 14.00 28.85
N ARG N 70 57.37 14.96 29.78
CA ARG N 70 56.82 16.28 29.53
C ARG N 70 57.73 17.04 28.57
N VAL N 71 57.35 17.08 27.30
CA VAL N 71 58.06 17.91 26.33
C VAL N 71 57.78 19.38 26.64
N GLN N 72 58.73 20.23 26.29
CA GLN N 72 58.54 21.67 26.50
C GLN N 72 57.45 22.18 25.57
N THR N 73 56.34 22.63 26.15
CA THR N 73 55.23 23.14 25.36
C THR N 73 55.60 24.45 24.67
N GLN N 74 56.59 25.17 25.20
CA GLN N 74 57.06 26.41 24.60
C GLN N 74 58.14 26.19 23.55
N GLN N 75 58.52 24.95 23.27
CA GLN N 75 59.54 24.67 22.28
C GLN N 75 59.03 24.99 20.88
N THR N 76 59.90 25.60 20.06
CA THR N 76 59.54 26.05 18.74
C THR N 76 60.06 25.08 17.67
N GLY N 77 59.52 25.22 16.47
CA GLY N 77 59.92 24.36 15.37
C GLY N 77 59.42 24.89 14.04
N THR N 78 60.09 24.49 12.97
CA THR N 78 59.76 24.96 11.63
C THR N 78 58.44 24.35 11.16
N VAL N 79 57.57 25.19 10.61
CA VAL N 79 56.33 24.75 9.99
C VAL N 79 56.17 25.46 8.65
N ARG N 80 56.44 24.75 7.56
CA ARG N 80 56.34 25.32 6.22
C ARG N 80 54.94 25.03 5.67
N PHE N 81 54.08 26.05 5.71
CA PHE N 81 52.69 25.89 5.30
C PHE N 81 52.21 27.21 4.72
N ASP N 82 50.88 27.39 4.68
CA ASP N 82 50.28 28.56 4.05
C ASP N 82 50.77 29.86 4.65
N GLY N 83 51.03 30.84 3.79
CA GLY N 83 51.58 32.11 4.22
C GLY N 83 53.10 32.08 4.27
N TYR N 84 53.72 31.65 3.17
CA TYR N 84 55.18 31.56 2.99
C TYR N 84 55.79 30.52 3.94
N VAL N 85 57.07 30.18 3.71
CA VAL N 85 57.75 29.25 4.61
C VAL N 85 58.02 29.96 5.93
N ILE N 86 57.69 29.29 7.03
CA ILE N 86 57.72 29.90 8.36
C ILE N 86 58.52 29.00 9.30
N ASP N 87 59.48 29.60 10.00
CA ASP N 87 60.10 28.95 11.16
C ASP N 87 59.15 29.19 12.33
N GLY N 88 58.24 28.25 12.54
CA GLY N 88 57.09 28.52 13.41
C GLY N 88 57.45 28.59 14.88
N ALA N 89 56.50 29.13 15.64
CA ALA N 89 56.59 29.28 17.08
C ALA N 89 56.23 27.98 17.81
N THR N 90 55.93 28.10 19.10
CA THR N 90 55.55 26.98 19.96
C THR N 90 54.40 26.13 19.42
N ALA N 91 54.22 24.94 19.99
CA ALA N 91 53.18 24.02 19.55
C ALA N 91 51.78 24.60 19.73
N LEU N 92 51.58 25.41 20.78
CA LEU N 92 50.30 26.09 20.93
C LEU N 92 50.05 27.06 19.79
N TRP N 93 51.09 27.80 19.39
CA TRP N 93 50.98 28.65 18.19
C TRP N 93 50.81 27.79 16.94
N CYS N 94 51.54 26.68 16.84
CA CYS N 94 51.46 25.83 15.66
C CYS N 94 50.09 25.18 15.53
N ALA N 95 49.50 24.77 16.65
CA ALA N 95 48.12 24.29 16.62
C ALA N 95 47.17 25.41 16.23
N ALA N 96 47.42 26.62 16.73
CA ALA N 96 46.68 27.78 16.25
C ALA N 96 47.04 28.10 14.80
N GLY N 97 48.31 27.91 14.43
CA GLY N 97 48.72 28.08 13.05
C GLY N 97 48.18 27.02 12.12
N ALA N 98 47.81 25.86 12.66
CA ALA N 98 47.11 24.83 11.91
C ALA N 98 45.60 24.96 12.00
N GLY N 99 45.10 25.89 12.80
CA GLY N 99 43.67 26.04 13.00
C GLY N 99 43.01 24.85 13.65
N HIS N 100 43.71 24.21 14.58
CA HIS N 100 43.23 22.99 15.24
C HIS N 100 43.01 23.29 16.71
N PHE N 101 41.75 23.38 17.12
CA PHE N 101 41.42 23.68 18.51
C PHE N 101 41.63 22.49 19.43
N GLU N 102 41.75 21.28 18.88
CA GLU N 102 41.88 20.07 19.71
C GLU N 102 43.20 20.02 20.46
N VAL N 103 44.21 20.76 20.03
CA VAL N 103 45.51 20.76 20.69
C VAL N 103 45.67 22.06 21.46
N VAL N 104 44.98 23.11 20.99
CA VAL N 104 45.07 24.43 21.65
C VAL N 104 44.50 24.37 23.06
N LYS N 105 43.33 23.73 23.21
CA LYS N 105 42.70 23.64 24.53
C LYS N 105 43.46 22.74 25.48
N LEU N 106 44.29 21.83 24.98
CA LEU N 106 45.04 20.94 25.85
C LEU N 106 46.29 21.61 26.41
N LEU N 107 47.03 22.33 25.55
CA LEU N 107 48.32 22.87 25.97
C LEU N 107 48.16 24.07 26.89
N VAL N 108 47.06 24.83 26.77
CA VAL N 108 46.85 25.99 27.63
C VAL N 108 46.65 25.54 29.08
N SER N 109 45.80 24.53 29.28
CA SER N 109 45.66 23.94 30.61
C SER N 109 46.92 23.21 31.03
N HIS N 110 47.67 22.66 30.07
CA HIS N 110 48.95 22.04 30.36
C HIS N 110 50.05 23.06 30.63
N GLY N 111 49.87 24.31 30.19
CA GLY N 111 50.86 25.34 30.38
C GLY N 111 51.66 25.62 29.12
N ALA N 112 51.32 26.70 28.42
CA ALA N 112 52.00 27.05 27.17
C ALA N 112 52.04 28.57 27.05
N ASN N 113 52.94 29.04 26.18
CA ASN N 113 53.13 30.47 25.97
C ASN N 113 51.94 31.04 25.21
N VAL N 114 51.15 31.89 25.87
CA VAL N 114 49.96 32.44 25.26
C VAL N 114 50.32 33.44 24.16
N ASN N 115 51.33 34.28 24.40
CA ASN N 115 51.73 35.33 23.47
C ASN N 115 53.10 35.05 22.87
N HIS N 116 53.35 33.80 22.50
CA HIS N 116 54.62 33.43 21.89
C HIS N 116 54.76 34.06 20.51
N THR N 117 55.96 34.55 20.22
CA THR N 117 56.25 35.23 18.96
C THR N 117 56.82 34.26 17.93
N THR N 118 56.77 34.67 16.67
CA THR N 118 57.20 33.87 15.54
C THR N 118 58.25 34.72 14.80
N VAL N 119 58.70 34.26 13.62
CA VAL N 119 59.61 35.06 12.80
C VAL N 119 58.97 36.40 12.44
N THR N 120 57.72 36.36 11.99
CA THR N 120 56.96 37.61 11.83
C THR N 120 56.12 37.90 13.07
N ASN N 121 56.78 37.80 14.25
CA ASN N 121 56.25 38.06 15.59
C ASN N 121 54.80 37.62 15.79
N SER N 122 54.42 36.48 15.24
CA SER N 122 53.02 36.06 15.21
C SER N 122 52.63 35.42 16.53
N THR N 123 51.67 36.01 17.22
CA THR N 123 51.08 35.43 18.41
C THR N 123 50.09 34.33 18.00
N PRO N 124 49.82 33.37 18.90
CA PRO N 124 48.81 32.35 18.59
C PRO N 124 47.43 32.91 18.29
N LEU N 125 47.09 34.09 18.82
CA LEU N 125 45.85 34.74 18.41
C LEU N 125 45.88 35.10 16.92
N ARG N 126 47.02 35.62 16.44
CA ARG N 126 47.16 35.92 15.03
C ARG N 126 47.18 34.66 14.18
N ALA N 127 47.83 33.61 14.69
CA ALA N 127 47.87 32.33 13.96
C ALA N 127 46.48 31.76 13.77
N ALA N 128 45.64 31.87 14.80
CA ALA N 128 44.22 31.52 14.64
C ALA N 128 43.52 32.54 13.75
N CYS N 129 43.89 33.81 13.85
CA CYS N 129 43.31 34.83 12.99
C CYS N 129 43.75 34.67 11.55
N PHE N 130 44.97 34.16 11.33
CA PHE N 130 45.42 33.87 9.96
C PHE N 130 44.57 32.78 9.33
N ASP N 131 44.21 31.75 10.10
CA ASP N 131 43.28 30.73 9.64
C ASP N 131 41.82 31.16 9.80
N GLY N 132 41.56 32.23 10.55
CA GLY N 132 40.19 32.64 10.83
C GLY N 132 39.40 31.63 11.62
N ARG N 133 40.05 30.94 12.56
CA ARG N 133 39.41 29.88 13.33
C ARG N 133 38.91 30.48 14.63
N LEU N 134 37.58 30.59 14.77
CA LEU N 134 36.99 31.46 15.78
C LEU N 134 37.17 30.92 17.19
N ASP N 135 36.99 29.61 17.39
CA ASP N 135 37.05 29.06 18.75
C ASP N 135 38.46 29.16 19.34
N ILE N 136 39.49 29.06 18.51
CA ILE N 136 40.84 29.34 18.99
C ILE N 136 41.02 30.83 19.26
N VAL N 137 40.45 31.68 18.39
CA VAL N 137 40.47 33.12 18.62
C VAL N 137 39.75 33.46 19.92
N LYS N 138 38.60 32.81 20.16
CA LYS N 138 37.89 33.00 21.42
C LYS N 138 38.70 32.51 22.61
N TYR N 139 39.55 31.51 22.41
CA TYR N 139 40.27 30.93 23.54
C TYR N 139 41.49 31.77 23.95
N LEU N 140 42.21 32.32 22.97
CA LEU N 140 43.39 33.13 23.30
C LEU N 140 43.02 34.40 24.06
N VAL N 141 41.91 35.04 23.68
CA VAL N 141 41.46 36.19 24.46
C VAL N 141 40.88 35.76 25.80
N GLU N 142 40.40 34.52 25.90
CA GLU N 142 40.05 33.98 27.22
C GLU N 142 41.30 33.70 28.04
N ASN N 143 42.42 33.41 27.39
CA ASN N 143 43.72 33.36 28.05
C ASN N 143 44.39 34.73 28.11
N ASN N 144 43.68 35.78 27.68
CA ASN N 144 44.14 37.16 27.74
C ASN N 144 45.42 37.38 26.94
N ALA N 145 45.41 36.90 25.70
CA ALA N 145 46.46 37.26 24.76
C ALA N 145 46.30 38.72 24.35
N ASN N 146 47.40 39.33 23.91
CA ASN N 146 47.37 40.73 23.53
C ASN N 146 46.57 40.91 22.24
N ILE N 147 45.62 41.84 22.26
CA ILE N 147 44.74 42.06 21.13
C ILE N 147 45.38 42.87 20.01
N SER N 148 46.54 43.47 20.26
CA SER N 148 47.19 44.37 19.31
C SER N 148 48.62 43.93 19.03
N ILE N 149 48.81 42.63 18.79
CA ILE N 149 50.11 42.11 18.38
C ILE N 149 50.30 42.49 16.91
N ALA N 150 51.05 43.56 16.67
CA ALA N 150 51.25 44.08 15.33
C ALA N 150 52.40 43.35 14.64
N ASN N 151 52.27 43.14 13.33
CA ASN N 151 53.25 42.40 12.57
C ASN N 151 54.50 43.23 12.35
N LYS N 152 55.48 42.63 11.64
CA LYS N 152 56.63 43.40 11.18
C LYS N 152 56.21 44.49 10.19
N TYR N 153 55.12 44.26 9.46
CA TYR N 153 54.47 45.28 8.66
C TYR N 153 53.39 46.03 9.46
N ASP N 154 53.49 46.03 10.79
CA ASP N 154 52.58 46.72 11.70
C ASP N 154 51.14 46.24 11.55
N ASN N 155 50.96 44.97 11.17
CA ASN N 155 49.63 44.39 10.98
C ASN N 155 49.19 43.73 12.27
N THR N 156 48.23 44.35 12.95
CA THR N 156 47.62 43.78 14.15
C THR N 156 46.81 42.55 13.77
N CYS N 157 46.75 41.58 14.69
CA CYS N 157 46.00 40.35 14.46
C CYS N 157 44.53 40.61 14.14
N LEU N 158 43.97 41.73 14.64
CA LEU N 158 42.64 42.14 14.20
C LEU N 158 42.63 42.46 12.71
N MET N 159 43.65 43.16 12.22
CA MET N 159 43.76 43.42 10.80
C MET N 159 44.03 42.14 10.02
N ILE N 160 44.70 41.16 10.64
CA ILE N 160 45.01 39.90 9.97
C ILE N 160 43.72 39.14 9.66
N ALA N 161 42.80 39.09 10.62
CA ALA N 161 41.51 38.45 10.37
C ALA N 161 40.64 39.26 9.41
N ALA N 162 40.95 40.54 9.23
CA ALA N 162 40.20 41.37 8.29
C ALA N 162 40.63 41.17 6.84
N TYR N 163 41.72 40.43 6.60
CA TYR N 163 42.10 40.11 5.23
C TYR N 163 41.05 39.26 4.55
N LYS N 164 40.48 38.28 5.27
CA LYS N 164 39.49 37.37 4.74
C LYS N 164 38.09 37.87 5.09
N GLY N 165 37.09 37.04 4.85
CA GLY N 165 35.72 37.40 5.12
C GLY N 165 35.19 36.86 6.44
N HIS N 166 36.03 36.90 7.48
CA HIS N 166 35.65 36.42 8.80
C HIS N 166 34.93 37.55 9.55
N THR N 167 33.64 37.69 9.26
CA THR N 167 32.84 38.73 9.88
C THR N 167 32.55 38.44 11.36
N ASP N 168 32.72 37.19 11.79
CA ASP N 168 32.52 36.85 13.20
C ASP N 168 33.82 36.89 13.99
N VAL N 169 34.94 36.52 13.36
CA VAL N 169 36.23 36.58 14.04
C VAL N 169 36.67 38.03 14.24
N VAL N 170 36.42 38.89 13.24
CA VAL N 170 36.83 40.30 13.34
C VAL N 170 36.03 40.99 14.44
N ARG N 171 34.72 40.76 14.48
CA ARG N 171 33.89 41.42 15.48
C ARG N 171 34.13 40.91 16.89
N TYR N 172 34.72 39.70 17.04
CA TYR N 172 35.00 39.20 18.38
C TYR N 172 36.19 39.91 19.00
N LEU N 173 37.20 40.28 18.19
CA LEU N 173 38.28 41.12 18.69
C LEU N 173 37.75 42.49 19.10
N LEU N 174 36.80 43.02 18.33
CA LEU N 174 36.17 44.29 18.68
C LEU N 174 35.45 44.19 20.02
N GLU N 175 34.81 43.06 20.29
CA GLU N 175 34.19 42.84 21.59
C GLU N 175 35.24 42.77 22.70
N GLN N 176 36.46 42.36 22.38
CA GLN N 176 37.54 42.30 23.36
C GLN N 176 38.35 43.59 23.38
N ARG N 177 37.66 44.73 23.45
CA ARG N 177 38.24 46.05 23.70
C ARG N 177 39.33 46.42 22.70
N ALA N 178 39.16 46.03 21.44
CA ALA N 178 40.14 46.32 20.39
C ALA N 178 39.47 47.15 19.30
N ASP N 179 39.84 48.43 19.23
CA ASP N 179 39.32 49.30 18.18
C ASP N 179 40.00 49.00 16.85
N PRO N 180 39.27 49.13 15.73
CA PRO N 180 39.87 48.88 14.41
C PRO N 180 40.54 50.12 13.82
N ASN N 181 41.64 50.54 14.45
CA ASN N 181 42.39 51.70 13.97
C ASN N 181 43.90 51.44 14.01
N ALA N 182 44.31 50.18 13.94
CA ALA N 182 45.72 49.81 14.00
C ALA N 182 46.27 49.83 12.58
N LYS N 183 47.01 50.90 12.25
CA LYS N 183 47.54 51.06 10.91
C LYS N 183 48.72 50.11 10.68
N ALA N 184 48.85 49.66 9.43
CA ALA N 184 49.95 48.78 9.04
C ALA N 184 51.17 49.62 8.69
N HIS N 185 52.20 48.96 8.13
CA HIS N 185 53.38 49.70 7.68
C HIS N 185 53.05 50.62 6.51
N CYS N 186 52.05 50.26 5.70
CA CYS N 186 51.51 51.13 4.68
C CYS N 186 50.25 51.85 5.16
N GLY N 187 50.05 51.93 6.48
CA GLY N 187 48.88 52.57 7.04
C GLY N 187 47.58 51.83 6.83
N ALA N 188 47.63 50.56 6.45
CA ALA N 188 46.42 49.82 6.16
C ALA N 188 45.61 49.54 7.42
N THR N 189 44.29 49.64 7.29
CA THR N 189 43.35 49.48 8.39
C THR N 189 42.36 48.40 8.03
N ALA N 190 41.73 47.79 9.05
CA ALA N 190 40.71 46.78 8.82
C ALA N 190 39.54 47.32 8.02
N LEU N 191 39.31 48.63 8.08
CA LEU N 191 38.29 49.24 7.22
C LEU N 191 38.66 49.11 5.74
N HIS N 192 39.93 49.32 5.41
CA HIS N 192 40.36 49.27 4.02
C HIS N 192 40.44 47.84 3.50
N PHE N 193 40.94 46.91 4.32
CA PHE N 193 41.07 45.53 3.89
C PHE N 193 39.71 44.88 3.66
N ALA N 194 38.74 45.16 4.52
CA ALA N 194 37.38 44.69 4.28
C ALA N 194 36.76 45.39 3.08
N ALA N 195 37.17 46.63 2.81
CA ALA N 195 36.70 47.34 1.63
C ALA N 195 37.35 46.82 0.35
N GLU N 196 38.54 46.22 0.45
CA GLU N 196 39.19 45.66 -0.73
C GLU N 196 38.39 44.50 -1.30
N ALA N 197 37.86 43.63 -0.43
CA ALA N 197 36.98 42.55 -0.86
C ALA N 197 35.51 42.93 -0.77
N GLY N 198 35.20 44.18 -0.43
CA GLY N 198 33.82 44.62 -0.32
C GLY N 198 33.03 43.97 0.79
N HIS N 199 33.65 43.77 1.95
CA HIS N 199 33.00 43.12 3.09
C HIS N 199 32.12 44.14 3.79
N ILE N 200 30.85 44.21 3.38
CA ILE N 200 29.91 45.10 4.05
C ILE N 200 29.65 44.63 5.48
N ASP N 201 29.61 43.31 5.69
CA ASP N 201 29.35 42.78 7.02
C ASP N 201 30.49 43.11 7.98
N ILE N 202 31.74 43.00 7.51
CA ILE N 202 32.88 43.27 8.39
C ILE N 202 32.96 44.75 8.72
N VAL N 203 32.77 45.62 7.72
CA VAL N 203 32.82 47.06 7.95
C VAL N 203 31.71 47.50 8.90
N LYS N 204 30.52 46.91 8.75
CA LYS N 204 29.40 47.25 9.64
C LYS N 204 29.70 46.90 11.09
N GLU N 205 30.47 45.83 11.33
CA GLU N 205 30.95 45.57 12.68
C GLU N 205 31.89 46.68 13.15
N LEU N 206 32.78 47.15 12.27
CA LEU N 206 33.65 48.26 12.60
C LEU N 206 32.86 49.56 12.75
N ILE N 207 31.77 49.71 11.99
CA ILE N 207 30.85 50.81 12.21
C ILE N 207 30.16 50.67 13.57
N LYS N 208 29.85 49.43 13.95
CA LYS N 208 29.17 49.18 15.22
C LYS N 208 30.04 49.59 16.41
N TRP N 209 31.34 49.34 16.34
CA TRP N 209 32.24 49.71 17.43
C TRP N 209 32.38 51.22 17.58
N ARG N 210 32.12 51.98 16.51
CA ARG N 210 32.09 53.45 16.55
C ARG N 210 33.43 54.04 17.01
N ALA N 211 34.52 53.42 16.57
CA ALA N 211 35.85 53.87 17.02
C ALA N 211 36.32 55.07 16.20
N ALA N 212 36.56 54.87 14.90
CA ALA N 212 37.06 55.91 14.01
C ALA N 212 37.01 55.40 12.58
N ILE N 213 37.10 56.35 11.64
CA ILE N 213 37.28 56.04 10.23
C ILE N 213 38.15 57.12 9.60
N VAL N 214 39.20 56.70 8.89
CA VAL N 214 40.20 57.62 8.36
C VAL N 214 40.90 56.93 7.20
N VAL N 215 41.58 57.72 6.36
CA VAL N 215 42.33 57.21 5.21
C VAL N 215 43.49 56.34 5.68
N ASN N 216 44.06 55.56 4.76
CA ASN N 216 45.20 54.72 5.07
C ASN N 216 46.50 55.52 4.88
N GLY N 217 47.64 54.84 4.92
CA GLY N 217 48.91 55.49 4.66
C GLY N 217 49.13 55.81 3.20
N HIS N 218 48.34 55.22 2.31
CA HIS N 218 48.37 55.56 0.89
C HIS N 218 47.49 56.77 0.57
N GLY N 219 46.82 57.33 1.56
CA GLY N 219 45.92 58.44 1.33
C GLY N 219 44.55 58.04 0.83
N MET N 220 44.19 56.76 0.92
CA MET N 220 42.92 56.27 0.40
C MET N 220 41.93 56.10 1.55
N THR N 221 40.84 56.86 1.49
CA THR N 221 39.72 56.65 2.39
C THR N 221 39.05 55.31 2.07
N PRO N 222 38.42 54.67 3.07
CA PRO N 222 37.86 53.32 2.83
C PRO N 222 36.86 53.22 1.70
N LEU N 223 36.17 54.30 1.35
CA LEU N 223 35.31 54.27 0.17
C LEU N 223 36.14 54.30 -1.11
N LYS N 224 37.31 54.95 -1.08
CA LYS N 224 38.14 55.03 -2.27
C LYS N 224 38.84 53.70 -2.57
N VAL N 225 39.34 53.03 -1.53
CA VAL N 225 39.98 51.74 -1.73
C VAL N 225 38.96 50.68 -2.16
N ALA N 226 37.71 50.84 -1.76
CA ALA N 226 36.64 50.01 -2.31
C ALA N 226 36.21 50.45 -3.70
N ALA N 227 36.40 51.74 -4.02
CA ALA N 227 35.98 52.25 -5.33
C ALA N 227 36.76 51.60 -6.47
N GLU N 228 38.07 51.43 -6.29
CA GLU N 228 38.85 50.72 -7.29
C GLU N 228 38.53 49.23 -7.33
N SER N 229 37.87 48.70 -6.29
CA SER N 229 37.35 47.34 -6.31
C SER N 229 36.00 47.34 -7.01
N CYS N 230 35.28 46.21 -6.94
CA CYS N 230 34.04 46.02 -7.71
C CYS N 230 32.84 45.78 -6.80
N LYS N 231 32.84 46.35 -5.60
CA LYS N 231 31.76 46.16 -4.64
C LYS N 231 31.34 47.52 -4.10
N ALA N 232 30.15 47.97 -4.50
CA ALA N 232 29.63 49.27 -4.12
C ALA N 232 28.96 49.26 -2.75
N ASP N 233 28.92 48.10 -2.09
CA ASP N 233 28.24 47.97 -0.81
C ASP N 233 28.99 48.68 0.32
N VAL N 234 30.32 48.70 0.26
CA VAL N 234 31.10 49.42 1.25
C VAL N 234 30.87 50.92 1.13
N VAL N 235 30.88 51.43 -0.10
CA VAL N 235 30.61 52.86 -0.32
C VAL N 235 29.19 53.20 0.12
N GLU N 236 28.22 52.33 -0.17
CA GLU N 236 26.86 52.53 0.31
C GLU N 236 26.79 52.46 1.83
N LEU N 237 27.56 51.58 2.44
CA LEU N 237 27.60 51.51 3.91
C LEU N 237 28.22 52.75 4.51
N LEU N 238 29.28 53.28 3.90
CA LEU N 238 29.88 54.51 4.39
C LEU N 238 28.98 55.73 4.15
N LEU N 239 28.02 55.63 3.23
CA LEU N 239 27.05 56.69 3.04
C LEU N 239 26.14 56.84 4.25
N SER N 240 25.87 55.73 4.95
CA SER N 240 25.08 55.80 6.18
C SER N 240 25.81 56.59 7.26
N HIS N 241 27.13 56.43 7.35
CA HIS N 241 27.96 57.19 8.27
C HIS N 241 28.22 58.61 7.78
N ALA N 242 27.78 58.94 6.56
CA ALA N 242 27.96 60.26 5.94
C ALA N 242 29.44 60.64 5.80
N ASP N 243 30.30 59.63 5.68
CA ASP N 243 31.70 59.88 5.38
C ASP N 243 31.94 60.09 3.89
N CYS N 244 30.93 59.84 3.05
CA CYS N 244 31.05 60.01 1.61
C CYS N 244 30.68 61.44 1.27
N ASP N 245 31.69 62.31 1.20
CA ASP N 245 31.47 63.64 0.64
C ASP N 245 31.13 63.51 -0.85
N ARG N 246 30.39 64.50 -1.36
CA ARG N 246 29.80 64.36 -2.68
C ARG N 246 30.87 64.31 -3.79
N ARG N 247 32.02 64.95 -3.57
CA ARG N 247 33.13 64.75 -4.49
C ARG N 247 33.63 63.32 -4.45
N SER N 248 33.76 62.75 -3.25
CA SER N 248 34.20 61.37 -3.12
C SER N 248 33.11 60.36 -3.45
N ARG N 249 31.85 60.68 -3.16
CA ARG N 249 30.77 59.72 -3.39
C ARG N 249 30.44 59.54 -4.86
N ILE N 250 30.80 60.50 -5.71
CA ILE N 250 30.55 60.38 -7.14
C ILE N 250 31.70 59.67 -7.85
N GLU N 251 32.94 60.02 -7.49
CA GLU N 251 34.08 59.29 -8.02
C GLU N 251 34.13 57.86 -7.49
N ALA N 252 33.45 57.58 -6.38
CA ALA N 252 33.34 56.20 -5.91
C ALA N 252 32.57 55.35 -6.93
N LEU N 253 31.30 55.70 -7.17
CA LEU N 253 30.47 54.95 -8.09
C LEU N 253 31.00 55.00 -9.52
N GLU N 254 31.69 56.08 -9.88
CA GLU N 254 32.36 56.11 -11.18
C GLU N 254 33.47 55.07 -11.24
N LEU N 255 34.25 54.94 -10.17
CA LEU N 255 35.28 53.92 -10.12
C LEU N 255 34.71 52.53 -9.87
N LEU N 256 33.61 52.43 -9.13
CA LEU N 256 33.05 51.13 -8.78
C LEU N 256 32.51 50.41 -10.02
N GLY N 257 31.79 51.11 -10.88
CA GLY N 257 31.27 50.48 -12.08
C GLY N 257 32.36 50.08 -13.05
N ALA N 258 33.33 50.96 -13.27
CA ALA N 258 34.36 50.70 -14.27
C ALA N 258 35.19 49.47 -13.93
N SER N 259 35.47 49.27 -12.64
CA SER N 259 36.21 48.09 -12.23
C SER N 259 35.40 46.82 -12.43
N PHE N 260 34.07 46.92 -12.41
CA PHE N 260 33.21 45.75 -12.59
C PHE N 260 33.23 45.21 -14.01
N ALA N 261 33.79 45.95 -14.97
CA ALA N 261 33.99 45.45 -16.32
C ALA N 261 35.43 45.55 -16.80
N ASN N 262 36.32 46.17 -16.03
CA ASN N 262 37.75 46.24 -16.36
C ASN N 262 38.56 45.23 -15.56
N ASP N 263 37.99 44.06 -15.29
CA ASP N 263 38.67 43.00 -14.55
C ASP N 263 38.46 41.67 -15.26
N ARG N 264 39.41 40.76 -15.06
CA ARG N 264 39.30 39.44 -15.69
C ARG N 264 38.18 38.62 -15.06
N GLU N 265 38.09 38.63 -13.72
CA GLU N 265 37.03 37.90 -13.05
C GLU N 265 35.68 38.62 -13.12
N ASN N 266 35.69 39.95 -13.22
CA ASN N 266 34.48 40.76 -13.21
C ASN N 266 34.41 41.54 -14.53
N TYR N 267 33.52 41.11 -15.42
CA TYR N 267 33.30 41.78 -16.71
C TYR N 267 31.79 41.91 -16.92
N ASP N 268 31.23 43.03 -16.47
CA ASP N 268 29.81 43.33 -16.67
C ASP N 268 29.68 44.81 -16.97
N ILE N 269 29.25 45.15 -18.19
CA ILE N 269 29.12 46.55 -18.61
C ILE N 269 27.78 47.16 -18.22
N ILE N 270 26.79 46.35 -17.84
CA ILE N 270 25.46 46.89 -17.54
C ILE N 270 25.48 47.66 -16.23
N LYS N 271 26.13 47.12 -15.20
CA LYS N 271 26.30 47.87 -13.96
C LYS N 271 27.47 48.84 -14.05
N THR N 272 28.37 48.63 -15.01
CA THR N 272 29.45 49.59 -15.23
C THR N 272 28.92 50.88 -15.83
N TYR N 273 28.09 50.77 -16.87
CA TYR N 273 27.48 51.95 -17.46
C TYR N 273 26.54 52.64 -16.47
N HIS N 274 25.75 51.85 -15.73
CA HIS N 274 24.76 52.43 -14.84
C HIS N 274 25.40 53.15 -13.67
N TYR N 275 26.48 52.59 -13.10
CA TYR N 275 27.18 53.26 -12.02
C TYR N 275 27.85 54.54 -12.51
N LEU N 276 28.40 54.52 -13.72
CA LEU N 276 28.90 55.77 -14.31
C LEU N 276 27.75 56.74 -14.59
N TYR N 277 26.62 56.23 -15.05
CA TYR N 277 25.48 57.10 -15.37
C TYR N 277 24.86 57.66 -14.11
N LEU N 278 24.71 56.84 -13.07
CA LEU N 278 24.12 57.32 -11.81
C LEU N 278 25.03 58.33 -11.13
N ALA N 279 26.35 58.08 -11.13
CA ALA N 279 27.29 59.02 -10.53
C ALA N 279 27.34 60.33 -11.32
N MET N 280 27.33 60.25 -12.65
CA MET N 280 27.37 61.46 -13.45
C MET N 280 26.06 62.24 -13.38
N LEU N 281 24.94 61.53 -13.21
CA LEU N 281 23.69 62.21 -12.87
C LEU N 281 23.79 62.86 -11.50
N GLU N 282 24.41 62.17 -10.54
CA GLU N 282 24.71 62.79 -9.26
C GLU N 282 25.73 63.90 -9.39
N ARG N 283 26.65 63.77 -10.36
CA ARG N 283 27.59 64.85 -10.63
C ARG N 283 26.88 66.08 -11.20
N PHE N 284 25.87 65.85 -12.04
CA PHE N 284 25.06 66.93 -12.60
C PHE N 284 23.91 67.33 -11.68
N GLN N 285 23.76 66.66 -10.54
CA GLN N 285 22.68 66.95 -9.59
C GLN N 285 22.93 68.23 -8.80
N ASP N 286 24.17 68.72 -8.75
CA ASP N 286 24.50 69.89 -7.95
C ASP N 286 23.81 71.15 -8.45
N GLY N 287 23.59 71.27 -9.75
CA GLY N 287 23.01 72.47 -10.31
C GLY N 287 23.96 73.65 -10.21
N ASP N 288 23.67 74.58 -9.30
CA ASP N 288 24.59 75.69 -9.05
C ASP N 288 25.86 75.17 -8.40
N ASN N 289 26.92 75.98 -8.48
CA ASN N 289 28.31 75.64 -8.12
C ASN N 289 28.65 74.20 -8.52
N ILE N 290 28.49 73.94 -9.82
CA ILE N 290 28.66 72.60 -10.36
C ILE N 290 30.12 72.18 -10.29
N LEU N 291 30.35 70.88 -10.07
CA LEU N 291 31.67 70.29 -10.07
C LEU N 291 31.71 69.18 -11.11
N GLU N 292 32.81 69.11 -11.86
CA GLU N 292 32.94 68.15 -12.94
C GLU N 292 34.29 67.45 -12.84
N LYS N 293 34.52 66.51 -13.76
CA LYS N 293 35.78 65.77 -13.78
C LYS N 293 36.91 66.68 -14.22
N GLU N 294 38.09 66.48 -13.64
CA GLU N 294 39.28 67.14 -14.15
C GLU N 294 39.69 66.48 -15.46
N VAL N 295 39.56 67.21 -16.56
CA VAL N 295 39.63 66.61 -17.89
C VAL N 295 41.06 66.19 -18.20
N LEU N 296 41.21 64.96 -18.68
CA LEU N 296 42.51 64.41 -19.05
C LEU N 296 42.51 64.11 -20.54
N PRO N 297 43.43 64.70 -21.32
CA PRO N 297 43.51 64.34 -22.73
C PRO N 297 43.92 62.91 -22.89
N PRO N 298 43.49 62.25 -23.99
CA PRO N 298 43.78 60.82 -24.16
C PRO N 298 45.28 60.56 -24.24
N ILE N 299 45.69 59.46 -23.60
CA ILE N 299 47.10 59.07 -23.61
C ILE N 299 47.48 58.62 -25.02
N HIS N 300 48.71 58.95 -25.42
CA HIS N 300 49.22 58.49 -26.72
C HIS N 300 49.25 56.97 -26.80
N ALA N 301 49.38 56.30 -25.65
CA ALA N 301 49.31 54.85 -25.59
C ALA N 301 47.86 54.37 -25.44
N TYR N 302 47.16 54.85 -24.42
CA TYR N 302 45.81 54.39 -24.10
C TYR N 302 44.79 55.31 -24.75
N GLY N 303 44.11 54.81 -25.78
CA GLY N 303 42.96 55.48 -26.34
C GLY N 303 43.31 56.67 -27.23
N ASN N 304 42.25 57.26 -27.79
CA ASN N 304 42.39 58.46 -28.61
C ASN N 304 41.30 59.48 -28.32
N ARG N 305 40.49 59.28 -27.27
CA ARG N 305 39.44 60.21 -26.89
C ARG N 305 39.54 60.48 -25.40
N THR N 306 39.16 61.69 -25.00
CA THR N 306 39.13 62.04 -23.58
C THR N 306 37.87 61.48 -22.93
N GLU N 307 37.75 61.70 -21.62
CA GLU N 307 36.60 61.22 -20.89
C GLU N 307 35.35 62.03 -21.26
N CYS N 308 34.19 61.40 -21.04
CA CYS N 308 32.93 62.05 -21.35
C CYS N 308 32.65 63.17 -20.34
N ARG N 309 31.79 64.11 -20.77
CA ARG N 309 31.41 65.25 -19.95
C ARG N 309 29.97 65.20 -19.48
N ASN N 310 29.03 64.82 -20.35
CA ASN N 310 27.62 64.73 -20.01
C ASN N 310 27.26 63.33 -19.54
N PRO N 311 26.27 63.21 -18.64
CA PRO N 311 25.85 61.86 -18.20
C PRO N 311 25.31 61.00 -19.34
N GLN N 312 24.62 61.59 -20.30
CA GLN N 312 24.10 60.85 -21.44
C GLN N 312 25.11 60.72 -22.58
N GLU N 313 26.25 61.41 -22.48
CA GLU N 313 27.27 61.30 -23.51
C GLU N 313 27.88 59.90 -23.53
N LEU N 314 28.08 59.30 -22.35
CA LEU N 314 28.64 57.96 -22.28
C LEU N 314 27.61 56.87 -22.57
N GLU N 315 26.33 57.22 -22.70
CA GLU N 315 25.34 56.23 -23.10
C GLU N 315 25.55 55.79 -24.54
N SER N 316 25.94 56.73 -25.41
CA SER N 316 26.16 56.41 -26.82
C SER N 316 27.42 55.58 -27.04
N ILE N 317 28.39 55.65 -26.13
CA ILE N 317 29.62 54.87 -26.22
C ILE N 317 29.52 53.55 -25.47
N ARG N 318 28.33 53.21 -24.96
CA ARG N 318 28.15 51.94 -24.28
C ARG N 318 28.20 50.77 -25.26
N GLN N 319 27.76 50.98 -26.50
CA GLN N 319 27.68 49.90 -27.48
C GLN N 319 29.06 49.36 -27.81
N ASP N 320 30.02 50.23 -28.04
CA ASP N 320 31.41 49.83 -28.24
C ASP N 320 32.11 49.84 -26.87
N ARG N 321 32.43 48.64 -26.37
CA ARG N 321 32.98 48.52 -25.03
C ARG N 321 34.37 49.12 -24.90
N ASP N 322 35.08 49.30 -26.02
CA ASP N 322 36.40 49.95 -25.97
C ASP N 322 36.29 51.39 -25.49
N ALA N 323 35.26 52.11 -25.94
CA ALA N 323 35.15 53.52 -25.62
C ALA N 323 34.77 53.74 -24.16
N LEU N 324 33.79 52.99 -23.65
CA LEU N 324 33.32 53.21 -22.29
C LEU N 324 34.29 52.65 -21.25
N HIS N 325 34.99 51.56 -21.58
CA HIS N 325 36.04 51.07 -20.68
C HIS N 325 37.13 52.11 -20.51
N MET N 326 37.56 52.74 -21.61
CA MET N 326 38.50 53.84 -21.54
C MET N 326 37.89 55.02 -20.79
N GLU N 327 36.62 55.33 -21.06
CA GLU N 327 35.96 56.44 -20.38
C GLU N 327 35.87 56.19 -18.88
N GLY N 328 35.56 54.96 -18.48
CA GLY N 328 35.59 54.61 -17.08
C GLY N 328 36.98 54.49 -16.49
N LEU N 329 38.01 54.44 -17.33
CA LEU N 329 39.38 54.34 -16.85
C LEU N 329 40.09 55.69 -16.78
N ILE N 330 39.66 56.67 -17.59
CA ILE N 330 40.22 58.01 -17.45
C ILE N 330 39.81 58.63 -16.12
N VAL N 331 38.58 58.35 -15.67
CA VAL N 331 38.09 58.92 -14.42
C VAL N 331 38.80 58.34 -13.20
N ARG N 332 39.42 57.15 -13.32
CA ARG N 332 40.23 56.64 -12.23
C ARG N 332 41.71 56.93 -12.40
N GLU N 333 42.15 57.24 -13.63
CA GLU N 333 43.53 57.65 -13.83
C GLU N 333 43.79 59.04 -13.26
N ARG N 334 42.79 59.91 -13.29
CA ARG N 334 42.94 61.25 -12.72
C ARG N 334 42.88 61.25 -11.20
N ILE N 335 42.07 60.36 -10.62
CA ILE N 335 41.82 60.40 -9.18
C ILE N 335 42.74 59.48 -8.39
N LEU N 336 43.38 58.52 -9.04
CA LEU N 336 44.32 57.62 -8.37
C LEU N 336 45.76 57.85 -8.78
N GLY N 337 46.03 58.79 -9.68
CA GLY N 337 47.37 59.08 -10.11
C GLY N 337 47.91 58.05 -11.08
N ALA N 338 49.18 58.25 -11.46
CA ALA N 338 49.86 57.37 -12.39
C ALA N 338 50.71 56.31 -11.71
N ASP N 339 50.83 56.35 -10.38
CA ASP N 339 51.67 55.41 -9.66
C ASP N 339 50.89 54.31 -8.95
N ASN N 340 49.55 54.36 -8.96
CA ASN N 340 48.77 53.36 -8.28
C ASN N 340 48.78 52.05 -9.04
N ILE N 341 49.04 50.96 -8.31
CA ILE N 341 49.10 49.64 -8.93
C ILE N 341 47.70 49.16 -9.33
N ASP N 342 46.69 49.46 -8.50
CA ASP N 342 45.35 48.94 -8.75
C ASP N 342 44.71 49.56 -9.99
N VAL N 343 45.02 50.83 -10.29
CA VAL N 343 44.51 51.44 -11.51
C VAL N 343 45.31 50.98 -12.72
N SER N 344 46.52 50.45 -12.52
CA SER N 344 47.32 49.92 -13.61
C SER N 344 46.84 48.55 -14.07
N HIS N 345 46.16 47.80 -13.21
CA HIS N 345 45.66 46.48 -13.62
C HIS N 345 44.65 46.51 -14.76
N PRO N 346 43.66 47.42 -14.83
CA PRO N 346 42.78 47.45 -16.00
C PRO N 346 43.49 47.78 -17.31
N ILE N 347 44.69 48.33 -17.27
CA ILE N 347 45.42 48.61 -18.50
C ILE N 347 45.77 47.32 -19.23
N ILE N 348 46.23 46.32 -18.48
CA ILE N 348 46.58 45.04 -19.10
C ILE N 348 45.34 44.29 -19.57
N TYR N 349 44.27 44.33 -18.75
CA TYR N 349 43.09 43.51 -19.04
C TYR N 349 42.43 43.92 -20.35
N ARG N 350 42.39 45.22 -20.65
CA ARG N 350 41.82 45.68 -21.91
C ARG N 350 42.63 45.15 -23.10
N GLY N 351 43.96 45.26 -23.03
CA GLY N 351 44.80 44.69 -24.06
C GLY N 351 44.71 43.19 -24.14
N ALA N 352 44.52 42.52 -23.01
CA ALA N 352 44.27 41.09 -23.01
C ALA N 352 42.95 40.76 -23.71
N VAL N 353 41.94 41.61 -23.51
CA VAL N 353 40.68 41.45 -24.25
C VAL N 353 40.92 41.68 -25.74
N TYR N 354 41.70 42.70 -26.08
CA TYR N 354 42.00 42.98 -27.49
C TYR N 354 42.81 41.84 -28.12
N ALA N 355 43.73 41.25 -27.35
CA ALA N 355 44.41 40.05 -27.83
C ALA N 355 43.44 38.89 -27.98
N ASP N 356 42.46 38.79 -27.08
CA ASP N 356 41.43 37.77 -27.21
C ASP N 356 40.48 38.09 -28.36
N ASN N 357 40.19 39.37 -28.59
CA ASN N 357 39.29 39.80 -29.66
C ASN N 357 40.02 40.21 -30.92
N MET N 358 41.29 39.79 -31.06
CA MET N 358 42.09 39.98 -32.27
C MET N 358 42.30 41.46 -32.63
N GLU N 359 42.25 42.33 -31.64
CA GLU N 359 42.58 43.75 -31.84
C GLU N 359 44.02 43.99 -31.43
N PHE N 360 44.93 43.43 -32.23
CA PHE N 360 46.35 43.45 -31.90
C PHE N 360 46.94 44.85 -31.96
N GLU N 361 46.42 45.70 -32.86
CA GLU N 361 46.87 47.10 -32.88
C GLU N 361 46.42 47.82 -31.62
N GLN N 362 45.20 47.55 -31.16
CA GLN N 362 44.72 48.16 -29.92
C GLN N 362 45.40 47.55 -28.70
N CYS N 363 45.79 46.26 -28.77
CA CYS N 363 46.41 45.60 -27.64
C CYS N 363 47.80 46.17 -27.35
N ILE N 364 48.63 46.30 -28.39
CA ILE N 364 50.00 46.77 -28.19
C ILE N 364 50.01 48.25 -27.82
N LYS N 365 49.14 49.05 -28.45
CA LYS N 365 49.09 50.48 -28.16
C LYS N 365 48.70 50.74 -26.72
N LEU N 366 47.63 50.09 -26.25
CA LEU N 366 47.15 50.37 -24.90
C LEU N 366 47.99 49.66 -23.84
N TRP N 367 48.74 48.63 -24.20
CA TRP N 367 49.65 48.02 -23.23
C TRP N 367 50.88 48.86 -22.98
N LEU N 368 51.19 49.81 -23.86
CA LEU N 368 52.32 50.71 -23.63
C LEU N 368 52.08 51.59 -22.42
N HIS N 369 50.82 51.89 -22.11
CA HIS N 369 50.52 52.65 -20.91
C HIS N 369 50.77 51.83 -19.64
N ALA N 370 50.60 50.51 -19.71
CA ALA N 370 50.86 49.66 -18.56
C ALA N 370 52.32 49.71 -18.15
N LEU N 371 53.22 49.65 -19.15
CA LEU N 371 54.64 49.83 -18.86
C LEU N 371 54.93 51.24 -18.38
N HIS N 372 54.27 52.24 -18.97
CA HIS N 372 54.49 53.62 -18.57
C HIS N 372 53.95 53.90 -17.17
N LEU N 373 52.76 53.39 -16.85
CA LEU N 373 52.19 53.59 -15.52
C LEU N 373 53.03 52.89 -14.46
N ARG N 374 53.52 51.68 -14.76
CA ARG N 374 54.38 50.97 -13.82
C ARG N 374 55.74 51.66 -13.70
N GLN N 375 56.20 52.33 -14.76
CA GLN N 375 57.43 53.10 -14.66
C GLN N 375 57.25 54.33 -13.76
N LYS N 376 56.04 54.87 -13.69
CA LYS N 376 55.77 55.99 -12.79
C LYS N 376 55.92 55.57 -11.34
N GLY N 377 55.42 54.38 -10.99
CA GLY N 377 55.55 53.85 -9.66
C GLY N 377 56.88 53.19 -9.35
N ASN N 378 57.75 53.08 -10.36
CA ASN N 378 59.10 52.53 -10.21
C ASN N 378 59.06 51.08 -9.69
N ARG N 379 58.36 50.22 -10.43
CA ARG N 379 58.19 48.83 -10.06
C ARG N 379 58.61 47.92 -11.23
N ASN N 380 58.76 46.64 -10.92
CA ASN N 380 59.18 45.66 -11.91
C ASN N 380 58.08 45.45 -12.95
N THR N 381 58.50 45.33 -14.22
CA THR N 381 57.60 45.04 -15.33
C THR N 381 58.03 43.77 -16.05
N HIS N 382 58.61 42.81 -15.32
CA HIS N 382 59.10 41.59 -15.95
C HIS N 382 57.97 40.76 -16.54
N LYS N 383 56.78 40.79 -15.93
CA LYS N 383 55.62 40.13 -16.52
C LYS N 383 55.07 40.91 -17.71
N ASP N 384 55.04 42.23 -17.62
CA ASP N 384 54.49 43.04 -18.70
C ASP N 384 55.35 42.98 -19.96
N LEU N 385 56.67 42.95 -19.78
CA LEU N 385 57.57 42.88 -20.93
C LEU N 385 57.48 41.53 -21.63
N LEU N 386 57.30 40.45 -20.86
CA LEU N 386 57.12 39.12 -21.45
C LEU N 386 55.83 39.05 -22.25
N ARG N 387 54.76 39.67 -21.73
CA ARG N 387 53.47 39.65 -22.41
C ARG N 387 53.50 40.49 -23.69
N PHE N 388 54.38 41.48 -23.76
CA PHE N 388 54.60 42.18 -25.03
C PHE N 388 55.16 41.24 -26.09
N ALA N 389 56.24 40.52 -25.75
CA ALA N 389 56.88 39.63 -26.72
C ALA N 389 56.01 38.45 -27.08
N GLN N 390 55.18 37.98 -26.16
CA GLN N 390 54.24 36.91 -26.45
C GLN N 390 53.23 37.34 -27.51
N VAL N 391 52.70 38.55 -27.37
CA VAL N 391 51.73 39.06 -28.33
C VAL N 391 52.43 39.54 -29.61
N PHE N 392 53.69 39.99 -29.49
CA PHE N 392 54.46 40.38 -30.66
C PHE N 392 54.65 39.20 -31.61
N SER N 393 54.92 38.01 -31.08
CA SER N 393 54.95 36.82 -31.91
C SER N 393 53.56 36.37 -32.30
N GLN N 394 52.55 36.67 -31.47
CA GLN N 394 51.18 36.27 -31.77
C GLN N 394 50.63 37.04 -32.97
N MET N 395 50.90 38.34 -33.04
CA MET N 395 50.42 39.13 -34.17
C MET N 395 51.18 38.84 -35.46
N ILE N 396 52.37 38.26 -35.36
CA ILE N 396 53.07 37.80 -36.56
C ILE N 396 52.32 36.64 -37.19
N HIS N 397 51.77 35.74 -36.38
CA HIS N 397 50.98 34.62 -36.89
C HIS N 397 49.71 35.13 -37.58
N LEU N 398 49.09 36.17 -37.01
CA LEU N 398 47.96 36.82 -37.66
C LEU N 398 48.41 37.78 -38.77
N ASN N 399 49.72 38.04 -38.85
CA ASN N 399 50.32 38.92 -39.87
C ASN N 399 49.75 40.33 -39.80
N GLU N 400 49.62 40.85 -38.58
CA GLU N 400 49.26 42.24 -38.36
C GLU N 400 50.52 43.02 -38.02
N THR N 401 50.77 44.09 -38.79
CA THR N 401 52.03 44.82 -38.65
C THR N 401 52.09 45.57 -37.32
N VAL N 402 53.30 45.64 -36.77
CA VAL N 402 53.52 46.38 -35.54
C VAL N 402 53.91 47.81 -35.89
N LYS N 403 53.84 48.69 -34.90
CA LYS N 403 54.26 50.08 -35.06
C LYS N 403 55.67 50.22 -34.52
N ALA N 404 56.56 50.77 -35.35
CA ALA N 404 57.96 50.95 -34.93
C ALA N 404 58.12 51.87 -33.72
N PRO N 405 57.45 53.03 -33.59
CA PRO N 405 57.51 53.74 -32.30
C PRO N 405 56.94 52.94 -31.15
N ASP N 406 55.93 52.10 -31.39
CA ASP N 406 55.37 51.28 -30.32
C ASP N 406 56.37 50.23 -29.84
N ILE N 407 57.09 49.61 -30.78
CA ILE N 407 58.07 48.59 -30.40
C ILE N 407 59.36 49.21 -29.87
N GLU N 408 59.57 50.51 -30.10
CA GLU N 408 60.75 51.17 -29.57
C GLU N 408 60.50 51.71 -28.16
N CYS N 409 59.30 52.23 -27.90
CA CYS N 409 58.97 52.77 -26.59
C CYS N 409 59.00 51.67 -25.52
N VAL N 410 58.53 50.47 -25.87
CA VAL N 410 58.63 49.36 -24.92
C VAL N 410 60.08 48.95 -24.72
N LEU N 411 60.88 48.99 -25.79
CA LEU N 411 62.28 48.61 -25.68
C LEU N 411 63.08 49.65 -24.89
N ARG N 412 62.76 50.94 -25.06
CA ARG N 412 63.45 51.98 -24.32
C ARG N 412 63.17 51.87 -22.82
N CYS N 413 61.92 51.63 -22.44
CA CYS N 413 61.59 51.48 -21.04
C CYS N 413 61.98 50.11 -20.49
N SER N 414 62.22 49.12 -21.35
CA SER N 414 62.67 47.81 -20.88
C SER N 414 64.07 47.89 -20.31
N VAL N 415 65.00 48.52 -21.05
CA VAL N 415 66.37 48.68 -20.55
C VAL N 415 66.39 49.65 -19.37
N LEU N 416 65.44 50.59 -19.31
CA LEU N 416 65.25 51.40 -18.12
C LEU N 416 64.80 50.54 -16.95
N GLU N 417 63.87 49.61 -17.19
CA GLU N 417 63.45 48.67 -16.17
C GLU N 417 64.56 47.68 -15.84
N ILE N 418 65.32 47.26 -16.87
CA ILE N 418 66.45 46.36 -16.65
C ILE N 418 67.51 47.05 -15.79
N GLU N 419 67.78 48.33 -16.07
CA GLU N 419 68.65 49.12 -15.21
C GLU N 419 68.09 49.21 -13.80
N GLN N 420 66.77 49.39 -13.69
CA GLN N 420 66.13 49.32 -12.38
C GLN N 420 66.21 47.92 -11.81
N SER N 421 66.04 46.89 -12.65
CA SER N 421 66.19 45.52 -12.19
C SER N 421 67.62 45.23 -11.77
N MET N 422 68.59 45.76 -12.51
CA MET N 422 69.98 45.67 -12.08
C MET N 422 70.20 46.44 -10.79
N ASN N 423 69.58 47.61 -10.66
CA ASN N 423 69.64 48.37 -9.41
C ASN N 423 68.82 47.70 -8.30
N ARG N 424 67.80 46.90 -8.66
CA ARG N 424 67.01 46.21 -7.65
C ARG N 424 67.85 45.20 -6.87
N VAL N 425 68.77 44.51 -7.56
CA VAL N 425 69.69 43.61 -6.88
C VAL N 425 70.59 44.40 -5.93
N LYS N 426 71.08 45.55 -6.37
CA LYS N 426 71.89 46.40 -5.51
C LYS N 426 71.07 47.07 -4.41
N ASN N 427 69.77 47.25 -4.62
CA ASN N 427 68.94 47.89 -3.61
C ASN N 427 68.71 46.97 -2.42
N ILE N 428 68.44 45.69 -2.66
CA ILE N 428 68.14 44.75 -1.59
C ILE N 428 69.42 44.02 -1.19
N SER N 429 69.45 43.54 0.05
CA SER N 429 70.63 42.87 0.58
C SER N 429 70.37 41.42 0.94
N ASP N 430 69.36 41.15 1.78
CA ASP N 430 69.14 39.80 2.27
C ASP N 430 67.69 39.34 2.25
N ALA N 431 66.75 40.16 1.76
CA ALA N 431 65.35 39.76 1.79
C ALA N 431 65.01 38.80 0.66
N ASP N 432 65.16 39.24 -0.58
CA ASP N 432 64.85 38.41 -1.75
C ASP N 432 65.96 38.56 -2.79
N VAL N 433 67.20 38.41 -2.34
CA VAL N 433 68.35 38.58 -3.23
C VAL N 433 68.38 37.49 -4.30
N HIS N 434 67.95 36.27 -3.95
CA HIS N 434 67.86 35.22 -4.96
C HIS N 434 66.71 35.50 -5.92
N ASN N 435 65.58 36.00 -5.40
CA ASN N 435 64.50 36.45 -6.27
C ASN N 435 64.92 37.64 -7.12
N ALA N 436 65.72 38.54 -6.54
CA ALA N 436 66.29 39.65 -7.32
C ALA N 436 67.27 39.15 -8.36
N MET N 437 68.00 38.06 -8.06
CA MET N 437 68.90 37.48 -9.05
C MET N 437 68.13 36.93 -10.25
N ASP N 438 66.96 36.35 -9.99
CA ASP N 438 66.08 35.95 -11.08
C ASP N 438 65.26 37.11 -11.63
N ASN N 439 65.17 38.23 -10.89
CA ASN N 439 64.41 39.38 -11.37
C ASN N 439 65.13 40.06 -12.53
N TYR N 440 66.42 40.32 -12.38
CA TYR N 440 67.16 40.99 -13.45
C TYR N 440 67.50 40.03 -14.58
N GLU N 441 67.66 38.74 -14.27
CA GLU N 441 67.96 37.76 -15.31
C GLU N 441 66.78 37.54 -16.25
N CYS N 442 65.57 37.44 -15.70
CA CYS N 442 64.40 37.24 -16.54
C CYS N 442 64.06 38.49 -17.34
N ASN N 443 64.41 39.67 -16.83
CA ASN N 443 64.18 40.90 -17.58
C ASN N 443 65.06 40.96 -18.83
N LEU N 444 66.30 40.47 -18.74
CA LEU N 444 67.15 40.37 -19.92
C LEU N 444 66.60 39.34 -20.89
N TYR N 445 65.99 38.27 -20.37
CA TYR N 445 65.37 37.27 -21.24
C TYR N 445 64.21 37.88 -22.03
N THR N 446 63.37 38.68 -21.37
CA THR N 446 62.27 39.35 -22.06
C THR N 446 62.80 40.33 -23.10
N PHE N 447 63.87 41.07 -22.76
CA PHE N 447 64.50 41.96 -23.74
C PHE N 447 65.07 41.17 -24.91
N LEU N 448 65.66 40.01 -24.63
CA LEU N 448 66.11 39.12 -25.69
C LEU N 448 64.93 38.63 -26.53
N TYR N 449 63.82 38.30 -25.87
CA TYR N 449 62.61 37.94 -26.60
C TYR N 449 62.06 39.13 -27.38
N LEU N 450 62.11 40.33 -26.79
CA LEU N 450 61.63 41.52 -27.46
C LEU N 450 62.50 41.89 -28.66
N VAL N 451 63.81 41.73 -28.53
CA VAL N 451 64.72 42.07 -29.63
C VAL N 451 64.57 41.05 -30.77
N CYS N 452 64.45 39.77 -30.43
CA CYS N 452 64.39 38.73 -31.46
C CYS N 452 63.13 38.87 -32.32
N ILE N 453 61.99 39.16 -31.71
CA ILE N 453 60.78 39.38 -32.50
C ILE N 453 60.86 40.72 -33.25
N SER N 454 61.59 41.70 -32.68
CA SER N 454 61.75 42.99 -33.36
C SER N 454 62.55 42.83 -34.66
N THR N 455 63.57 41.97 -34.65
CA THR N 455 64.31 41.69 -35.87
C THR N 455 63.46 40.99 -36.90
N LYS N 456 62.53 40.13 -36.46
CA LYS N 456 61.65 39.42 -37.39
C LYS N 456 60.55 40.32 -37.93
N THR N 457 60.07 41.27 -37.14
CA THR N 457 58.96 42.11 -37.55
C THR N 457 59.46 43.40 -38.22
N GLN N 458 58.53 44.14 -38.80
CA GLN N 458 58.86 45.38 -39.49
C GLN N 458 59.21 46.48 -38.49
N CYS N 459 60.29 47.19 -38.78
CA CYS N 459 60.72 48.33 -37.97
C CYS N 459 61.28 49.41 -38.89
N SER N 460 60.97 50.66 -38.58
CA SER N 460 61.50 51.77 -39.36
C SER N 460 62.98 51.98 -39.05
N GLU N 461 63.67 52.63 -39.99
CA GLU N 461 65.12 52.81 -39.87
C GLU N 461 65.48 53.70 -38.69
N GLU N 462 64.74 54.79 -38.48
CA GLU N 462 65.06 55.69 -37.38
C GLU N 462 64.72 55.06 -36.03
N ASP N 463 63.70 54.20 -35.98
CA ASP N 463 63.44 53.46 -34.76
C ASP N 463 64.46 52.36 -34.55
N GLN N 464 64.90 51.72 -35.64
CA GLN N 464 65.91 50.67 -35.55
C GLN N 464 67.24 51.20 -35.03
N CYS N 465 67.57 52.45 -35.36
CA CYS N 465 68.74 53.09 -34.77
C CYS N 465 68.58 53.24 -33.26
N LYS N 466 67.38 53.62 -32.82
CA LYS N 466 67.11 53.68 -31.39
C LYS N 466 66.91 52.30 -30.78
N ILE N 467 66.42 51.34 -31.58
CA ILE N 467 66.32 49.96 -31.10
C ILE N 467 67.70 49.39 -30.83
N ASN N 468 68.66 49.65 -31.74
CA ASN N 468 70.03 49.23 -31.53
C ASN N 468 70.69 49.96 -30.36
N LYS N 469 70.19 51.14 -30.00
CA LYS N 469 70.74 51.86 -28.86
C LYS N 469 70.47 51.11 -27.55
N GLN N 470 69.29 50.51 -27.41
CA GLN N 470 69.01 49.72 -26.22
C GLN N 470 69.88 48.47 -26.16
N ILE N 471 70.16 47.87 -27.31
CA ILE N 471 71.16 46.80 -27.38
C ILE N 471 72.54 47.36 -27.05
N TYR N 472 72.84 48.56 -27.57
CA TYR N 472 74.08 49.25 -27.21
C TYR N 472 74.09 49.67 -25.75
N ASN N 473 72.91 49.91 -25.17
CA ASN N 473 72.83 50.28 -23.75
C ASN N 473 73.23 49.10 -22.87
N LEU N 474 72.72 47.91 -23.16
CA LEU N 474 73.00 46.76 -22.32
C LEU N 474 74.42 46.25 -22.52
N ILE N 475 74.99 46.44 -23.71
CA ILE N 475 76.34 45.94 -23.95
C ILE N 475 77.38 46.78 -23.22
N HIS N 476 77.05 48.04 -22.91
CA HIS N 476 77.91 48.82 -22.02
C HIS N 476 77.68 48.43 -20.57
N LEU N 477 76.44 48.08 -20.21
CA LEU N 477 76.15 47.57 -18.88
C LEU N 477 76.84 46.22 -18.65
N ASP N 478 76.83 45.36 -19.68
CA ASP N 478 77.38 44.01 -19.66
C ASP N 478 76.84 43.21 -18.48
N PRO N 479 75.57 42.80 -18.52
CA PRO N 479 74.98 42.08 -17.37
C PRO N 479 75.56 40.67 -17.26
N ARG N 480 76.11 40.36 -16.10
CA ARG N 480 76.73 39.07 -15.85
C ARG N 480 75.72 38.14 -15.20
N THR N 481 75.48 36.99 -15.83
CA THR N 481 74.53 36.01 -15.31
C THR N 481 75.15 35.25 -14.15
N ARG N 482 74.36 34.32 -13.59
CA ARG N 482 74.85 33.49 -12.50
C ARG N 482 75.94 32.53 -12.98
N GLU N 483 75.92 32.16 -14.26
CA GLU N 483 76.93 31.30 -14.84
C GLU N 483 78.01 32.08 -15.57
N GLY N 484 78.06 33.39 -15.41
CA GLY N 484 79.08 34.22 -16.02
C GLY N 484 78.80 34.68 -17.44
N PHE N 485 77.64 34.34 -17.99
CA PHE N 485 77.31 34.75 -19.35
C PHE N 485 76.97 36.24 -19.40
N THR N 486 76.99 36.79 -20.61
CA THR N 486 76.59 38.16 -20.87
C THR N 486 75.45 38.14 -21.90
N LEU N 487 75.06 39.34 -22.36
CA LEU N 487 74.03 39.41 -23.40
C LEU N 487 74.52 38.79 -24.70
N LEU N 488 75.79 38.99 -25.04
CA LEU N 488 76.36 38.32 -26.21
C LEU N 488 76.39 36.81 -26.01
N HIS N 489 76.77 36.36 -24.81
CA HIS N 489 76.82 34.93 -24.53
C HIS N 489 75.46 34.31 -24.32
N LEU N 490 74.42 35.13 -24.06
CA LEU N 490 73.08 34.58 -23.88
C LEU N 490 72.49 34.10 -25.20
N ALA N 491 72.63 34.89 -26.26
CA ALA N 491 72.11 34.50 -27.56
C ALA N 491 72.95 33.43 -28.23
N VAL N 492 74.25 33.39 -27.94
CA VAL N 492 75.12 32.39 -28.54
C VAL N 492 74.78 30.99 -28.03
N ASN N 493 74.49 30.88 -26.74
CA ASN N 493 74.19 29.57 -26.15
C ASN N 493 72.84 29.05 -26.67
N SER N 494 72.85 27.80 -27.12
CA SER N 494 71.63 27.17 -27.61
C SER N 494 70.75 26.60 -26.50
N ASN N 495 71.22 26.64 -25.25
CA ASN N 495 70.46 26.15 -24.11
C ASN N 495 69.60 27.23 -23.48
N THR N 496 69.51 28.40 -24.10
CA THR N 496 68.71 29.49 -23.56
C THR N 496 67.23 29.15 -23.68
N PRO N 497 66.48 29.11 -22.57
CA PRO N 497 65.05 28.80 -22.65
C PRO N 497 64.26 29.88 -23.36
N VAL N 498 63.19 29.45 -24.03
CA VAL N 498 62.27 30.33 -24.73
C VAL N 498 60.89 30.13 -24.13
N ASP N 499 60.11 31.21 -24.08
CA ASP N 499 58.77 31.14 -23.50
C ASP N 499 57.87 30.21 -24.30
N ASP N 500 56.94 29.56 -23.60
CA ASP N 500 56.09 28.52 -24.17
C ASP N 500 55.11 29.04 -25.22
N PHE N 501 54.95 30.36 -25.34
CA PHE N 501 54.05 30.94 -26.33
C PHE N 501 54.69 30.94 -27.71
N HIS N 502 54.12 31.70 -28.64
CA HIS N 502 54.59 31.75 -30.03
C HIS N 502 56.00 32.32 -30.18
N THR N 503 56.63 32.70 -29.08
CA THR N 503 58.04 33.11 -29.11
C THR N 503 58.95 31.97 -29.54
N ASN N 504 58.52 30.72 -29.37
CA ASN N 504 59.29 29.59 -29.90
C ASN N 504 59.37 29.64 -31.42
N ASP N 505 58.29 30.08 -32.07
CA ASP N 505 58.24 30.12 -33.52
C ASP N 505 59.09 31.24 -34.11
N VAL N 506 59.49 32.21 -33.30
CA VAL N 506 60.28 33.33 -33.80
C VAL N 506 61.69 33.37 -33.23
N CYS N 507 61.99 32.64 -32.16
CA CYS N 507 63.34 32.57 -31.61
C CYS N 507 64.05 31.34 -32.16
N SER N 508 65.26 31.56 -32.66
CA SER N 508 66.06 30.50 -33.30
C SER N 508 67.43 30.43 -32.66
N PHE N 509 67.46 30.36 -31.33
CA PHE N 509 68.71 30.35 -30.60
C PHE N 509 69.52 29.10 -30.93
N PRO N 510 70.81 29.24 -31.30
CA PRO N 510 71.64 30.46 -31.36
C PRO N 510 71.23 31.43 -32.48
N ASN N 511 70.77 32.61 -32.10
CA ASN N 511 70.22 33.57 -33.06
C ASN N 511 71.36 34.35 -33.70
N ALA N 512 71.55 34.15 -35.01
CA ALA N 512 72.60 34.87 -35.73
C ALA N 512 72.24 36.34 -35.89
N LEU N 513 70.95 36.65 -36.07
CA LEU N 513 70.52 38.03 -36.23
C LEU N 513 70.73 38.84 -34.97
N VAL N 514 70.47 38.26 -33.81
CA VAL N 514 70.69 38.94 -32.54
C VAL N 514 72.18 39.14 -32.30
N THR N 515 72.99 38.11 -32.58
CA THR N 515 74.43 38.20 -32.39
C THR N 515 75.06 39.21 -33.34
N LYS N 516 74.57 39.27 -34.58
CA LYS N 516 75.10 40.24 -35.55
C LYS N 516 74.81 41.67 -35.10
N LEU N 517 73.64 41.90 -34.50
CA LEU N 517 73.29 43.22 -33.98
C LEU N 517 73.95 43.52 -32.64
N LEU N 518 74.64 42.55 -32.05
CA LEU N 518 75.37 42.77 -30.80
C LEU N 518 76.83 43.16 -31.03
N LEU N 519 77.46 42.62 -32.08
CA LEU N 519 78.88 42.87 -32.29
C LEU N 519 79.16 44.28 -32.80
N ASP N 520 78.26 44.83 -33.61
CA ASP N 520 78.50 46.15 -34.18
C ASP N 520 78.35 47.28 -33.17
N CYS N 521 77.79 47.00 -31.99
CA CYS N 521 77.69 47.99 -30.93
C CYS N 521 78.70 47.78 -29.82
N GLY N 522 79.71 46.94 -30.03
CA GLY N 522 80.78 46.78 -29.07
C GLY N 522 80.62 45.63 -28.10
N ALA N 523 80.37 44.43 -28.62
CA ALA N 523 80.24 43.25 -27.77
C ALA N 523 81.60 42.71 -27.36
N GLU N 524 81.69 42.26 -26.12
CA GLU N 524 82.92 41.66 -25.59
C GLU N 524 83.04 40.25 -26.14
N VAL N 525 83.69 40.15 -27.31
CA VAL N 525 83.86 38.85 -27.95
C VAL N 525 84.84 37.96 -27.18
N ASN N 526 85.71 38.56 -26.37
CA ASN N 526 86.68 37.82 -25.57
C ASN N 526 86.25 37.69 -24.11
N ALA N 527 84.98 37.95 -23.81
CA ALA N 527 84.49 37.81 -22.45
C ALA N 527 84.52 36.35 -22.00
N VAL N 528 84.68 36.15 -20.69
CA VAL N 528 84.80 34.83 -20.11
C VAL N 528 83.70 34.63 -19.08
N ASP N 529 83.14 33.42 -19.05
CA ASP N 529 82.05 33.09 -18.13
C ASP N 529 82.64 32.53 -16.83
N ASN N 530 81.79 31.91 -16.01
CA ASN N 530 82.26 31.28 -14.77
C ASN N 530 83.27 30.18 -15.06
N GLU N 531 83.07 29.42 -16.14
CA GLU N 531 84.02 28.40 -16.54
C GLU N 531 85.12 28.93 -17.45
N GLY N 532 85.12 30.24 -17.74
CA GLY N 532 86.15 30.83 -18.57
C GLY N 532 85.95 30.66 -20.05
N ASN N 533 84.87 30.04 -20.49
CA ASN N 533 84.64 29.82 -21.91
C ASN N 533 84.27 31.14 -22.59
N SER N 534 84.91 31.41 -23.73
CA SER N 534 84.67 32.63 -24.47
C SER N 534 83.42 32.50 -25.33
N ALA N 535 83.12 33.56 -26.08
CA ALA N 535 81.99 33.51 -27.01
C ALA N 535 82.24 32.50 -28.13
N LEU N 536 83.49 32.36 -28.56
CA LEU N 536 83.82 31.33 -29.55
C LEU N 536 83.69 29.94 -28.97
N HIS N 537 83.92 29.78 -27.66
CA HIS N 537 83.83 28.46 -27.04
C HIS N 537 82.39 27.98 -26.95
N ILE N 538 81.44 28.89 -26.67
CA ILE N 538 80.05 28.49 -26.50
C ILE N 538 79.44 28.05 -27.82
N ILE N 539 79.71 28.80 -28.90
CA ILE N 539 79.10 28.48 -30.19
C ILE N 539 79.69 27.19 -30.76
N VAL N 540 80.98 26.95 -30.54
CA VAL N 540 81.61 25.77 -31.12
C VAL N 540 81.19 24.49 -30.39
N GLN N 541 80.64 24.62 -29.18
CA GLN N 541 80.12 23.48 -28.44
C GLN N 541 78.73 23.04 -28.89
N TYR N 542 78.13 23.78 -29.82
CA TYR N 542 76.81 23.40 -30.34
C TYR N 542 76.90 22.08 -31.10
N ASN N 543 75.99 21.16 -30.80
CA ASN N 543 76.02 19.81 -31.35
C ASN N 543 75.06 19.61 -32.50
N ARG N 544 74.48 20.69 -33.03
CA ARG N 544 73.54 20.61 -34.15
C ARG N 544 74.02 21.54 -35.26
N PRO N 545 75.01 21.11 -36.05
CA PRO N 545 75.50 21.92 -37.16
C PRO N 545 74.75 21.72 -38.48
N ILE N 546 73.63 21.00 -38.47
CA ILE N 546 72.88 20.68 -39.67
C ILE N 546 71.49 21.29 -39.67
N SER N 547 70.80 21.26 -38.53
CA SER N 547 69.43 21.76 -38.46
C SER N 547 69.36 23.26 -38.67
N ASP N 548 70.31 24.01 -38.11
CA ASP N 548 70.33 25.46 -38.17
C ASP N 548 71.73 25.96 -38.54
N PHE N 549 72.30 25.40 -39.60
CA PHE N 549 73.63 25.82 -40.03
C PHE N 549 73.64 27.26 -40.53
N LEU N 550 72.50 27.76 -41.01
CA LEU N 550 72.41 29.16 -41.44
C LEU N 550 72.70 30.10 -40.29
N THR N 551 72.23 29.76 -39.09
CA THR N 551 72.63 30.50 -37.90
C THR N 551 74.12 30.31 -37.61
N LEU N 552 74.63 29.08 -37.77
CA LEU N 552 76.03 28.81 -37.48
C LEU N 552 76.96 29.45 -38.51
N HIS N 553 76.58 29.40 -39.79
CA HIS N 553 77.41 29.99 -40.83
C HIS N 553 77.49 31.51 -40.68
N SER N 554 76.37 32.15 -40.33
CA SER N 554 76.35 33.59 -40.19
C SER N 554 77.06 34.05 -38.92
N ILE N 555 77.22 33.17 -37.94
CA ILE N 555 77.83 33.56 -36.67
C ILE N 555 79.31 33.24 -36.59
N ILE N 556 79.80 32.28 -37.39
CA ILE N 556 81.24 31.99 -37.40
C ILE N 556 82.02 33.14 -38.04
N ILE N 557 81.53 33.64 -39.18
CA ILE N 557 82.18 34.75 -39.86
C ILE N 557 82.07 36.02 -39.03
N SER N 558 80.95 36.22 -38.34
CA SER N 558 80.73 37.45 -37.58
C SER N 558 81.56 37.47 -36.30
N LEU N 559 81.51 36.40 -35.51
CA LEU N 559 82.15 36.41 -34.19
C LEU N 559 83.68 36.40 -34.32
N VAL N 560 84.21 35.68 -35.30
CA VAL N 560 85.66 35.64 -35.48
C VAL N 560 86.19 36.99 -35.92
N GLU N 561 85.43 37.70 -36.76
CA GLU N 561 85.85 39.01 -37.24
C GLU N 561 85.80 40.09 -36.15
N ALA N 562 85.12 39.83 -35.03
CA ALA N 562 85.01 40.82 -33.97
C ALA N 562 86.25 40.90 -33.09
N GLY N 563 87.21 40.00 -33.28
CA GLY N 563 88.42 40.00 -32.49
C GLY N 563 88.60 38.79 -31.57
N ALA N 564 87.89 37.69 -31.81
CA ALA N 564 88.03 36.51 -30.99
C ALA N 564 89.39 35.85 -31.20
N HIS N 565 89.92 35.26 -30.13
CA HIS N 565 91.20 34.57 -30.18
C HIS N 565 90.96 33.11 -30.52
N THR N 566 91.58 32.65 -31.61
CA THR N 566 91.45 31.26 -32.01
C THR N 566 92.16 30.31 -31.03
N ASP N 567 93.14 30.80 -30.30
CA ASP N 567 93.87 30.01 -29.30
C ASP N 567 93.38 30.28 -27.89
N MET N 568 92.16 30.80 -27.74
CA MET N 568 91.62 31.09 -26.42
C MET N 568 91.33 29.80 -25.67
N THR N 569 91.41 29.88 -24.34
CA THR N 569 91.18 28.73 -23.48
C THR N 569 90.29 29.13 -22.32
N ASN N 570 89.56 28.15 -21.78
CA ASN N 570 88.69 28.37 -20.64
C ASN N 570 89.45 28.06 -19.35
N LYS N 571 88.72 28.01 -18.23
CA LYS N 571 89.35 27.64 -16.97
C LYS N 571 89.67 26.15 -16.90
N GLN N 572 89.09 25.35 -17.79
CA GLN N 572 89.38 23.93 -17.87
C GLN N 572 90.54 23.62 -18.82
N ASN N 573 91.17 24.67 -19.37
CA ASN N 573 92.31 24.55 -20.29
C ASN N 573 91.95 23.72 -21.52
N LYS N 574 90.93 24.21 -22.24
CA LYS N 574 90.47 23.58 -23.47
C LYS N 574 90.43 24.61 -24.58
N THR N 575 91.04 24.29 -25.71
CA THR N 575 91.03 25.18 -26.85
C THR N 575 89.65 25.17 -27.53
N PRO N 576 89.36 26.19 -28.33
CA PRO N 576 88.07 26.20 -29.06
C PRO N 576 87.92 25.04 -30.02
N LEU N 577 89.00 24.58 -30.65
CA LEU N 577 88.91 23.43 -31.54
C LEU N 577 88.78 22.12 -30.78
N ASP N 578 89.43 22.00 -29.62
CA ASP N 578 89.37 20.77 -28.84
C ASP N 578 87.98 20.55 -28.25
N LYS N 579 87.32 21.63 -27.81
CA LYS N 579 86.00 21.54 -27.21
C LYS N 579 84.88 21.65 -28.24
N SER N 580 85.18 21.41 -29.52
CA SER N 580 84.16 21.52 -30.56
C SER N 580 83.13 20.40 -30.44
N THR N 581 83.60 19.15 -30.31
CA THR N 581 82.76 17.95 -30.26
C THR N 581 81.86 17.83 -31.50
N THR N 582 82.30 18.41 -32.62
CA THR N 582 81.53 18.39 -33.86
C THR N 582 82.48 18.70 -35.00
N GLY N 583 82.57 17.80 -35.98
CA GLY N 583 83.47 18.01 -37.10
C GLY N 583 83.05 19.16 -37.99
N VAL N 584 81.73 19.32 -38.21
CA VAL N 584 81.24 20.39 -39.07
C VAL N 584 81.43 21.75 -38.40
N SER N 585 81.18 21.83 -37.09
CA SER N 585 81.37 23.08 -36.38
C SER N 585 82.84 23.46 -36.28
N GLU N 586 83.71 22.46 -36.11
CA GLU N 586 85.14 22.75 -36.02
C GLU N 586 85.72 23.18 -37.37
N ILE N 587 85.11 22.74 -38.47
CA ILE N 587 85.60 23.13 -39.79
C ILE N 587 85.44 24.62 -40.02
N LEU N 588 84.29 25.18 -39.62
CA LEU N 588 84.08 26.61 -39.75
C LEU N 588 85.00 27.40 -38.81
N LEU N 589 85.22 26.88 -37.60
CA LEU N 589 86.12 27.54 -36.67
C LEU N 589 87.56 27.50 -37.16
N LYS N 590 87.99 26.38 -37.73
CA LYS N 590 89.34 26.27 -38.25
C LYS N 590 89.54 27.14 -39.48
N THR N 591 88.51 27.30 -40.30
CA THR N 591 88.61 28.15 -41.49
C THR N 591 88.83 29.61 -41.11
N GLN N 592 88.14 30.09 -40.08
CA GLN N 592 88.28 31.47 -39.64
C GLN N 592 89.35 31.59 -38.55
N MET O 1 11.66 -9.45 -37.66
CA MET O 1 11.48 -8.86 -38.98
C MET O 1 12.60 -7.87 -39.30
N GLU O 2 12.65 -7.42 -40.55
CA GLU O 2 13.68 -6.49 -40.96
C GLU O 2 13.43 -5.07 -40.44
N GLY O 3 12.17 -4.74 -40.11
CA GLY O 3 11.89 -3.43 -39.55
C GLY O 3 12.48 -3.25 -38.17
N LEU O 4 12.39 -4.29 -37.33
CA LEU O 4 12.97 -4.21 -36.00
C LEU O 4 14.49 -4.31 -36.03
N ALA O 5 15.07 -4.84 -37.11
CA ALA O 5 16.53 -4.91 -37.22
C ALA O 5 17.14 -3.51 -37.30
N GLY O 6 16.51 -2.61 -38.05
CA GLY O 6 16.99 -1.24 -38.08
C GLY O 6 16.68 -0.47 -36.81
N TYR O 7 15.63 -0.87 -36.08
CA TYR O 7 15.32 -0.22 -34.82
C TYR O 7 16.36 -0.54 -33.75
N VAL O 8 16.72 -1.82 -33.63
CA VAL O 8 17.75 -2.20 -32.68
C VAL O 8 19.14 -1.80 -33.16
N TYR O 9 19.30 -1.55 -34.46
CA TYR O 9 20.57 -1.02 -34.97
C TYR O 9 20.81 0.38 -34.43
N LYS O 10 19.81 1.27 -34.57
CA LYS O 10 19.94 2.63 -34.06
C LYS O 10 19.88 2.68 -32.55
N ALA O 11 19.46 1.58 -31.89
CA ALA O 11 19.50 1.52 -30.44
C ALA O 11 20.93 1.59 -29.91
N ALA O 12 21.86 0.91 -30.58
CA ALA O 12 23.25 0.89 -30.15
C ALA O 12 24.18 1.71 -31.04
N SER O 13 23.76 2.01 -32.27
CA SER O 13 24.59 2.86 -33.13
C SER O 13 24.59 4.31 -32.68
N GLU O 14 23.73 4.69 -31.73
CA GLU O 14 23.69 6.02 -31.16
C GLU O 14 24.27 6.09 -29.76
N GLY O 15 23.75 5.30 -28.84
CA GLY O 15 24.18 5.36 -27.45
C GLY O 15 23.01 5.25 -26.50
N LYS O 16 21.81 5.14 -27.05
CA LYS O 16 20.61 4.94 -26.25
C LYS O 16 20.69 3.62 -25.49
N VAL O 17 20.22 3.64 -24.25
CA VAL O 17 20.38 2.50 -23.34
C VAL O 17 19.06 1.82 -22.99
N LEU O 18 17.92 2.39 -23.38
CA LEU O 18 16.62 1.79 -23.11
C LEU O 18 15.92 1.27 -24.37
N THR O 19 16.27 1.77 -25.55
CA THR O 19 15.63 1.30 -26.78
C THR O 19 15.96 -0.16 -27.06
N LEU O 20 17.21 -0.58 -26.86
CA LEU O 20 17.56 -1.97 -27.08
C LEU O 20 16.92 -2.87 -26.02
N ALA O 21 16.72 -2.35 -24.81
CA ALA O 21 16.01 -3.11 -23.79
C ALA O 21 14.53 -3.23 -24.12
N ALA O 22 13.92 -2.16 -24.64
CA ALA O 22 12.49 -2.17 -24.92
C ALA O 22 12.19 -2.98 -26.18
N LEU O 23 13.01 -2.84 -27.22
CA LEU O 23 12.73 -3.52 -28.48
C LEU O 23 12.94 -5.03 -28.38
N LEU O 24 13.96 -5.46 -27.62
CA LEU O 24 14.23 -6.88 -27.45
C LEU O 24 13.26 -7.55 -26.48
N LEU O 25 12.52 -6.78 -25.69
CA LEU O 25 11.63 -7.33 -24.70
C LEU O 25 10.37 -7.91 -25.35
N ASN O 26 9.83 -8.96 -24.71
CA ASN O 26 8.65 -9.69 -25.18
C ASN O 26 8.87 -10.30 -26.57
N ARG O 27 10.08 -10.81 -26.79
CA ARG O 27 10.40 -11.55 -28.01
C ARG O 27 11.12 -12.84 -27.63
N SER O 28 11.03 -13.82 -28.53
CA SER O 28 11.70 -15.09 -28.31
C SER O 28 13.20 -14.95 -28.51
N GLU O 29 13.95 -15.90 -27.95
CA GLU O 29 15.40 -15.89 -28.06
C GLU O 29 15.89 -16.16 -29.48
N SER O 30 15.03 -16.68 -30.36
CA SER O 30 15.45 -16.96 -31.73
C SER O 30 15.65 -15.67 -32.51
N ASP O 31 14.64 -14.81 -32.54
CA ASP O 31 14.73 -13.57 -33.30
C ASP O 31 15.42 -12.45 -32.55
N ILE O 32 15.65 -12.59 -31.24
CA ILE O 32 16.41 -11.59 -30.50
C ILE O 32 17.86 -11.57 -30.97
N ARG O 33 18.48 -12.73 -31.07
CA ARG O 33 19.85 -12.81 -31.59
C ARG O 33 19.89 -12.59 -33.10
N TYR O 34 18.78 -12.83 -33.79
CA TYR O 34 18.69 -12.45 -35.21
C TYR O 34 18.76 -10.93 -35.37
N LEU O 35 18.12 -10.20 -34.46
CA LEU O 35 18.26 -8.74 -34.46
C LEU O 35 19.68 -8.32 -34.04
N LEU O 36 20.32 -9.11 -33.18
CA LEU O 36 21.71 -8.89 -32.82
C LEU O 36 22.68 -9.50 -33.83
N GLY O 37 22.18 -10.26 -34.80
CA GLY O 37 22.99 -10.76 -35.87
C GLY O 37 22.91 -9.86 -37.10
N TYR O 38 22.56 -8.60 -36.85
CA TYR O 38 22.41 -7.62 -37.93
C TYR O 38 23.74 -7.37 -38.61
N VAL O 39 23.78 -7.57 -39.93
CA VAL O 39 25.01 -7.46 -40.71
C VAL O 39 24.83 -6.60 -41.95
N SER O 40 23.62 -6.06 -42.17
CA SER O 40 23.34 -5.29 -43.38
C SER O 40 24.16 -4.00 -43.40
N GLN O 41 24.43 -3.52 -44.62
CA GLN O 41 25.31 -2.37 -44.80
C GLN O 41 24.59 -1.08 -44.43
N GLN O 42 25.22 -0.29 -43.57
CA GLN O 42 24.71 1.03 -43.19
C GLN O 42 25.82 2.06 -43.45
N GLY O 43 25.52 3.05 -44.27
CA GLY O 43 26.49 4.07 -44.61
C GLY O 43 27.69 3.55 -45.39
N GLY O 44 27.45 2.65 -46.35
CA GLY O 44 28.53 2.10 -47.14
C GLY O 44 29.41 1.11 -46.42
N GLN O 45 28.92 0.50 -45.34
CA GLN O 45 29.70 -0.45 -44.57
C GLN O 45 28.76 -1.31 -43.75
N ARG O 46 29.08 -2.60 -43.63
CA ARG O 46 28.30 -3.49 -42.79
C ARG O 46 28.40 -3.06 -41.33
N SER O 47 27.24 -3.02 -40.67
CA SER O 47 27.16 -2.57 -39.29
C SER O 47 26.46 -3.61 -38.43
N THR O 48 26.73 -3.56 -37.13
CA THR O 48 26.20 -4.50 -36.16
C THR O 48 26.16 -3.76 -34.84
N PRO O 49 25.04 -3.84 -34.09
CA PRO O 49 24.90 -3.02 -32.88
C PRO O 49 26.01 -3.20 -31.85
N LEU O 50 26.57 -4.40 -31.72
CA LEU O 50 27.73 -4.58 -30.86
C LEU O 50 28.94 -3.84 -31.40
N ILE O 51 29.17 -3.93 -32.72
CA ILE O 51 30.37 -3.37 -33.32
C ILE O 51 30.34 -1.84 -33.28
N ILE O 52 29.22 -1.25 -33.71
CA ILE O 52 29.16 0.21 -33.84
C ILE O 52 29.15 0.89 -32.47
N ALA O 53 28.48 0.29 -31.48
CA ALA O 53 28.45 0.88 -30.15
C ALA O 53 29.85 0.94 -29.52
N ALA O 54 30.68 -0.06 -29.79
CA ALA O 54 32.06 -0.01 -29.33
C ALA O 54 32.82 1.12 -30.00
N ARG O 55 32.55 1.37 -31.28
CA ARG O 55 33.14 2.52 -31.96
C ARG O 55 32.63 3.83 -31.36
N ASN O 56 31.37 3.86 -30.92
CA ASN O 56 30.80 5.07 -30.33
C ASN O 56 31.46 5.41 -29.00
N GLY O 57 32.03 4.44 -28.30
CA GLY O 57 32.74 4.68 -27.06
C GLY O 57 31.97 4.38 -25.79
N HIS O 58 30.73 3.93 -25.90
CA HIS O 58 29.91 3.64 -24.73
C HIS O 58 30.26 2.24 -24.21
N ALA O 59 31.04 2.18 -23.13
CA ALA O 59 31.33 0.91 -22.50
C ALA O 59 30.11 0.29 -21.84
N LYS O 60 29.11 1.11 -21.50
CA LYS O 60 27.90 0.58 -20.87
C LYS O 60 27.02 -0.14 -21.88
N VAL O 61 26.89 0.40 -23.10
CA VAL O 61 25.99 -0.18 -24.09
C VAL O 61 26.48 -1.55 -24.53
N VAL O 62 27.78 -1.68 -24.78
CA VAL O 62 28.33 -2.97 -25.20
C VAL O 62 28.26 -3.99 -24.06
N ARG O 63 28.41 -3.53 -22.82
CA ARG O 63 28.35 -4.45 -21.68
C ARG O 63 26.97 -5.07 -21.52
N LEU O 64 25.91 -4.28 -21.74
CA LEU O 64 24.55 -4.81 -21.66
C LEU O 64 24.23 -5.72 -22.83
N LEU O 65 25.01 -5.68 -23.91
CA LEU O 65 24.81 -6.57 -25.04
C LEU O 65 25.60 -7.87 -24.94
N LEU O 66 26.47 -8.00 -23.93
CA LEU O 66 27.24 -9.22 -23.72
C LEU O 66 26.91 -9.92 -22.41
N GLU O 67 26.51 -9.19 -21.38
CA GLU O 67 26.22 -9.79 -20.08
C GLU O 67 24.77 -10.26 -20.00
N HIS O 68 23.82 -9.38 -20.32
CA HIS O 68 22.40 -9.69 -20.26
C HIS O 68 21.83 -10.06 -21.62
N TYR O 69 22.66 -10.12 -22.66
CA TYR O 69 22.21 -10.53 -23.98
C TYR O 69 23.35 -11.28 -24.65
N ARG O 70 23.00 -12.09 -25.64
CA ARG O 70 23.95 -12.94 -26.35
C ARG O 70 24.18 -12.38 -27.75
N VAL O 71 25.41 -11.99 -28.04
CA VAL O 71 25.78 -11.41 -29.31
C VAL O 71 27.06 -12.08 -29.80
N GLN O 72 27.29 -12.03 -31.10
CA GLN O 72 28.49 -12.63 -31.69
C GLN O 72 29.64 -11.64 -31.61
N THR O 73 30.72 -12.04 -30.91
CA THR O 73 31.86 -11.15 -30.74
C THR O 73 32.57 -10.89 -32.06
N GLN O 74 32.76 -11.93 -32.87
CA GLN O 74 33.41 -11.77 -34.17
C GLN O 74 32.38 -11.33 -35.19
N GLN O 75 32.71 -10.31 -35.98
CA GLN O 75 31.74 -9.69 -36.89
C GLN O 75 32.53 -8.95 -37.96
N THR O 76 31.83 -8.47 -38.98
CA THR O 76 32.41 -7.74 -40.09
C THR O 76 31.96 -6.29 -40.07
N GLY O 77 32.91 -5.37 -40.09
CA GLY O 77 32.60 -3.96 -40.09
C GLY O 77 33.87 -3.16 -40.32
N THR O 78 33.72 -1.83 -40.31
CA THR O 78 34.86 -0.96 -40.53
C THR O 78 35.76 -0.89 -39.30
N VAL O 79 37.06 -0.81 -39.53
CA VAL O 79 38.02 -0.54 -38.47
C VAL O 79 38.56 0.89 -38.55
N ARG O 80 38.76 1.43 -39.75
CA ARG O 80 39.13 2.83 -39.94
C ARG O 80 38.28 3.36 -41.10
N PHE O 81 37.22 4.09 -40.78
CA PHE O 81 36.29 4.56 -41.80
C PHE O 81 36.90 5.64 -42.69
N ASP O 82 37.98 6.28 -42.24
CA ASP O 82 38.59 7.40 -42.99
C ASP O 82 39.40 6.86 -44.18
N GLY O 83 38.66 6.43 -45.20
CA GLY O 83 39.25 6.02 -46.46
C GLY O 83 39.81 4.62 -46.50
N TYR O 84 39.71 3.86 -45.42
CA TYR O 84 40.20 2.48 -45.39
C TYR O 84 39.07 1.46 -45.40
N VAL O 85 38.02 1.68 -44.60
CA VAL O 85 36.83 0.84 -44.39
C VAL O 85 37.12 -0.66 -44.53
N ILE O 86 38.20 -1.12 -43.90
CA ILE O 86 38.56 -2.53 -43.97
C ILE O 86 37.57 -3.36 -43.18
N ASP O 87 37.02 -4.38 -43.83
CA ASP O 87 35.99 -5.22 -43.20
C ASP O 87 36.60 -6.13 -42.14
N GLY O 88 35.71 -6.78 -41.38
CA GLY O 88 36.15 -7.66 -40.32
C GLY O 88 36.59 -6.94 -39.06
N ALA O 89 35.66 -6.25 -38.40
CA ALA O 89 35.96 -5.46 -37.23
C ALA O 89 35.56 -6.20 -35.95
N THR O 90 36.28 -5.88 -34.88
CA THR O 90 36.01 -6.40 -33.55
C THR O 90 35.58 -5.25 -32.66
N ALA O 91 34.78 -5.56 -31.62
CA ALA O 91 34.39 -4.54 -30.66
C ALA O 91 35.61 -3.95 -29.95
N LEU O 92 36.59 -4.79 -29.64
CA LEU O 92 37.86 -4.29 -29.12
C LEU O 92 38.59 -3.46 -30.16
N TRP O 93 38.50 -3.88 -31.44
CA TRP O 93 39.19 -3.17 -32.51
C TRP O 93 38.63 -1.76 -32.72
N CYS O 94 37.31 -1.61 -32.66
CA CYS O 94 36.70 -0.30 -32.84
C CYS O 94 37.08 0.64 -31.69
N ALA O 95 37.15 0.12 -30.47
CA ALA O 95 37.50 0.95 -29.32
C ALA O 95 38.99 1.25 -29.26
N ALA O 96 39.84 0.33 -29.74
CA ALA O 96 41.28 0.52 -29.64
C ALA O 96 41.75 1.67 -30.53
N GLY O 97 41.32 1.68 -31.79
CA GLY O 97 41.78 2.71 -32.71
C GLY O 97 41.13 4.06 -32.51
N ALA O 98 40.04 4.13 -31.76
CA ALA O 98 39.32 5.37 -31.54
C ALA O 98 39.48 5.92 -30.13
N GLY O 99 40.39 5.35 -29.34
CA GLY O 99 40.68 5.90 -28.03
C GLY O 99 39.64 5.63 -26.96
N HIS O 100 38.83 4.59 -27.12
CA HIS O 100 37.84 4.21 -26.11
C HIS O 100 38.46 3.18 -25.18
N PHE O 101 39.25 3.67 -24.22
CA PHE O 101 39.96 2.78 -23.31
C PHE O 101 39.03 2.08 -22.34
N GLU O 102 37.93 2.72 -21.95
CA GLU O 102 36.98 2.09 -21.05
C GLU O 102 36.32 0.87 -21.69
N VAL O 103 36.04 0.95 -22.98
CA VAL O 103 35.52 -0.21 -23.71
C VAL O 103 36.60 -1.25 -23.88
N VAL O 104 37.85 -0.81 -24.06
CA VAL O 104 38.97 -1.74 -24.24
C VAL O 104 39.23 -2.53 -22.97
N LYS O 105 39.23 -1.84 -21.82
CA LYS O 105 39.50 -2.51 -20.55
C LYS O 105 38.35 -3.39 -20.08
N LEU O 106 37.20 -3.32 -20.73
CA LEU O 106 36.02 -4.08 -20.33
C LEU O 106 35.82 -5.35 -21.14
N LEU O 107 36.03 -5.29 -22.46
CA LEU O 107 35.80 -6.45 -23.31
C LEU O 107 36.83 -7.55 -23.05
N VAL O 108 38.10 -7.19 -22.94
CA VAL O 108 39.14 -8.18 -22.69
C VAL O 108 39.00 -8.78 -21.30
N SER O 109 38.62 -7.95 -20.32
CA SER O 109 38.35 -8.48 -18.98
C SER O 109 37.14 -9.39 -18.96
N HIS O 110 36.16 -9.13 -19.83
CA HIS O 110 35.01 -10.02 -19.94
C HIS O 110 35.36 -11.31 -20.67
N GLY O 111 36.25 -11.26 -21.65
CA GLY O 111 36.63 -12.44 -22.40
C GLY O 111 36.35 -12.36 -23.88
N ALA O 112 36.36 -11.15 -24.43
CA ALA O 112 36.15 -10.96 -25.86
C ALA O 112 37.40 -11.40 -26.63
N ASN O 113 37.24 -11.50 -27.95
CA ASN O 113 38.35 -11.90 -28.81
C ASN O 113 39.42 -10.82 -28.83
N VAL O 114 40.68 -11.25 -28.79
CA VAL O 114 41.81 -10.33 -28.73
C VAL O 114 42.73 -10.42 -29.93
N ASN O 115 42.58 -11.42 -30.80
CA ASN O 115 43.49 -11.61 -31.92
C ASN O 115 42.72 -11.94 -33.19
N HIS O 116 41.64 -11.21 -33.45
CA HIS O 116 40.90 -11.40 -34.70
C HIS O 116 41.70 -10.85 -35.88
N THR O 117 41.70 -11.60 -36.98
CA THR O 117 42.44 -11.23 -38.18
C THR O 117 41.46 -10.89 -39.30
N THR O 118 41.66 -9.72 -39.92
CA THR O 118 40.83 -9.27 -41.01
C THR O 118 41.46 -9.70 -42.35
N VAL O 119 40.95 -9.15 -43.45
CA VAL O 119 41.50 -9.47 -44.76
C VAL O 119 42.92 -8.93 -44.91
N THR O 120 43.28 -7.89 -44.16
CA THR O 120 44.62 -7.33 -44.17
C THR O 120 45.49 -7.89 -43.06
N ASN O 121 45.03 -8.96 -42.39
CA ASN O 121 45.70 -9.62 -41.25
C ASN O 121 46.29 -8.62 -40.26
N SER O 122 45.49 -7.63 -39.90
CA SER O 122 45.91 -6.57 -39.00
C SER O 122 45.46 -6.89 -37.57
N THR O 123 45.81 -5.99 -36.64
CA THR O 123 45.51 -6.15 -35.23
C THR O 123 44.91 -4.85 -34.69
N PRO O 124 44.10 -4.94 -33.64
CA PRO O 124 43.67 -3.71 -32.96
C PRO O 124 44.80 -2.91 -32.33
N LEU O 125 45.95 -3.54 -32.09
CA LEU O 125 47.07 -2.82 -31.47
C LEU O 125 47.61 -1.72 -32.37
N ARG O 126 47.78 -2.01 -33.66
CA ARG O 126 48.29 -0.98 -34.57
C ARG O 126 47.25 0.10 -34.84
N ALA O 127 45.96 -0.24 -34.72
CA ALA O 127 44.92 0.78 -34.79
C ALA O 127 45.04 1.77 -33.63
N ALA O 128 45.34 1.26 -32.44
CA ALA O 128 45.61 2.14 -31.30
C ALA O 128 46.95 2.85 -31.46
N CYS O 129 47.88 2.25 -32.20
CA CYS O 129 49.16 2.91 -32.45
C CYS O 129 48.98 4.16 -33.30
N PHE O 130 48.09 4.10 -34.29
CA PHE O 130 47.77 5.29 -35.07
C PHE O 130 47.11 6.36 -34.22
N ASP O 131 46.22 5.97 -33.32
CA ASP O 131 45.62 6.92 -32.39
C ASP O 131 46.62 7.38 -31.34
N GLY O 132 47.46 6.46 -30.86
CA GLY O 132 48.47 6.80 -29.89
C GLY O 132 48.06 6.66 -28.44
N ARG O 133 46.92 6.01 -28.16
CA ARG O 133 46.48 5.80 -26.79
C ARG O 133 47.38 4.77 -26.13
N LEU O 134 48.26 5.22 -25.23
CA LEU O 134 49.20 4.31 -24.58
C LEU O 134 48.48 3.34 -23.64
N ASP O 135 47.39 3.78 -23.01
CA ASP O 135 46.66 2.92 -22.08
C ASP O 135 46.10 1.70 -22.78
N ILE O 136 45.53 1.88 -23.97
CA ILE O 136 45.04 0.76 -24.76
C ILE O 136 46.19 -0.14 -25.19
N VAL O 137 47.31 0.45 -25.61
CA VAL O 137 48.48 -0.32 -26.02
C VAL O 137 49.05 -1.06 -24.82
N LYS O 138 49.15 -0.39 -23.67
CA LYS O 138 49.65 -1.05 -22.47
C LYS O 138 48.72 -2.16 -22.00
N TYR O 139 47.40 -1.92 -22.10
CA TYR O 139 46.43 -2.94 -21.71
C TYR O 139 46.49 -4.16 -22.63
N LEU O 140 46.68 -3.93 -23.94
CA LEU O 140 46.75 -5.03 -24.88
C LEU O 140 48.03 -5.84 -24.69
N VAL O 141 49.15 -5.16 -24.42
CA VAL O 141 50.41 -5.86 -24.19
C VAL O 141 50.37 -6.62 -22.87
N GLU O 142 49.79 -6.01 -21.83
CA GLU O 142 49.66 -6.69 -20.55
C GLU O 142 48.75 -7.90 -20.66
N ASN O 143 47.65 -7.78 -21.41
CA ASN O 143 46.78 -8.92 -21.66
C ASN O 143 47.38 -9.90 -22.68
N ASN O 144 48.46 -9.51 -23.36
CA ASN O 144 49.23 -10.37 -24.26
C ASN O 144 48.36 -10.92 -25.40
N ALA O 145 47.75 -10.00 -26.15
CA ALA O 145 47.03 -10.40 -27.35
C ALA O 145 48.01 -10.78 -28.45
N ASN O 146 48.80 -9.81 -28.91
CA ASN O 146 49.87 -10.02 -29.88
C ASN O 146 50.70 -8.75 -29.94
N ILE O 147 52.02 -8.92 -30.13
CA ILE O 147 52.94 -7.79 -30.22
C ILE O 147 53.79 -7.93 -31.47
N SER O 148 53.36 -8.79 -32.40
CA SER O 148 54.13 -9.04 -33.60
C SER O 148 53.29 -9.10 -34.87
N ILE O 149 52.02 -8.70 -34.82
CA ILE O 149 51.16 -8.75 -35.99
C ILE O 149 51.45 -7.54 -36.86
N ALA O 150 51.82 -7.79 -38.12
CA ALA O 150 51.96 -6.76 -39.13
C ALA O 150 50.86 -6.93 -40.19
N ASN O 151 50.76 -5.93 -41.06
CA ASN O 151 49.74 -5.96 -42.11
C ASN O 151 50.18 -6.89 -43.24
N LYS O 152 49.37 -6.93 -44.30
CA LYS O 152 49.73 -7.72 -45.47
C LYS O 152 50.95 -7.15 -46.19
N TYR O 153 51.23 -5.86 -46.02
CA TYR O 153 52.47 -5.26 -46.49
C TYR O 153 53.57 -5.28 -45.43
N ASP O 154 53.44 -6.16 -44.43
CA ASP O 154 54.41 -6.30 -43.33
C ASP O 154 54.61 -4.99 -42.58
N ASN O 155 53.51 -4.25 -42.38
CA ASN O 155 53.56 -2.96 -41.68
C ASN O 155 53.43 -3.24 -40.19
N THR O 156 54.54 -3.13 -39.48
CA THR O 156 54.58 -3.40 -38.04
C THR O 156 53.82 -2.32 -37.28
N CYS O 157 53.20 -2.74 -36.16
CA CYS O 157 52.49 -1.80 -35.30
C CYS O 157 53.41 -0.71 -34.76
N LEU O 158 54.71 -1.01 -34.60
CA LEU O 158 55.68 0.01 -34.24
C LEU O 158 55.78 1.07 -35.34
N MET O 159 55.76 0.64 -36.60
CA MET O 159 55.83 1.57 -37.71
C MET O 159 54.57 2.41 -37.85
N ILE O 160 53.43 1.91 -37.38
CA ILE O 160 52.19 2.70 -37.42
C ILE O 160 52.28 3.86 -36.44
N ALA O 161 52.76 3.60 -35.23
CA ALA O 161 52.93 4.67 -34.25
C ALA O 161 54.05 5.62 -34.65
N ALA O 162 55.12 5.09 -35.25
CA ALA O 162 56.20 5.93 -35.76
C ALA O 162 55.77 6.76 -36.95
N TYR O 163 54.73 6.34 -37.67
CA TYR O 163 54.20 7.14 -38.76
C TYR O 163 53.55 8.43 -38.26
N LYS O 164 52.97 8.40 -37.06
CA LYS O 164 52.38 9.55 -36.43
C LYS O 164 53.34 10.12 -35.39
N GLY O 165 52.87 11.10 -34.61
CA GLY O 165 53.71 11.77 -33.64
C GLY O 165 53.58 11.24 -32.22
N HIS O 166 53.05 10.03 -32.07
CA HIS O 166 52.86 9.43 -30.74
C HIS O 166 54.14 8.72 -30.34
N THR O 167 55.05 9.47 -29.71
CA THR O 167 56.31 8.90 -29.26
C THR O 167 56.16 8.03 -28.01
N ASP O 168 55.07 8.22 -27.24
CA ASP O 168 54.88 7.45 -26.03
C ASP O 168 54.62 5.98 -26.35
N VAL O 169 53.82 5.70 -27.39
CA VAL O 169 53.61 4.33 -27.82
C VAL O 169 54.89 3.77 -28.44
N VAL O 170 55.64 4.61 -29.17
CA VAL O 170 56.86 4.16 -29.82
C VAL O 170 57.89 3.72 -28.80
N ARG O 171 58.12 4.54 -27.76
CA ARG O 171 59.10 4.19 -26.75
C ARG O 171 58.63 3.04 -25.87
N TYR O 172 57.32 2.87 -25.72
CA TYR O 172 56.81 1.75 -24.92
C TYR O 172 56.89 0.44 -25.67
N LEU O 173 56.62 0.45 -26.98
CA LEU O 173 56.56 -0.79 -27.74
C LEU O 173 57.93 -1.40 -27.95
N LEU O 174 58.97 -0.57 -28.08
CA LEU O 174 60.33 -1.10 -28.22
C LEU O 174 60.82 -1.77 -26.95
N GLU O 175 60.24 -1.43 -25.80
CA GLU O 175 60.58 -2.08 -24.54
C GLU O 175 59.78 -3.36 -24.31
N GLN O 176 58.88 -3.72 -25.22
CA GLN O 176 58.08 -4.94 -25.11
C GLN O 176 58.73 -6.12 -25.83
N ARG O 177 60.06 -6.13 -25.92
CA ARG O 177 60.82 -7.17 -26.62
C ARG O 177 60.40 -7.28 -28.08
N ALA O 178 60.11 -6.13 -28.70
CA ALA O 178 59.80 -6.05 -30.12
C ALA O 178 60.94 -5.33 -30.82
N ASP O 179 61.50 -5.96 -31.83
CA ASP O 179 62.69 -5.41 -32.49
C ASP O 179 62.33 -4.17 -33.29
N PRO O 180 63.20 -3.16 -33.31
CA PRO O 180 62.99 -2.00 -34.20
C PRO O 180 63.43 -2.26 -35.63
N ASN O 181 63.95 -3.45 -35.93
CA ASN O 181 64.40 -3.81 -37.27
C ASN O 181 63.32 -4.51 -38.09
N ALA O 182 62.08 -4.56 -37.58
CA ALA O 182 60.98 -5.18 -38.30
C ALA O 182 60.68 -4.34 -39.54
N LYS O 183 61.09 -4.85 -40.70
CA LYS O 183 61.07 -4.09 -41.95
C LYS O 183 59.96 -4.59 -42.86
N ALA O 184 59.16 -3.66 -43.37
CA ALA O 184 58.17 -3.99 -44.39
C ALA O 184 58.87 -4.27 -45.72
N HIS O 185 58.18 -5.01 -46.60
CA HIS O 185 58.73 -5.26 -47.93
C HIS O 185 58.72 -4.01 -48.79
N CYS O 186 57.92 -3.01 -48.44
CA CYS O 186 57.98 -1.72 -49.14
C CYS O 186 59.32 -1.04 -48.91
N GLY O 187 59.86 -1.12 -47.70
CA GLY O 187 61.15 -0.54 -47.40
C GLY O 187 61.25 0.11 -46.04
N ALA O 188 60.12 0.35 -45.40
CA ALA O 188 60.12 1.00 -44.09
C ALA O 188 60.67 0.06 -43.02
N THR O 189 61.62 0.54 -42.23
CA THR O 189 62.32 -0.23 -41.22
C THR O 189 62.15 0.40 -39.83
N ALA O 190 60.95 0.88 -39.55
CA ALA O 190 60.51 1.56 -38.32
C ALA O 190 61.14 2.94 -38.15
N LEU O 191 62.02 3.37 -39.06
CA LEU O 191 62.55 4.71 -39.06
C LEU O 191 62.22 5.48 -40.33
N HIS O 192 61.98 4.77 -41.44
CA HIS O 192 61.56 5.44 -42.66
C HIS O 192 60.19 6.10 -42.50
N PHE O 193 59.28 5.42 -41.79
CA PHE O 193 57.96 6.00 -41.52
C PHE O 193 58.01 7.13 -40.51
N ALA O 194 59.10 7.28 -39.77
CA ALA O 194 59.28 8.41 -38.87
C ALA O 194 59.94 9.60 -39.57
N ALA O 195 60.50 9.40 -40.75
CA ALA O 195 61.19 10.47 -41.48
C ALA O 195 60.27 11.16 -42.48
N GLU O 196 59.11 11.62 -42.01
CA GLU O 196 58.22 12.43 -42.84
C GLU O 196 57.77 13.71 -42.14
N ALA O 197 57.52 13.66 -40.83
CA ALA O 197 57.01 14.80 -40.09
C ALA O 197 58.01 15.31 -39.06
N GLY O 198 59.28 14.92 -39.17
CA GLY O 198 60.29 15.37 -38.24
C GLY O 198 60.10 14.88 -36.82
N HIS O 199 59.83 13.58 -36.66
CA HIS O 199 59.64 12.98 -35.34
C HIS O 199 61.00 12.90 -34.66
N ILE O 200 61.42 14.03 -34.08
CA ILE O 200 62.71 14.12 -33.42
C ILE O 200 62.75 13.23 -32.18
N ASP O 201 61.64 13.15 -31.45
CA ASP O 201 61.59 12.35 -30.23
C ASP O 201 61.48 10.86 -30.52
N ILE O 202 60.82 10.48 -31.60
CA ILE O 202 60.68 9.05 -31.94
C ILE O 202 62.03 8.47 -32.34
N VAL O 203 62.75 9.16 -33.23
CA VAL O 203 64.04 8.67 -33.69
C VAL O 203 65.07 8.69 -32.56
N LYS O 204 64.96 9.67 -31.64
CA LYS O 204 65.80 9.69 -30.45
C LYS O 204 65.69 8.40 -29.66
N GLU O 205 64.48 7.83 -29.58
CA GLU O 205 64.31 6.56 -28.91
C GLU O 205 64.97 5.43 -29.69
N LEU O 206 64.84 5.44 -31.02
CA LEU O 206 65.37 4.34 -31.82
C LEU O 206 66.88 4.40 -31.96
N ILE O 207 67.47 5.61 -31.97
CA ILE O 207 68.92 5.72 -31.96
C ILE O 207 69.50 5.13 -30.69
N LYS O 208 68.84 5.40 -29.55
CA LYS O 208 69.21 4.74 -28.31
C LYS O 208 68.96 3.25 -28.38
N TRP O 209 67.86 2.84 -29.02
CA TRP O 209 67.45 1.44 -29.06
C TRP O 209 68.05 0.68 -30.25
N ARG O 210 69.17 1.16 -30.80
CA ARG O 210 69.91 0.48 -31.86
C ARG O 210 69.03 0.26 -33.09
N ALA O 211 68.70 1.39 -33.73
CA ALA O 211 67.76 1.38 -34.86
C ALA O 211 68.23 0.52 -36.03
N ALA O 212 69.54 0.25 -36.12
CA ALA O 212 70.12 -0.66 -37.12
C ALA O 212 69.80 -0.19 -38.54
N ILE O 213 70.41 0.95 -38.88
CA ILE O 213 70.24 1.64 -40.15
C ILE O 213 70.39 0.69 -41.34
N VAL O 214 69.38 0.67 -42.21
CA VAL O 214 69.34 -0.24 -43.35
C VAL O 214 68.46 0.39 -44.43
N VAL O 215 68.88 0.23 -45.69
CA VAL O 215 68.23 0.88 -46.82
C VAL O 215 66.82 0.33 -47.04
N ASN O 216 66.02 1.05 -47.81
CA ASN O 216 64.65 0.65 -48.10
C ASN O 216 64.64 -0.28 -49.31
N GLY O 217 63.45 -0.51 -49.87
CA GLY O 217 63.34 -1.34 -51.06
C GLY O 217 64.01 -0.73 -52.27
N HIS O 218 64.00 0.61 -52.37
CA HIS O 218 64.66 1.29 -53.48
C HIS O 218 66.15 1.49 -53.25
N GLY O 219 66.67 1.12 -52.08
CA GLY O 219 68.08 1.27 -51.78
C GLY O 219 68.47 2.56 -51.11
N MET O 220 67.53 3.49 -50.89
CA MET O 220 67.83 4.74 -50.21
C MET O 220 68.03 4.49 -48.72
N THR O 221 69.11 5.05 -48.18
CA THR O 221 69.38 4.90 -46.76
C THR O 221 68.38 5.71 -45.94
N PRO O 222 68.14 5.33 -44.68
CA PRO O 222 67.32 6.18 -43.80
C PRO O 222 67.88 7.56 -43.61
N LEU O 223 69.21 7.72 -43.66
CA LEU O 223 69.82 9.04 -43.68
C LEU O 223 69.39 9.82 -44.92
N LYS O 224 69.34 9.14 -46.07
CA LYS O 224 68.83 9.77 -47.28
C LYS O 224 67.33 10.00 -47.19
N VAL O 225 66.60 9.06 -46.57
CA VAL O 225 65.16 9.20 -46.40
C VAL O 225 64.85 10.34 -45.44
N ALA O 226 65.68 10.51 -44.40
CA ALA O 226 65.54 11.67 -43.53
C ALA O 226 65.79 12.97 -44.30
N ALA O 227 66.73 12.94 -45.24
CA ALA O 227 66.95 14.09 -46.11
C ALA O 227 65.87 14.22 -47.17
N GLU O 228 65.09 13.16 -47.41
CA GLU O 228 64.02 13.21 -48.41
C GLU O 228 62.84 14.05 -47.94
N SER O 229 62.66 14.22 -46.63
CA SER O 229 61.59 15.04 -46.09
C SER O 229 62.09 16.37 -45.54
N CYS O 230 63.37 16.70 -45.77
CA CYS O 230 64.00 17.92 -45.24
C CYS O 230 63.87 18.02 -43.73
N LYS O 231 64.02 16.88 -43.05
CA LYS O 231 63.95 16.82 -41.59
C LYS O 231 65.38 16.71 -41.07
N ALA O 232 66.04 17.86 -40.96
CA ALA O 232 67.44 17.89 -40.54
C ALA O 232 67.62 17.57 -39.07
N ASP O 233 66.54 17.58 -38.28
CA ASP O 233 66.64 17.20 -36.87
C ASP O 233 67.03 15.74 -36.72
N VAL O 234 66.48 14.86 -37.56
CA VAL O 234 66.81 13.45 -37.50
C VAL O 234 67.94 13.06 -38.45
N VAL O 235 68.36 13.97 -39.34
CA VAL O 235 69.55 13.73 -40.15
C VAL O 235 70.79 13.68 -39.26
N GLU O 236 70.89 14.60 -38.31
CA GLU O 236 72.00 14.59 -37.36
C GLU O 236 71.95 13.34 -36.48
N LEU O 237 70.76 12.82 -36.18
CA LEU O 237 70.65 11.61 -35.37
C LEU O 237 71.24 10.40 -36.09
N LEU O 238 70.92 10.24 -37.38
CA LEU O 238 71.40 9.09 -38.13
C LEU O 238 72.86 9.22 -38.51
N LEU O 239 73.34 10.46 -38.65
CA LEU O 239 74.72 10.67 -39.09
C LEU O 239 75.73 10.25 -38.03
N SER O 240 75.45 10.56 -36.77
CA SER O 240 76.34 10.24 -35.66
C SER O 240 76.00 8.92 -35.00
N HIS O 241 75.02 8.17 -35.52
CA HIS O 241 74.63 6.90 -34.94
C HIS O 241 75.47 5.77 -35.53
N ALA O 242 76.05 4.95 -34.64
CA ALA O 242 76.88 3.79 -35.00
C ALA O 242 78.03 4.26 -35.86
N ASP O 243 78.23 3.73 -37.07
CA ASP O 243 79.33 4.17 -37.91
C ASP O 243 79.05 5.56 -38.49
N CYS O 244 80.09 6.39 -38.55
CA CYS O 244 79.95 7.71 -39.14
C CYS O 244 79.66 7.62 -40.63
N ASP O 245 80.36 6.73 -41.34
CA ASP O 245 80.18 6.46 -42.76
C ASP O 245 80.33 7.75 -43.59
N ARG O 246 81.59 8.22 -43.60
CA ARG O 246 81.92 9.53 -44.18
C ARG O 246 81.56 9.62 -45.66
N ARG O 247 81.48 8.48 -46.36
CA ARG O 247 81.11 8.50 -47.77
C ARG O 247 79.69 9.04 -47.97
N SER O 248 78.75 8.57 -47.14
CA SER O 248 77.39 9.09 -47.19
C SER O 248 77.19 10.32 -46.33
N ARG O 249 78.15 10.65 -45.47
CA ARG O 249 78.05 11.86 -44.66
C ARG O 249 78.10 13.11 -45.53
N ILE O 250 78.98 13.12 -46.53
CA ILE O 250 79.11 14.29 -47.41
C ILE O 250 77.89 14.42 -48.30
N GLU O 251 77.42 13.32 -48.89
CA GLU O 251 76.29 13.38 -49.82
C GLU O 251 74.95 13.50 -49.11
N ALA O 252 74.90 13.28 -47.80
CA ALA O 252 73.67 13.53 -47.05
C ALA O 252 73.33 15.02 -47.06
N LEU O 253 74.33 15.88 -46.89
CA LEU O 253 74.11 17.32 -46.95
C LEU O 253 73.78 17.76 -48.38
N GLU O 254 74.35 17.09 -49.38
CA GLU O 254 74.01 17.38 -50.76
C GLU O 254 72.54 17.06 -51.04
N LEU O 255 72.07 15.92 -50.53
CA LEU O 255 70.68 15.53 -50.75
C LEU O 255 69.72 16.35 -49.91
N LEU O 256 70.12 16.69 -48.68
CA LEU O 256 69.26 17.47 -47.79
C LEU O 256 69.00 18.86 -48.34
N GLY O 257 70.05 19.52 -48.84
CA GLY O 257 69.89 20.82 -49.45
C GLY O 257 69.34 20.80 -50.86
N ALA O 258 69.30 19.62 -51.49
CA ALA O 258 68.80 19.52 -52.86
C ALA O 258 67.34 19.91 -52.95
N SER O 259 66.52 19.46 -52.01
CA SER O 259 65.11 19.80 -52.03
C SER O 259 64.86 21.23 -51.57
N PHE O 260 65.75 21.79 -50.73
CA PHE O 260 65.51 23.10 -50.14
C PHE O 260 65.43 24.21 -51.18
N ALA O 261 65.93 23.98 -52.40
CA ALA O 261 65.72 24.90 -53.50
C ALA O 261 64.57 24.50 -54.41
N ASN O 262 64.13 23.24 -54.38
CA ASN O 262 63.17 22.74 -55.34
C ASN O 262 62.09 21.89 -54.66
N ASP O 263 61.57 22.38 -53.54
CA ASP O 263 60.44 21.71 -52.89
C ASP O 263 59.41 22.76 -52.46
N ARG O 264 58.14 22.42 -52.68
CA ARG O 264 57.05 23.32 -52.27
C ARG O 264 57.00 23.47 -50.75
N GLU O 265 57.14 22.36 -50.03
CA GLU O 265 57.05 22.42 -48.57
C GLU O 265 58.30 23.04 -47.95
N ASN O 266 59.45 22.93 -48.61
CA ASN O 266 60.71 23.44 -48.09
C ASN O 266 61.41 24.21 -49.21
N TYR O 267 61.30 25.54 -49.18
CA TYR O 267 61.89 26.42 -50.17
C TYR O 267 62.83 27.39 -49.46
N ASP O 268 64.07 26.97 -49.26
CA ASP O 268 65.11 27.80 -48.64
C ASP O 268 66.33 27.76 -49.56
N ILE O 269 66.49 28.80 -50.38
CA ILE O 269 67.53 28.79 -51.40
C ILE O 269 68.92 28.90 -50.76
N ILE O 270 69.05 29.67 -49.69
CA ILE O 270 70.34 29.84 -49.04
C ILE O 270 70.77 28.57 -48.32
N LYS O 271 69.80 27.79 -47.81
CA LYS O 271 70.14 26.52 -47.16
C LYS O 271 70.61 25.49 -48.17
N THR O 272 70.16 25.60 -49.42
CA THR O 272 70.67 24.73 -50.48
C THR O 272 72.15 24.96 -50.73
N TYR O 273 72.55 26.23 -50.78
CA TYR O 273 73.97 26.57 -50.86
C TYR O 273 74.75 26.08 -49.65
N HIS O 274 74.25 26.36 -48.45
CA HIS O 274 75.05 26.15 -47.25
C HIS O 274 75.20 24.66 -46.94
N TYR O 275 74.20 23.85 -47.31
CA TYR O 275 74.34 22.42 -47.15
C TYR O 275 75.34 21.84 -48.14
N LEU O 276 75.35 22.35 -49.38
CA LEU O 276 76.40 21.98 -50.31
C LEU O 276 77.76 22.50 -49.83
N TYR O 277 77.77 23.67 -49.17
CA TYR O 277 79.00 24.19 -48.62
C TYR O 277 79.55 23.28 -47.52
N LEU O 278 78.66 22.74 -46.68
CA LEU O 278 79.08 21.74 -45.69
C LEU O 278 79.63 20.49 -46.35
N ALA O 279 79.00 20.07 -47.46
CA ALA O 279 79.54 18.95 -48.22
C ALA O 279 80.90 19.28 -48.82
N MET O 280 81.04 20.47 -49.38
CA MET O 280 82.32 20.86 -49.96
C MET O 280 83.37 21.16 -48.90
N LEU O 281 82.93 21.53 -47.69
CA LEU O 281 83.88 21.75 -46.61
C LEU O 281 84.56 20.45 -46.20
N GLU O 282 83.76 19.40 -45.97
CA GLU O 282 84.32 18.11 -45.58
C GLU O 282 84.96 17.38 -46.76
N ARG O 283 84.65 17.79 -48.00
CA ARG O 283 85.20 17.09 -49.16
C ARG O 283 86.69 17.36 -49.34
N PHE O 284 87.14 18.58 -49.02
CA PHE O 284 88.52 18.98 -49.28
C PHE O 284 89.24 19.47 -48.03
N GLN O 285 88.71 19.19 -46.84
CA GLN O 285 89.36 19.64 -45.61
C GLN O 285 90.60 18.80 -45.29
N ASP O 286 90.62 17.54 -45.70
CA ASP O 286 91.72 16.65 -45.33
C ASP O 286 93.00 16.98 -46.08
N GLY O 287 92.89 17.50 -47.29
CA GLY O 287 94.08 17.75 -48.09
C GLY O 287 94.43 16.57 -48.97
N ASP O 288 95.36 15.74 -48.51
CA ASP O 288 95.72 14.52 -49.23
C ASP O 288 94.57 13.52 -49.18
N ASN O 289 94.74 12.43 -49.93
CA ASN O 289 93.70 11.43 -50.25
C ASN O 289 92.35 12.09 -50.49
N ILE O 290 92.35 13.06 -51.41
CA ILE O 290 91.19 13.91 -51.62
C ILE O 290 90.10 13.11 -52.36
N LEU O 291 88.86 13.60 -52.22
CA LEU O 291 87.70 13.01 -52.86
C LEU O 291 87.05 14.05 -53.77
N GLU O 292 86.57 13.60 -54.92
CA GLU O 292 85.90 14.47 -55.89
C GLU O 292 84.60 13.84 -56.33
N LYS O 293 83.65 14.70 -56.72
CA LYS O 293 82.36 14.23 -57.20
C LYS O 293 82.52 13.47 -58.51
N GLU O 294 81.68 12.45 -58.70
CA GLU O 294 81.67 11.72 -59.96
C GLU O 294 81.16 12.62 -61.08
N VAL O 295 81.84 12.55 -62.23
CA VAL O 295 81.60 13.49 -63.32
C VAL O 295 80.54 12.87 -64.22
N LEU O 296 79.27 13.14 -63.89
CA LEU O 296 78.19 12.78 -64.80
C LEU O 296 78.21 13.69 -66.02
N PRO O 297 77.74 13.20 -67.16
CA PRO O 297 77.57 14.09 -68.32
C PRO O 297 76.50 15.12 -68.03
N PRO O 298 76.62 16.33 -68.60
CA PRO O 298 75.61 17.36 -68.38
C PRO O 298 74.26 16.95 -68.94
N ILE O 299 73.20 17.29 -68.21
CA ILE O 299 71.83 16.97 -68.60
C ILE O 299 71.20 18.24 -69.17
N HIS O 300 70.62 18.12 -70.36
CA HIS O 300 70.10 19.29 -71.06
C HIS O 300 68.93 19.93 -70.31
N ALA O 301 68.20 19.15 -69.52
CA ALA O 301 67.13 19.72 -68.71
C ALA O 301 67.68 20.67 -67.66
N TYR O 302 68.77 20.30 -66.99
CA TYR O 302 69.40 21.16 -66.00
C TYR O 302 70.52 22.00 -66.62
N GLY O 303 70.20 22.70 -67.71
CA GLY O 303 71.21 23.50 -68.38
C GLY O 303 72.30 22.63 -68.98
N ASN O 304 73.55 22.94 -68.65
CA ASN O 304 74.69 22.11 -69.06
C ASN O 304 75.72 22.01 -67.93
N ARG O 305 75.26 22.04 -66.68
CA ARG O 305 76.18 22.05 -65.55
C ARG O 305 76.83 20.69 -65.35
N THR O 306 78.00 20.72 -64.72
CA THR O 306 78.78 19.52 -64.40
C THR O 306 79.01 19.41 -62.90
N GLU O 307 77.94 19.66 -62.13
CA GLU O 307 77.93 19.66 -60.66
C GLU O 307 78.90 20.71 -60.09
N CYS O 308 79.12 20.66 -58.79
CA CYS O 308 80.00 21.59 -58.09
C CYS O 308 81.12 20.78 -57.45
N ARG O 309 82.18 20.54 -58.22
CA ARG O 309 83.33 19.77 -57.75
C ARG O 309 84.37 20.63 -57.03
N ASN O 310 84.12 21.93 -56.90
CA ASN O 310 84.99 22.83 -56.17
C ASN O 310 84.14 23.83 -55.40
N PRO O 311 84.62 24.30 -54.25
CA PRO O 311 83.89 25.37 -53.53
C PRO O 311 83.90 26.69 -54.27
N GLN O 312 84.86 26.92 -55.17
CA GLN O 312 84.93 28.20 -55.87
C GLN O 312 83.78 28.35 -56.86
N GLU O 313 83.52 27.32 -57.66
CA GLU O 313 82.37 27.38 -58.56
C GLU O 313 81.06 27.34 -57.80
N LEU O 314 81.03 26.67 -56.65
CA LEU O 314 79.85 26.72 -55.79
C LEU O 314 79.66 28.13 -55.21
N GLU O 315 80.77 28.79 -54.88
CA GLU O 315 80.70 30.18 -54.42
C GLU O 315 80.13 31.11 -55.47
N SER O 316 80.41 30.86 -56.75
CA SER O 316 79.94 31.75 -57.80
C SER O 316 78.44 31.62 -58.02
N ILE O 317 77.87 30.44 -57.78
CA ILE O 317 76.45 30.21 -58.03
C ILE O 317 75.66 30.39 -56.73
N ARG O 318 76.31 30.95 -55.71
CA ARG O 318 75.61 31.22 -54.45
C ARG O 318 74.52 32.27 -54.63
N GLN O 319 74.80 33.32 -55.41
CA GLN O 319 73.83 34.37 -55.67
C GLN O 319 72.86 34.01 -56.79
N ASP O 320 73.05 32.89 -57.46
CA ASP O 320 72.22 32.51 -58.61
C ASP O 320 71.06 31.65 -58.15
N ARG O 321 69.84 32.11 -58.41
CA ARG O 321 68.67 31.32 -58.08
C ARG O 321 68.50 30.14 -59.03
N ASP O 322 68.69 30.39 -60.33
CA ASP O 322 68.47 29.33 -61.32
C ASP O 322 69.52 28.24 -61.23
N ALA O 323 70.79 28.62 -61.04
CA ALA O 323 71.86 27.64 -61.00
C ALA O 323 71.73 26.73 -59.78
N LEU O 324 71.37 27.29 -58.62
CA LEU O 324 71.18 26.47 -57.44
C LEU O 324 69.99 25.54 -57.58
N HIS O 325 68.95 25.96 -58.32
CA HIS O 325 67.86 25.05 -58.65
C HIS O 325 68.35 23.91 -59.52
N MET O 326 69.21 24.22 -60.51
CA MET O 326 69.73 23.17 -61.38
C MET O 326 70.77 22.31 -60.67
N GLU O 327 71.64 22.95 -59.87
CA GLU O 327 72.66 22.20 -59.15
C GLU O 327 72.06 21.25 -58.12
N GLY O 328 71.04 21.73 -57.39
CA GLY O 328 70.36 20.86 -56.44
C GLY O 328 69.61 19.73 -57.10
N LEU O 329 69.01 20.00 -58.27
CA LEU O 329 68.30 18.95 -58.99
C LEU O 329 69.28 17.93 -59.58
N ILE O 330 70.48 18.37 -59.96
CA ILE O 330 71.46 17.45 -60.51
C ILE O 330 71.96 16.49 -59.43
N VAL O 331 72.32 17.02 -58.26
CA VAL O 331 72.88 16.18 -57.21
C VAL O 331 71.80 15.26 -56.62
N ARG O 332 70.54 15.71 -56.59
CA ARG O 332 69.46 14.83 -56.18
C ARG O 332 69.27 13.70 -57.17
N GLU O 333 69.37 14.00 -58.47
CA GLU O 333 69.35 12.96 -59.49
C GLU O 333 70.57 12.06 -59.37
N ARG O 334 71.73 12.65 -59.07
CA ARG O 334 72.97 11.88 -58.95
C ARG O 334 72.93 10.94 -57.74
N ILE O 335 72.38 11.41 -56.62
CA ILE O 335 72.41 10.61 -55.39
C ILE O 335 71.28 9.58 -55.41
N LEU O 336 70.06 10.01 -55.67
CA LEU O 336 68.92 9.11 -55.64
C LEU O 336 68.84 8.20 -56.86
N GLY O 337 69.66 8.44 -57.88
CA GLY O 337 69.61 7.62 -59.07
C GLY O 337 68.38 7.91 -59.91
N ALA O 338 67.91 6.88 -60.61
CA ALA O 338 66.78 7.00 -61.53
C ALA O 338 65.83 5.83 -61.33
N ASP O 339 65.54 5.49 -60.07
CA ASP O 339 64.70 4.34 -59.79
C ASP O 339 63.73 4.58 -58.64
N ASN O 340 63.41 5.84 -58.32
CA ASN O 340 62.50 6.13 -57.21
C ASN O 340 61.62 7.31 -57.57
N ILE O 341 60.46 7.37 -56.91
CA ILE O 341 59.51 8.46 -57.13
C ILE O 341 59.92 9.72 -56.37
N ASP O 342 60.81 9.61 -55.40
CA ASP O 342 61.15 10.76 -54.56
C ASP O 342 61.95 11.82 -55.32
N VAL O 343 62.76 11.40 -56.29
CA VAL O 343 63.56 12.36 -57.04
C VAL O 343 62.72 13.10 -58.09
N SER O 344 61.62 12.53 -58.55
CA SER O 344 60.83 13.14 -59.60
C SER O 344 59.98 14.31 -59.10
N HIS O 345 59.54 14.25 -57.84
CA HIS O 345 58.69 15.32 -57.30
C HIS O 345 59.35 16.70 -57.31
N PRO O 346 60.63 16.88 -56.93
CA PRO O 346 61.23 18.21 -57.11
C PRO O 346 61.30 18.66 -58.57
N ILE O 347 61.46 17.73 -59.51
CA ILE O 347 61.51 18.09 -60.92
C ILE O 347 60.15 18.58 -61.40
N ILE O 348 59.07 17.93 -60.96
CA ILE O 348 57.73 18.36 -61.34
C ILE O 348 57.41 19.72 -60.74
N TYR O 349 57.75 19.93 -59.47
CA TYR O 349 57.46 21.21 -58.83
C TYR O 349 58.27 22.35 -59.43
N ARG O 350 59.55 22.11 -59.73
CA ARG O 350 60.37 23.15 -60.34
C ARG O 350 59.92 23.47 -61.76
N GLY O 351 59.44 22.47 -62.50
CA GLY O 351 58.81 22.75 -63.79
C GLY O 351 57.53 23.55 -63.64
N ALA O 352 56.77 23.30 -62.57
CA ALA O 352 55.55 24.06 -62.32
C ALA O 352 55.86 25.52 -61.99
N VAL O 353 56.93 25.76 -61.23
CA VAL O 353 57.32 27.13 -60.91
C VAL O 353 57.76 27.87 -62.16
N TYR O 354 58.56 27.22 -63.01
CA TYR O 354 59.01 27.86 -64.24
C TYR O 354 57.86 28.09 -65.21
N ALA O 355 56.90 27.16 -65.25
CA ALA O 355 55.68 27.39 -66.02
C ALA O 355 54.87 28.54 -65.43
N ASP O 356 54.82 28.63 -64.09
CA ASP O 356 54.15 29.75 -63.45
C ASP O 356 54.90 31.06 -63.70
N ASN O 357 56.22 31.01 -63.85
CA ASN O 357 57.04 32.17 -64.14
C ASN O 357 57.21 32.39 -65.64
N MET O 358 56.39 31.76 -66.47
CA MET O 358 56.36 31.91 -67.92
C MET O 358 57.68 31.53 -68.59
N GLU O 359 58.50 30.71 -67.93
CA GLU O 359 59.73 30.20 -68.54
C GLU O 359 59.41 28.87 -69.24
N PHE O 360 58.67 29.01 -70.35
CA PHE O 360 58.15 27.83 -71.05
C PHE O 360 59.23 27.08 -71.80
N GLU O 361 60.38 27.70 -72.06
CA GLU O 361 61.49 26.97 -72.68
C GLU O 361 62.10 25.99 -71.69
N GLN O 362 62.14 26.34 -70.41
CA GLN O 362 62.78 25.49 -69.40
C GLN O 362 61.81 24.55 -68.70
N CYS O 363 60.56 24.99 -68.50
CA CYS O 363 59.58 24.13 -67.83
C CYS O 363 59.24 22.90 -68.67
N ILE O 364 59.32 23.02 -70.00
CA ILE O 364 59.10 21.88 -70.87
C ILE O 364 60.24 20.86 -70.71
N LYS O 365 61.48 21.35 -70.73
CA LYS O 365 62.64 20.46 -70.65
C LYS O 365 62.70 19.76 -69.30
N LEU O 366 62.38 20.48 -68.22
CA LEU O 366 62.34 19.85 -66.90
C LEU O 366 61.22 18.81 -66.83
N TRP O 367 60.04 19.13 -67.37
CA TRP O 367 58.96 18.16 -67.39
C TRP O 367 59.26 17.01 -68.34
N LEU O 368 59.92 17.28 -69.46
CA LEU O 368 60.29 16.20 -70.38
C LEU O 368 61.26 15.22 -69.73
N HIS O 369 62.23 15.72 -68.97
CA HIS O 369 63.07 14.86 -68.16
C HIS O 369 62.24 14.17 -67.07
N ALA O 370 61.30 14.89 -66.47
CA ALA O 370 60.42 14.31 -65.47
C ALA O 370 59.51 13.26 -66.08
N LEU O 371 58.92 13.56 -67.24
CA LEU O 371 58.01 12.61 -67.89
C LEU O 371 58.75 11.39 -68.39
N HIS O 372 60.02 11.57 -68.78
CA HIS O 372 60.86 10.43 -69.11
C HIS O 372 61.04 9.53 -67.90
N LEU O 373 61.47 10.12 -66.77
CA LEU O 373 61.80 9.32 -65.60
C LEU O 373 60.55 8.76 -64.92
N ARG O 374 59.42 9.45 -65.06
CA ARG O 374 58.18 8.97 -64.48
C ARG O 374 57.75 7.67 -65.15
N GLN O 375 57.94 7.56 -66.46
CA GLN O 375 57.60 6.33 -67.19
C GLN O 375 58.72 5.30 -67.15
N LYS O 376 59.95 5.68 -66.77
CA LYS O 376 61.00 4.68 -66.60
C LYS O 376 60.66 3.74 -65.44
N GLY O 377 60.08 4.28 -64.37
CA GLY O 377 59.62 3.45 -63.27
C GLY O 377 58.35 2.68 -63.54
N ASN O 378 57.63 3.03 -64.60
CA ASN O 378 56.39 2.39 -65.03
C ASN O 378 55.33 2.48 -63.93
N ARG O 379 54.96 3.72 -63.64
CA ARG O 379 53.89 4.05 -62.71
C ARG O 379 52.78 4.79 -63.45
N ASN O 380 51.79 5.26 -62.69
CA ASN O 380 50.67 6.01 -63.26
C ASN O 380 51.08 7.46 -63.44
N THR O 381 51.32 7.85 -64.70
CA THR O 381 51.77 9.20 -65.03
C THR O 381 50.70 9.99 -65.76
N HIS O 382 49.43 9.70 -65.49
CA HIS O 382 48.34 10.38 -66.19
C HIS O 382 48.27 11.86 -65.81
N LYS O 383 48.55 12.19 -64.55
CA LYS O 383 48.54 13.59 -64.14
C LYS O 383 49.68 14.37 -64.79
N ASP O 384 50.86 13.75 -64.87
CA ASP O 384 51.99 14.42 -65.52
C ASP O 384 51.75 14.65 -67.00
N LEU O 385 51.15 13.66 -67.68
CA LEU O 385 50.77 13.85 -69.07
C LEU O 385 49.65 14.88 -69.21
N LEU O 386 48.78 14.97 -68.19
CA LEU O 386 47.74 16.00 -68.20
C LEU O 386 48.34 17.40 -68.11
N ARG O 387 49.40 17.56 -67.32
CA ARG O 387 50.04 18.86 -67.16
C ARG O 387 50.73 19.31 -68.45
N PHE O 388 51.12 18.37 -69.31
CA PHE O 388 51.63 18.73 -70.62
C PHE O 388 50.54 19.39 -71.48
N ALA O 389 49.30 18.92 -71.34
CA ALA O 389 48.19 19.52 -72.08
C ALA O 389 47.90 20.94 -71.58
N GLN O 390 48.13 21.20 -70.30
CA GLN O 390 47.87 22.54 -69.76
C GLN O 390 48.88 23.54 -70.30
N VAL O 391 50.17 23.20 -70.27
CA VAL O 391 51.21 24.12 -70.70
C VAL O 391 51.17 24.31 -72.21
N PHE O 392 50.82 23.26 -72.96
CA PHE O 392 50.67 23.40 -74.41
C PHE O 392 49.48 24.27 -74.76
N SER O 393 48.37 24.12 -74.04
CA SER O 393 47.25 25.04 -74.20
C SER O 393 47.62 26.45 -73.77
N GLN O 394 48.38 26.56 -72.68
CA GLN O 394 48.89 27.86 -72.26
C GLN O 394 49.87 28.43 -73.28
N MET O 395 50.63 27.57 -73.96
CA MET O 395 51.48 28.02 -75.05
C MET O 395 50.65 28.59 -76.19
N ILE O 396 49.54 27.93 -76.52
CA ILE O 396 48.62 28.47 -77.53
C ILE O 396 47.92 29.72 -77.01
N HIS O 397 47.59 29.73 -75.71
CA HIS O 397 46.91 30.87 -75.13
C HIS O 397 47.79 32.12 -75.13
N LEU O 398 49.09 31.96 -74.94
CA LEU O 398 50.04 33.06 -74.97
C LEU O 398 50.72 33.22 -76.33
N ASN O 399 50.00 32.87 -77.41
CA ASN O 399 50.41 32.94 -78.80
C ASN O 399 51.85 32.50 -79.06
N GLU O 400 52.26 31.42 -78.41
CA GLU O 400 53.59 30.86 -78.59
C GLU O 400 53.50 29.50 -79.26
N THR O 401 54.38 29.26 -80.23
CA THR O 401 54.38 27.98 -80.93
C THR O 401 54.87 26.86 -80.00
N VAL O 402 54.41 25.65 -80.27
CA VAL O 402 54.80 24.46 -79.52
C VAL O 402 55.84 23.72 -80.35
N LYS O 403 56.95 23.35 -79.72
CA LYS O 403 58.04 22.70 -80.44
C LYS O 403 57.63 21.31 -80.88
N ALA O 404 57.82 21.03 -82.17
CA ALA O 404 57.44 19.73 -82.73
C ALA O 404 58.24 18.55 -82.16
N PRO O 405 59.59 18.60 -82.04
CA PRO O 405 60.27 17.47 -81.39
C PRO O 405 59.89 17.28 -79.93
N ASP O 406 59.59 18.36 -79.22
CA ASP O 406 59.20 18.23 -77.82
C ASP O 406 57.80 17.65 -77.68
N ILE O 407 56.86 18.08 -78.53
CA ILE O 407 55.52 17.51 -78.49
C ILE O 407 55.50 16.10 -79.07
N GLU O 408 56.50 15.74 -79.88
CA GLU O 408 56.60 14.36 -80.34
C GLU O 408 57.00 13.42 -79.20
N CYS O 409 57.84 13.90 -78.28
CA CYS O 409 58.29 13.06 -77.18
C CYS O 409 57.15 12.75 -76.22
N VAL O 410 56.33 13.74 -75.88
CA VAL O 410 55.18 13.49 -75.01
C VAL O 410 54.15 12.64 -75.74
N LEU O 411 54.07 12.75 -77.07
CA LEU O 411 53.18 11.88 -77.84
C LEU O 411 53.64 10.43 -77.76
N ARG O 412 54.94 10.20 -77.82
CA ARG O 412 55.47 8.83 -77.66
C ARG O 412 55.18 8.31 -76.27
N CYS O 413 55.34 9.16 -75.24
CA CYS O 413 55.11 8.71 -73.87
C CYS O 413 53.64 8.48 -73.59
N SER O 414 52.77 9.38 -74.07
CA SER O 414 51.34 9.25 -73.81
C SER O 414 50.75 8.01 -74.46
N VAL O 415 51.16 7.72 -75.70
CA VAL O 415 50.70 6.50 -76.37
C VAL O 415 51.19 5.27 -75.65
N LEU O 416 52.48 5.26 -75.27
CA LEU O 416 53.03 4.14 -74.53
C LEU O 416 52.42 4.01 -73.15
N GLU O 417 52.12 5.14 -72.49
CA GLU O 417 51.47 5.08 -71.19
C GLU O 417 50.04 4.57 -71.30
N ILE O 418 49.37 4.84 -72.43
CA ILE O 418 48.06 4.25 -72.68
C ILE O 418 48.17 2.73 -72.80
N GLU O 419 49.24 2.26 -73.44
CA GLU O 419 49.45 0.82 -73.60
C GLU O 419 49.62 0.12 -72.25
N GLN O 420 50.40 0.71 -71.35
CA GLN O 420 50.54 0.13 -70.02
C GLN O 420 49.34 0.43 -69.13
N SER O 421 48.54 1.45 -69.47
CA SER O 421 47.30 1.69 -68.73
C SER O 421 46.30 0.57 -68.95
N MET O 422 46.06 0.20 -70.21
CA MET O 422 45.16 -0.91 -70.50
C MET O 422 45.77 -2.24 -70.08
N ASN O 423 47.09 -2.33 -69.94
CA ASN O 423 47.70 -3.50 -69.31
C ASN O 423 47.29 -3.59 -67.84
N ARG O 424 47.32 -2.47 -67.14
CA ARG O 424 46.91 -2.46 -65.73
C ARG O 424 45.41 -2.51 -65.56
N VAL O 425 44.65 -1.97 -66.51
CA VAL O 425 43.18 -2.04 -66.44
C VAL O 425 42.71 -3.48 -66.60
N LYS O 426 43.27 -4.19 -67.58
CA LYS O 426 42.85 -5.57 -67.82
C LYS O 426 43.37 -6.51 -66.74
N ASN O 427 44.54 -6.23 -66.17
CA ASN O 427 45.10 -7.09 -65.14
C ASN O 427 44.27 -7.03 -63.86
N ILE O 428 43.81 -5.84 -63.47
CA ILE O 428 43.04 -5.68 -62.25
C ILE O 428 41.59 -6.05 -62.55
N SER O 429 41.11 -7.14 -61.94
CA SER O 429 39.75 -7.59 -62.15
C SER O 429 38.71 -6.61 -61.61
N ASP O 430 38.66 -6.44 -60.29
CA ASP O 430 37.65 -5.61 -59.65
C ASP O 430 38.17 -4.72 -58.53
N ALA O 431 39.39 -4.93 -58.02
CA ALA O 431 39.83 -4.24 -56.81
C ALA O 431 40.00 -2.74 -57.05
N ASP O 432 40.73 -2.38 -58.09
CA ASP O 432 41.01 -0.98 -58.41
C ASP O 432 40.89 -0.73 -59.90
N VAL O 433 39.84 -1.27 -60.52
CA VAL O 433 39.65 -1.13 -61.95
C VAL O 433 38.70 0.01 -62.32
N HIS O 434 37.83 0.44 -61.40
CA HIS O 434 36.89 1.53 -61.72
C HIS O 434 37.64 2.84 -61.92
N ASN O 435 38.59 3.16 -61.05
CA ASN O 435 39.39 4.37 -61.24
C ASN O 435 40.44 4.19 -62.33
N ALA O 436 40.97 2.98 -62.49
CA ALA O 436 41.94 2.71 -63.55
C ALA O 436 41.31 2.88 -64.92
N MET O 437 40.09 2.37 -65.10
CA MET O 437 39.38 2.59 -66.35
C MET O 437 39.02 4.06 -66.51
N ASP O 438 38.66 4.73 -65.41
CA ASP O 438 38.49 6.18 -65.45
C ASP O 438 39.79 6.88 -65.79
N ASN O 439 40.91 6.40 -65.23
CA ASN O 439 42.22 6.92 -65.63
C ASN O 439 42.54 6.54 -67.06
N TYR O 440 42.12 5.34 -67.49
CA TYR O 440 42.28 4.94 -68.88
C TYR O 440 41.48 5.86 -69.81
N GLU O 441 40.26 6.22 -69.40
CA GLU O 441 39.50 7.22 -70.14
C GLU O 441 40.16 8.59 -70.02
N CYS O 442 40.73 8.90 -68.85
CA CYS O 442 41.48 10.14 -68.68
C CYS O 442 42.72 10.16 -69.57
N ASN O 443 43.36 9.02 -69.76
CA ASN O 443 44.45 8.94 -70.74
C ASN O 443 43.95 9.20 -72.15
N LEU O 444 42.76 8.69 -72.47
CA LEU O 444 42.13 9.05 -73.74
C LEU O 444 41.71 10.51 -73.77
N TYR O 445 41.34 11.08 -72.62
CA TYR O 445 41.07 12.51 -72.56
C TYR O 445 42.33 13.32 -72.86
N THR O 446 43.45 12.94 -72.26
CA THR O 446 44.69 13.69 -72.43
C THR O 446 45.32 13.47 -73.79
N PHE O 447 45.17 12.27 -74.37
CA PHE O 447 45.75 12.01 -75.67
C PHE O 447 45.11 12.87 -76.76
N LEU O 448 43.80 13.07 -76.68
CA LEU O 448 43.11 13.92 -77.66
C LEU O 448 43.60 15.36 -77.59
N TYR O 449 43.94 15.84 -76.39
CA TYR O 449 44.50 17.18 -76.27
C TYR O 449 45.86 17.28 -76.95
N LEU O 450 46.68 16.23 -76.85
CA LEU O 450 47.97 16.22 -77.53
C LEU O 450 47.80 16.27 -79.04
N VAL O 451 46.82 15.53 -79.56
CA VAL O 451 46.50 15.63 -80.99
C VAL O 451 45.92 16.99 -81.31
N CYS O 452 45.14 17.56 -80.38
CA CYS O 452 44.52 18.86 -80.61
C CYS O 452 45.57 19.96 -80.75
N ILE O 453 46.60 19.95 -79.91
CA ILE O 453 47.67 20.94 -80.03
C ILE O 453 48.46 20.72 -81.32
N SER O 454 48.66 19.46 -81.70
CA SER O 454 49.38 19.16 -82.93
C SER O 454 48.63 19.66 -84.16
N THR O 455 47.30 19.55 -84.15
CA THR O 455 46.50 20.08 -85.24
C THR O 455 46.56 21.60 -85.29
N LYS O 456 46.52 22.25 -84.12
CA LYS O 456 46.54 23.71 -84.10
C LYS O 456 47.93 24.26 -84.44
N THR O 457 48.99 23.54 -84.09
CA THR O 457 50.34 24.00 -84.35
C THR O 457 50.81 23.52 -85.72
N GLN O 458 51.88 24.15 -86.20
CA GLN O 458 52.49 23.82 -87.48
C GLN O 458 53.82 23.12 -87.24
N CYS O 459 54.01 21.96 -87.88
CA CYS O 459 55.21 21.16 -87.73
C CYS O 459 55.75 20.80 -89.11
N SER O 460 57.00 20.36 -89.14
CA SER O 460 57.63 19.99 -90.39
C SER O 460 57.07 18.67 -90.91
N GLU O 461 57.53 18.28 -92.11
CA GLU O 461 57.00 17.08 -92.75
C GLU O 461 57.35 15.82 -91.97
N GLU O 462 58.61 15.70 -91.54
CA GLU O 462 58.99 14.52 -90.75
C GLU O 462 58.40 14.58 -89.35
N ASP O 463 58.22 15.78 -88.80
CA ASP O 463 57.59 15.89 -87.48
C ASP O 463 56.13 15.50 -87.52
N GLN O 464 55.41 15.96 -88.55
CA GLN O 464 54.00 15.55 -88.70
C GLN O 464 53.90 14.07 -89.03
N CYS O 465 54.87 13.53 -89.79
CA CYS O 465 54.93 12.09 -90.01
C CYS O 465 55.19 11.36 -88.70
N LYS O 466 56.07 11.89 -87.86
CA LYS O 466 56.29 11.31 -86.55
C LYS O 466 55.08 11.51 -85.64
N ILE O 467 54.36 12.62 -85.81
CA ILE O 467 53.14 12.84 -85.04
C ILE O 467 52.10 11.78 -85.40
N ASN O 468 51.91 11.53 -86.70
CA ASN O 468 50.99 10.49 -87.14
C ASN O 468 51.53 9.09 -86.89
N LYS O 469 52.85 8.95 -86.69
CA LYS O 469 53.42 7.65 -86.41
C LYS O 469 52.94 7.10 -85.07
N GLN O 470 52.86 7.96 -84.05
CA GLN O 470 52.43 7.49 -82.74
C GLN O 470 50.94 7.20 -82.70
N ILE O 471 50.13 8.04 -83.34
CA ILE O 471 48.70 7.81 -83.39
C ILE O 471 48.36 6.57 -84.20
N TYR O 472 49.14 6.30 -85.25
CA TYR O 472 48.95 5.06 -86.02
C TYR O 472 49.20 3.84 -85.16
N ASN O 473 50.18 3.90 -84.26
CA ASN O 473 50.42 2.81 -83.33
C ASN O 473 49.25 2.64 -82.37
N LEU O 474 48.69 3.75 -81.89
CA LEU O 474 47.53 3.64 -80.99
C LEU O 474 46.30 3.14 -81.74
N ILE O 475 46.12 3.57 -82.99
CA ILE O 475 45.03 3.06 -83.83
C ILE O 475 45.24 1.57 -84.08
N HIS O 476 46.51 1.14 -84.19
CA HIS O 476 46.80 -0.28 -84.35
C HIS O 476 46.33 -1.10 -83.15
N LEU O 477 46.44 -0.53 -81.95
CA LEU O 477 45.91 -1.20 -80.75
C LEU O 477 44.43 -0.93 -80.53
N ASP O 478 43.89 0.17 -81.08
CA ASP O 478 42.48 0.53 -81.04
C ASP O 478 41.94 0.58 -79.61
N PRO O 479 42.27 1.61 -78.83
CA PRO O 479 41.75 1.71 -77.46
C PRO O 479 40.24 1.93 -77.45
N ARG O 480 39.61 1.48 -76.36
CA ARG O 480 38.17 1.57 -76.20
C ARG O 480 37.84 2.14 -74.83
N THR O 481 36.66 2.74 -74.72
CA THR O 481 36.19 3.36 -73.50
C THR O 481 35.30 2.40 -72.72
N ARG O 482 34.81 2.87 -71.57
CA ARG O 482 33.87 2.08 -70.78
C ARG O 482 32.56 1.85 -71.52
N GLU O 483 32.07 2.87 -72.22
CA GLU O 483 30.85 2.77 -73.01
C GLU O 483 31.11 2.32 -74.44
N GLY O 484 32.35 1.93 -74.77
CA GLY O 484 32.65 1.46 -76.10
C GLY O 484 32.85 2.53 -77.14
N PHE O 485 33.04 3.79 -76.72
CA PHE O 485 33.23 4.88 -77.67
C PHE O 485 34.57 4.73 -78.38
N THR O 486 34.59 5.10 -79.66
CA THR O 486 35.81 5.07 -80.44
C THR O 486 36.63 6.33 -80.17
N LEU O 487 37.76 6.45 -80.87
CA LEU O 487 38.60 7.63 -80.72
C LEU O 487 37.98 8.85 -81.38
N LEU O 488 37.13 8.66 -82.38
CA LEU O 488 36.40 9.78 -82.98
C LEU O 488 35.24 10.24 -82.11
N HIS O 489 34.64 9.31 -81.35
CA HIS O 489 33.48 9.67 -80.53
C HIS O 489 33.84 10.60 -79.40
N LEU O 490 35.05 10.45 -78.84
CA LEU O 490 35.49 11.34 -77.77
C LEU O 490 35.77 12.75 -78.28
N ALA O 491 36.02 12.92 -79.57
CA ALA O 491 36.30 14.22 -80.15
C ALA O 491 35.08 14.90 -80.75
N VAL O 492 33.89 14.32 -80.59
CA VAL O 492 32.70 14.87 -81.23
C VAL O 492 31.61 15.13 -80.18
N ASN O 493 31.70 14.45 -79.05
CA ASN O 493 30.69 14.62 -78.00
C ASN O 493 30.98 15.86 -77.16
N SER O 494 29.91 16.53 -76.74
CA SER O 494 30.01 17.77 -75.99
C SER O 494 30.15 17.55 -74.48
N ASN O 495 30.12 16.30 -74.02
CA ASN O 495 30.24 15.99 -72.61
C ASN O 495 31.65 15.55 -72.22
N THR O 496 32.61 15.68 -73.13
CA THR O 496 34.00 15.34 -72.81
C THR O 496 34.56 16.38 -71.84
N PRO O 497 35.02 15.98 -70.66
CA PRO O 497 35.52 16.96 -69.69
C PRO O 497 36.82 17.60 -70.14
N VAL O 498 37.00 18.86 -69.76
CA VAL O 498 38.25 19.59 -69.98
C VAL O 498 38.66 20.22 -68.66
N ASP O 499 39.95 20.47 -68.52
CA ASP O 499 40.48 21.00 -67.27
C ASP O 499 40.12 22.47 -67.10
N ASP O 500 40.10 22.93 -65.85
CA ASP O 500 39.84 24.32 -65.54
C ASP O 500 40.99 25.25 -65.94
N PHE O 501 42.13 24.69 -66.33
CA PHE O 501 43.27 25.47 -66.78
C PHE O 501 43.10 25.93 -68.22
N HIS O 502 44.19 26.37 -68.84
CA HIS O 502 44.18 26.99 -70.16
C HIS O 502 43.67 26.07 -71.28
N THR O 503 43.34 24.82 -70.97
CA THR O 503 42.76 23.91 -71.95
C THR O 503 41.38 24.37 -72.42
N ASN O 504 40.70 25.23 -71.66
CA ASN O 504 39.42 25.77 -72.13
C ASN O 504 39.58 26.64 -73.36
N ASP O 505 40.77 27.18 -73.60
CA ASP O 505 40.98 28.11 -74.71
C ASP O 505 41.07 27.41 -76.05
N VAL O 506 41.70 26.23 -76.11
CA VAL O 506 42.04 25.64 -77.40
C VAL O 506 41.39 24.28 -77.59
N CYS O 507 41.09 23.58 -76.49
CA CYS O 507 40.50 22.25 -76.59
C CYS O 507 39.00 22.40 -76.74
N SER O 508 38.52 22.32 -77.97
CA SER O 508 37.11 22.46 -78.29
C SER O 508 36.61 21.17 -78.92
N PHE O 509 35.46 20.69 -78.45
CA PHE O 509 34.86 19.48 -78.98
C PHE O 509 33.36 19.71 -79.12
N PRO O 510 32.76 19.39 -80.27
CA PRO O 510 33.35 18.78 -81.48
C PRO O 510 34.20 19.74 -82.31
N ASN O 511 35.25 19.22 -82.93
CA ASN O 511 36.15 20.01 -83.77
C ASN O 511 36.36 19.29 -85.09
N ALA O 512 36.19 20.02 -86.20
CA ALA O 512 36.40 19.42 -87.51
C ALA O 512 37.87 19.14 -87.78
N LEU O 513 38.75 20.06 -87.38
CA LEU O 513 40.18 19.90 -87.66
C LEU O 513 40.80 18.82 -86.78
N VAL O 514 40.33 18.67 -85.56
CA VAL O 514 40.84 17.62 -84.68
C VAL O 514 40.50 16.24 -85.25
N THR O 515 39.25 16.06 -85.69
CA THR O 515 38.85 14.81 -86.30
C THR O 515 39.42 14.63 -87.71
N LYS O 516 39.91 15.72 -88.33
CA LYS O 516 40.46 15.61 -89.67
C LYS O 516 41.77 14.83 -89.67
N LEU O 517 42.68 15.17 -88.76
CA LEU O 517 43.96 14.46 -88.69
C LEU O 517 43.77 13.03 -88.19
N LEU O 518 42.80 12.82 -87.29
CA LEU O 518 42.48 11.46 -86.87
C LEU O 518 41.95 10.63 -88.03
N LEU O 519 41.12 11.24 -88.87
CA LEU O 519 40.72 10.60 -90.12
C LEU O 519 41.92 10.44 -91.06
N ASP O 520 42.80 11.46 -91.10
CA ASP O 520 44.00 11.37 -91.92
C ASP O 520 44.98 10.34 -91.37
N CYS O 521 44.92 10.06 -90.06
CA CYS O 521 45.77 9.02 -89.49
C CYS O 521 45.37 7.64 -89.98
N GLY O 522 44.08 7.40 -90.20
CA GLY O 522 43.61 6.10 -90.63
C GLY O 522 42.58 5.50 -89.70
N ALA O 523 41.87 6.38 -88.98
CA ALA O 523 40.83 5.96 -88.05
C ALA O 523 39.47 6.23 -88.66
N GLU O 524 38.66 5.19 -88.80
CA GLU O 524 37.33 5.29 -89.38
C GLU O 524 36.28 5.01 -88.31
N VAL O 525 35.31 5.91 -88.18
CA VAL O 525 34.23 5.75 -87.22
C VAL O 525 32.99 5.14 -87.86
N ASN O 526 33.13 4.57 -89.05
CA ASN O 526 31.99 3.94 -89.72
C ASN O 526 31.57 2.64 -89.07
N ALA O 527 32.43 2.04 -88.26
CA ALA O 527 32.08 0.81 -87.57
C ALA O 527 31.02 1.06 -86.51
N VAL O 528 30.23 0.03 -86.24
CA VAL O 528 29.15 0.14 -85.25
C VAL O 528 29.75 0.04 -83.86
N ASP O 529 29.51 1.07 -83.05
CA ASP O 529 29.96 1.10 -81.67
C ASP O 529 28.90 0.43 -80.79
N ASN O 530 29.04 0.59 -79.46
CA ASN O 530 28.03 0.07 -78.55
C ASN O 530 26.69 0.78 -78.75
N GLU O 531 26.72 2.08 -79.00
CA GLU O 531 25.52 2.85 -79.30
C GLU O 531 25.18 2.85 -80.79
N GLY O 532 26.05 2.29 -81.63
CA GLY O 532 25.80 2.23 -83.06
C GLY O 532 26.00 3.53 -83.80
N ASN O 533 26.59 4.54 -83.16
CA ASN O 533 26.77 5.82 -83.81
C ASN O 533 27.91 5.76 -84.83
N SER O 534 27.73 6.48 -85.93
CA SER O 534 28.73 6.59 -86.99
C SER O 534 29.35 7.99 -86.94
N ALA O 535 30.25 8.25 -87.89
CA ALA O 535 30.89 9.56 -87.97
C ALA O 535 29.90 10.66 -88.32
N LEU O 536 29.00 10.39 -89.26
CA LEU O 536 28.00 11.38 -89.64
C LEU O 536 26.88 11.47 -88.61
N HIS O 537 26.50 10.34 -88.01
CA HIS O 537 25.40 10.34 -87.05
C HIS O 537 25.79 11.05 -85.76
N ILE O 538 27.06 10.96 -85.35
CA ILE O 538 27.51 11.63 -84.14
C ILE O 538 27.50 13.14 -84.33
N ILE O 539 27.86 13.62 -85.51
CA ILE O 539 27.85 15.06 -85.80
C ILE O 539 26.42 15.58 -85.82
N VAL O 540 25.48 14.80 -86.34
CA VAL O 540 24.09 15.23 -86.42
C VAL O 540 23.48 15.31 -85.02
N GLN O 541 23.84 14.37 -84.15
CA GLN O 541 23.28 14.35 -82.80
C GLN O 541 23.78 15.50 -81.95
N TYR O 542 25.00 15.96 -82.19
CA TYR O 542 25.56 17.06 -81.42
C TYR O 542 24.89 18.38 -81.79
N ASN O 543 24.98 19.35 -80.87
CA ASN O 543 24.39 20.66 -81.06
C ASN O 543 25.38 21.68 -81.61
N ARG O 544 26.39 21.22 -82.37
CA ARG O 544 27.35 22.14 -82.97
C ARG O 544 26.70 23.08 -83.98
N PRO O 545 25.83 22.62 -84.88
CA PRO O 545 25.21 23.55 -85.84
C PRO O 545 24.26 24.55 -85.20
N ILE O 546 23.76 24.29 -83.99
CA ILE O 546 22.85 25.21 -83.33
C ILE O 546 23.58 26.49 -82.94
N SER O 547 24.77 26.36 -82.36
CA SER O 547 25.55 27.54 -82.00
C SER O 547 26.13 28.23 -83.23
N ASP O 548 26.69 27.44 -84.15
CA ASP O 548 27.26 27.97 -85.38
C ASP O 548 27.15 26.91 -86.46
N PHE O 549 26.39 27.22 -87.51
CA PHE O 549 26.22 26.26 -88.61
C PHE O 549 27.49 26.08 -89.43
N LEU O 550 28.40 27.07 -89.41
CA LEU O 550 29.64 26.94 -90.17
C LEU O 550 30.56 25.88 -89.57
N THR O 551 30.50 25.69 -88.25
CA THR O 551 31.31 24.64 -87.63
C THR O 551 30.88 23.26 -88.10
N LEU O 552 29.57 23.02 -88.20
CA LEU O 552 29.09 21.76 -88.76
C LEU O 552 29.30 21.70 -90.26
N HIS O 553 29.23 22.84 -90.95
CA HIS O 553 29.50 22.89 -92.39
C HIS O 553 30.95 22.52 -92.69
N SER O 554 31.88 23.01 -91.87
CA SER O 554 33.28 22.64 -92.00
C SER O 554 33.55 21.21 -91.55
N ILE O 555 32.61 20.57 -90.87
CA ILE O 555 32.76 19.19 -90.44
C ILE O 555 32.09 18.21 -91.41
N ILE O 556 31.84 18.65 -92.65
CA ILE O 556 31.24 17.76 -93.65
C ILE O 556 32.21 16.65 -94.01
N ILE O 557 33.50 16.96 -94.09
CA ILE O 557 34.51 15.92 -94.33
C ILE O 557 34.58 14.96 -93.16
N SER O 558 34.38 15.46 -91.93
CA SER O 558 34.33 14.57 -90.77
C SER O 558 33.12 13.65 -90.83
N LEU O 559 31.98 14.17 -91.30
CA LEU O 559 30.80 13.34 -91.49
C LEU O 559 30.96 12.36 -92.65
N VAL O 560 31.88 12.63 -93.57
CA VAL O 560 32.14 11.73 -94.69
C VAL O 560 32.92 10.49 -94.28
N GLU O 561 33.45 10.45 -93.05
CA GLU O 561 34.19 9.29 -92.57
C GLU O 561 33.29 8.11 -92.24
N ALA O 562 31.98 8.30 -92.18
CA ALA O 562 31.06 7.21 -91.88
C ALA O 562 30.86 6.32 -93.10
N VAL P 42 64.01 -11.75 19.54
CA VAL P 42 64.51 -10.82 20.56
C VAL P 42 63.43 -9.79 20.90
N GLN P 43 63.85 -8.68 21.51
CA GLN P 43 62.91 -7.64 21.90
C GLN P 43 62.44 -6.79 20.72
N LYS P 44 63.11 -6.90 19.56
CA LYS P 44 62.68 -6.14 18.39
C LYS P 44 61.30 -6.60 17.90
N PHE P 45 61.07 -7.92 17.89
CA PHE P 45 59.75 -8.43 17.51
C PHE P 45 58.70 -8.08 18.55
N PHE P 46 59.06 -8.14 19.84
CA PHE P 46 58.13 -7.75 20.89
C PHE P 46 57.79 -6.27 20.82
N LEU P 47 58.79 -5.43 20.54
CA LEU P 47 58.54 -4.01 20.36
C LEU P 47 57.67 -3.76 19.13
N GLU P 48 57.93 -4.49 18.04
CA GLU P 48 57.10 -4.38 16.85
C GLU P 48 55.69 -4.89 17.11
N GLU P 49 55.56 -5.94 17.93
CA GLU P 49 54.24 -6.41 18.33
C GLU P 49 53.55 -5.42 19.25
N ILE P 50 54.32 -4.60 19.96
CA ILE P 50 53.77 -3.53 20.79
C ILE P 50 53.70 -2.25 19.97
N GLN P 51 53.95 -2.36 18.67
CA GLN P 51 53.86 -1.25 17.74
C GLN P 51 52.78 -1.43 16.68
N LEU P 52 52.51 -2.67 16.27
CA LEU P 52 51.50 -2.95 15.26
C LEU P 52 50.49 -4.00 15.70
N GLY P 53 50.56 -4.48 16.94
CA GLY P 53 49.58 -5.45 17.41
C GLY P 53 48.18 -4.86 17.52
N GLU P 54 48.09 -3.60 17.94
CA GLU P 54 46.82 -2.90 18.07
C GLU P 54 46.61 -1.91 16.93
N GLU P 55 46.98 -2.33 15.71
CA GLU P 55 46.85 -1.46 14.54
C GLU P 55 45.39 -1.11 14.28
N LEU P 56 44.49 -2.07 14.44
CA LEU P 56 43.07 -1.79 14.25
C LEU P 56 42.49 -0.99 15.41
N LEU P 57 43.13 -1.02 16.59
CA LEU P 57 42.63 -0.27 17.74
C LEU P 57 42.70 1.24 17.49
N ALA P 58 43.80 1.71 16.88
CA ALA P 58 43.90 3.12 16.54
C ALA P 58 43.04 3.49 15.34
N GLN P 59 42.64 2.52 14.52
CA GLN P 59 41.79 2.75 13.38
C GLN P 59 40.30 2.64 13.72
N GLY P 60 39.96 2.34 14.96
CA GLY P 60 38.57 2.25 15.36
C GLY P 60 38.15 0.87 15.80
N GLU P 61 38.68 -0.17 15.14
CA GLU P 61 38.32 -1.55 15.44
C GLU P 61 39.15 -2.04 16.63
N TYR P 62 38.76 -1.58 17.81
CA TYR P 62 39.46 -1.94 19.04
C TYR P 62 39.21 -3.37 19.48
N GLU P 63 38.24 -4.05 18.88
CA GLU P 63 37.96 -5.44 19.25
C GLU P 63 39.12 -6.37 18.88
N LYS P 64 39.70 -6.16 17.70
CA LYS P 64 40.84 -6.96 17.26
C LYS P 64 42.18 -6.34 17.61
N GLY P 65 42.19 -5.13 18.16
CA GLY P 65 43.43 -4.46 18.52
C GLY P 65 43.77 -4.55 20.00
N VAL P 66 42.79 -4.29 20.85
CA VAL P 66 43.02 -4.31 22.30
C VAL P 66 43.27 -5.74 22.77
N ASP P 67 42.55 -6.71 22.20
CA ASP P 67 42.75 -8.10 22.58
C ASP P 67 44.14 -8.59 22.22
N HIS P 68 44.63 -8.22 21.03
CA HIS P 68 45.99 -8.58 20.65
C HIS P 68 47.02 -7.79 21.46
N LEU P 69 46.68 -6.56 21.86
CA LEU P 69 47.59 -5.76 22.66
C LEU P 69 47.70 -6.25 24.09
N THR P 70 46.72 -7.02 24.57
CA THR P 70 46.81 -7.59 25.92
C THR P 70 47.97 -8.57 26.02
N ASN P 71 48.14 -9.43 25.01
CA ASN P 71 49.29 -10.31 24.98
C ASN P 71 50.55 -9.57 24.55
N ALA P 72 50.41 -8.52 23.73
CA ALA P 72 51.57 -7.77 23.27
C ALA P 72 52.15 -6.86 24.35
N ILE P 73 51.36 -6.50 25.36
CA ILE P 73 51.87 -5.66 26.44
C ILE P 73 52.88 -6.44 27.27
N ALA P 74 52.54 -7.68 27.65
CA ALA P 74 53.46 -8.50 28.44
C ALA P 74 54.64 -9.01 27.62
N VAL P 75 54.49 -9.11 26.29
CA VAL P 75 55.58 -9.56 25.45
C VAL P 75 56.72 -8.55 25.43
N CYS P 76 56.40 -7.26 25.51
CA CYS P 76 57.41 -6.22 25.50
C CYS P 76 58.22 -6.24 26.79
N GLY P 77 59.35 -5.52 26.77
CA GLY P 77 60.25 -5.50 27.91
C GLY P 77 59.71 -4.76 29.12
N GLN P 78 58.68 -3.94 28.94
CA GLN P 78 58.02 -3.22 30.03
C GLN P 78 56.55 -3.57 30.03
N PRO P 79 56.16 -4.66 30.71
CA PRO P 79 54.75 -5.08 30.68
C PRO P 79 53.81 -4.11 31.38
N GLN P 80 54.18 -3.67 32.58
CA GLN P 80 53.34 -2.75 33.33
C GLN P 80 53.27 -1.39 32.66
N GLN P 81 54.38 -0.93 32.07
CA GLN P 81 54.39 0.37 31.43
C GLN P 81 53.60 0.38 30.13
N LEU P 82 53.76 -0.65 29.30
CA LEU P 82 53.06 -0.70 28.02
C LEU P 82 51.57 -0.89 28.21
N LEU P 83 51.17 -1.74 29.17
CA LEU P 83 49.75 -1.96 29.41
C LEU P 83 49.07 -0.72 29.95
N GLN P 84 49.74 0.02 30.85
CA GLN P 84 49.19 1.26 31.36
C GLN P 84 49.13 2.33 30.29
N VAL P 85 50.14 2.38 29.40
CA VAL P 85 50.14 3.35 28.32
C VAL P 85 49.06 3.00 27.30
N LEU P 86 48.90 1.71 27.00
CA LEU P 86 47.81 1.27 26.11
C LEU P 86 46.45 1.55 26.74
N GLN P 87 46.33 1.38 28.05
CA GLN P 87 45.12 1.79 28.75
C GLN P 87 44.93 3.29 28.67
N GLN P 88 46.02 4.05 28.80
CA GLN P 88 45.94 5.50 28.63
C GLN P 88 45.68 5.88 27.18
N THR P 89 46.19 5.09 26.23
CA THR P 89 45.90 5.35 24.82
C THR P 89 44.43 5.11 24.50
N LEU P 90 43.78 4.19 25.23
CA LEU P 90 42.35 3.96 25.08
C LEU P 90 41.60 4.90 26.02
N PRO P 91 40.27 4.86 26.02
CA PRO P 91 39.50 5.74 26.91
C PRO P 91 39.65 5.30 28.36
N PRO P 92 39.35 6.19 29.31
CA PRO P 92 39.37 5.81 30.72
C PRO P 92 38.40 4.69 31.02
N PRO P 93 37.24 4.68 30.35
CA PRO P 93 36.36 3.51 30.46
C PRO P 93 36.91 2.29 29.76
N VAL P 94 37.66 2.47 28.68
CA VAL P 94 38.32 1.36 27.99
C VAL P 94 39.68 1.03 28.57
N PHE P 95 40.17 1.81 29.54
CA PHE P 95 41.42 1.50 30.19
C PHE P 95 41.34 0.18 30.95
N GLN P 96 40.21 -0.05 31.65
CA GLN P 96 39.99 -1.33 32.29
C GLN P 96 39.72 -2.43 31.28
N MET P 97 39.19 -2.07 30.11
CA MET P 97 38.90 -3.07 29.08
C MET P 97 40.19 -3.63 28.48
N LEU P 98 41.20 -2.78 28.27
CA LEU P 98 42.45 -3.24 27.70
C LEU P 98 43.26 -4.07 28.69
N LEU P 99 43.21 -3.70 29.98
CA LEU P 99 43.99 -4.41 30.98
C LEU P 99 43.39 -5.77 31.30
N THR P 100 42.06 -5.86 31.36
CA THR P 100 41.39 -7.11 31.71
C THR P 100 41.35 -8.10 30.55
N LYS P 101 41.70 -7.68 29.34
CA LYS P 101 41.66 -8.57 28.19
C LYS P 101 42.79 -9.60 28.25
N VAL Q 42 78.45 6.96 7.12
CA VAL Q 42 79.26 7.00 5.91
C VAL Q 42 78.53 6.32 4.76
N GLN Q 43 78.13 5.06 4.99
CA GLN Q 43 77.40 4.33 3.97
C GLN Q 43 76.02 4.93 3.72
N LYS Q 44 75.34 5.39 4.78
CA LYS Q 44 74.05 6.05 4.62
C LYS Q 44 74.20 7.37 3.87
N PHE Q 45 75.25 8.14 4.17
CA PHE Q 45 75.54 9.34 3.40
C PHE Q 45 75.91 9.02 1.97
N PHE Q 46 76.64 7.92 1.76
CA PHE Q 46 76.94 7.46 0.40
C PHE Q 46 75.68 7.00 -0.31
N LEU Q 47 74.77 6.35 0.41
CA LEU Q 47 73.51 5.91 -0.20
C LEU Q 47 72.60 7.09 -0.50
N GLU Q 48 72.61 8.12 0.35
CA GLU Q 48 71.75 9.28 0.13
C GLU Q 48 72.27 10.16 -1.01
N GLU Q 49 73.59 10.35 -1.08
CA GLU Q 49 74.15 11.21 -2.11
C GLU Q 49 74.10 10.56 -3.47
N ILE Q 50 74.31 9.24 -3.53
CA ILE Q 50 74.23 8.54 -4.81
C ILE Q 50 72.79 8.51 -5.32
N GLN Q 51 71.83 8.37 -4.40
CA GLN Q 51 70.42 8.42 -4.79
C GLN Q 51 70.05 9.81 -5.31
N LEU Q 52 70.58 10.86 -4.68
CA LEU Q 52 70.40 12.21 -5.21
C LEU Q 52 71.07 12.38 -6.56
N GLY Q 53 72.27 11.80 -6.72
CA GLY Q 53 72.93 11.82 -8.02
C GLY Q 53 72.21 11.00 -9.06
N GLU Q 54 71.61 9.88 -8.65
CA GLU Q 54 70.87 9.04 -9.59
C GLU Q 54 69.61 9.74 -10.08
N GLU Q 55 69.00 10.59 -9.26
CA GLU Q 55 67.82 11.33 -9.69
C GLU Q 55 68.14 12.29 -10.83
N LEU Q 56 69.27 12.98 -10.73
CA LEU Q 56 69.70 13.87 -11.82
C LEU Q 56 70.21 13.08 -13.02
N LEU Q 57 70.83 11.92 -12.77
CA LEU Q 57 71.36 11.12 -13.87
C LEU Q 57 70.24 10.46 -14.67
N ALA Q 58 69.14 10.08 -14.00
CA ALA Q 58 68.03 9.44 -14.68
C ALA Q 58 67.28 10.38 -15.61
N GLN Q 59 67.42 11.69 -15.42
CA GLN Q 59 66.77 12.68 -16.27
C GLN Q 59 67.59 13.03 -17.49
N GLY Q 60 68.74 12.39 -17.69
CA GLY Q 60 69.62 12.69 -18.80
C GLY Q 60 70.84 13.51 -18.45
N GLU Q 61 70.90 14.05 -17.23
CA GLU Q 61 72.04 14.86 -16.79
C GLU Q 61 72.96 13.95 -15.96
N TYR Q 62 73.73 13.13 -16.68
CA TYR Q 62 74.66 12.23 -16.01
C TYR Q 62 75.79 13.00 -15.34
N GLU Q 63 76.28 14.06 -16.00
CA GLU Q 63 77.36 14.86 -15.43
C GLU Q 63 76.88 15.63 -14.20
N LYS Q 64 75.66 16.15 -14.22
CA LYS Q 64 75.13 16.88 -13.08
C LYS Q 64 74.96 15.96 -11.87
N GLY Q 65 74.47 14.74 -12.09
CA GLY Q 65 74.37 13.78 -11.01
C GLY Q 65 75.69 13.15 -10.60
N VAL Q 66 76.72 13.31 -11.44
CA VAL Q 66 78.04 12.79 -11.11
C VAL Q 66 78.65 13.57 -9.95
N ASP Q 67 78.38 14.88 -9.89
CA ASP Q 67 78.90 15.70 -8.80
C ASP Q 67 78.31 15.28 -7.47
N HIS Q 68 77.01 14.99 -7.43
CA HIS Q 68 76.39 14.48 -6.21
C HIS Q 68 76.90 13.08 -5.89
N LEU Q 69 77.10 12.24 -6.93
CA LEU Q 69 77.67 10.92 -6.72
C LEU Q 69 79.14 10.98 -6.33
N THR Q 70 79.84 12.07 -6.66
CA THR Q 70 81.22 12.24 -6.20
C THR Q 70 81.27 12.39 -4.69
N ASN Q 71 80.31 13.10 -4.10
CA ASN Q 71 80.22 13.18 -2.65
C ASN Q 71 79.88 11.82 -2.04
N ALA Q 72 79.08 11.02 -2.75
CA ALA Q 72 78.81 9.65 -2.30
C ALA Q 72 80.09 8.82 -2.30
N ILE Q 73 80.94 9.00 -3.30
CA ILE Q 73 82.23 8.33 -3.32
C ILE Q 73 83.10 8.84 -2.18
N ALA Q 74 83.02 10.14 -1.88
CA ALA Q 74 83.73 10.68 -0.73
C ALA Q 74 83.13 10.18 0.58
N VAL Q 75 81.82 10.03 0.63
CA VAL Q 75 81.17 9.50 1.83
C VAL Q 75 81.51 8.03 2.03
N CYS Q 76 81.61 7.28 0.93
CA CYS Q 76 81.99 5.87 1.01
C CYS Q 76 83.46 5.74 1.42
N GLY Q 77 83.79 4.57 1.97
CA GLY Q 77 85.15 4.33 2.41
C GLY Q 77 86.15 4.31 1.27
N GLN Q 78 85.79 3.70 0.16
CA GLN Q 78 86.65 3.66 -1.03
C GLN Q 78 85.95 4.35 -2.19
N PRO Q 79 86.36 5.57 -2.56
CA PRO Q 79 85.73 6.24 -3.71
C PRO Q 79 85.90 5.48 -5.02
N GLN Q 80 87.03 4.79 -5.21
CA GLN Q 80 87.22 4.00 -6.43
C GLN Q 80 86.26 2.83 -6.48
N GLN Q 81 86.06 2.14 -5.36
CA GLN Q 81 85.12 1.02 -5.32
C GLN Q 81 83.68 1.47 -5.51
N LEU Q 82 83.33 2.61 -4.93
CA LEU Q 82 81.99 3.16 -5.13
C LEU Q 82 81.76 3.56 -6.58
N LEU Q 83 82.76 4.16 -7.21
CA LEU Q 83 82.66 4.51 -8.62
C LEU Q 83 82.76 3.28 -9.52
N GLN Q 84 83.36 2.19 -9.02
CA GLN Q 84 83.43 0.96 -9.81
C GLN Q 84 82.04 0.35 -10.01
N VAL Q 85 81.15 0.51 -9.04
CA VAL Q 85 79.78 0.03 -9.19
C VAL Q 85 79.05 0.79 -10.29
N LEU Q 86 79.29 2.11 -10.37
CA LEU Q 86 78.67 2.92 -11.42
C LEU Q 86 79.18 2.53 -12.80
N GLN Q 87 80.48 2.23 -12.91
CA GLN Q 87 81.02 1.79 -14.19
C GLN Q 87 80.50 0.40 -14.57
N GLN Q 88 80.36 -0.48 -13.59
CA GLN Q 88 79.91 -1.84 -13.87
C GLN Q 88 78.41 -1.93 -14.12
N THR Q 89 77.60 -1.11 -13.45
CA THR Q 89 76.16 -1.22 -13.53
C THR Q 89 75.50 0.01 -14.14
N LEU Q 90 75.81 1.19 -13.64
CA LEU Q 90 75.17 2.42 -14.09
C LEU Q 90 75.72 2.84 -15.45
N PRO Q 91 75.24 3.96 -16.00
CA PRO Q 91 75.75 4.41 -17.29
C PRO Q 91 77.21 4.85 -17.19
N PRO Q 92 77.98 4.70 -18.26
CA PRO Q 92 79.40 5.02 -18.19
C PRO Q 92 79.63 6.53 -18.17
N PRO Q 93 78.76 7.30 -18.82
CA PRO Q 93 78.92 8.77 -18.78
C PRO Q 93 78.81 9.35 -17.39
N VAL Q 94 77.95 8.78 -16.53
CA VAL Q 94 77.87 9.22 -15.15
C VAL Q 94 79.11 8.80 -14.38
N PHE Q 95 79.59 7.59 -14.61
CA PHE Q 95 80.75 7.09 -13.88
C PHE Q 95 82.03 7.80 -14.31
N GLN Q 96 82.17 8.07 -15.61
CA GLN Q 96 83.37 8.74 -16.10
C GLN Q 96 83.45 10.18 -15.58
N MET Q 97 82.32 10.88 -15.52
CA MET Q 97 82.32 12.25 -15.02
C MET Q 97 82.49 12.29 -13.51
N LEU Q 98 82.03 11.26 -12.81
CA LEU Q 98 82.16 11.23 -11.35
C LEU Q 98 83.60 10.96 -10.92
N LEU Q 99 84.38 10.27 -11.75
CA LEU Q 99 85.78 10.01 -11.41
C LEU Q 99 86.58 11.30 -11.39
N THR Q 100 86.35 12.20 -12.34
CA THR Q 100 87.06 13.48 -12.34
C THR Q 100 86.57 14.38 -11.22
N LYS Q 101 85.27 14.33 -10.92
CA LYS Q 101 84.72 15.18 -9.87
C LYS Q 101 85.19 14.73 -8.49
N LEU Q 102 85.26 13.43 -8.25
CA LEU Q 102 85.70 12.90 -6.97
C LEU Q 102 87.22 12.83 -6.89
N UNK R 1 44.69 28.06 -61.26
CA UNK R 1 45.39 28.97 -62.16
C UNK R 1 46.91 28.78 -62.05
N UNK R 2 47.37 28.44 -60.85
CA UNK R 2 48.79 28.23 -60.60
C UNK R 2 49.16 26.79 -60.95
N UNK R 3 50.21 26.64 -61.76
CA UNK R 3 50.65 25.31 -62.16
C UNK R 3 51.18 24.51 -60.98
N UNK R 4 51.74 25.19 -59.98
CA UNK R 4 52.15 24.50 -58.75
C UNK R 4 50.94 23.95 -58.00
N UNK R 5 49.84 24.71 -57.97
CA UNK R 5 48.62 24.23 -57.33
C UNK R 5 47.97 23.09 -58.11
N UNK R 6 48.22 22.99 -59.42
CA UNK R 6 47.69 21.89 -60.20
C UNK R 6 48.34 20.56 -59.82
N UNK R 7 49.57 20.61 -59.31
CA UNK R 7 50.26 19.39 -58.90
C UNK R 7 49.55 18.73 -57.71
N UNK R 8 49.12 19.54 -56.74
CA UNK R 8 48.43 19.08 -55.53
C UNK R 8 49.20 18.00 -54.78
N UNK S 1 -13.96 -0.14 0.25
CA UNK S 1 -13.89 -0.54 1.65
C UNK S 1 -12.51 -0.25 2.23
N UNK S 2 -12.09 -1.08 3.17
CA UNK S 2 -10.77 -1.01 3.83
C UNK S 2 -10.58 0.36 4.49
N UNK S 3 -11.42 0.60 5.50
CA UNK S 3 -11.32 1.83 6.28
C UNK S 3 -9.98 1.96 6.99
N UNK S 4 -9.32 0.85 7.29
CA UNK S 4 -7.95 0.91 7.81
C UNK S 4 -7.01 1.51 6.76
N UNK S 5 -7.20 1.13 5.49
CA UNK S 5 -6.42 1.72 4.40
C UNK S 5 -6.86 3.14 4.08
N UNK S 6 -8.01 3.58 4.61
CA UNK S 6 -8.50 4.93 4.39
C UNK S 6 -7.96 5.93 5.40
N UNK S 7 -7.07 5.52 6.29
CA UNK S 7 -6.49 6.42 7.28
C UNK S 7 -5.49 7.40 6.67
N UNK S 8 -5.11 7.21 5.41
CA UNK S 8 -4.24 8.10 4.64
C UNK S 8 -2.83 8.23 5.23
N UNK S 9 -2.45 7.27 6.08
CA UNK S 9 -1.11 7.17 6.66
C UNK S 9 -0.69 8.44 7.40
N UNK S 10 0.62 8.62 7.57
CA UNK S 10 1.15 9.80 8.24
C UNK S 10 2.36 10.35 7.50
#